data_9E3B
#
_entry.id   9E3B
#
_cell.length_a   1.00
_cell.length_b   1.00
_cell.length_c   1.00
_cell.angle_alpha   90.00
_cell.angle_beta   90.00
_cell.angle_gamma   90.00
#
_symmetry.space_group_name_H-M   'P 1'
#
loop_
_entity.id
_entity.type
_entity.pdbx_description
1 polymer 'Protein arginine N-methyltransferase 5'
2 polymer 'Methylosome protein WDR77'
3 polymer 'Methylosome subunit pICln'
4 polymer 'Small nuclear ribonucleoprotein Sm D1'
5 non-polymer SINEFUNGIN
#
loop_
_entity_poly.entity_id
_entity_poly.type
_entity_poly.pdbx_seq_one_letter_code
_entity_poly.pdbx_strand_id
1 'polypeptide(L)'
;MAAMAVGGAGGSRVSSGRDLNCVPEIADTLGAVAKQGFDFLCMPVFHPRFKREFIQEPAKNRPGPQTRSDLLLSGRDWNT
LIVGKLSPWIRPDSKVEKIRRNSEAAMLQELNFGAYLGLPAFLLPLNQEDNTNLARVLTNHIHTGHHSSMFWMRVPLVAP
EDLRDDIIENAPTTHTEEYSGEEKTWMWWHNFRTLCDYSKRIAVALEIGADLPSNHVIDRWLGEPIKAAILPTSIFLTNK
KGFPVLSKMHQRLIFRLLKLEVQFIITGTNHHSEKEFCSYLQYLEYLSQNRPPPNAYELFAKGYEDYLQSPLQPLMDNLE
SQTYEVFEKDPIKYSQYQQAIYKCLLDRVPEEEKDTNVQVLMVLGAGRGPLVNASLRAAKQADRRIKLYAVEKNPNAVVT
LENWQFEEWGSQVTVVSSDMREWVAPEKADIIVSELLGSFADNELSPECLDGAQHFLKDDGVSIPGEYTSFLAPISSSKL
YNEVRACREKDRDPEAQFEMPYVVRLHNFHQLSAPQPCFTFSHPNRDPMIDNNRYCTLEFPVEVNTVLHGFAGYFETVLY
QDITLSIRPETHSPGMFSWFPILFPIKQPITVREGQTICVRFWRCSNSKKVWYEWAVTAPVCSAIHNPTGRSYTIGL
;
A,C,G,J
2 'polypeptide(L)'
;GGGRTMRKETPPPLVPPAAREWNLPPNAPACMERQLEAARYRSDGALLLGASSLSGRCWAGSLWLFKDPCAAPNEGFCSA
GVQTEAGVADLTWVGERGILVASDSGAVELWELDENETLIVSKFCKYEHDDIVSTVSVLSSGTQAVSGSKDICIKVWDLA
QQVVLSSYRAHAAQVTCVAASPHKDSVFLSCSEDNRILLWDTRCPKPASQIGCSAPGYLPTSLAWHPQQSEVFVFGDENG
TVSLVDTKSTSCVLSSAVHSQCVTGLVFSPHSVPFLASLSEDCSLAVLDSSLSELFRSQAHRDFVRDATWSPLNHSLLTT
VGWDHQVVHHVVPTEPLPAPGPASVTE
;
B,E,H,K
3 'polypeptide(L)'
;SSGSMSFLKSFPPPGPAEGLLRQQPDTEAVLNGKGLGTGTLYIAESRLSWLDGSGLGFSLEYPTISLHALSRDRSDCLGE
HLYVMVNAKFEEESKEPVADEEEEDSDDDVEPITEFRFVPSDKSALEAMFTAMCECQALHPDPEDEDSDDYDGEEYDVEA
HEQGQGDIPTFYTYEEGLSHLTAEGQATLERLEGMLSQSVSSQYNMAGVRTEDSIRDYEDGMEVDTTPTVAGQFEDADVD
H
;
D,F,I,L
4 'polypeptide(L)'
;GGGSGGGGRMKLVRFLMKLSHETVTIELKNGTQVHGTITGVDVSMNTHLKAVKMTLKNREPVQLETLSIRGNNIRYFILP
DSLPLDTLLVDVEPKVKSKKREAVAGRGRGRGRGRGRGRGRGRGGPRR
;
M,N,O,P
#
# COMPACT_ATOMS: atom_id res chain seq x y z
N ARG A 13 -9.75 -45.57 3.47
CA ARG A 13 -8.72 -44.62 3.86
C ARG A 13 -9.27 -43.20 3.83
N VAL A 14 -10.58 -43.07 4.04
CA VAL A 14 -11.26 -41.78 4.04
C VAL A 14 -11.41 -41.33 5.48
N SER A 15 -11.00 -40.10 5.76
CA SER A 15 -11.11 -39.57 7.11
C SER A 15 -12.58 -39.49 7.51
N SER A 16 -12.85 -39.79 8.78
CA SER A 16 -14.21 -39.74 9.29
C SER A 16 -14.16 -39.50 10.80
N GLY A 17 -15.31 -39.09 11.35
CA GLY A 17 -15.40 -38.78 12.75
C GLY A 17 -16.74 -39.20 13.33
N ARG A 18 -16.85 -39.09 14.64
CA ARG A 18 -18.05 -39.47 15.38
C ARG A 18 -18.61 -38.25 16.07
N ASP A 19 -19.91 -38.03 15.93
CA ASP A 19 -20.60 -36.91 16.57
C ASP A 19 -21.32 -37.43 17.81
N LEU A 20 -20.96 -36.89 18.97
CA LEU A 20 -21.55 -37.29 20.24
C LEU A 20 -22.02 -36.06 20.99
N ASN A 21 -23.20 -36.17 21.61
CA ASN A 21 -23.72 -35.12 22.47
C ASN A 21 -23.61 -35.44 23.95
N CYS A 22 -23.44 -36.70 24.31
CA CYS A 22 -23.26 -37.12 25.69
C CYS A 22 -21.87 -37.71 25.82
N VAL A 23 -21.02 -37.06 26.62
CA VAL A 23 -19.65 -37.53 26.86
C VAL A 23 -19.44 -37.55 28.37
N PRO A 24 -19.93 -38.57 29.07
CA PRO A 24 -19.79 -38.58 30.54
C PRO A 24 -18.34 -38.43 31.00
N GLU A 25 -17.40 -39.06 30.30
CA GLU A 25 -15.99 -38.88 30.55
C GLU A 25 -15.26 -38.84 29.22
N ILE A 26 -14.30 -37.92 29.11
CA ILE A 26 -13.66 -37.69 27.81
C ILE A 26 -12.71 -38.82 27.46
N ALA A 27 -11.96 -39.32 28.46
CA ALA A 27 -10.94 -40.32 28.17
C ALA A 27 -11.56 -41.61 27.63
N ASP A 28 -12.55 -42.16 28.34
CA ASP A 28 -13.15 -43.42 27.91
C ASP A 28 -13.90 -43.23 26.60
N THR A 29 -14.54 -42.08 26.41
CA THR A 29 -15.22 -41.81 25.15
C THR A 29 -14.23 -41.80 23.98
N LEU A 30 -13.09 -41.15 24.17
CA LEU A 30 -12.07 -41.17 23.12
C LEU A 30 -11.57 -42.58 22.87
N GLY A 31 -11.37 -43.36 23.93
CA GLY A 31 -10.94 -44.74 23.74
C GLY A 31 -11.94 -45.54 22.91
N ALA A 32 -13.22 -45.43 23.25
CA ALA A 32 -14.25 -46.15 22.51
C ALA A 32 -14.31 -45.68 21.06
N VAL A 33 -14.20 -44.37 20.84
CA VAL A 33 -14.23 -43.84 19.48
C VAL A 33 -13.06 -44.38 18.67
N ALA A 34 -11.87 -44.41 19.29
CA ALA A 34 -10.72 -44.97 18.59
C ALA A 34 -10.92 -46.44 18.26
N LYS A 35 -11.48 -47.20 19.20
CA LYS A 35 -11.77 -48.60 18.92
C LYS A 35 -12.72 -48.74 17.74
N GLN A 36 -13.76 -47.91 17.69
CA GLN A 36 -14.72 -47.99 16.60
C GLN A 36 -14.10 -47.62 15.25
N GLY A 37 -12.94 -46.96 15.25
CA GLY A 37 -12.22 -46.69 14.03
C GLY A 37 -12.34 -45.28 13.49
N PHE A 38 -13.03 -44.38 14.20
CA PHE A 38 -13.12 -43.01 13.74
C PHE A 38 -11.79 -42.30 13.94
N ASP A 39 -11.66 -41.14 13.29
CA ASP A 39 -10.44 -40.34 13.38
C ASP A 39 -10.56 -39.15 14.32
N PHE A 40 -11.78 -38.64 14.55
CA PHE A 40 -11.95 -37.50 15.44
C PHE A 40 -13.34 -37.56 16.07
N LEU A 41 -13.52 -36.76 17.11
CA LEU A 41 -14.75 -36.75 17.89
C LEU A 41 -15.26 -35.31 17.96
N CYS A 42 -16.53 -35.12 17.59
CA CYS A 42 -17.19 -33.82 17.68
C CYS A 42 -18.02 -33.83 18.96
N MET A 43 -17.53 -33.16 20.00
CA MET A 43 -18.17 -33.16 21.29
C MET A 43 -18.36 -31.73 21.77
N PRO A 44 -19.37 -31.47 22.60
CA PRO A 44 -19.59 -30.11 23.09
C PRO A 44 -18.58 -29.74 24.17
N VAL A 45 -17.93 -28.59 23.99
CA VAL A 45 -16.94 -28.15 24.98
C VAL A 45 -17.62 -27.87 26.31
N PHE A 46 -18.81 -27.26 26.28
CA PHE A 46 -19.61 -27.02 27.46
C PHE A 46 -20.79 -27.97 27.48
N HIS A 47 -21.25 -28.31 28.67
CA HIS A 47 -22.37 -29.23 28.78
C HIS A 47 -23.57 -28.65 28.06
N PRO A 48 -24.18 -29.38 27.13
CA PRO A 48 -25.26 -28.77 26.32
C PRO A 48 -26.42 -28.26 27.13
N ARG A 49 -26.75 -28.91 28.25
CA ARG A 49 -27.88 -28.50 29.07
C ARG A 49 -27.53 -27.48 30.14
N PHE A 50 -26.25 -27.16 30.31
CA PHE A 50 -25.81 -26.26 31.38
C PHE A 50 -25.99 -24.82 30.92
N LYS A 51 -27.21 -24.33 31.05
CA LYS A 51 -27.49 -22.94 30.71
C LYS A 51 -26.75 -22.01 31.66
N ARG A 52 -26.24 -20.92 31.12
CA ARG A 52 -25.48 -19.95 31.89
C ARG A 52 -26.09 -18.57 31.73
N GLU A 53 -25.93 -17.75 32.76
CA GLU A 53 -26.49 -16.40 32.80
C GLU A 53 -25.38 -15.38 33.00
N PHE A 54 -25.58 -14.20 32.43
CA PHE A 54 -24.61 -13.11 32.53
C PHE A 54 -25.21 -11.78 32.93
N ILE A 55 -26.54 -11.64 32.87
CA ILE A 55 -27.21 -10.37 33.19
C ILE A 55 -27.91 -10.44 34.55
N GLN A 56 -28.70 -11.48 34.77
CA GLN A 56 -29.48 -11.57 36.00
C GLN A 56 -28.56 -11.59 37.21
N GLU A 57 -29.03 -11.01 38.31
CA GLU A 57 -28.19 -10.77 39.48
C GLU A 57 -27.70 -12.07 40.11
N PRO A 58 -28.59 -12.90 40.67
CA PRO A 58 -28.09 -14.08 41.38
C PRO A 58 -27.46 -15.11 40.48
N ALA A 59 -28.01 -15.31 39.28
CA ALA A 59 -27.53 -16.38 38.42
C ALA A 59 -26.09 -16.15 37.97
N LYS A 60 -25.73 -14.91 37.63
CA LYS A 60 -24.42 -14.66 37.06
C LYS A 60 -23.28 -14.92 38.05
N ASN A 61 -23.58 -15.05 39.35
CA ASN A 61 -22.57 -15.34 40.35
C ASN A 61 -22.41 -16.83 40.61
N ARG A 62 -22.69 -17.67 39.63
CA ARG A 62 -22.60 -19.10 39.82
C ARG A 62 -21.16 -19.49 40.17
N PRO A 63 -20.93 -20.19 41.27
CA PRO A 63 -19.57 -20.54 41.66
C PRO A 63 -19.09 -21.80 40.94
N GLY A 64 -17.87 -22.20 41.26
CA GLY A 64 -17.33 -23.45 40.77
C GLY A 64 -16.91 -23.37 39.33
N PRO A 65 -16.29 -24.44 38.82
CA PRO A 65 -15.88 -24.45 37.41
C PRO A 65 -17.07 -24.39 36.48
N GLN A 66 -16.87 -23.79 35.32
CA GLN A 66 -17.91 -23.71 34.30
C GLN A 66 -17.84 -24.83 33.28
N THR A 67 -16.79 -25.66 33.32
CA THR A 67 -16.65 -26.75 32.38
C THR A 67 -15.46 -27.61 32.82
N ARG A 68 -15.32 -28.76 32.18
CA ARG A 68 -14.22 -29.66 32.51
C ARG A 68 -12.90 -29.06 32.09
N SER A 69 -11.88 -29.24 32.93
CA SER A 69 -10.58 -28.66 32.67
C SER A 69 -10.03 -29.13 31.33
N ASP A 70 -9.00 -28.44 30.86
CA ASP A 70 -8.33 -28.78 29.62
C ASP A 70 -7.17 -29.75 29.82
N LEU A 71 -6.78 -30.02 31.06
CA LEU A 71 -5.66 -30.91 31.33
C LEU A 71 -6.00 -32.37 31.09
N LEU A 72 -7.27 -32.70 30.85
CA LEU A 72 -7.65 -34.09 30.67
C LEU A 72 -7.02 -34.71 29.43
N LEU A 73 -6.50 -33.90 28.52
CA LEU A 73 -5.85 -34.39 27.31
C LEU A 73 -4.62 -33.54 27.02
N SER A 74 -3.69 -34.13 26.27
CA SER A 74 -2.50 -33.41 25.86
C SER A 74 -2.85 -32.42 24.75
N GLY A 75 -1.91 -31.52 24.48
CA GLY A 75 -2.14 -30.52 23.44
C GLY A 75 -2.40 -31.14 22.08
N ARG A 76 -1.71 -32.23 21.77
CA ARG A 76 -1.90 -32.90 20.48
C ARG A 76 -3.34 -33.36 20.33
N ASP A 77 -3.90 -33.96 21.38
CA ASP A 77 -5.27 -34.48 21.28
C ASP A 77 -6.26 -33.35 21.02
N TRP A 78 -6.13 -32.25 21.77
CA TRP A 78 -7.01 -31.12 21.54
C TRP A 78 -6.85 -30.58 20.12
N ASN A 79 -5.61 -30.46 19.65
CA ASN A 79 -5.36 -29.84 18.36
C ASN A 79 -5.73 -30.71 17.17
N THR A 80 -5.83 -32.03 17.35
CA THR A 80 -6.02 -32.94 16.23
C THR A 80 -7.23 -33.85 16.34
N LEU A 81 -7.67 -34.22 17.53
CA LEU A 81 -8.71 -35.23 17.69
C LEU A 81 -10.09 -34.67 17.99
N ILE A 82 -10.21 -33.56 18.68
CA ILE A 82 -11.49 -33.05 19.13
C ILE A 82 -11.97 -31.95 18.19
N VAL A 83 -13.28 -31.88 18.01
CA VAL A 83 -13.94 -30.81 17.26
C VAL A 83 -15.07 -30.27 18.12
N GLY A 84 -15.08 -28.95 18.32
CA GLY A 84 -16.06 -28.36 19.21
C GLY A 84 -17.44 -28.29 18.60
N LYS A 85 -18.43 -28.08 19.46
CA LYS A 85 -19.80 -27.86 19.06
C LYS A 85 -20.41 -26.76 19.91
N LEU A 86 -21.25 -25.93 19.29
CA LEU A 86 -21.94 -24.88 20.02
C LEU A 86 -23.11 -25.47 20.80
N SER A 87 -23.35 -24.93 21.99
CA SER A 87 -24.41 -25.46 22.82
C SER A 87 -25.76 -25.28 22.13
N PRO A 88 -26.66 -26.27 22.21
CA PRO A 88 -27.93 -26.16 21.49
C PRO A 88 -28.83 -25.05 21.98
N TRP A 89 -28.68 -24.60 23.22
CA TRP A 89 -29.58 -23.61 23.80
C TRP A 89 -29.23 -22.18 23.41
N ILE A 90 -28.13 -21.97 22.70
CA ILE A 90 -27.70 -20.63 22.33
C ILE A 90 -28.47 -20.20 21.08
N ARG A 91 -29.24 -19.12 21.19
CA ARG A 91 -30.06 -18.59 20.11
C ARG A 91 -29.76 -17.11 19.96
N PRO A 92 -28.67 -16.75 19.27
CA PRO A 92 -28.30 -15.34 19.16
C PRO A 92 -29.34 -14.49 18.46
N ASP A 93 -30.22 -15.08 17.66
CA ASP A 93 -31.22 -14.34 16.91
C ASP A 93 -32.62 -14.46 17.52
N SER A 94 -32.69 -14.61 18.84
CA SER A 94 -33.98 -14.67 19.51
C SER A 94 -34.64 -13.31 19.51
N LYS A 95 -35.96 -13.30 19.66
CA LYS A 95 -36.73 -12.07 19.67
C LYS A 95 -36.74 -11.39 21.03
N VAL A 96 -36.22 -12.04 22.08
CA VAL A 96 -36.20 -11.48 23.42
C VAL A 96 -34.82 -10.87 23.66
N GLU A 97 -34.81 -9.63 24.15
CA GLU A 97 -33.53 -8.95 24.37
C GLU A 97 -32.67 -9.70 25.37
N LYS A 98 -33.26 -10.17 26.47
CA LYS A 98 -32.49 -10.89 27.47
C LYS A 98 -31.86 -12.15 26.87
N ILE A 99 -32.67 -12.93 26.15
CA ILE A 99 -32.16 -14.17 25.60
C ILE A 99 -31.16 -13.90 24.49
N ARG A 100 -31.39 -12.86 23.69
CA ARG A 100 -30.42 -12.52 22.65
C ARG A 100 -29.08 -12.15 23.27
N ARG A 101 -29.09 -11.32 24.30
CA ARG A 101 -27.84 -10.92 24.94
C ARG A 101 -27.14 -12.11 25.59
N ASN A 102 -27.90 -12.95 26.29
CA ASN A 102 -27.30 -14.13 26.91
C ASN A 102 -26.72 -15.05 25.86
N SER A 103 -27.42 -15.24 24.74
CA SER A 103 -26.91 -16.10 23.69
C SER A 103 -25.63 -15.53 23.09
N GLU A 104 -25.58 -14.23 22.86
CA GLU A 104 -24.35 -13.63 22.34
C GLU A 104 -23.19 -13.84 23.31
N ALA A 105 -23.42 -13.58 24.60
CA ALA A 105 -22.35 -13.73 25.57
C ALA A 105 -21.89 -15.17 25.66
N ALA A 106 -22.83 -16.12 25.69
CA ALA A 106 -22.47 -17.53 25.79
C ALA A 106 -21.73 -17.99 24.55
N MET A 107 -22.16 -17.54 23.37
CA MET A 107 -21.48 -17.93 22.14
C MET A 107 -20.06 -17.40 22.13
N LEU A 108 -19.87 -16.14 22.55
CA LEU A 108 -18.51 -15.60 22.61
C LEU A 108 -17.66 -16.37 23.61
N GLN A 109 -18.23 -16.71 24.76
CA GLN A 109 -17.47 -17.49 25.75
C GLN A 109 -17.05 -18.83 25.18
N GLU A 110 -17.97 -19.52 24.51
CA GLU A 110 -17.66 -20.83 23.96
C GLU A 110 -16.61 -20.73 22.87
N LEU A 111 -16.71 -19.73 22.00
CA LEU A 111 -15.71 -19.57 20.95
C LEU A 111 -14.36 -19.25 21.55
N ASN A 112 -14.32 -18.41 22.59
CA ASN A 112 -13.05 -18.09 23.23
C ASN A 112 -12.44 -19.34 23.86
N PHE A 113 -13.26 -20.16 24.53
CA PHE A 113 -12.74 -21.38 25.13
C PHE A 113 -12.23 -22.34 24.07
N GLY A 114 -12.97 -22.47 22.96
CA GLY A 114 -12.49 -23.31 21.87
C GLY A 114 -11.17 -22.85 21.32
N ALA A 115 -11.00 -21.54 21.18
CA ALA A 115 -9.71 -21.02 20.76
C ALA A 115 -8.63 -21.32 21.79
N TYR A 116 -8.99 -21.24 23.07
CA TYR A 116 -8.03 -21.54 24.13
C TYR A 116 -7.56 -22.98 24.04
N LEU A 117 -8.47 -23.91 23.78
CA LEU A 117 -8.08 -25.31 23.59
C LEU A 117 -7.37 -25.52 22.26
N GLY A 118 -7.45 -24.57 21.34
CA GLY A 118 -6.86 -24.75 20.04
C GLY A 118 -7.52 -25.83 19.21
N LEU A 119 -8.84 -25.94 19.27
CA LEU A 119 -9.54 -26.96 18.51
C LEU A 119 -9.33 -26.73 17.02
N PRO A 120 -9.07 -27.77 16.23
CA PRO A 120 -8.90 -27.56 14.78
C PRO A 120 -10.14 -27.00 14.11
N ALA A 121 -11.33 -27.32 14.58
CA ALA A 121 -12.55 -26.84 13.95
C ALA A 121 -13.65 -26.73 14.99
N PHE A 122 -14.67 -25.95 14.67
CA PHE A 122 -15.77 -25.67 15.59
C PHE A 122 -17.07 -25.66 14.80
N LEU A 123 -18.06 -26.41 15.27
CA LEU A 123 -19.33 -26.58 14.55
C LEU A 123 -20.36 -25.58 15.06
N LEU A 124 -20.96 -24.84 14.13
CA LEU A 124 -22.01 -23.88 14.44
C LEU A 124 -23.25 -24.19 13.60
N PRO A 125 -24.43 -24.16 14.19
CA PRO A 125 -25.65 -24.53 13.45
C PRO A 125 -26.25 -23.39 12.66
N LEU A 126 -26.85 -23.74 11.52
CA LEU A 126 -27.60 -22.81 10.70
C LEU A 126 -29.02 -23.33 10.50
N ASN A 127 -29.65 -23.79 11.56
CA ASN A 127 -30.96 -24.42 11.47
C ASN A 127 -32.11 -23.42 11.45
N GLN A 128 -31.84 -22.15 11.15
CA GLN A 128 -32.88 -21.13 11.14
C GLN A 128 -32.66 -20.18 9.98
N GLU A 129 -33.76 -19.58 9.52
CA GLU A 129 -33.70 -18.76 8.31
C GLU A 129 -32.85 -17.51 8.52
N ASP A 130 -32.98 -16.85 9.66
CA ASP A 130 -32.30 -15.59 9.93
C ASP A 130 -31.22 -15.81 10.98
N ASN A 131 -29.98 -15.47 10.62
CA ASN A 131 -28.84 -15.66 11.51
C ASN A 131 -27.85 -14.51 11.41
N THR A 132 -28.36 -13.29 11.15
CA THR A 132 -27.47 -12.14 10.99
C THR A 132 -26.69 -11.86 12.27
N ASN A 133 -27.36 -11.92 13.42
CA ASN A 133 -26.68 -11.66 14.68
C ASN A 133 -25.58 -12.69 14.94
N LEU A 134 -25.86 -13.95 14.61
CA LEU A 134 -24.83 -14.98 14.75
C LEU A 134 -23.63 -14.67 13.86
N ALA A 135 -23.90 -14.24 12.62
CA ALA A 135 -22.80 -13.88 11.72
C ALA A 135 -22.00 -12.72 12.29
N ARG A 136 -22.67 -11.73 12.86
CA ARG A 136 -21.96 -10.60 13.44
C ARG A 136 -21.08 -11.03 14.60
N VAL A 137 -21.61 -11.88 15.48
CA VAL A 137 -20.81 -12.35 16.61
C VAL A 137 -19.61 -13.14 16.12
N LEU A 138 -19.81 -14.03 15.16
CA LEU A 138 -18.69 -14.82 14.65
C LEU A 138 -17.64 -13.93 14.00
N THR A 139 -18.08 -12.93 13.22
CA THR A 139 -17.12 -12.01 12.60
C THR A 139 -16.34 -11.24 13.65
N ASN A 140 -17.02 -10.79 14.71
CA ASN A 140 -16.31 -10.11 15.79
C ASN A 140 -15.28 -11.02 16.42
N HIS A 141 -15.63 -12.30 16.62
CA HIS A 141 -14.64 -13.24 17.15
C HIS A 141 -13.44 -13.34 16.22
N ILE A 142 -13.69 -13.48 14.92
CA ILE A 142 -12.60 -13.36 13.96
C ILE A 142 -12.04 -11.94 14.05
N HIS A 143 -10.82 -11.77 13.56
CA HIS A 143 -10.07 -10.53 13.71
C HIS A 143 -9.62 -10.32 15.16
N THR A 144 -9.41 -11.41 15.89
CA THR A 144 -8.98 -11.33 17.28
C THR A 144 -8.43 -12.69 17.68
N GLY A 145 -7.16 -12.71 18.09
CA GLY A 145 -6.56 -13.94 18.60
C GLY A 145 -5.76 -14.72 17.56
N HIS A 146 -6.21 -15.93 17.26
CA HIS A 146 -5.49 -16.83 16.36
C HIS A 146 -6.41 -17.24 15.21
N HIS A 147 -5.78 -17.63 14.11
CA HIS A 147 -6.49 -17.85 12.85
C HIS A 147 -6.66 -19.32 12.47
N SER A 148 -5.86 -20.21 13.04
CA SER A 148 -5.85 -21.60 12.59
C SER A 148 -7.11 -22.38 12.95
N SER A 149 -8.17 -21.78 13.50
CA SER A 149 -9.38 -22.51 13.85
C SER A 149 -10.45 -22.23 12.81
N MET A 150 -10.97 -23.29 12.21
CA MET A 150 -12.02 -23.18 11.20
C MET A 150 -13.39 -23.34 11.83
N PHE A 151 -14.39 -22.79 11.15
CA PHE A 151 -15.78 -22.87 11.61
C PHE A 151 -16.60 -23.57 10.54
N TRP A 152 -17.28 -24.64 10.92
CA TRP A 152 -18.10 -25.44 10.03
C TRP A 152 -19.57 -25.15 10.30
N MET A 153 -20.27 -24.64 9.29
CA MET A 153 -21.67 -24.31 9.41
C MET A 153 -22.51 -25.52 9.05
N ARG A 154 -23.19 -26.10 10.04
CA ARG A 154 -24.05 -27.25 9.84
C ARG A 154 -25.37 -26.78 9.25
N VAL A 155 -25.56 -27.00 7.95
CA VAL A 155 -26.75 -26.54 7.25
C VAL A 155 -27.38 -27.73 6.54
N PRO A 156 -28.63 -28.07 6.81
CA PRO A 156 -29.24 -29.23 6.15
C PRO A 156 -29.41 -29.01 4.66
N LEU A 157 -29.35 -30.12 3.91
CA LEU A 157 -29.70 -30.06 2.49
C LEU A 157 -31.16 -29.70 2.31
N VAL A 158 -32.04 -30.26 3.14
CA VAL A 158 -33.47 -29.99 3.11
C VAL A 158 -33.84 -29.37 4.44
N ALA A 159 -34.56 -28.25 4.39
CA ALA A 159 -34.90 -27.53 5.60
C ALA A 159 -35.72 -28.43 6.53
N PRO A 160 -35.51 -28.36 7.85
CA PRO A 160 -36.29 -29.22 8.74
C PRO A 160 -37.78 -29.05 8.58
N GLU A 161 -38.24 -27.82 8.33
CA GLU A 161 -39.67 -27.59 8.17
C GLU A 161 -40.24 -28.39 7.01
N ASP A 162 -39.51 -28.45 5.90
CA ASP A 162 -39.96 -29.22 4.74
C ASP A 162 -39.82 -30.72 4.95
N LEU A 163 -38.98 -31.16 5.87
CA LEU A 163 -38.76 -32.58 6.10
C LEU A 163 -39.69 -33.17 7.16
N ARG A 164 -40.50 -32.35 7.83
CA ARG A 164 -41.41 -32.86 8.84
C ARG A 164 -42.51 -33.69 8.18
N ASP A 165 -43.01 -34.67 8.93
CA ASP A 165 -44.09 -35.51 8.45
C ASP A 165 -45.42 -34.78 8.55
N ASP A 166 -46.33 -35.10 7.63
CA ASP A 166 -47.64 -34.46 7.57
C ASP A 166 -48.61 -35.26 8.43
N ILE A 167 -48.65 -34.93 9.72
CA ILE A 167 -49.56 -35.60 10.65
C ILE A 167 -50.29 -34.57 11.49
N ILE A 168 -50.27 -33.30 11.06
CA ILE A 168 -50.97 -32.23 11.74
C ILE A 168 -52.28 -31.98 11.02
N GLU A 169 -53.39 -32.02 11.76
CA GLU A 169 -54.70 -31.95 11.13
C GLU A 169 -54.92 -30.62 10.41
N ASN A 170 -54.54 -29.51 11.05
CA ASN A 170 -54.84 -28.18 10.52
C ASN A 170 -53.61 -27.42 10.06
N ALA A 171 -52.45 -28.08 9.95
CA ALA A 171 -51.23 -27.47 9.44
C ALA A 171 -50.59 -28.41 8.42
N PRO A 172 -51.26 -28.65 7.30
CA PRO A 172 -50.72 -29.56 6.30
C PRO A 172 -49.51 -28.98 5.59
N THR A 173 -48.67 -29.88 5.09
CA THR A 173 -47.50 -29.49 4.31
C THR A 173 -47.89 -29.26 2.86
N THR A 174 -47.32 -28.21 2.26
CA THR A 174 -47.65 -27.87 0.89
C THR A 174 -47.12 -28.93 -0.08
N HIS A 175 -47.93 -29.26 -1.07
CA HIS A 175 -47.54 -30.16 -2.15
C HIS A 175 -47.18 -29.41 -3.42
N THR A 176 -47.08 -28.09 -3.36
CA THR A 176 -46.79 -27.30 -4.54
C THR A 176 -45.40 -27.61 -5.08
N GLU A 177 -45.27 -27.54 -6.40
CA GLU A 177 -43.98 -27.77 -7.08
C GLU A 177 -43.11 -26.52 -6.92
N GLU A 178 -42.70 -26.29 -5.67
CA GLU A 178 -41.89 -25.12 -5.33
C GLU A 178 -40.46 -25.39 -5.79
N TYR A 179 -40.18 -25.03 -7.04
CA TYR A 179 -38.84 -25.24 -7.59
C TYR A 179 -37.80 -24.46 -6.81
N SER A 180 -38.09 -23.20 -6.47
CA SER A 180 -37.18 -22.39 -5.67
C SER A 180 -37.32 -22.64 -4.18
N GLY A 181 -38.38 -23.32 -3.75
CA GLY A 181 -38.55 -23.59 -2.33
C GLY A 181 -37.49 -24.54 -1.79
N GLU A 182 -37.11 -25.54 -2.58
CA GLU A 182 -36.13 -26.53 -2.14
C GLU A 182 -34.73 -25.95 -2.00
N GLU A 183 -34.47 -24.77 -2.54
CA GLU A 183 -33.16 -24.16 -2.49
C GLU A 183 -32.96 -23.26 -1.27
N LYS A 184 -34.00 -23.07 -0.45
CA LYS A 184 -33.91 -22.09 0.62
C LYS A 184 -32.69 -22.33 1.51
N THR A 185 -32.38 -23.59 1.80
CA THR A 185 -31.24 -23.87 2.67
C THR A 185 -29.97 -23.23 2.12
N TRP A 186 -29.72 -23.40 0.82
CA TRP A 186 -28.52 -22.79 0.25
C TRP A 186 -28.53 -21.28 0.47
N MET A 187 -29.69 -20.64 0.30
CA MET A 187 -29.78 -19.21 0.57
C MET A 187 -29.29 -18.90 1.97
N TRP A 188 -29.75 -19.66 2.96
CA TRP A 188 -29.29 -19.45 4.33
C TRP A 188 -27.78 -19.41 4.39
N TRP A 189 -27.13 -20.34 3.70
CA TRP A 189 -25.67 -20.33 3.66
C TRP A 189 -25.15 -19.13 2.90
N HIS A 190 -25.71 -18.88 1.71
CA HIS A 190 -25.15 -17.84 0.85
C HIS A 190 -25.21 -16.48 1.54
N ASN A 191 -26.33 -16.18 2.20
CA ASN A 191 -26.41 -14.95 2.96
C ASN A 191 -25.34 -14.92 4.05
N PHE A 192 -25.22 -16.00 4.81
CA PHE A 192 -24.32 -16.00 5.95
C PHE A 192 -22.89 -15.70 5.51
N ARG A 193 -22.38 -16.45 4.54
CA ARG A 193 -21.02 -16.20 4.08
C ARG A 193 -20.87 -14.79 3.54
N THR A 194 -21.94 -14.23 2.98
CA THR A 194 -21.87 -12.85 2.52
C THR A 194 -21.67 -11.89 3.69
N LEU A 195 -22.38 -12.13 4.79
CA LEU A 195 -22.21 -11.26 5.96
C LEU A 195 -20.79 -11.35 6.50
N CYS A 196 -20.23 -12.54 6.53
CA CYS A 196 -18.86 -12.75 7.00
C CYS A 196 -17.83 -12.36 5.95
N ASP A 197 -18.25 -11.87 4.80
CA ASP A 197 -17.35 -11.43 3.73
C ASP A 197 -16.44 -12.60 3.32
N TYR A 198 -17.10 -13.60 2.75
CA TYR A 198 -16.43 -14.74 2.12
C TYR A 198 -15.20 -15.17 2.89
N SER A 199 -15.29 -15.20 4.22
CA SER A 199 -14.14 -15.52 5.04
C SER A 199 -13.60 -16.90 4.70
N LYS A 200 -12.27 -16.99 4.62
CA LYS A 200 -11.62 -18.26 4.33
C LYS A 200 -11.67 -19.22 5.51
N ARG A 201 -12.01 -18.74 6.70
CA ARG A 201 -12.08 -19.56 7.90
C ARG A 201 -13.47 -20.16 8.13
N ILE A 202 -14.38 -20.01 7.18
CA ILE A 202 -15.73 -20.53 7.30
C ILE A 202 -15.96 -21.56 6.20
N ALA A 203 -16.48 -22.71 6.59
CA ALA A 203 -16.76 -23.80 5.67
C ALA A 203 -18.10 -24.42 6.01
N VAL A 204 -18.64 -25.17 5.07
CA VAL A 204 -19.95 -25.79 5.22
C VAL A 204 -19.78 -27.17 5.84
N ALA A 205 -20.79 -27.59 6.59
CA ALA A 205 -20.90 -28.95 7.10
C ALA A 205 -22.24 -29.49 6.64
N LEU A 206 -22.25 -30.06 5.43
CA LEU A 206 -23.50 -30.48 4.81
C LEU A 206 -24.09 -31.66 5.57
N GLU A 207 -25.38 -31.58 5.88
CA GLU A 207 -26.11 -32.66 6.53
C GLU A 207 -27.03 -33.29 5.48
N ILE A 208 -26.76 -34.55 5.13
CA ILE A 208 -27.41 -35.14 3.96
C ILE A 208 -28.91 -35.29 4.17
N GLY A 209 -29.31 -35.84 5.31
CA GLY A 209 -30.72 -36.06 5.56
C GLY A 209 -31.29 -37.20 4.75
N ALA A 210 -32.42 -37.76 5.20
CA ALA A 210 -32.94 -38.97 4.59
C ALA A 210 -33.34 -38.76 3.13
N ASP A 211 -34.16 -37.74 2.87
CA ASP A 211 -34.70 -37.50 1.54
C ASP A 211 -33.86 -36.43 0.84
N LEU A 212 -33.42 -36.75 -0.38
CA LEU A 212 -32.57 -35.82 -1.12
C LEU A 212 -33.41 -34.88 -1.99
N PRO A 213 -32.92 -33.67 -2.23
CA PRO A 213 -33.66 -32.75 -3.10
C PRO A 213 -33.41 -33.03 -4.57
N SER A 214 -33.94 -32.18 -5.45
CA SER A 214 -33.72 -32.34 -6.88
C SER A 214 -32.22 -32.36 -7.18
N ASN A 215 -31.90 -32.86 -8.38
CA ASN A 215 -30.49 -32.98 -8.75
C ASN A 215 -29.82 -31.62 -8.86
N HIS A 216 -30.54 -30.63 -9.38
CA HIS A 216 -29.95 -29.30 -9.54
C HIS A 216 -29.61 -28.69 -8.19
N VAL A 217 -30.48 -28.89 -7.19
CA VAL A 217 -30.18 -28.39 -5.85
C VAL A 217 -28.89 -29.01 -5.33
N ILE A 218 -28.73 -30.32 -5.51
CA ILE A 218 -27.51 -30.99 -5.05
C ILE A 218 -26.30 -30.43 -5.79
N ASP A 219 -26.41 -30.24 -7.10
CA ASP A 219 -25.29 -29.67 -7.85
C ASP A 219 -24.98 -28.25 -7.39
N ARG A 220 -25.98 -27.54 -6.87
CA ARG A 220 -25.74 -26.19 -6.37
C ARG A 220 -24.56 -26.17 -5.41
N TRP A 221 -24.50 -27.12 -4.49
CA TRP A 221 -23.45 -27.14 -3.48
C TRP A 221 -22.08 -27.46 -4.06
N LEU A 222 -22.00 -27.88 -5.30
CA LEU A 222 -20.70 -28.01 -5.95
C LEU A 222 -20.05 -26.64 -6.04
N GLY A 223 -18.76 -26.58 -5.69
CA GLY A 223 -18.04 -25.33 -5.66
C GLY A 223 -18.11 -24.61 -4.32
N GLU A 224 -19.06 -24.99 -3.46
CA GLU A 224 -19.09 -24.44 -2.12
C GLU A 224 -17.93 -25.01 -1.30
N PRO A 225 -17.49 -24.29 -0.28
CA PRO A 225 -16.38 -24.80 0.55
C PRO A 225 -16.84 -25.86 1.55
N ILE A 226 -17.23 -27.02 1.03
CA ILE A 226 -17.68 -28.11 1.87
C ILE A 226 -16.46 -28.82 2.45
N LYS A 227 -16.39 -28.88 3.78
CA LYS A 227 -15.31 -29.55 4.47
C LYS A 227 -15.72 -30.87 5.09
N ALA A 228 -16.91 -30.94 5.67
CA ALA A 228 -17.42 -32.15 6.29
C ALA A 228 -18.84 -32.41 5.83
N ALA A 229 -19.18 -33.69 5.74
CA ALA A 229 -20.54 -34.14 5.45
C ALA A 229 -21.03 -34.96 6.63
N ILE A 230 -22.20 -34.61 7.15
CA ILE A 230 -22.75 -35.24 8.35
C ILE A 230 -23.78 -36.27 7.91
N LEU A 231 -23.53 -37.53 8.22
CA LEU A 231 -24.45 -38.62 7.91
C LEU A 231 -25.13 -39.10 9.18
N PRO A 232 -26.42 -38.86 9.36
CA PRO A 232 -27.13 -39.51 10.47
C PRO A 232 -27.28 -41.01 10.20
N THR A 233 -27.37 -41.77 11.30
CA THR A 233 -27.49 -43.21 11.17
C THR A 233 -28.86 -43.62 10.61
N SER A 234 -29.84 -42.74 10.65
CA SER A 234 -31.16 -43.07 10.12
C SER A 234 -31.17 -43.21 8.61
N ILE A 235 -30.13 -42.72 7.92
CA ILE A 235 -30.09 -42.81 6.48
C ILE A 235 -29.98 -44.27 6.04
N PHE A 236 -29.13 -45.04 6.69
CA PHE A 236 -28.75 -46.35 6.19
C PHE A 236 -29.92 -47.31 6.20
N LEU A 237 -30.06 -48.07 5.12
CA LEU A 237 -31.08 -49.09 5.01
C LEU A 237 -30.55 -50.42 5.53
N THR A 238 -31.46 -51.27 5.95
CA THR A 238 -31.12 -52.60 6.45
C THR A 238 -31.11 -53.58 5.29
N ASN A 239 -29.94 -54.13 4.98
CA ASN A 239 -29.81 -55.10 3.91
C ASN A 239 -30.37 -56.44 4.38
N LYS A 240 -30.22 -57.48 3.54
CA LYS A 240 -30.84 -58.76 3.86
C LYS A 240 -30.23 -59.38 5.11
N LYS A 241 -28.96 -59.09 5.39
CA LYS A 241 -28.26 -59.65 6.53
C LYS A 241 -28.20 -58.70 7.72
N GLY A 242 -28.95 -57.60 7.68
CA GLY A 242 -29.05 -56.70 8.81
C GLY A 242 -28.02 -55.61 8.85
N PHE A 243 -27.04 -55.61 7.96
CA PHE A 243 -26.02 -54.57 7.97
C PHE A 243 -26.54 -53.28 7.36
N PRO A 244 -25.97 -52.14 7.74
CA PRO A 244 -26.41 -50.87 7.16
C PRO A 244 -25.79 -50.64 5.79
N VAL A 245 -26.63 -50.24 4.85
CA VAL A 245 -26.20 -49.93 3.49
C VAL A 245 -26.96 -48.72 2.99
N LEU A 246 -26.24 -47.81 2.34
CA LEU A 246 -26.86 -46.62 1.78
C LEU A 246 -27.62 -46.96 0.51
N SER A 247 -28.65 -46.17 0.22
CA SER A 247 -29.39 -46.35 -1.01
C SER A 247 -28.53 -45.96 -2.21
N LYS A 248 -28.92 -46.45 -3.39
CA LYS A 248 -28.16 -46.16 -4.59
C LYS A 248 -27.99 -44.66 -4.79
N MET A 249 -29.01 -43.87 -4.47
CA MET A 249 -28.91 -42.43 -4.66
C MET A 249 -27.90 -41.84 -3.68
N HIS A 250 -28.00 -42.22 -2.41
CA HIS A 250 -27.01 -41.78 -1.44
C HIS A 250 -25.63 -42.30 -1.79
N GLN A 251 -25.54 -43.49 -2.39
CA GLN A 251 -24.23 -43.99 -2.82
C GLN A 251 -23.65 -43.10 -3.90
N ARG A 252 -24.47 -42.68 -4.87
CA ARG A 252 -23.98 -41.76 -5.89
C ARG A 252 -23.54 -40.44 -5.28
N LEU A 253 -24.31 -39.93 -4.31
CA LEU A 253 -23.94 -38.69 -3.66
C LEU A 253 -22.61 -38.83 -2.92
N ILE A 254 -22.41 -39.96 -2.24
CA ILE A 254 -21.15 -40.19 -1.53
C ILE A 254 -20.00 -40.27 -2.52
N PHE A 255 -20.21 -40.94 -3.65
CA PHE A 255 -19.18 -40.99 -4.67
C PHE A 255 -18.81 -39.59 -5.15
N ARG A 256 -19.83 -38.75 -5.37
CA ARG A 256 -19.56 -37.38 -5.81
C ARG A 256 -18.80 -36.61 -4.74
N LEU A 257 -19.16 -36.78 -3.47
CA LEU A 257 -18.49 -36.06 -2.39
C LEU A 257 -17.06 -36.53 -2.20
N LEU A 258 -16.78 -37.80 -2.50
CA LEU A 258 -15.44 -38.33 -2.29
C LEU A 258 -14.40 -37.54 -3.09
N LYS A 259 -14.79 -36.98 -4.23
CA LYS A 259 -13.85 -36.18 -5.02
C LYS A 259 -13.36 -34.99 -4.21
N LEU A 260 -14.27 -34.31 -3.50
CA LEU A 260 -13.92 -33.11 -2.75
C LEU A 260 -13.04 -33.40 -1.53
N GLU A 261 -12.84 -34.67 -1.18
CA GLU A 261 -12.04 -35.04 -0.02
C GLU A 261 -12.67 -34.57 1.29
N VAL A 262 -14.00 -34.48 1.32
CA VAL A 262 -14.67 -34.08 2.55
C VAL A 262 -14.49 -35.16 3.61
N GLN A 263 -14.70 -34.77 4.87
CA GLN A 263 -14.62 -35.69 6.00
C GLN A 263 -16.02 -36.05 6.45
N PHE A 264 -16.26 -37.34 6.66
CA PHE A 264 -17.60 -37.84 6.97
C PHE A 264 -17.75 -37.99 8.47
N ILE A 265 -18.81 -37.40 9.01
CA ILE A 265 -19.10 -37.44 10.43
C ILE A 265 -20.38 -38.24 10.62
N ILE A 266 -20.25 -39.41 11.26
CA ILE A 266 -21.41 -40.24 11.55
C ILE A 266 -22.06 -39.73 12.83
N THR A 267 -23.35 -39.45 12.77
CA THR A 267 -24.09 -38.90 13.91
C THR A 267 -25.34 -39.71 14.16
N GLY A 268 -25.80 -39.66 15.41
CA GLY A 268 -27.01 -40.36 15.79
C GLY A 268 -26.75 -41.53 16.72
N THR A 269 -27.62 -42.53 16.68
CA THR A 269 -27.50 -43.71 17.52
C THR A 269 -27.54 -44.95 16.65
N ASN A 270 -27.06 -46.06 17.20
CA ASN A 270 -27.00 -47.33 16.48
C ASN A 270 -28.41 -47.89 16.35
N HIS A 271 -29.07 -47.59 15.22
CA HIS A 271 -30.39 -48.16 14.98
C HIS A 271 -30.31 -49.64 14.63
N HIS A 272 -29.18 -50.09 14.08
CA HIS A 272 -28.95 -51.51 13.83
C HIS A 272 -28.37 -52.15 15.08
N SER A 273 -29.22 -52.28 16.10
CA SER A 273 -28.76 -52.77 17.40
C SER A 273 -28.07 -54.12 17.28
N GLU A 274 -28.51 -54.96 16.34
CA GLU A 274 -27.90 -56.27 16.17
C GLU A 274 -26.46 -56.19 15.69
N LYS A 275 -26.03 -55.03 15.19
CA LYS A 275 -24.69 -54.83 14.66
C LYS A 275 -23.97 -53.77 15.46
N GLU A 276 -22.64 -53.85 15.47
CA GLU A 276 -21.83 -52.85 16.14
C GLU A 276 -21.77 -51.57 15.31
N PHE A 277 -21.48 -50.47 15.99
CA PHE A 277 -21.46 -49.17 15.32
C PHE A 277 -20.43 -49.13 14.20
N CYS A 278 -19.29 -49.80 14.38
CA CYS A 278 -18.27 -49.79 13.35
C CYS A 278 -18.81 -50.29 12.01
N SER A 279 -19.87 -51.09 12.03
CA SER A 279 -20.45 -51.56 10.77
C SER A 279 -20.77 -50.40 9.85
N TYR A 280 -21.21 -49.27 10.41
CA TYR A 280 -21.42 -48.09 9.58
C TYR A 280 -20.11 -47.65 8.93
N LEU A 281 -19.09 -47.41 9.75
CA LEU A 281 -17.82 -46.92 9.20
C LEU A 281 -17.26 -47.89 8.18
N GLN A 282 -17.28 -49.19 8.50
CA GLN A 282 -16.80 -50.19 7.55
C GLN A 282 -17.44 -49.99 6.19
N TYR A 283 -18.76 -49.77 6.18
CA TYR A 283 -19.44 -49.60 4.90
C TYR A 283 -18.82 -48.48 4.10
N LEU A 284 -18.55 -47.34 4.75
CA LEU A 284 -17.91 -46.23 4.04
C LEU A 284 -16.60 -46.68 3.43
N GLU A 285 -15.78 -47.42 4.20
CA GLU A 285 -14.53 -47.92 3.66
C GLU A 285 -14.77 -48.71 2.39
N TYR A 286 -15.80 -49.56 2.38
CA TYR A 286 -16.13 -50.29 1.17
C TYR A 286 -16.34 -49.33 0.00
N LEU A 287 -17.17 -48.31 0.22
CA LEU A 287 -17.39 -47.33 -0.84
C LEU A 287 -16.09 -46.66 -1.25
N SER A 288 -15.16 -46.47 -0.29
CA SER A 288 -13.86 -45.91 -0.65
C SER A 288 -13.12 -46.85 -1.59
N GLN A 289 -13.16 -48.15 -1.32
CA GLN A 289 -12.47 -49.10 -2.19
C GLN A 289 -13.18 -49.24 -3.53
N ASN A 290 -14.51 -49.11 -3.54
CA ASN A 290 -15.29 -49.29 -4.75
C ASN A 290 -15.21 -48.10 -5.69
N ARG A 291 -14.63 -46.98 -5.26
CA ARG A 291 -14.61 -45.79 -6.10
C ARG A 291 -13.89 -46.10 -7.42
N PRO A 292 -14.39 -45.61 -8.55
CA PRO A 292 -13.69 -45.83 -9.82
C PRO A 292 -12.29 -45.25 -9.77
N PRO A 293 -11.31 -45.92 -10.38
CA PRO A 293 -9.94 -45.41 -10.31
C PRO A 293 -9.81 -44.10 -11.07
N PRO A 294 -8.95 -43.19 -10.61
CA PRO A 294 -8.71 -41.97 -11.39
C PRO A 294 -7.98 -42.26 -12.68
N ASN A 295 -8.25 -41.44 -13.69
CA ASN A 295 -7.63 -41.60 -14.99
C ASN A 295 -6.22 -41.01 -14.98
N ALA A 296 -5.53 -41.12 -16.12
CA ALA A 296 -4.17 -40.61 -16.22
C ALA A 296 -4.13 -39.11 -15.97
N TYR A 297 -5.07 -38.37 -16.57
CA TYR A 297 -5.09 -36.92 -16.41
C TYR A 297 -5.30 -36.53 -14.95
N GLU A 298 -6.23 -37.20 -14.27
CA GLU A 298 -6.50 -36.88 -12.87
C GLU A 298 -5.28 -37.12 -12.01
N LEU A 299 -4.59 -38.24 -12.21
CA LEU A 299 -3.37 -38.51 -11.47
C LEU A 299 -2.29 -37.47 -11.77
N PHE A 300 -2.19 -37.06 -13.04
CA PHE A 300 -1.19 -36.06 -13.40
C PHE A 300 -1.43 -34.74 -12.69
N ALA A 301 -2.69 -34.31 -12.58
CA ALA A 301 -3.05 -33.02 -12.02
C ALA A 301 -3.19 -33.04 -10.50
N LYS A 302 -2.97 -34.19 -9.87
CA LYS A 302 -3.10 -34.27 -8.42
C LYS A 302 -2.14 -33.29 -7.75
N GLY A 303 -2.65 -32.51 -6.81
CA GLY A 303 -1.84 -31.58 -6.06
C GLY A 303 -2.13 -30.13 -6.38
N TYR A 304 -2.42 -29.85 -7.65
CA TYR A 304 -2.67 -28.48 -8.12
C TYR A 304 -4.14 -28.27 -8.47
N GLU A 305 -5.03 -29.00 -7.81
CA GLU A 305 -6.46 -28.83 -8.07
C GLU A 305 -6.95 -27.55 -7.40
N ASP A 306 -7.61 -26.70 -8.17
CA ASP A 306 -8.07 -25.40 -7.67
C ASP A 306 -6.89 -24.59 -7.13
N TYR A 307 -5.75 -24.68 -7.79
CA TYR A 307 -4.54 -23.95 -7.43
C TYR A 307 -4.23 -22.98 -8.57
N LEU A 308 -4.13 -21.70 -8.25
CA LEU A 308 -4.02 -20.66 -9.26
C LEU A 308 -2.56 -20.43 -9.65
N GLN A 309 -2.32 -20.37 -10.96
CA GLN A 309 -1.00 -20.13 -11.51
C GLN A 309 -1.07 -19.00 -12.51
N SER A 310 0.05 -18.31 -12.69
CA SER A 310 0.12 -17.25 -13.69
C SER A 310 0.20 -17.86 -15.09
N PRO A 311 -0.52 -17.33 -16.08
CA PRO A 311 -0.47 -17.92 -17.42
C PRO A 311 0.90 -17.87 -18.05
N LEU A 312 1.02 -18.46 -19.24
CA LEU A 312 2.30 -18.50 -19.95
C LEU A 312 2.51 -17.24 -20.77
N GLN A 313 3.78 -16.91 -21.01
CA GLN A 313 4.14 -15.83 -21.93
C GLN A 313 5.59 -16.04 -22.37
N PRO A 314 5.90 -17.16 -23.01
CA PRO A 314 7.30 -17.47 -23.33
C PRO A 314 7.94 -16.47 -24.28
N LEU A 315 7.15 -15.71 -25.04
CA LEU A 315 7.73 -14.77 -25.99
C LEU A 315 8.53 -13.67 -25.29
N MET A 316 8.27 -13.41 -24.02
CA MET A 316 8.98 -12.38 -23.27
C MET A 316 9.92 -12.97 -22.23
N ASP A 317 9.43 -13.83 -21.36
CA ASP A 317 10.27 -14.48 -20.36
C ASP A 317 10.87 -15.76 -20.93
N ASN A 318 11.99 -16.18 -20.35
CA ASN A 318 12.72 -17.34 -20.80
C ASN A 318 12.39 -18.53 -19.91
N LEU A 319 12.04 -19.65 -20.52
CA LEU A 319 11.64 -20.82 -19.76
C LEU A 319 12.86 -21.56 -19.21
N GLU A 320 12.61 -22.44 -18.25
CA GLU A 320 13.66 -23.21 -17.59
C GLU A 320 13.70 -24.62 -18.16
N SER A 321 14.58 -25.45 -17.59
CA SER A 321 14.69 -26.84 -18.04
C SER A 321 13.55 -27.68 -17.50
N GLN A 322 13.08 -27.40 -16.28
CA GLN A 322 11.98 -28.19 -15.72
C GLN A 322 10.68 -27.98 -16.49
N THR A 323 10.46 -26.77 -17.01
CA THR A 323 9.27 -26.53 -17.81
C THR A 323 9.26 -27.41 -19.05
N TYR A 324 10.38 -27.46 -19.77
CA TYR A 324 10.47 -28.36 -20.91
C TYR A 324 10.38 -29.81 -20.50
N GLU A 325 10.90 -30.14 -19.32
CA GLU A 325 10.79 -31.52 -18.83
C GLU A 325 9.33 -31.92 -18.66
N VAL A 326 8.53 -31.06 -18.03
CA VAL A 326 7.12 -31.39 -17.82
C VAL A 326 6.37 -31.36 -19.14
N PHE A 327 6.75 -30.47 -20.07
CA PHE A 327 6.09 -30.44 -21.37
C PHE A 327 6.21 -31.78 -22.09
N GLU A 328 7.35 -32.45 -21.92
CA GLU A 328 7.61 -33.67 -22.68
C GLU A 328 6.94 -34.91 -22.10
N LYS A 329 6.39 -34.83 -20.88
CA LYS A 329 5.75 -35.99 -20.28
C LYS A 329 4.46 -36.38 -20.98
N ASP A 330 3.91 -35.51 -21.84
CA ASP A 330 2.67 -35.79 -22.53
C ASP A 330 2.98 -36.42 -23.88
N PRO A 331 2.62 -37.69 -24.12
CA PRO A 331 2.87 -38.28 -25.43
C PRO A 331 1.76 -38.01 -26.43
N ILE A 332 0.58 -37.67 -25.93
CA ILE A 332 -0.58 -37.48 -26.81
C ILE A 332 -0.33 -36.32 -27.77
N LYS A 333 0.16 -35.20 -27.24
CA LYS A 333 0.35 -34.02 -28.08
C LYS A 333 1.34 -34.30 -29.20
N TYR A 334 2.47 -34.91 -28.87
CA TYR A 334 3.49 -35.14 -29.89
C TYR A 334 3.10 -36.25 -30.84
N SER A 335 2.36 -37.25 -30.36
CA SER A 335 1.83 -38.25 -31.28
C SER A 335 0.87 -37.62 -32.28
N GLN A 336 0.02 -36.71 -31.82
CA GLN A 336 -0.90 -36.03 -32.72
C GLN A 336 -0.13 -35.17 -33.72
N TYR A 337 0.90 -34.46 -33.26
CA TYR A 337 1.71 -33.66 -34.17
C TYR A 337 2.38 -34.54 -35.22
N GLN A 338 2.93 -35.68 -34.80
CA GLN A 338 3.55 -36.60 -35.74
C GLN A 338 2.54 -37.11 -36.76
N GLN A 339 1.34 -37.47 -36.30
CA GLN A 339 0.32 -37.96 -37.23
C GLN A 339 -0.07 -36.89 -38.23
N ALA A 340 -0.24 -35.66 -37.77
CA ALA A 340 -0.60 -34.57 -38.68
C ALA A 340 0.51 -34.33 -39.70
N ILE A 341 1.76 -34.33 -39.27
CA ILE A 341 2.87 -34.12 -40.19
C ILE A 341 2.92 -35.26 -41.21
N TYR A 342 2.73 -36.49 -40.75
CA TYR A 342 2.74 -37.63 -41.64
C TYR A 342 1.65 -37.51 -42.70
N LYS A 343 0.45 -37.14 -42.29
CA LYS A 343 -0.65 -36.99 -43.24
C LYS A 343 -0.33 -35.88 -44.25
N CYS A 344 0.15 -34.74 -43.76
CA CYS A 344 0.44 -33.63 -44.65
C CYS A 344 1.52 -34.00 -45.66
N LEU A 345 2.57 -34.69 -45.21
CA LEU A 345 3.62 -35.11 -46.13
C LEU A 345 3.06 -36.08 -47.17
N LEU A 346 2.23 -37.04 -46.74
CA LEU A 346 1.62 -37.95 -47.70
C LEU A 346 0.77 -37.21 -48.72
N ASP A 347 0.17 -36.09 -48.32
CA ASP A 347 -0.73 -35.36 -49.20
C ASP A 347 -0.01 -34.31 -50.05
N ARG A 348 1.32 -34.24 -49.99
CA ARG A 348 2.07 -33.27 -50.76
C ARG A 348 3.14 -33.88 -51.67
N VAL A 349 3.62 -35.07 -51.38
CA VAL A 349 4.68 -35.72 -52.14
C VAL A 349 4.12 -36.99 -52.77
N PRO A 350 3.78 -36.96 -54.06
CA PRO A 350 3.31 -38.19 -54.71
C PRO A 350 4.43 -39.21 -54.83
N GLU A 351 4.02 -40.48 -54.90
CA GLU A 351 4.99 -41.57 -54.94
C GLU A 351 6.01 -41.37 -56.06
N GLU A 352 5.56 -40.87 -57.21
CA GLU A 352 6.47 -40.71 -58.34
C GLU A 352 7.58 -39.72 -58.02
N GLU A 353 7.29 -38.71 -57.19
CA GLU A 353 8.28 -37.71 -56.79
C GLU A 353 8.89 -38.01 -55.43
N LYS A 354 8.65 -39.22 -54.89
CA LYS A 354 9.18 -39.55 -53.58
C LYS A 354 10.69 -39.48 -53.55
N ASP A 355 11.35 -40.02 -54.57
CA ASP A 355 12.80 -40.12 -54.57
C ASP A 355 13.46 -38.74 -54.58
N THR A 356 12.97 -37.83 -55.41
CA THR A 356 13.65 -36.56 -55.66
C THR A 356 13.09 -35.39 -54.85
N ASN A 357 11.78 -35.30 -54.71
CA ASN A 357 11.19 -34.14 -54.04
C ASN A 357 11.59 -34.11 -52.57
N VAL A 358 12.07 -32.96 -52.12
CA VAL A 358 12.47 -32.74 -50.73
C VAL A 358 11.62 -31.62 -50.17
N GLN A 359 10.92 -31.90 -49.08
CA GLN A 359 10.04 -30.92 -48.45
C GLN A 359 10.80 -30.14 -47.40
N VAL A 360 10.64 -28.82 -47.42
CA VAL A 360 11.28 -27.95 -46.43
C VAL A 360 10.30 -27.76 -45.28
N LEU A 361 10.64 -28.32 -44.13
CA LEU A 361 9.82 -28.24 -42.93
C LEU A 361 10.55 -27.38 -41.91
N MET A 362 9.84 -26.42 -41.33
CA MET A 362 10.45 -25.50 -40.38
C MET A 362 9.66 -25.57 -39.08
N VAL A 363 10.35 -25.91 -37.99
CA VAL A 363 9.76 -26.01 -36.67
C VAL A 363 10.09 -24.74 -35.92
N LEU A 364 9.08 -23.93 -35.66
CA LEU A 364 9.24 -22.67 -34.94
C LEU A 364 9.01 -22.91 -33.45
N GLY A 365 9.88 -22.35 -32.62
CA GLY A 365 9.82 -22.63 -31.20
C GLY A 365 10.10 -24.09 -30.91
N ALA A 366 11.20 -24.60 -31.47
CA ALA A 366 11.50 -26.02 -31.36
C ALA A 366 11.72 -26.46 -29.91
N GLY A 367 11.95 -25.53 -29.00
CA GLY A 367 12.20 -25.92 -27.62
C GLY A 367 13.42 -26.80 -27.53
N ARG A 368 13.29 -27.93 -26.84
CA ARG A 368 14.41 -28.83 -26.63
C ARG A 368 14.48 -29.96 -27.65
N GLY A 369 13.62 -29.97 -28.66
CA GLY A 369 13.71 -30.95 -29.71
C GLY A 369 12.52 -31.88 -29.93
N PRO A 370 11.59 -31.99 -28.96
CA PRO A 370 10.50 -32.96 -29.15
C PRO A 370 9.76 -32.81 -30.47
N LEU A 371 9.46 -31.58 -30.90
CA LEU A 371 8.81 -31.40 -32.20
C LEU A 371 9.72 -31.85 -33.32
N VAL A 372 11.02 -31.60 -33.20
CA VAL A 372 11.96 -32.03 -34.23
C VAL A 372 12.00 -33.54 -34.32
N ASN A 373 12.02 -34.22 -33.17
CA ASN A 373 11.99 -35.69 -33.17
C ASN A 373 10.69 -36.20 -33.79
N ALA A 374 9.56 -35.56 -33.47
CA ALA A 374 8.30 -35.97 -34.07
C ALA A 374 8.32 -35.80 -35.58
N SER A 375 8.86 -34.67 -36.06
CA SER A 375 8.95 -34.46 -37.49
C SER A 375 9.83 -35.50 -38.16
N LEU A 376 10.97 -35.82 -37.54
CA LEU A 376 11.84 -36.83 -38.11
C LEU A 376 11.15 -38.19 -38.16
N ARG A 377 10.43 -38.54 -37.10
CA ARG A 377 9.68 -39.80 -37.10
C ARG A 377 8.64 -39.82 -38.22
N ALA A 378 7.91 -38.71 -38.38
CA ALA A 378 6.90 -38.65 -39.42
C ALA A 378 7.52 -38.81 -40.79
N ALA A 379 8.64 -38.13 -41.04
CA ALA A 379 9.31 -38.26 -42.32
C ALA A 379 9.78 -39.69 -42.54
N LYS A 380 10.35 -40.32 -41.52
CA LYS A 380 10.84 -41.68 -41.67
C LYS A 380 9.72 -42.65 -41.99
N GLN A 381 8.59 -42.54 -41.27
CA GLN A 381 7.49 -43.47 -41.48
C GLN A 381 6.69 -43.14 -42.73
N ALA A 382 6.81 -41.93 -43.28
CA ALA A 382 6.18 -41.57 -44.53
C ALA A 382 7.07 -41.86 -45.73
N ASP A 383 8.33 -42.22 -45.51
CA ASP A 383 9.28 -42.46 -46.61
C ASP A 383 9.37 -41.25 -47.52
N ARG A 384 9.39 -40.05 -46.93
CA ARG A 384 9.53 -38.80 -47.66
C ARG A 384 10.79 -38.09 -47.20
N ARG A 385 11.54 -37.56 -48.15
CA ARG A 385 12.75 -36.81 -47.84
C ARG A 385 12.38 -35.40 -47.43
N ILE A 386 12.92 -34.94 -46.31
CA ILE A 386 12.65 -33.59 -45.81
C ILE A 386 13.93 -32.96 -45.29
N LYS A 387 14.03 -31.65 -45.45
CA LYS A 387 15.02 -30.83 -44.78
C LYS A 387 14.31 -30.08 -43.66
N LEU A 388 14.99 -29.90 -42.54
CA LEU A 388 14.39 -29.35 -41.34
C LEU A 388 15.15 -28.12 -40.87
N TYR A 389 14.41 -27.07 -40.49
CA TYR A 389 14.97 -25.87 -39.89
C TYR A 389 14.32 -25.68 -38.52
N ALA A 390 15.10 -25.85 -37.45
CA ALA A 390 14.59 -25.69 -36.09
C ALA A 390 14.95 -24.29 -35.60
N VAL A 391 13.96 -23.41 -35.53
CA VAL A 391 14.16 -22.03 -35.09
C VAL A 391 13.79 -21.93 -33.63
N GLU A 392 14.67 -21.32 -32.84
CA GLU A 392 14.42 -21.16 -31.41
C GLU A 392 15.21 -19.96 -30.90
N LYS A 393 14.55 -19.10 -30.14
CA LYS A 393 15.18 -17.89 -29.63
C LYS A 393 15.81 -18.06 -28.26
N ASN A 394 15.30 -18.96 -27.44
CA ASN A 394 15.86 -19.20 -26.12
C ASN A 394 17.29 -19.71 -26.27
N PRO A 395 18.30 -18.95 -25.84
CA PRO A 395 19.68 -19.39 -26.03
C PRO A 395 19.99 -20.73 -25.39
N ASN A 396 19.40 -21.04 -24.23
CA ASN A 396 19.67 -22.31 -23.58
C ASN A 396 19.02 -23.47 -24.32
N ALA A 397 17.76 -23.28 -24.73
CA ALA A 397 17.14 -24.25 -25.62
C ALA A 397 17.94 -24.40 -26.90
N VAL A 398 18.55 -23.31 -27.38
CA VAL A 398 19.41 -23.40 -28.55
C VAL A 398 20.61 -24.29 -28.25
N VAL A 399 21.18 -24.15 -27.05
CA VAL A 399 22.32 -25.00 -26.68
C VAL A 399 21.92 -26.46 -26.70
N THR A 400 20.77 -26.79 -26.10
CA THR A 400 20.32 -28.18 -26.08
C THR A 400 20.04 -28.68 -27.49
N LEU A 401 19.39 -27.86 -28.31
CA LEU A 401 19.09 -28.26 -29.68
C LEU A 401 20.37 -28.52 -30.46
N GLU A 402 21.37 -27.65 -30.30
CA GLU A 402 22.62 -27.84 -31.02
C GLU A 402 23.33 -29.10 -30.54
N ASN A 403 23.28 -29.38 -29.24
CA ASN A 403 23.87 -30.62 -28.75
C ASN A 403 23.19 -31.83 -29.36
N TRP A 404 21.86 -31.79 -29.48
CA TRP A 404 21.16 -32.85 -30.19
C TRP A 404 21.64 -32.94 -31.63
N GLN A 405 21.74 -31.79 -32.30
CA GLN A 405 22.08 -31.79 -33.72
C GLN A 405 23.44 -32.39 -33.98
N PHE A 406 24.42 -32.05 -33.14
CA PHE A 406 25.78 -32.54 -33.35
C PHE A 406 25.94 -34.01 -32.99
N GLU A 407 24.97 -34.60 -32.29
CA GLU A 407 25.12 -35.95 -31.75
C GLU A 407 24.27 -36.98 -32.48
N GLU A 408 22.95 -36.78 -32.54
CA GLU A 408 22.05 -37.76 -33.14
C GLU A 408 21.59 -37.35 -34.54
N TRP A 409 21.13 -36.11 -34.72
CA TRP A 409 20.76 -35.65 -36.03
C TRP A 409 22.00 -35.35 -36.86
N GLY A 410 21.81 -35.20 -38.17
CA GLY A 410 22.91 -34.88 -39.05
C GLY A 410 22.75 -33.53 -39.69
N SER A 411 23.15 -33.41 -40.95
CA SER A 411 22.93 -32.18 -41.70
C SER A 411 21.47 -31.94 -42.00
N GLN A 412 20.60 -32.93 -41.76
CA GLN A 412 19.19 -32.76 -42.06
C GLN A 412 18.59 -31.62 -41.26
N VAL A 413 18.93 -31.54 -39.97
CA VAL A 413 18.36 -30.55 -39.07
C VAL A 413 19.32 -29.37 -38.97
N THR A 414 18.81 -28.17 -39.25
CA THR A 414 19.57 -26.94 -39.11
C THR A 414 18.96 -26.14 -37.96
N VAL A 415 19.81 -25.66 -37.05
CA VAL A 415 19.38 -24.96 -35.86
C VAL A 415 19.62 -23.47 -36.05
N VAL A 416 18.60 -22.66 -35.80
CA VAL A 416 18.66 -21.21 -35.94
C VAL A 416 18.35 -20.59 -34.59
N SER A 417 19.21 -19.68 -34.14
CA SER A 417 19.03 -18.95 -32.89
C SER A 417 18.60 -17.53 -33.23
N SER A 418 17.31 -17.35 -33.43
CA SER A 418 16.78 -16.04 -33.78
C SER A 418 15.26 -16.08 -33.74
N ASP A 419 14.66 -14.99 -33.26
CA ASP A 419 13.21 -14.88 -33.28
C ASP A 419 12.70 -14.99 -34.71
N MET A 420 11.66 -15.81 -34.92
CA MET A 420 11.22 -16.03 -36.29
C MET A 420 10.71 -14.74 -36.93
N ARG A 421 10.22 -13.80 -36.12
CA ARG A 421 9.75 -12.55 -36.68
C ARG A 421 10.88 -11.71 -37.25
N GLU A 422 12.13 -11.99 -36.86
CA GLU A 422 13.29 -11.27 -37.37
C GLU A 422 14.18 -12.11 -38.27
N TRP A 423 14.15 -13.43 -38.12
CA TRP A 423 14.98 -14.29 -38.94
C TRP A 423 14.59 -14.16 -40.40
N VAL A 424 15.59 -14.27 -41.27
CA VAL A 424 15.38 -14.32 -42.72
C VAL A 424 15.82 -15.69 -43.20
N ALA A 425 14.90 -16.43 -43.80
CA ALA A 425 15.20 -17.81 -44.15
C ALA A 425 15.91 -17.87 -45.50
N PRO A 426 16.78 -18.86 -45.70
CA PRO A 426 17.39 -19.04 -47.03
C PRO A 426 16.46 -19.71 -48.02
N GLU A 427 15.44 -20.43 -47.57
CA GLU A 427 14.51 -21.12 -48.46
C GLU A 427 13.09 -20.93 -47.96
N LYS A 428 12.15 -20.91 -48.90
CA LYS A 428 10.74 -20.88 -48.54
C LYS A 428 10.33 -22.24 -47.99
N ALA A 429 9.62 -22.24 -46.87
CA ALA A 429 9.26 -23.48 -46.20
C ALA A 429 8.06 -24.12 -46.87
N ASP A 430 8.13 -25.45 -47.03
CA ASP A 430 6.98 -26.20 -47.51
C ASP A 430 5.95 -26.38 -46.40
N ILE A 431 6.40 -26.56 -45.16
CA ILE A 431 5.52 -26.76 -44.01
C ILE A 431 6.09 -25.99 -42.83
N ILE A 432 5.20 -25.45 -42.01
CA ILE A 432 5.57 -24.78 -40.76
C ILE A 432 4.87 -25.51 -39.63
N VAL A 433 5.65 -25.92 -38.62
CA VAL A 433 5.14 -26.63 -37.46
C VAL A 433 5.50 -25.84 -36.22
N SER A 434 4.51 -25.55 -35.39
CA SER A 434 4.75 -24.82 -34.16
C SER A 434 3.69 -25.20 -33.15
N GLU A 435 4.04 -25.07 -31.87
CA GLU A 435 3.12 -25.32 -30.77
C GLU A 435 3.27 -24.15 -29.81
N LEU A 436 2.50 -23.09 -30.05
CA LEU A 436 2.48 -21.90 -29.21
C LEU A 436 1.09 -21.65 -28.66
N LEU A 437 0.37 -22.71 -28.34
CA LEU A 437 -1.00 -22.60 -27.84
C LEU A 437 -0.98 -22.68 -26.32
N GLY A 438 -1.43 -21.62 -25.66
CA GLY A 438 -1.57 -21.61 -24.22
C GLY A 438 -2.89 -22.19 -23.80
N SER A 439 -3.19 -22.04 -22.51
CA SER A 439 -4.49 -22.45 -21.99
C SER A 439 -5.61 -21.91 -22.87
N PHE A 440 -5.68 -20.58 -22.97
CA PHE A 440 -6.48 -19.97 -24.01
C PHE A 440 -5.77 -20.15 -25.35
N ALA A 441 -6.56 -20.11 -26.43
CA ALA A 441 -6.02 -20.46 -27.74
C ALA A 441 -4.87 -19.54 -28.14
N ASP A 442 -5.03 -18.23 -27.95
CA ASP A 442 -4.07 -17.24 -28.40
C ASP A 442 -3.39 -16.53 -27.24
N ASN A 443 -3.19 -17.24 -26.13
CA ASN A 443 -2.61 -16.63 -24.95
C ASN A 443 -1.11 -16.40 -25.09
N GLU A 444 -0.46 -17.03 -26.07
CA GLU A 444 0.98 -16.97 -26.23
C GLU A 444 1.41 -15.96 -27.28
N LEU A 445 0.47 -15.20 -27.86
CA LEU A 445 0.75 -14.40 -29.04
C LEU A 445 1.10 -15.29 -30.23
N SER A 446 0.55 -16.50 -30.26
CA SER A 446 0.75 -17.36 -31.42
C SER A 446 0.33 -16.68 -32.72
N PRO A 447 -0.79 -15.98 -32.80
CA PRO A 447 -1.11 -15.28 -34.05
C PRO A 447 -0.03 -14.33 -34.49
N GLU A 448 0.56 -13.56 -33.57
CA GLU A 448 1.59 -12.61 -33.95
C GLU A 448 2.80 -13.33 -34.54
N CYS A 449 3.30 -14.35 -33.84
CA CYS A 449 4.48 -15.06 -34.32
C CYS A 449 4.20 -15.74 -35.65
N LEU A 450 3.03 -16.35 -35.79
CA LEU A 450 2.75 -17.09 -37.02
C LEU A 450 2.55 -16.14 -38.20
N ASP A 451 1.88 -15.00 -37.99
CA ASP A 451 1.74 -14.03 -39.06
C ASP A 451 3.05 -13.34 -39.39
N GLY A 452 3.99 -13.27 -38.44
CA GLY A 452 5.32 -12.81 -38.78
C GLY A 452 6.12 -13.85 -39.54
N ALA A 453 5.90 -15.13 -39.25
CA ALA A 453 6.58 -16.20 -39.96
C ALA A 453 5.99 -16.48 -41.32
N GLN A 454 4.75 -16.05 -41.58
CA GLN A 454 4.12 -16.33 -42.86
C GLN A 454 4.94 -15.78 -44.01
N HIS A 455 5.77 -14.77 -43.77
CA HIS A 455 6.48 -14.11 -44.87
C HIS A 455 7.44 -15.04 -45.59
N PHE A 456 7.89 -16.12 -44.95
CA PHE A 456 8.80 -17.07 -45.57
C PHE A 456 8.14 -18.43 -45.81
N LEU A 457 6.82 -18.49 -45.82
CA LEU A 457 6.12 -19.71 -46.19
C LEU A 457 5.81 -19.70 -47.68
N LYS A 458 5.91 -20.87 -48.29
CA LYS A 458 5.64 -20.97 -49.72
C LYS A 458 4.20 -20.61 -50.02
N ASP A 459 3.96 -20.16 -51.25
CA ASP A 459 2.62 -19.73 -51.64
C ASP A 459 1.58 -20.81 -51.38
N ASP A 460 1.96 -22.08 -51.52
CA ASP A 460 1.08 -23.21 -51.26
C ASP A 460 1.46 -23.93 -49.96
N GLY A 461 2.16 -23.26 -49.06
CA GLY A 461 2.60 -23.89 -47.83
C GLY A 461 1.46 -24.16 -46.89
N VAL A 462 1.78 -24.91 -45.84
CA VAL A 462 0.81 -25.33 -44.83
C VAL A 462 1.37 -25.02 -43.45
N SER A 463 0.45 -24.79 -42.50
CA SER A 463 0.81 -24.61 -41.10
C SER A 463 0.08 -25.70 -40.30
N ILE A 464 0.85 -26.51 -39.58
CA ILE A 464 0.26 -27.66 -38.90
C ILE A 464 -0.82 -27.23 -37.90
N PRO A 465 -0.57 -26.27 -37.00
CA PRO A 465 -1.68 -25.72 -36.23
C PRO A 465 -2.53 -24.84 -37.11
N GLY A 466 -3.22 -25.45 -38.07
CA GLY A 466 -3.89 -24.69 -39.11
C GLY A 466 -4.93 -23.73 -38.56
N GLU A 467 -5.66 -24.15 -37.53
CA GLU A 467 -6.73 -23.34 -36.98
C GLU A 467 -6.95 -23.71 -35.53
N TYR A 468 -7.09 -22.70 -34.68
CA TYR A 468 -7.41 -22.92 -33.27
C TYR A 468 -8.47 -21.93 -32.82
N THR A 469 -9.37 -22.41 -31.96
CA THR A 469 -10.48 -21.63 -31.44
C THR A 469 -10.45 -21.71 -29.92
N SER A 470 -10.95 -20.65 -29.29
CA SER A 470 -11.07 -20.59 -27.84
C SER A 470 -12.54 -20.56 -27.44
N PHE A 471 -12.82 -21.10 -26.26
CA PHE A 471 -14.18 -21.23 -25.76
C PHE A 471 -14.26 -20.68 -24.34
N LEU A 472 -15.39 -20.06 -24.02
CA LEU A 472 -15.66 -19.51 -22.70
C LEU A 472 -16.94 -20.11 -22.13
N ALA A 473 -16.96 -20.28 -20.81
CA ALA A 473 -18.13 -20.80 -20.13
C ALA A 473 -18.22 -20.17 -18.75
N PRO A 474 -19.34 -19.56 -18.39
CA PRO A 474 -19.45 -18.99 -17.03
C PRO A 474 -19.34 -20.07 -15.98
N ILE A 475 -18.69 -19.74 -14.87
CA ILE A 475 -18.52 -20.67 -13.76
C ILE A 475 -18.76 -19.95 -12.46
N SER A 476 -19.43 -20.63 -11.53
CA SER A 476 -19.64 -20.17 -10.17
C SER A 476 -18.85 -21.07 -9.23
N SER A 477 -17.98 -20.48 -8.41
CA SER A 477 -17.19 -21.25 -7.47
C SER A 477 -16.68 -20.31 -6.39
N SER A 478 -17.13 -20.53 -5.15
CA SER A 478 -16.71 -19.65 -4.07
C SER A 478 -15.24 -19.86 -3.70
N LYS A 479 -14.73 -21.09 -3.84
CA LYS A 479 -13.35 -21.36 -3.44
C LYS A 479 -12.36 -20.61 -4.32
N LEU A 480 -12.56 -20.66 -5.64
CA LEU A 480 -11.65 -19.95 -6.54
C LEU A 480 -11.73 -18.44 -6.31
N TYR A 481 -12.95 -17.92 -6.12
CA TYR A 481 -13.09 -16.49 -5.87
C TYR A 481 -12.36 -16.09 -4.59
N ASN A 482 -12.52 -16.89 -3.54
CA ASN A 482 -11.84 -16.58 -2.28
C ASN A 482 -10.33 -16.65 -2.46
N GLU A 483 -9.84 -17.62 -3.22
CA GLU A 483 -8.40 -17.74 -3.40
C GLU A 483 -7.85 -16.54 -4.15
N VAL A 484 -8.51 -16.14 -5.24
CA VAL A 484 -8.03 -15.00 -6.00
C VAL A 484 -8.11 -13.73 -5.16
N ARG A 485 -9.14 -13.62 -4.31
CA ARG A 485 -9.18 -12.50 -3.38
C ARG A 485 -7.97 -12.51 -2.45
N ALA A 486 -7.62 -13.69 -1.95
CA ALA A 486 -6.46 -13.81 -1.07
C ALA A 486 -5.16 -13.57 -1.81
N CYS A 487 -5.16 -13.67 -3.13
CA CYS A 487 -3.96 -13.47 -3.93
C CYS A 487 -3.55 -12.01 -4.02
N ARG A 488 -4.19 -11.12 -3.26
CA ARG A 488 -3.84 -9.71 -3.30
C ARG A 488 -2.40 -9.50 -2.87
N GLU A 489 -1.75 -8.51 -3.49
CA GLU A 489 -0.36 -8.20 -3.25
C GLU A 489 -0.19 -6.71 -3.06
N LYS A 490 0.87 -6.34 -2.34
CA LYS A 490 1.18 -4.95 -2.07
C LYS A 490 1.98 -4.34 -3.22
N ASP A 491 2.11 -3.01 -3.20
CA ASP A 491 2.81 -2.28 -4.24
C ASP A 491 2.16 -2.46 -5.60
N ARG A 492 0.85 -2.75 -5.61
CA ARG A 492 0.10 -2.90 -6.84
C ARG A 492 -1.34 -2.54 -6.57
N ASP A 493 -2.10 -2.36 -7.64
CA ASP A 493 -3.51 -2.00 -7.50
C ASP A 493 -4.21 -3.07 -6.65
N PRO A 494 -4.94 -2.68 -5.60
CA PRO A 494 -5.59 -3.70 -4.76
C PRO A 494 -6.54 -4.60 -5.52
N GLU A 495 -7.09 -4.15 -6.64
CA GLU A 495 -8.00 -4.94 -7.45
C GLU A 495 -7.31 -5.61 -8.63
N ALA A 496 -5.99 -5.48 -8.76
CA ALA A 496 -5.29 -6.06 -9.89
C ALA A 496 -5.50 -7.57 -9.97
N GLN A 497 -5.60 -8.24 -8.83
CA GLN A 497 -5.73 -9.69 -8.85
C GLN A 497 -7.00 -10.14 -9.57
N PHE A 498 -7.99 -9.26 -9.68
CA PHE A 498 -9.25 -9.60 -10.33
C PHE A 498 -9.27 -9.28 -11.82
N GLU A 499 -8.19 -8.72 -12.35
CA GLU A 499 -8.10 -8.33 -13.75
C GLU A 499 -6.91 -9.00 -14.42
N MET A 500 -6.73 -10.29 -14.14
CA MET A 500 -5.70 -11.06 -14.81
C MET A 500 -6.10 -12.52 -14.86
N PRO A 501 -5.97 -13.19 -16.00
CA PRO A 501 -6.33 -14.61 -16.05
C PRO A 501 -5.39 -15.46 -15.21
N TYR A 502 -5.92 -16.56 -14.70
CA TYR A 502 -5.15 -17.53 -13.94
C TYR A 502 -5.33 -18.91 -14.55
N VAL A 503 -4.24 -19.66 -14.63
CA VAL A 503 -4.29 -21.05 -15.06
C VAL A 503 -4.50 -21.91 -13.82
N VAL A 504 -5.62 -22.60 -13.78
CA VAL A 504 -6.02 -23.34 -12.58
C VAL A 504 -6.75 -24.60 -13.02
N ARG A 505 -6.49 -25.71 -12.31
CA ARG A 505 -7.22 -26.95 -12.54
C ARG A 505 -8.56 -26.83 -11.82
N LEU A 506 -9.56 -26.35 -12.54
CA LEU A 506 -10.89 -26.16 -11.98
C LEU A 506 -11.48 -27.49 -11.54
N HIS A 507 -11.63 -27.68 -10.23
CA HIS A 507 -12.28 -28.86 -9.69
C HIS A 507 -13.53 -28.53 -8.90
N ASN A 508 -13.43 -27.64 -7.91
CA ASN A 508 -14.58 -27.25 -7.09
C ASN A 508 -15.25 -26.05 -7.74
N PHE A 509 -16.04 -26.33 -8.77
CA PHE A 509 -16.69 -25.28 -9.54
C PHE A 509 -17.95 -25.84 -10.18
N HIS A 510 -18.82 -24.92 -10.60
CA HIS A 510 -20.07 -25.28 -11.28
C HIS A 510 -20.10 -24.57 -12.62
N GLN A 511 -20.05 -25.34 -13.70
CA GLN A 511 -20.17 -24.79 -15.04
C GLN A 511 -21.64 -24.55 -15.35
N LEU A 512 -22.00 -23.29 -15.57
CA LEU A 512 -23.40 -22.91 -15.71
C LEU A 512 -23.93 -23.03 -17.13
N SER A 513 -23.07 -23.29 -18.11
CA SER A 513 -23.54 -23.43 -19.48
C SER A 513 -22.45 -24.07 -20.32
N ALA A 514 -22.85 -24.60 -21.47
CA ALA A 514 -21.89 -25.17 -22.39
C ALA A 514 -21.01 -24.06 -22.96
N PRO A 515 -19.72 -24.32 -23.18
CA PRO A 515 -18.85 -23.26 -23.71
C PRO A 515 -19.26 -22.85 -25.12
N GLN A 516 -18.98 -21.61 -25.45
CA GLN A 516 -19.24 -21.07 -26.78
C GLN A 516 -17.96 -20.45 -27.33
N PRO A 517 -17.74 -20.56 -28.64
CA PRO A 517 -16.47 -20.07 -29.20
C PRO A 517 -16.42 -18.55 -29.20
N CYS A 518 -15.33 -18.00 -28.65
CA CYS A 518 -15.13 -16.56 -28.64
C CYS A 518 -14.25 -16.10 -29.80
N PHE A 519 -13.01 -16.61 -29.88
CA PHE A 519 -12.07 -16.20 -30.90
C PHE A 519 -11.61 -17.41 -31.69
N THR A 520 -11.30 -17.19 -32.97
CA THR A 520 -10.76 -18.23 -33.83
C THR A 520 -9.68 -17.63 -34.71
N PHE A 521 -8.58 -18.36 -34.87
CA PHE A 521 -7.49 -17.95 -35.73
C PHE A 521 -7.12 -19.09 -36.65
N SER A 522 -6.68 -18.75 -37.85
CA SER A 522 -6.28 -19.72 -38.85
C SER A 522 -5.05 -19.20 -39.58
N HIS A 523 -4.23 -20.12 -40.06
CA HIS A 523 -3.01 -19.79 -40.77
C HIS A 523 -2.84 -20.72 -41.95
N PRO A 524 -2.17 -20.26 -43.02
CA PRO A 524 -1.61 -18.92 -43.22
C PRO A 524 -2.70 -17.89 -43.50
N ASN A 525 -2.52 -16.65 -43.06
CA ASN A 525 -3.53 -15.61 -43.23
C ASN A 525 -3.30 -14.95 -44.58
N ARG A 526 -4.18 -15.22 -45.54
CA ARG A 526 -4.08 -14.67 -46.89
C ARG A 526 -4.97 -13.44 -47.08
N ASP A 527 -5.64 -12.99 -46.02
CA ASP A 527 -6.45 -11.79 -46.14
C ASP A 527 -5.57 -10.60 -46.50
N PRO A 528 -5.94 -9.79 -47.50
CA PRO A 528 -5.09 -8.62 -47.82
C PRO A 528 -4.85 -7.72 -46.62
N MET A 529 -5.85 -7.53 -45.77
CA MET A 529 -5.67 -6.87 -44.50
C MET A 529 -5.42 -7.93 -43.44
N ILE A 530 -4.57 -7.59 -42.46
CA ILE A 530 -4.28 -8.47 -41.33
C ILE A 530 -4.46 -7.67 -40.06
N ASP A 531 -5.22 -8.20 -39.12
CA ASP A 531 -5.48 -7.52 -37.85
C ASP A 531 -5.95 -8.53 -36.84
N ASN A 532 -5.27 -8.59 -35.70
CA ASN A 532 -5.59 -9.54 -34.65
C ASN A 532 -6.54 -8.98 -33.59
N ASN A 533 -6.75 -7.66 -33.58
CA ASN A 533 -7.74 -7.09 -32.66
C ASN A 533 -9.10 -7.73 -32.93
N ARG A 534 -9.76 -8.16 -31.86
CA ARG A 534 -11.03 -8.86 -32.02
C ARG A 534 -11.99 -8.46 -30.90
N TYR A 535 -13.28 -8.63 -31.17
CA TYR A 535 -14.33 -8.25 -30.24
C TYR A 535 -15.48 -9.22 -30.43
N CYS A 536 -15.83 -9.97 -29.37
CA CYS A 536 -16.88 -10.97 -29.46
C CYS A 536 -17.85 -10.81 -28.31
N THR A 537 -19.10 -11.21 -28.56
CA THR A 537 -20.15 -11.17 -27.56
C THR A 537 -20.76 -12.55 -27.42
N LEU A 538 -21.00 -12.97 -26.17
CA LEU A 538 -21.54 -14.28 -25.88
C LEU A 538 -22.74 -14.14 -24.95
N GLU A 539 -23.74 -14.99 -25.17
CA GLU A 539 -24.97 -15.00 -24.37
C GLU A 539 -25.22 -16.42 -23.91
N PHE A 540 -25.12 -16.65 -22.61
CA PHE A 540 -25.28 -17.98 -22.03
C PHE A 540 -26.61 -18.07 -21.31
N PRO A 541 -27.56 -18.88 -21.77
CA PRO A 541 -28.73 -19.16 -20.95
C PRO A 541 -28.36 -19.96 -19.70
N VAL A 542 -29.11 -19.73 -18.63
CA VAL A 542 -28.87 -20.40 -17.36
C VAL A 542 -30.18 -21.03 -16.91
N GLU A 543 -30.12 -22.30 -16.47
CA GLU A 543 -31.30 -23.05 -16.09
C GLU A 543 -31.45 -23.19 -14.58
N VAL A 544 -30.66 -22.46 -13.79
CA VAL A 544 -30.69 -22.61 -12.34
C VAL A 544 -30.17 -21.33 -11.72
N ASN A 545 -30.74 -20.97 -10.56
CA ASN A 545 -30.24 -19.83 -9.81
C ASN A 545 -28.83 -20.10 -9.33
N THR A 546 -28.00 -19.07 -9.33
CA THR A 546 -26.59 -19.25 -8.97
C THR A 546 -25.97 -17.88 -8.74
N VAL A 547 -24.66 -17.87 -8.51
CA VAL A 547 -23.91 -16.64 -8.31
C VAL A 547 -22.63 -16.69 -9.14
N LEU A 548 -22.68 -16.09 -10.33
CA LEU A 548 -21.53 -16.12 -11.22
C LEU A 548 -20.30 -15.51 -10.55
N HIS A 549 -19.18 -16.21 -10.66
CA HIS A 549 -17.90 -15.79 -10.11
C HIS A 549 -16.84 -15.53 -11.16
N GLY A 550 -16.84 -16.26 -12.27
CA GLY A 550 -15.81 -16.05 -13.27
C GLY A 550 -16.16 -16.75 -14.57
N PHE A 551 -15.18 -16.77 -15.46
CA PHE A 551 -15.33 -17.42 -16.76
C PHE A 551 -14.19 -18.39 -16.98
N ALA A 552 -14.52 -19.65 -17.25
CA ALA A 552 -13.52 -20.65 -17.58
C ALA A 552 -13.28 -20.65 -19.08
N GLY A 553 -12.02 -20.82 -19.47
CA GLY A 553 -11.62 -20.78 -20.85
C GLY A 553 -10.86 -22.01 -21.29
N TYR A 554 -11.25 -22.56 -22.44
CA TYR A 554 -10.66 -23.75 -23.03
C TYR A 554 -10.32 -23.44 -24.48
N PHE A 555 -9.77 -24.43 -25.18
CA PHE A 555 -9.45 -24.25 -26.59
C PHE A 555 -9.52 -25.57 -27.32
N GLU A 556 -9.70 -25.48 -28.64
CA GLU A 556 -9.72 -26.62 -29.53
C GLU A 556 -8.92 -26.27 -30.78
N THR A 557 -7.96 -27.11 -31.13
CA THR A 557 -7.11 -26.86 -32.28
C THR A 557 -7.34 -27.93 -33.34
N VAL A 558 -7.19 -27.53 -34.59
CA VAL A 558 -7.40 -28.42 -35.74
C VAL A 558 -6.04 -28.58 -36.42
N LEU A 559 -5.33 -29.65 -36.05
CA LEU A 559 -4.05 -29.94 -36.68
C LEU A 559 -4.30 -30.56 -38.05
N TYR A 560 -3.81 -29.90 -39.09
CA TYR A 560 -4.03 -30.32 -40.47
C TYR A 560 -5.53 -30.50 -40.69
N GLN A 561 -6.00 -31.66 -41.15
CA GLN A 561 -7.38 -31.82 -41.56
C GLN A 561 -8.25 -32.35 -40.43
N ASP A 562 -7.94 -33.55 -39.93
CA ASP A 562 -8.76 -34.21 -38.93
C ASP A 562 -8.11 -34.27 -37.56
N ILE A 563 -6.79 -34.31 -37.47
CA ILE A 563 -6.14 -34.44 -36.18
C ILE A 563 -6.43 -33.19 -35.35
N THR A 564 -6.97 -33.41 -34.15
CA THR A 564 -7.40 -32.30 -33.29
C THR A 564 -6.92 -32.54 -31.88
N LEU A 565 -6.43 -31.47 -31.25
CA LEU A 565 -6.12 -31.46 -29.82
C LEU A 565 -7.10 -30.52 -29.14
N SER A 566 -7.78 -31.01 -28.11
CA SER A 566 -8.81 -30.24 -27.43
C SER A 566 -8.67 -30.42 -25.94
N ILE A 567 -9.12 -29.40 -25.19
CA ILE A 567 -9.27 -29.49 -23.75
C ILE A 567 -10.67 -29.11 -23.30
N ARG A 568 -11.58 -28.83 -24.24
CA ARG A 568 -12.96 -28.55 -23.87
C ARG A 568 -13.57 -29.79 -23.23
N PRO A 569 -14.34 -29.64 -22.14
CA PRO A 569 -14.76 -30.83 -21.39
C PRO A 569 -15.50 -31.86 -22.23
N GLU A 570 -16.34 -31.44 -23.16
CA GLU A 570 -17.11 -32.41 -23.94
C GLU A 570 -16.28 -33.14 -24.98
N THR A 571 -15.21 -32.51 -25.49
CA THR A 571 -14.37 -33.12 -26.50
C THR A 571 -12.91 -33.17 -26.05
N HIS A 572 -12.68 -33.29 -24.75
CA HIS A 572 -11.32 -33.33 -24.23
C HIS A 572 -10.55 -34.48 -24.88
N SER A 573 -9.32 -34.20 -25.28
CA SER A 573 -8.48 -35.24 -25.85
C SER A 573 -8.20 -36.31 -24.80
N PRO A 574 -8.38 -37.59 -25.12
CA PRO A 574 -8.26 -38.62 -24.09
C PRO A 574 -6.84 -38.71 -23.54
N GLY A 575 -6.71 -38.56 -22.22
CA GLY A 575 -5.45 -38.73 -21.53
C GLY A 575 -4.51 -37.55 -21.61
N MET A 576 -4.82 -36.52 -22.39
CA MET A 576 -3.93 -35.37 -22.49
C MET A 576 -3.98 -34.56 -21.21
N PHE A 577 -2.80 -34.09 -20.78
CA PHE A 577 -2.72 -33.28 -19.57
C PHE A 577 -1.76 -32.11 -19.74
N SER A 578 -1.44 -31.73 -20.98
CA SER A 578 -0.48 -30.65 -21.19
C SER A 578 -1.04 -29.29 -20.83
N TRP A 579 -2.37 -29.11 -20.87
CA TRP A 579 -2.98 -27.80 -20.73
C TRP A 579 -4.04 -27.83 -19.64
N PHE A 580 -4.12 -26.74 -18.89
CA PHE A 580 -5.18 -26.54 -17.92
C PHE A 580 -6.10 -25.42 -18.39
N PRO A 581 -7.38 -25.44 -17.98
CA PRO A 581 -8.26 -24.31 -18.31
C PRO A 581 -7.71 -23.00 -17.76
N ILE A 582 -8.22 -21.91 -18.29
CA ILE A 582 -7.86 -20.57 -17.81
C ILE A 582 -9.04 -20.00 -17.06
N LEU A 583 -8.78 -19.08 -16.15
CA LEU A 583 -9.81 -18.47 -15.32
C LEU A 583 -9.76 -16.97 -15.47
N PHE A 584 -10.87 -16.37 -15.91
CA PHE A 584 -11.02 -14.92 -15.94
C PHE A 584 -11.93 -14.52 -14.80
N PRO A 585 -11.43 -13.91 -13.74
CA PRO A 585 -12.30 -13.51 -12.63
C PRO A 585 -13.06 -12.23 -12.94
N ILE A 586 -13.96 -11.88 -12.03
CA ILE A 586 -14.67 -10.62 -12.08
C ILE A 586 -14.62 -9.99 -10.69
N LYS A 587 -14.79 -8.66 -10.65
CA LYS A 587 -14.57 -7.94 -9.41
C LYS A 587 -15.50 -8.41 -8.30
N GLN A 588 -16.78 -8.63 -8.63
CA GLN A 588 -17.77 -9.00 -7.64
C GLN A 588 -18.67 -10.08 -8.21
N PRO A 589 -19.15 -11.00 -7.37
CA PRO A 589 -20.08 -12.02 -7.85
C PRO A 589 -21.37 -11.38 -8.35
N ILE A 590 -22.02 -12.05 -9.31
CA ILE A 590 -23.26 -11.54 -9.90
C ILE A 590 -24.33 -12.61 -9.71
N THR A 591 -25.36 -12.29 -8.93
CA THR A 591 -26.44 -13.24 -8.73
C THR A 591 -27.23 -13.41 -10.02
N VAL A 592 -27.69 -14.64 -10.28
CA VAL A 592 -28.41 -14.97 -11.49
C VAL A 592 -29.56 -15.90 -11.14
N ARG A 593 -30.64 -15.79 -11.90
CA ARG A 593 -31.83 -16.61 -11.72
C ARG A 593 -32.13 -17.37 -13.00
N GLU A 594 -32.75 -18.54 -12.85
CA GLU A 594 -33.10 -19.34 -14.00
C GLU A 594 -34.00 -18.54 -14.95
N GLY A 595 -33.78 -18.72 -16.25
CA GLY A 595 -34.48 -17.96 -17.25
C GLY A 595 -33.78 -16.70 -17.68
N GLN A 596 -32.77 -16.26 -16.95
CA GLN A 596 -31.97 -15.11 -17.36
C GLN A 596 -30.87 -15.57 -18.33
N THR A 597 -30.26 -14.59 -18.99
CA THR A 597 -29.16 -14.85 -19.91
C THR A 597 -27.98 -13.99 -19.50
N ILE A 598 -26.83 -14.63 -19.29
CA ILE A 598 -25.60 -13.91 -18.96
C ILE A 598 -24.96 -13.45 -20.27
N CYS A 599 -24.91 -12.14 -20.47
CA CYS A 599 -24.34 -11.57 -21.69
C CYS A 599 -23.00 -10.94 -21.33
N VAL A 600 -21.93 -11.44 -21.96
CA VAL A 600 -20.56 -11.03 -21.69
C VAL A 600 -19.92 -10.62 -23.00
N ARG A 601 -18.89 -9.79 -22.90
CA ARG A 601 -18.18 -9.29 -24.08
C ARG A 601 -16.69 -9.36 -23.83
N PHE A 602 -15.95 -9.84 -24.83
CA PHE A 602 -14.52 -9.99 -24.76
C PHE A 602 -13.85 -9.16 -25.86
N TRP A 603 -12.78 -8.48 -25.49
CA TRP A 603 -11.94 -7.75 -26.42
C TRP A 603 -10.53 -8.29 -26.36
N ARG A 604 -9.97 -8.63 -27.51
CA ARG A 604 -8.55 -8.89 -27.65
C ARG A 604 -7.94 -7.68 -28.33
N CYS A 605 -7.27 -6.84 -27.55
CA CYS A 605 -6.64 -5.62 -28.03
C CYS A 605 -5.13 -5.80 -28.10
N SER A 606 -4.47 -4.89 -28.79
CA SER A 606 -3.03 -4.94 -28.93
C SER A 606 -2.53 -3.61 -29.45
N ASN A 607 -1.22 -3.40 -29.30
CA ASN A 607 -0.53 -2.26 -29.87
C ASN A 607 0.81 -2.75 -30.39
N SER A 608 1.70 -1.79 -30.70
CA SER A 608 3.02 -2.17 -31.20
C SER A 608 3.84 -2.93 -30.16
N LYS A 609 3.51 -2.81 -28.89
CA LYS A 609 4.34 -3.33 -27.81
C LYS A 609 3.73 -4.51 -27.07
N LYS A 610 2.44 -4.49 -26.79
CA LYS A 610 1.85 -5.47 -25.88
C LYS A 610 0.50 -5.95 -26.41
N VAL A 611 0.06 -7.07 -25.86
CA VAL A 611 -1.24 -7.66 -26.18
C VAL A 611 -1.94 -7.97 -24.86
N TRP A 612 -3.24 -7.74 -24.81
CA TRP A 612 -3.98 -7.94 -23.58
C TRP A 612 -5.45 -8.21 -23.91
N TYR A 613 -6.16 -8.74 -22.92
CA TYR A 613 -7.58 -9.01 -23.03
C TYR A 613 -8.36 -8.08 -22.12
N GLU A 614 -9.54 -7.68 -22.58
CA GLU A 614 -10.47 -6.91 -21.78
C GLU A 614 -11.83 -7.59 -21.84
N TRP A 615 -12.41 -7.87 -20.68
CA TRP A 615 -13.69 -8.55 -20.61
C TRP A 615 -14.60 -7.81 -19.65
N ALA A 616 -15.89 -7.84 -19.94
CA ALA A 616 -16.89 -7.19 -19.10
C ALA A 616 -18.20 -7.94 -19.23
N VAL A 617 -19.00 -7.90 -18.17
CA VAL A 617 -20.30 -8.53 -18.14
C VAL A 617 -21.35 -7.44 -18.33
N THR A 618 -22.20 -7.60 -19.33
CA THR A 618 -23.23 -6.61 -19.64
C THR A 618 -24.61 -7.01 -19.16
N ALA A 619 -24.91 -8.30 -19.09
CA ALA A 619 -26.20 -8.74 -18.56
C ALA A 619 -25.97 -9.96 -17.67
N PRO A 620 -26.79 -10.14 -16.62
CA PRO A 620 -27.99 -9.36 -16.27
C PRO A 620 -27.70 -8.03 -15.60
N VAL A 621 -26.53 -7.87 -14.99
CA VAL A 621 -26.12 -6.63 -14.36
C VAL A 621 -24.73 -6.28 -14.86
N CYS A 622 -24.53 -5.02 -15.23
CA CYS A 622 -23.26 -4.60 -15.78
C CYS A 622 -22.15 -4.71 -14.74
N SER A 623 -20.93 -4.90 -15.22
CA SER A 623 -19.76 -4.99 -14.37
C SER A 623 -18.66 -4.10 -14.93
N ALA A 624 -17.79 -3.62 -14.05
CA ALA A 624 -16.72 -2.74 -14.48
C ALA A 624 -15.86 -3.44 -15.53
N ILE A 625 -15.43 -2.68 -16.53
CA ILE A 625 -14.54 -3.23 -17.54
C ILE A 625 -13.23 -3.64 -16.89
N HIS A 626 -12.74 -4.82 -17.24
CA HIS A 626 -11.58 -5.41 -16.59
C HIS A 626 -10.34 -5.23 -17.44
N ASN A 627 -9.23 -4.87 -16.79
CA ASN A 627 -7.94 -4.78 -17.44
C ASN A 627 -7.98 -3.82 -18.63
N PRO A 628 -8.48 -2.61 -18.46
CA PRO A 628 -8.49 -1.66 -19.57
C PRO A 628 -7.08 -1.19 -19.89
N THR A 629 -6.77 -1.14 -21.19
CA THR A 629 -5.47 -0.69 -21.65
C THR A 629 -4.35 -1.51 -21.02
N GLY A 630 -4.60 -2.81 -20.84
CA GLY A 630 -3.60 -3.65 -20.22
C GLY A 630 -3.14 -3.16 -18.87
N ARG A 631 -4.04 -2.50 -18.13
CA ARG A 631 -3.64 -1.85 -16.89
C ARG A 631 -3.08 -2.85 -15.89
N SER A 632 -3.55 -4.09 -15.92
CA SER A 632 -3.16 -5.10 -14.94
C SER A 632 -2.41 -6.27 -15.53
N TYR A 633 -2.86 -6.82 -16.65
CA TYR A 633 -2.25 -8.00 -17.25
C TYR A 633 -1.98 -7.72 -18.73
N THR A 634 -0.74 -7.99 -19.15
CA THR A 634 -0.36 -7.79 -20.53
C THR A 634 0.65 -8.86 -20.92
N ILE A 635 0.75 -9.09 -22.23
CA ILE A 635 1.68 -10.07 -22.79
C ILE A 635 2.64 -9.30 -23.68
N GLY A 636 3.89 -9.17 -23.23
CA GLY A 636 4.86 -8.42 -24.01
C GLY A 636 5.15 -9.10 -25.34
N LEU A 637 5.26 -8.29 -26.38
CA LEU A 637 5.60 -8.80 -27.71
C LEU A 637 7.10 -8.93 -27.87
N PRO B 26 -24.96 -46.42 52.77
CA PRO B 26 -26.17 -47.15 52.38
C PRO B 26 -26.17 -47.56 50.92
N ASN B 27 -25.19 -48.40 50.53
CA ASN B 27 -25.02 -48.90 49.18
C ASN B 27 -25.46 -47.87 48.15
N ALA B 28 -24.94 -46.66 48.26
CA ALA B 28 -25.27 -45.55 47.37
C ALA B 28 -23.99 -44.79 47.06
N PRO B 29 -24.00 -43.97 46.00
CA PRO B 29 -22.80 -43.20 45.67
C PRO B 29 -22.36 -42.33 46.83
N ALA B 30 -21.04 -42.16 46.95
CA ALA B 30 -20.48 -41.44 48.10
C ALA B 30 -21.04 -40.03 48.19
N CYS B 31 -21.01 -39.29 47.07
CA CYS B 31 -21.46 -37.91 47.05
C CYS B 31 -22.33 -37.68 45.83
N MET B 32 -23.41 -36.93 46.01
CA MET B 32 -24.34 -36.67 44.93
C MET B 32 -23.89 -35.44 44.13
N GLU B 33 -24.26 -35.43 42.86
CA GLU B 33 -23.84 -34.35 41.97
C GLU B 33 -24.49 -33.04 42.39
N ARG B 34 -23.83 -31.94 42.05
CA ARG B 34 -24.22 -30.64 42.58
C ARG B 34 -25.60 -30.22 42.06
N GLN B 35 -25.80 -30.27 40.75
CA GLN B 35 -26.99 -29.69 40.13
C GLN B 35 -28.15 -30.65 40.25
N LEU B 36 -29.01 -30.42 41.24
CA LEU B 36 -30.26 -31.16 41.33
C LEU B 36 -31.17 -30.77 40.18
N GLU B 37 -31.89 -31.74 39.63
CA GLU B 37 -32.70 -31.49 38.43
C GLU B 37 -34.09 -32.07 38.46
N ALA B 38 -34.47 -32.90 39.42
CA ALA B 38 -35.83 -33.41 39.45
C ALA B 38 -36.22 -33.81 40.87
N ALA B 39 -37.45 -33.47 41.25
CA ALA B 39 -38.02 -33.86 42.54
C ALA B 39 -39.43 -34.35 42.31
N ARG B 40 -39.77 -35.49 42.91
CA ARG B 40 -41.09 -36.09 42.72
C ARG B 40 -41.51 -36.79 44.00
N TYR B 41 -42.69 -36.44 44.50
CA TYR B 41 -43.26 -37.18 45.62
C TYR B 41 -44.01 -38.42 45.12
N ARG B 42 -44.33 -39.30 46.05
CA ARG B 42 -45.20 -40.42 45.80
C ARG B 42 -46.25 -40.49 46.90
N SER B 43 -47.18 -41.43 46.76
CA SER B 43 -48.35 -41.47 47.64
C SER B 43 -47.94 -41.53 49.11
N ASP B 44 -46.94 -42.34 49.44
CA ASP B 44 -46.55 -42.52 50.83
C ASP B 44 -45.79 -41.33 51.40
N GLY B 45 -45.41 -40.37 50.56
CA GLY B 45 -44.69 -39.19 51.01
C GLY B 45 -43.20 -39.23 50.71
N ALA B 46 -42.66 -40.36 50.27
CA ALA B 46 -41.25 -40.43 49.96
C ALA B 46 -40.91 -39.54 48.78
N LEU B 47 -39.69 -39.04 48.75
CA LEU B 47 -39.24 -38.09 47.75
C LEU B 47 -38.14 -38.71 46.88
N LEU B 48 -38.35 -38.70 45.58
CA LEU B 48 -37.35 -39.14 44.61
C LEU B 48 -36.67 -37.92 44.02
N LEU B 49 -35.34 -37.87 44.12
CA LEU B 49 -34.56 -36.72 43.73
C LEU B 49 -33.49 -37.16 42.73
N GLY B 50 -33.53 -36.59 41.53
CA GLY B 50 -32.56 -36.89 40.49
C GLY B 50 -31.66 -35.69 40.24
N ALA B 51 -30.35 -35.96 40.22
CA ALA B 51 -29.35 -34.92 40.10
C ALA B 51 -28.31 -35.29 39.06
N SER B 52 -27.61 -34.28 38.55
CA SER B 52 -26.55 -34.47 37.58
C SER B 52 -25.45 -33.45 37.83
N SER B 53 -24.24 -33.77 37.38
CA SER B 53 -23.10 -32.88 37.48
C SER B 53 -22.88 -32.25 36.12
N LEU B 54 -23.54 -31.10 35.91
CA LEU B 54 -23.42 -30.42 34.63
C LEU B 54 -22.05 -29.77 34.44
N SER B 55 -21.23 -29.73 35.48
CA SER B 55 -19.90 -29.16 35.38
C SER B 55 -18.92 -30.04 36.14
N GLY B 56 -17.65 -29.94 35.78
CA GLY B 56 -16.61 -30.74 36.39
C GLY B 56 -16.08 -31.79 35.44
N ARG B 57 -15.21 -32.64 35.99
CA ARG B 57 -14.54 -33.65 35.17
C ARG B 57 -15.55 -34.64 34.58
N CYS B 58 -16.49 -35.10 35.38
CA CYS B 58 -17.44 -36.14 34.97
C CYS B 58 -18.86 -35.57 34.95
N TRP B 59 -19.59 -35.89 33.89
CA TRP B 59 -20.97 -35.43 33.71
C TRP B 59 -21.97 -36.55 33.99
N ALA B 60 -21.69 -37.39 34.99
CA ALA B 60 -22.59 -38.47 35.32
C ALA B 60 -23.83 -37.92 36.04
N GLY B 61 -24.70 -38.84 36.46
CA GLY B 61 -25.89 -38.46 37.19
C GLY B 61 -26.22 -39.50 38.24
N SER B 62 -27.18 -39.16 39.10
CA SER B 62 -27.55 -40.05 40.18
C SER B 62 -29.02 -39.85 40.53
N LEU B 63 -29.60 -40.88 41.15
CA LEU B 63 -30.95 -40.86 41.66
C LEU B 63 -30.93 -41.24 43.13
N TRP B 64 -31.84 -40.64 43.90
CA TRP B 64 -31.92 -40.87 45.33
C TRP B 64 -33.37 -40.95 45.76
N LEU B 65 -33.62 -41.73 46.81
CA LEU B 65 -34.94 -41.87 47.39
C LEU B 65 -34.83 -41.62 48.88
N PHE B 66 -35.59 -40.65 49.38
CA PHE B 66 -35.61 -40.28 50.78
C PHE B 66 -36.99 -40.60 51.35
N LYS B 67 -37.05 -41.52 52.30
CA LYS B 67 -38.31 -41.79 52.98
C LYS B 67 -38.74 -40.59 53.81
N ASP B 68 -37.79 -39.83 54.34
CA ASP B 68 -38.08 -38.60 55.06
C ASP B 68 -37.68 -37.42 54.19
N PRO B 69 -38.63 -36.66 53.63
CA PRO B 69 -38.24 -35.54 52.76
C PRO B 69 -37.35 -34.53 53.45
N CYS B 70 -37.58 -34.28 54.74
CA CYS B 70 -36.81 -33.25 55.44
C CYS B 70 -35.32 -33.59 55.49
N ALA B 71 -34.98 -34.87 55.54
CA ALA B 71 -33.59 -35.27 55.67
C ALA B 71 -32.77 -34.90 54.44
N ALA B 72 -33.40 -34.73 53.28
CA ALA B 72 -32.67 -34.43 52.06
C ALA B 72 -32.05 -33.03 52.16
N PRO B 73 -31.00 -32.76 51.37
CA PRO B 73 -30.33 -33.63 50.40
C PRO B 73 -29.09 -34.33 50.95
N ASN B 74 -28.96 -34.47 52.26
CA ASN B 74 -27.79 -35.15 52.81
C ASN B 74 -27.75 -36.58 52.35
N GLU B 75 -26.66 -36.97 51.68
CA GLU B 75 -26.56 -38.32 51.12
C GLU B 75 -26.58 -39.37 52.22
N GLY B 76 -26.05 -39.06 53.40
CA GLY B 76 -26.00 -40.04 54.47
C GLY B 76 -27.38 -40.50 54.89
N PHE B 77 -28.39 -39.65 54.78
CA PHE B 77 -29.73 -39.95 55.23
C PHE B 77 -30.63 -40.45 54.10
N CYS B 78 -30.08 -40.68 52.91
CA CYS B 78 -30.89 -41.16 51.80
C CYS B 78 -31.32 -42.60 52.04
N SER B 79 -32.59 -42.88 51.79
CA SER B 79 -33.10 -44.25 51.94
C SER B 79 -32.48 -45.16 50.89
N ALA B 80 -32.32 -44.67 49.66
CA ALA B 80 -31.68 -45.44 48.61
C ALA B 80 -31.01 -44.48 47.64
N GLY B 81 -30.05 -45.01 46.89
CA GLY B 81 -29.32 -44.18 45.94
C GLY B 81 -28.65 -45.03 44.89
N VAL B 82 -28.44 -44.43 43.71
CA VAL B 82 -27.78 -45.13 42.62
C VAL B 82 -27.16 -44.09 41.70
N GLN B 83 -26.13 -44.49 40.97
CA GLN B 83 -25.48 -43.66 39.97
C GLN B 83 -25.75 -44.25 38.59
N THR B 84 -25.98 -43.38 37.61
CA THR B 84 -26.34 -43.78 36.26
C THR B 84 -25.21 -43.49 35.30
N GLU B 85 -25.34 -44.02 34.08
CA GLU B 85 -24.29 -43.85 33.08
C GLU B 85 -24.11 -42.39 32.70
N ALA B 86 -25.21 -41.66 32.53
CA ALA B 86 -25.15 -40.26 32.13
C ALA B 86 -26.11 -39.46 33.00
N GLY B 87 -26.18 -38.16 32.76
CA GLY B 87 -26.97 -37.29 33.61
C GLY B 87 -28.46 -37.55 33.48
N VAL B 88 -29.20 -37.17 34.50
CA VAL B 88 -30.65 -37.27 34.49
C VAL B 88 -31.22 -35.95 33.99
N ALA B 89 -32.06 -36.03 32.96
CA ALA B 89 -32.75 -34.87 32.40
C ALA B 89 -34.16 -34.71 32.95
N ASP B 90 -34.88 -35.81 33.09
CA ASP B 90 -36.22 -35.80 33.66
C ASP B 90 -36.52 -37.19 34.20
N LEU B 91 -37.49 -37.27 35.10
CA LEU B 91 -37.89 -38.55 35.66
C LEU B 91 -39.34 -38.49 36.09
N THR B 92 -39.95 -39.67 36.20
CA THR B 92 -41.35 -39.78 36.56
C THR B 92 -41.57 -41.10 37.28
N TRP B 93 -42.66 -41.15 38.04
CA TRP B 93 -43.05 -42.36 38.78
C TRP B 93 -43.99 -43.16 37.90
N VAL B 94 -43.50 -44.29 37.37
CA VAL B 94 -44.38 -45.18 36.61
C VAL B 94 -45.49 -45.72 37.51
N GLY B 95 -45.14 -46.15 38.71
CA GLY B 95 -46.11 -46.60 39.68
C GLY B 95 -45.61 -46.25 41.06
N GLU B 96 -45.85 -47.14 42.02
CA GLU B 96 -45.31 -46.97 43.36
C GLU B 96 -43.91 -47.53 43.50
N ARG B 97 -43.40 -48.23 42.49
CA ARG B 97 -42.10 -48.88 42.57
C ARG B 97 -41.22 -48.67 41.34
N GLY B 98 -41.74 -48.13 40.25
CA GLY B 98 -40.97 -47.92 39.05
C GLY B 98 -40.58 -46.47 38.86
N ILE B 99 -39.47 -46.26 38.16
CA ILE B 99 -38.98 -44.92 37.86
C ILE B 99 -38.59 -44.88 36.39
N LEU B 100 -39.22 -43.98 35.63
CA LEU B 100 -38.93 -43.79 34.21
C LEU B 100 -38.04 -42.56 34.08
N VAL B 101 -36.89 -42.71 33.45
CA VAL B 101 -35.84 -41.70 33.47
C VAL B 101 -35.38 -41.39 32.06
N ALA B 102 -35.09 -40.12 31.82
CA ALA B 102 -34.45 -39.66 30.59
C ALA B 102 -32.97 -39.45 30.84
N SER B 103 -32.18 -39.56 29.78
CA SER B 103 -30.73 -39.46 29.88
C SER B 103 -30.20 -38.58 28.76
N ASP B 104 -29.05 -37.93 29.02
CA ASP B 104 -28.41 -37.13 27.99
C ASP B 104 -27.86 -37.99 26.86
N SER B 105 -27.66 -39.28 27.10
CA SER B 105 -27.19 -40.19 26.06
C SER B 105 -28.26 -40.51 25.04
N GLY B 106 -29.39 -39.83 25.05
CA GLY B 106 -30.47 -40.15 24.13
C GLY B 106 -31.07 -41.51 24.40
N ALA B 107 -31.23 -41.87 25.67
CA ALA B 107 -31.76 -43.18 26.05
C ALA B 107 -32.82 -43.00 27.12
N VAL B 108 -33.82 -43.89 27.09
CA VAL B 108 -34.87 -43.93 28.09
C VAL B 108 -34.63 -45.16 28.95
N GLU B 109 -34.64 -44.96 30.27
CA GLU B 109 -34.33 -46.01 31.22
C GLU B 109 -35.51 -46.24 32.15
N LEU B 110 -35.66 -47.48 32.59
CA LEU B 110 -36.64 -47.84 33.60
C LEU B 110 -35.90 -48.55 34.72
N TRP B 111 -36.05 -48.03 35.94
CA TRP B 111 -35.46 -48.61 37.14
C TRP B 111 -36.58 -49.05 38.08
N GLU B 112 -36.26 -49.99 38.96
CA GLU B 112 -37.22 -50.52 39.91
C GLU B 112 -36.60 -50.59 41.30
N LEU B 113 -37.40 -50.26 42.30
CA LEU B 113 -36.99 -50.44 43.69
C LEU B 113 -37.10 -51.90 44.09
N ASP B 114 -36.25 -52.30 45.04
CA ASP B 114 -36.29 -53.66 45.54
C ASP B 114 -37.49 -53.84 46.47
N GLU B 115 -37.77 -55.10 46.81
CA GLU B 115 -38.94 -55.41 47.63
C GLU B 115 -38.87 -54.71 48.98
N ASN B 116 -37.72 -54.76 49.64
CA ASN B 116 -37.57 -54.05 50.90
C ASN B 116 -37.43 -52.54 50.71
N GLU B 117 -37.25 -52.07 49.48
CA GLU B 117 -37.21 -50.64 49.17
C GLU B 117 -35.92 -49.98 49.67
N THR B 118 -34.77 -50.63 49.43
CA THR B 118 -33.47 -50.02 49.73
C THR B 118 -32.61 -49.81 48.50
N LEU B 119 -32.83 -50.55 47.43
CA LEU B 119 -31.92 -50.57 46.29
C LEU B 119 -32.69 -50.26 45.01
N ILE B 120 -32.00 -49.62 44.07
CA ILE B 120 -32.56 -49.26 42.78
C ILE B 120 -31.92 -50.13 41.72
N VAL B 121 -32.74 -50.84 40.95
CA VAL B 121 -32.28 -51.81 39.97
C VAL B 121 -32.75 -51.37 38.60
N SER B 122 -31.83 -51.36 37.63
CA SER B 122 -32.16 -50.97 36.27
C SER B 122 -33.01 -52.05 35.61
N LYS B 123 -34.24 -51.70 35.25
CA LYS B 123 -35.10 -52.66 34.55
C LYS B 123 -34.73 -52.74 33.08
N PHE B 124 -34.53 -51.60 32.43
CA PHE B 124 -34.07 -51.62 31.04
C PHE B 124 -33.56 -50.24 30.65
N CYS B 125 -32.89 -50.19 29.51
CA CYS B 125 -32.35 -48.94 28.98
C CYS B 125 -32.29 -49.05 27.46
N LYS B 126 -32.95 -48.12 26.76
CA LYS B 126 -33.07 -48.17 25.31
C LYS B 126 -32.47 -46.91 24.69
N TYR B 127 -31.57 -47.10 23.73
CA TYR B 127 -30.96 -46.00 22.99
C TYR B 127 -31.67 -45.81 21.65
N GLU B 128 -32.92 -45.34 21.72
CA GLU B 128 -33.74 -45.15 20.54
C GLU B 128 -33.78 -43.72 20.06
N HIS B 129 -33.05 -42.81 20.70
CA HIS B 129 -33.08 -41.39 20.36
C HIS B 129 -31.72 -40.96 19.83
N ASP B 130 -31.74 -40.16 18.77
CA ASP B 130 -30.50 -39.66 18.17
C ASP B 130 -29.90 -38.48 18.93
N ASP B 131 -30.60 -37.95 19.93
CA ASP B 131 -30.10 -36.80 20.68
C ASP B 131 -30.66 -36.87 22.10
N ILE B 132 -30.34 -35.85 22.89
CA ILE B 132 -30.78 -35.81 24.27
C ILE B 132 -32.29 -35.96 24.35
N VAL B 133 -32.75 -36.74 25.33
CA VAL B 133 -34.17 -36.84 25.63
C VAL B 133 -34.50 -35.73 26.62
N SER B 134 -35.16 -34.67 26.13
CA SER B 134 -35.39 -33.51 26.96
C SER B 134 -36.42 -33.79 28.04
N THR B 135 -37.44 -34.59 27.73
CA THR B 135 -38.53 -34.82 28.68
C THR B 135 -39.18 -36.16 28.39
N VAL B 136 -39.88 -36.68 29.41
CA VAL B 136 -40.65 -37.90 29.31
C VAL B 136 -41.94 -37.70 30.11
N SER B 137 -42.86 -38.65 29.97
CA SER B 137 -44.11 -38.62 30.72
C SER B 137 -44.85 -39.92 30.50
N VAL B 138 -45.61 -40.32 31.52
CA VAL B 138 -46.41 -41.54 31.47
C VAL B 138 -47.86 -41.16 31.22
N LEU B 139 -48.51 -41.90 30.34
CA LEU B 139 -49.89 -41.62 29.99
C LEU B 139 -50.81 -42.02 31.14
N SER B 140 -52.12 -41.88 30.92
CA SER B 140 -53.09 -42.05 32.00
C SER B 140 -53.02 -43.45 32.60
N SER B 141 -52.94 -44.47 31.75
CA SER B 141 -52.92 -45.85 32.26
C SER B 141 -51.67 -46.09 33.10
N GLY B 142 -50.54 -45.50 32.72
CA GLY B 142 -49.28 -45.76 33.37
C GLY B 142 -48.52 -46.95 32.83
N THR B 143 -49.09 -47.68 31.88
CA THR B 143 -48.40 -48.79 31.24
C THR B 143 -47.61 -48.38 30.03
N GLN B 144 -47.91 -47.21 29.45
CA GLN B 144 -47.19 -46.69 28.30
C GLN B 144 -46.83 -45.23 28.56
N ALA B 145 -45.75 -44.78 27.93
CA ALA B 145 -45.19 -43.46 28.20
C ALA B 145 -44.85 -42.77 26.89
N VAL B 146 -44.53 -41.49 27.00
CA VAL B 146 -44.18 -40.67 25.85
C VAL B 146 -42.94 -39.85 26.18
N SER B 147 -42.05 -39.72 25.20
CA SER B 147 -40.79 -39.00 25.40
C SER B 147 -40.54 -38.08 24.22
N GLY B 148 -39.90 -36.96 24.50
CA GLY B 148 -39.50 -36.03 23.47
C GLY B 148 -38.02 -35.72 23.57
N SER B 149 -37.39 -35.58 22.42
CA SER B 149 -35.95 -35.44 22.34
C SER B 149 -35.56 -34.12 21.70
N LYS B 150 -34.32 -33.71 21.95
CA LYS B 150 -33.76 -32.57 21.23
C LYS B 150 -33.84 -32.79 19.73
N ASP B 151 -33.74 -34.04 19.30
CA ASP B 151 -34.07 -34.38 17.92
C ASP B 151 -35.58 -34.24 17.72
N ILE B 152 -35.97 -33.97 16.47
CA ILE B 152 -37.35 -33.63 16.18
C ILE B 152 -38.32 -34.72 16.65
N CYS B 153 -37.85 -35.95 16.77
CA CYS B 153 -38.76 -37.08 16.98
C CYS B 153 -39.43 -37.03 18.36
N ILE B 154 -40.65 -37.57 18.40
CA ILE B 154 -41.37 -37.83 19.64
C ILE B 154 -41.72 -39.32 19.63
N LYS B 155 -41.38 -40.02 20.71
CA LYS B 155 -41.56 -41.46 20.79
C LYS B 155 -42.66 -41.79 21.79
N VAL B 156 -43.40 -42.85 21.50
CA VAL B 156 -44.39 -43.40 22.42
C VAL B 156 -44.02 -44.85 22.66
N TRP B 157 -43.69 -45.18 23.91
CA TRP B 157 -43.23 -46.49 24.32
C TRP B 157 -44.31 -47.22 25.10
N ASP B 158 -44.23 -48.54 25.08
CA ASP B 158 -44.98 -49.41 25.98
C ASP B 158 -44.02 -49.99 27.00
N LEU B 159 -44.17 -49.59 28.26
CA LEU B 159 -43.22 -50.02 29.29
C LEU B 159 -43.28 -51.53 29.49
N ALA B 160 -44.48 -52.11 29.46
CA ALA B 160 -44.60 -53.54 29.65
C ALA B 160 -43.90 -54.32 28.55
N GLN B 161 -43.99 -53.84 27.30
CA GLN B 161 -43.41 -54.53 26.16
C GLN B 161 -41.94 -54.17 25.95
N GLN B 162 -41.46 -53.08 26.54
CA GLN B 162 -40.07 -52.65 26.42
C GLN B 162 -39.71 -52.27 24.98
N VAL B 163 -40.69 -51.87 24.18
CA VAL B 163 -40.45 -51.47 22.80
C VAL B 163 -41.22 -50.19 22.50
N VAL B 164 -40.75 -49.47 21.49
CA VAL B 164 -41.36 -48.21 21.08
C VAL B 164 -42.59 -48.51 20.24
N LEU B 165 -43.77 -48.12 20.74
CA LEU B 165 -44.99 -48.32 19.97
C LEU B 165 -45.02 -47.44 18.74
N SER B 166 -44.64 -46.17 18.87
CA SER B 166 -44.82 -45.25 17.75
C SER B 166 -43.76 -44.16 17.78
N SER B 167 -43.53 -43.56 16.62
CA SER B 167 -42.64 -42.42 16.46
C SER B 167 -43.30 -41.39 15.58
N TYR B 168 -43.09 -40.12 15.89
CA TYR B 168 -43.67 -39.02 15.13
C TYR B 168 -42.62 -37.93 14.93
N ARG B 169 -42.79 -37.15 13.86
CA ARG B 169 -41.88 -36.06 13.55
C ARG B 169 -42.66 -34.84 13.08
N ALA B 170 -43.74 -34.51 13.78
CA ALA B 170 -44.57 -33.38 13.37
C ALA B 170 -43.85 -32.05 13.56
N HIS B 171 -43.04 -31.93 14.60
CA HIS B 171 -42.39 -30.67 14.90
C HIS B 171 -41.28 -30.39 13.89
N ALA B 172 -40.76 -29.16 13.96
CA ALA B 172 -39.67 -28.73 13.09
C ALA B 172 -38.44 -28.29 13.87
N ALA B 173 -38.47 -28.34 15.20
CA ALA B 173 -37.35 -27.93 16.02
C ALA B 173 -37.35 -28.77 17.29
N GLN B 174 -36.54 -28.38 18.27
CA GLN B 174 -36.45 -29.16 19.50
C GLN B 174 -37.81 -29.18 20.19
N VAL B 175 -38.11 -30.32 20.83
CA VAL B 175 -39.30 -30.47 21.66
C VAL B 175 -38.89 -30.19 23.09
N THR B 176 -39.42 -29.10 23.65
CA THR B 176 -39.00 -28.67 24.98
C THR B 176 -39.84 -29.26 26.10
N CYS B 177 -41.10 -29.59 25.84
CA CYS B 177 -41.94 -30.15 26.90
C CYS B 177 -43.07 -30.96 26.28
N VAL B 178 -43.47 -32.00 27.01
CA VAL B 178 -44.66 -32.79 26.70
C VAL B 178 -45.41 -33.01 28.00
N ALA B 179 -46.69 -33.35 27.88
CA ALA B 179 -47.51 -33.52 29.07
C ALA B 179 -48.69 -34.42 28.72
N ALA B 180 -48.75 -35.60 29.35
CA ALA B 180 -49.86 -36.51 29.12
C ALA B 180 -51.11 -36.04 29.85
N SER B 181 -52.25 -36.28 29.21
CA SER B 181 -53.53 -35.92 29.83
C SER B 181 -53.77 -36.78 31.07
N PRO B 182 -54.26 -36.20 32.16
CA PRO B 182 -54.51 -37.00 33.37
C PRO B 182 -55.71 -37.90 33.27
N HIS B 183 -56.55 -37.75 32.26
CA HIS B 183 -57.77 -38.54 32.12
C HIS B 183 -57.79 -39.42 30.89
N LYS B 184 -57.45 -38.89 29.72
CA LYS B 184 -57.49 -39.64 28.48
C LYS B 184 -56.09 -40.20 28.21
N ASP B 185 -56.01 -41.52 28.04
CA ASP B 185 -54.72 -42.16 27.84
C ASP B 185 -54.08 -41.72 26.54
N SER B 186 -54.89 -41.52 25.50
CA SER B 186 -54.38 -41.28 24.15
C SER B 186 -54.13 -39.80 23.86
N VAL B 187 -54.30 -38.92 24.85
CA VAL B 187 -54.22 -37.48 24.64
C VAL B 187 -53.01 -36.94 25.39
N PHE B 188 -52.18 -36.16 24.70
CA PHE B 188 -51.04 -35.51 25.34
C PHE B 188 -50.61 -34.30 24.53
N LEU B 189 -50.21 -33.25 25.23
CA LEU B 189 -49.73 -32.03 24.58
C LEU B 189 -48.22 -32.09 24.40
N SER B 190 -47.74 -31.38 23.39
CA SER B 190 -46.32 -31.22 23.15
C SER B 190 -46.07 -29.82 22.63
N CYS B 191 -44.94 -29.24 23.02
CA CYS B 191 -44.55 -27.92 22.55
C CYS B 191 -43.09 -27.96 22.11
N SER B 192 -42.74 -27.05 21.20
CA SER B 192 -41.43 -27.07 20.58
C SER B 192 -40.96 -25.64 20.34
N GLU B 193 -39.68 -25.50 20.01
CA GLU B 193 -39.11 -24.19 19.69
C GLU B 193 -39.62 -23.65 18.36
N ASP B 194 -40.32 -24.46 17.57
CA ASP B 194 -40.93 -23.98 16.34
C ASP B 194 -42.22 -23.21 16.57
N ASN B 195 -42.53 -22.86 17.82
CA ASN B 195 -43.70 -22.08 18.18
C ASN B 195 -45.01 -22.83 17.94
N ARG B 196 -44.97 -24.16 17.95
CA ARG B 196 -46.15 -24.99 17.77
C ARG B 196 -46.51 -25.67 19.08
N ILE B 197 -47.79 -25.70 19.40
CA ILE B 197 -48.33 -26.48 20.51
C ILE B 197 -49.30 -27.46 19.88
N LEU B 198 -48.97 -28.75 19.95
CA LEU B 198 -49.74 -29.80 19.30
C LEU B 198 -50.41 -30.67 20.36
N LEU B 199 -51.72 -30.84 20.23
CA LEU B 199 -52.49 -31.72 21.12
C LEU B 199 -52.62 -33.07 20.45
N TRP B 200 -51.62 -33.92 20.64
CA TRP B 200 -51.64 -35.24 20.05
C TRP B 200 -52.77 -36.06 20.65
N ASP B 201 -53.54 -36.71 19.77
CA ASP B 201 -54.61 -37.62 20.16
C ASP B 201 -54.48 -38.84 19.27
N THR B 202 -53.75 -39.86 19.73
CA THR B 202 -53.52 -41.06 18.94
C THR B 202 -54.85 -41.77 18.71
N ARG B 203 -54.81 -42.87 17.95
CA ARG B 203 -56.00 -43.59 17.51
C ARG B 203 -56.74 -42.85 16.40
N CYS B 204 -56.12 -41.85 15.80
CA CYS B 204 -56.74 -41.05 14.77
C CYS B 204 -55.82 -40.92 13.57
N PRO B 205 -56.36 -40.73 12.36
CA PRO B 205 -55.48 -40.57 11.19
C PRO B 205 -54.51 -39.42 11.33
N LYS B 206 -54.93 -38.31 11.93
CA LYS B 206 -54.06 -37.18 12.19
C LYS B 206 -53.70 -37.14 13.66
N PRO B 207 -52.58 -37.76 14.06
CA PRO B 207 -52.28 -37.87 15.49
C PRO B 207 -51.88 -36.56 16.14
N ALA B 208 -51.97 -35.44 15.41
CA ALA B 208 -51.61 -34.14 15.96
C ALA B 208 -52.61 -33.09 15.49
N SER B 209 -52.97 -32.18 16.38
CA SER B 209 -53.84 -31.06 16.08
C SER B 209 -53.26 -29.81 16.70
N GLN B 210 -52.95 -28.82 15.87
CA GLN B 210 -52.26 -27.62 16.32
C GLN B 210 -53.25 -26.71 17.03
N ILE B 211 -53.27 -26.78 18.36
CA ILE B 211 -54.04 -25.84 19.17
C ILE B 211 -53.09 -24.74 19.60
N GLY B 212 -53.44 -23.50 19.28
CA GLY B 212 -52.59 -22.35 19.52
C GLY B 212 -53.18 -21.36 20.50
N CYS B 213 -52.45 -20.27 20.68
CA CYS B 213 -52.84 -19.17 21.53
C CYS B 213 -53.55 -18.05 20.76
N SER B 214 -53.82 -18.25 19.48
CA SER B 214 -54.42 -17.25 18.61
C SER B 214 -53.49 -16.08 18.35
N ALA B 215 -52.18 -16.28 18.49
CA ALA B 215 -51.21 -15.23 18.25
C ALA B 215 -49.80 -15.82 18.26
N PRO B 216 -48.86 -15.24 17.51
CA PRO B 216 -47.49 -15.77 17.56
C PRO B 216 -46.89 -15.77 18.95
N GLY B 217 -47.18 -14.74 19.74
CA GLY B 217 -46.70 -14.70 21.11
C GLY B 217 -45.20 -14.91 21.18
N TYR B 218 -44.79 -15.86 22.03
CA TYR B 218 -43.40 -16.22 22.19
C TYR B 218 -43.30 -17.75 22.20
N LEU B 219 -42.08 -18.25 22.33
CA LEU B 219 -41.86 -19.69 22.29
C LEU B 219 -42.39 -20.33 23.57
N PRO B 220 -43.28 -21.32 23.48
CA PRO B 220 -43.68 -22.03 24.70
C PRO B 220 -42.52 -22.82 25.29
N THR B 221 -42.56 -23.00 26.61
CA THR B 221 -41.46 -23.66 27.30
C THR B 221 -41.96 -24.75 28.26
N SER B 222 -43.19 -24.63 28.73
CA SER B 222 -43.72 -25.60 29.68
C SER B 222 -45.23 -25.70 29.53
N LEU B 223 -45.76 -26.88 29.83
CA LEU B 223 -47.18 -27.17 29.72
C LEU B 223 -47.63 -27.91 30.98
N ALA B 224 -48.91 -27.81 31.28
CA ALA B 224 -49.47 -28.54 32.42
C ALA B 224 -50.97 -28.65 32.27
N TRP B 225 -51.49 -29.87 32.26
CA TRP B 225 -52.93 -30.08 32.22
C TRP B 225 -53.55 -29.69 33.56
N HIS B 226 -54.78 -29.20 33.51
CA HIS B 226 -55.51 -28.91 34.72
C HIS B 226 -55.96 -30.21 35.38
N PRO B 227 -55.69 -30.41 36.67
CA PRO B 227 -56.08 -31.70 37.28
C PRO B 227 -57.57 -31.99 37.17
N GLN B 228 -58.43 -30.98 37.29
CA GLN B 228 -59.87 -31.19 37.31
C GLN B 228 -60.51 -30.92 35.94
N GLN B 229 -60.33 -29.73 35.40
CA GLN B 229 -60.89 -29.42 34.09
C GLN B 229 -60.23 -30.28 33.04
N SER B 230 -61.01 -31.13 32.38
CA SER B 230 -60.45 -32.10 31.45
C SER B 230 -59.81 -31.42 30.24
N GLU B 231 -60.45 -30.39 29.70
CA GLU B 231 -60.06 -29.80 28.43
C GLU B 231 -59.38 -28.45 28.58
N VAL B 232 -58.85 -28.14 29.77
CA VAL B 232 -58.19 -26.87 30.03
C VAL B 232 -56.79 -27.15 30.54
N PHE B 233 -55.82 -26.39 30.03
CA PHE B 233 -54.43 -26.53 30.46
C PHE B 233 -53.80 -25.15 30.55
N VAL B 234 -52.56 -25.12 31.04
CA VAL B 234 -51.81 -23.88 31.22
C VAL B 234 -50.45 -24.05 30.57
N PHE B 235 -50.03 -23.07 29.79
CA PHE B 235 -48.74 -23.11 29.13
C PHE B 235 -47.99 -21.83 29.40
N GLY B 236 -46.68 -21.96 29.64
CA GLY B 236 -45.81 -20.83 29.82
C GLY B 236 -44.96 -20.59 28.60
N ASP B 237 -44.58 -19.34 28.39
CA ASP B 237 -43.81 -18.94 27.22
C ASP B 237 -42.42 -18.48 27.64
N GLU B 238 -41.62 -18.10 26.65
CA GLU B 238 -40.23 -17.73 26.87
C GLU B 238 -40.08 -16.36 27.50
N ASN B 239 -41.16 -15.59 27.61
CA ASN B 239 -41.11 -14.23 28.13
C ASN B 239 -41.68 -14.14 29.55
N GLY B 240 -41.70 -15.25 30.28
CA GLY B 240 -42.21 -15.24 31.63
C GLY B 240 -43.69 -14.93 31.74
N THR B 241 -44.50 -15.53 30.87
CA THR B 241 -45.95 -15.34 30.88
C THR B 241 -46.64 -16.70 30.92
N VAL B 242 -47.69 -16.78 31.74
CA VAL B 242 -48.47 -18.00 31.90
C VAL B 242 -49.85 -17.75 31.31
N SER B 243 -50.31 -18.66 30.46
CA SER B 243 -51.59 -18.51 29.77
C SER B 243 -52.44 -19.75 30.00
N LEU B 244 -53.74 -19.52 30.22
CA LEU B 244 -54.70 -20.59 30.39
C LEU B 244 -55.44 -20.80 29.07
N VAL B 245 -55.33 -21.99 28.51
CA VAL B 245 -55.88 -22.30 27.20
C VAL B 245 -56.90 -23.42 27.37
N ASP B 246 -58.10 -23.21 26.83
CA ASP B 246 -59.15 -24.23 26.79
C ASP B 246 -59.15 -24.87 25.41
N THR B 247 -59.04 -26.20 25.38
CA THR B 247 -58.91 -26.92 24.12
C THR B 247 -60.10 -26.66 23.21
N LYS B 248 -61.31 -26.99 23.67
CA LYS B 248 -62.48 -26.87 22.81
C LYS B 248 -62.77 -25.43 22.45
N SER B 249 -62.19 -24.47 23.16
CA SER B 249 -62.57 -23.08 23.00
C SER B 249 -61.85 -22.48 21.80
N THR B 250 -62.12 -21.19 21.55
CA THR B 250 -61.42 -20.46 20.50
C THR B 250 -60.10 -19.93 21.05
N SER B 251 -59.31 -20.81 21.66
CA SER B 251 -58.02 -20.45 22.23
C SER B 251 -58.13 -19.22 23.13
N CYS B 252 -59.24 -19.10 23.84
CA CYS B 252 -59.41 -17.98 24.76
C CYS B 252 -58.40 -18.09 25.90
N VAL B 253 -57.80 -16.97 26.28
CA VAL B 253 -56.72 -16.95 27.25
C VAL B 253 -56.91 -15.78 28.19
N LEU B 254 -56.59 -15.98 29.46
CA LEU B 254 -56.56 -14.93 30.48
C LEU B 254 -55.13 -14.73 30.98
N SER B 255 -54.16 -14.91 30.08
CA SER B 255 -52.74 -14.91 30.41
C SER B 255 -52.35 -13.74 31.30
N SER B 256 -51.28 -13.91 32.08
CA SER B 256 -50.83 -12.87 33.00
C SER B 256 -49.34 -13.07 33.24
N ALA B 257 -48.54 -12.06 32.89
CA ALA B 257 -47.10 -12.14 33.14
C ALA B 257 -46.84 -12.25 34.63
N VAL B 258 -46.01 -13.23 35.02
CA VAL B 258 -45.73 -13.48 36.42
C VAL B 258 -44.23 -13.48 36.67
N HIS B 259 -43.45 -13.78 35.65
CA HIS B 259 -42.01 -13.93 35.78
C HIS B 259 -41.29 -13.02 34.80
N SER B 260 -40.09 -12.59 35.18
CA SER B 260 -39.27 -11.74 34.34
C SER B 260 -38.45 -12.53 33.32
N GLN B 261 -38.48 -13.86 33.38
CA GLN B 261 -37.75 -14.69 32.45
C GLN B 261 -38.59 -15.92 32.12
N CYS B 262 -38.11 -16.72 31.17
CA CYS B 262 -38.88 -17.83 30.66
C CYS B 262 -39.28 -18.78 31.78
N VAL B 263 -40.54 -19.22 31.74
CA VAL B 263 -41.05 -20.16 32.73
C VAL B 263 -40.49 -21.54 32.43
N THR B 264 -39.92 -22.18 33.45
CA THR B 264 -39.31 -23.49 33.25
C THR B 264 -40.35 -24.60 33.37
N GLY B 265 -41.22 -24.54 34.36
CA GLY B 265 -42.21 -25.58 34.56
C GLY B 265 -43.39 -25.07 35.34
N LEU B 266 -44.49 -25.84 35.27
CA LEU B 266 -45.72 -25.54 35.96
C LEU B 266 -46.24 -26.79 36.64
N VAL B 267 -46.72 -26.65 37.87
CA VAL B 267 -47.24 -27.76 38.65
C VAL B 267 -48.54 -27.31 39.31
N PHE B 268 -49.57 -28.15 39.24
CA PHE B 268 -50.85 -27.86 39.87
C PHE B 268 -50.93 -28.53 41.24
N SER B 269 -51.51 -27.82 42.20
CA SER B 269 -51.64 -28.35 43.54
C SER B 269 -52.69 -29.47 43.58
N PRO B 270 -52.62 -30.33 44.60
CA PRO B 270 -53.60 -31.42 44.71
C PRO B 270 -54.92 -31.02 45.33
N HIS B 271 -55.18 -29.73 45.55
CA HIS B 271 -56.43 -29.30 46.14
C HIS B 271 -57.59 -29.51 45.17
N SER B 272 -58.80 -29.57 45.73
CA SER B 272 -60.00 -29.64 44.91
C SER B 272 -60.12 -28.42 44.02
N VAL B 273 -59.50 -27.31 44.39
CA VAL B 273 -59.43 -26.11 43.56
C VAL B 273 -57.95 -25.81 43.36
N PRO B 274 -57.28 -26.46 42.40
CA PRO B 274 -55.82 -26.45 42.38
C PRO B 274 -55.23 -25.04 42.30
N PHE B 275 -54.13 -24.84 43.00
CA PHE B 275 -53.29 -23.67 42.87
C PHE B 275 -52.12 -24.02 41.97
N LEU B 276 -51.71 -23.07 41.13
CA LEU B 276 -50.72 -23.33 40.10
C LEU B 276 -49.36 -22.82 40.55
N ALA B 277 -48.41 -23.74 40.70
CA ALA B 277 -47.04 -23.37 41.01
C ALA B 277 -46.25 -23.17 39.73
N SER B 278 -45.34 -22.19 39.76
CA SER B 278 -44.56 -21.85 38.58
C SER B 278 -43.15 -21.49 39.00
N LEU B 279 -42.18 -21.95 38.21
CA LEU B 279 -40.77 -21.72 38.44
C LEU B 279 -40.17 -21.09 37.20
N SER B 280 -39.10 -20.32 37.40
CA SER B 280 -38.49 -19.62 36.28
C SER B 280 -36.99 -19.49 36.51
N GLU B 281 -36.27 -19.21 35.43
CA GLU B 281 -34.83 -19.02 35.52
C GLU B 281 -34.46 -17.75 36.28
N ASP B 282 -35.44 -16.90 36.59
CA ASP B 282 -35.18 -15.73 37.41
C ASP B 282 -34.87 -16.10 38.86
N CYS B 283 -34.97 -17.38 39.22
CA CYS B 283 -34.75 -17.84 40.59
C CYS B 283 -35.87 -17.38 41.51
N SER B 284 -37.10 -17.39 40.98
CA SER B 284 -38.28 -16.98 41.72
C SER B 284 -39.36 -18.05 41.55
N LEU B 285 -40.05 -18.34 42.65
CA LEU B 285 -41.15 -19.30 42.66
C LEU B 285 -42.45 -18.54 42.91
N ALA B 286 -43.46 -18.80 42.10
CA ALA B 286 -44.73 -18.08 42.20
C ALA B 286 -45.88 -19.07 42.26
N VAL B 287 -46.72 -18.95 43.28
CA VAL B 287 -47.94 -19.74 43.41
C VAL B 287 -49.11 -18.82 43.09
N LEU B 288 -49.88 -19.19 42.08
CA LEU B 288 -50.97 -18.38 41.56
C LEU B 288 -52.30 -19.09 41.78
N ASP B 289 -53.37 -18.30 41.84
CA ASP B 289 -54.71 -18.82 41.95
C ASP B 289 -55.21 -19.26 40.57
N SER B 290 -56.43 -19.79 40.52
CA SER B 290 -57.01 -20.24 39.26
C SER B 290 -57.11 -19.11 38.24
N SER B 291 -57.16 -17.86 38.69
CA SER B 291 -57.24 -16.71 37.81
C SER B 291 -55.88 -16.20 37.36
N LEU B 292 -54.83 -17.02 37.51
CA LEU B 292 -53.47 -16.62 37.17
C LEU B 292 -53.06 -15.34 37.88
N SER B 293 -53.63 -15.12 39.07
CA SER B 293 -53.29 -13.97 39.90
C SER B 293 -52.37 -14.43 41.03
N GLU B 294 -51.22 -13.78 41.16
CA GLU B 294 -50.23 -14.21 42.13
C GLU B 294 -50.83 -14.27 43.52
N LEU B 295 -50.57 -15.38 44.21
CA LEU B 295 -51.01 -15.56 45.59
C LEU B 295 -49.86 -15.66 46.57
N PHE B 296 -48.71 -16.19 46.15
CA PHE B 296 -47.54 -16.28 47.02
C PHE B 296 -46.29 -16.26 46.15
N ARG B 297 -45.19 -15.79 46.72
CA ARG B 297 -43.93 -15.76 45.99
C ARG B 297 -42.78 -16.06 46.94
N SER B 298 -41.71 -16.61 46.38
CA SER B 298 -40.53 -16.97 47.15
C SER B 298 -39.29 -16.74 46.30
N GLN B 299 -38.17 -16.45 46.99
CA GLN B 299 -36.90 -16.14 46.34
C GLN B 299 -35.75 -16.82 47.06
N ALA B 300 -36.01 -17.94 47.74
CA ALA B 300 -35.00 -18.57 48.58
C ALA B 300 -33.85 -19.15 47.77
N HIS B 301 -34.06 -19.45 46.49
CA HIS B 301 -33.03 -20.09 45.68
C HIS B 301 -32.05 -19.06 45.14
N ARG B 302 -30.78 -19.46 45.09
CA ARG B 302 -29.71 -18.60 44.59
C ARG B 302 -29.28 -18.96 43.18
N ASP B 303 -30.05 -19.79 42.48
CA ASP B 303 -29.74 -20.20 41.12
C ASP B 303 -31.02 -20.66 40.46
N PHE B 304 -30.90 -21.26 39.27
CA PHE B 304 -32.08 -21.73 38.56
C PHE B 304 -32.86 -22.71 39.41
N VAL B 305 -34.18 -22.52 39.46
CA VAL B 305 -35.08 -23.46 40.10
C VAL B 305 -35.53 -24.47 39.05
N ARG B 306 -35.23 -25.74 39.28
CA ARG B 306 -35.46 -26.77 38.28
C ARG B 306 -36.80 -27.47 38.44
N ASP B 307 -37.22 -27.79 39.67
CA ASP B 307 -38.47 -28.52 39.82
C ASP B 307 -39.13 -28.16 41.14
N ALA B 308 -40.44 -28.39 41.17
CA ALA B 308 -41.26 -28.17 42.36
C ALA B 308 -42.32 -29.25 42.43
N THR B 309 -42.82 -29.48 43.63
CA THR B 309 -43.83 -30.51 43.85
C THR B 309 -44.57 -30.20 45.14
N TRP B 310 -45.70 -30.88 45.31
CA TRP B 310 -46.56 -30.69 46.46
C TRP B 310 -46.55 -31.95 47.31
N SER B 311 -46.46 -31.77 48.63
CA SER B 311 -46.43 -32.92 49.53
C SER B 311 -47.82 -33.50 49.66
N PRO B 312 -48.05 -34.77 49.30
CA PRO B 312 -49.38 -35.36 49.50
C PRO B 312 -49.77 -35.43 50.96
N LEU B 313 -48.80 -35.57 51.87
CA LEU B 313 -49.12 -35.63 53.29
C LEU B 313 -49.81 -34.35 53.75
N ASN B 314 -49.29 -33.20 53.32
CA ASN B 314 -49.89 -31.90 53.65
C ASN B 314 -49.88 -31.06 52.38
N HIS B 315 -51.07 -30.82 51.83
CA HIS B 315 -51.17 -30.13 50.55
C HIS B 315 -50.62 -28.71 50.61
N SER B 316 -50.52 -28.12 51.80
CA SER B 316 -50.01 -26.77 51.93
C SER B 316 -48.48 -26.69 51.86
N LEU B 317 -47.79 -27.83 51.92
CA LEU B 317 -46.34 -27.86 51.83
C LEU B 317 -45.91 -28.05 50.38
N LEU B 318 -44.99 -27.22 49.92
CA LEU B 318 -44.47 -27.30 48.57
C LEU B 318 -42.95 -27.36 48.63
N THR B 319 -42.38 -28.41 48.05
CA THR B 319 -40.94 -28.57 47.99
C THR B 319 -40.42 -28.15 46.63
N THR B 320 -39.20 -27.62 46.59
CA THR B 320 -38.62 -27.24 45.32
C THR B 320 -37.10 -27.39 45.37
N VAL B 321 -36.53 -27.64 44.21
CA VAL B 321 -35.10 -27.94 44.05
C VAL B 321 -34.57 -27.23 42.82
N GLY B 322 -33.33 -26.73 42.93
CA GLY B 322 -32.68 -26.04 41.84
C GLY B 322 -31.21 -26.39 41.77
N TRP B 323 -30.53 -25.76 40.81
CA TRP B 323 -29.12 -26.04 40.55
C TRP B 323 -28.21 -25.60 41.67
N ASP B 324 -28.70 -24.81 42.63
CA ASP B 324 -27.88 -24.36 43.75
C ASP B 324 -27.65 -25.45 44.79
N HIS B 325 -27.98 -26.70 44.48
CA HIS B 325 -27.79 -27.81 45.40
C HIS B 325 -28.56 -27.59 46.69
N GLN B 326 -29.76 -27.05 46.58
CA GLN B 326 -30.59 -26.72 47.73
C GLN B 326 -32.00 -27.25 47.52
N VAL B 327 -32.55 -27.87 48.55
CA VAL B 327 -33.94 -28.31 48.58
C VAL B 327 -34.65 -27.51 49.65
N VAL B 328 -35.69 -26.78 49.26
CA VAL B 328 -36.36 -25.86 50.17
C VAL B 328 -37.86 -26.14 50.18
N HIS B 329 -38.43 -26.14 51.38
CA HIS B 329 -39.85 -26.34 51.59
C HIS B 329 -40.52 -25.02 51.94
N HIS B 330 -41.75 -24.85 51.48
CA HIS B 330 -42.51 -23.63 51.70
C HIS B 330 -43.90 -24.00 52.17
N VAL B 331 -44.48 -23.12 52.99
CA VAL B 331 -45.86 -23.24 53.43
C VAL B 331 -46.67 -22.18 52.68
N VAL B 332 -47.65 -22.64 51.91
CA VAL B 332 -48.46 -21.78 51.06
C VAL B 332 -49.81 -21.57 51.74
N PRO B 333 -50.23 -20.33 52.02
CA PRO B 333 -51.53 -20.12 52.66
C PRO B 333 -52.69 -20.42 51.72
N THR B 334 -52.90 -21.70 51.43
CA THR B 334 -53.97 -22.11 50.54
C THR B 334 -55.32 -22.08 51.24
N ARG C 13 25.83 -35.03 11.37
CA ARG C 13 26.30 -34.98 10.00
C ARG C 13 26.76 -33.58 9.63
N VAL C 14 27.79 -33.50 8.79
CA VAL C 14 28.33 -32.24 8.29
C VAL C 14 28.26 -32.29 6.77
N SER C 15 27.42 -31.46 6.19
CA SER C 15 27.31 -31.40 4.74
C SER C 15 28.57 -30.77 4.16
N SER C 16 29.08 -31.36 3.09
CA SER C 16 30.30 -30.87 2.45
C SER C 16 30.25 -31.21 0.98
N GLY C 17 31.05 -30.46 0.21
CA GLY C 17 31.09 -30.65 -1.24
C GLY C 17 32.51 -30.56 -1.75
N ARG C 18 32.65 -30.82 -3.04
CA ARG C 18 33.93 -30.81 -3.73
C ARG C 18 33.97 -29.67 -4.73
N ASP C 19 35.14 -29.04 -4.85
CA ASP C 19 35.35 -27.95 -5.80
C ASP C 19 36.29 -28.45 -6.89
N LEU C 20 35.84 -28.38 -8.13
CA LEU C 20 36.61 -28.83 -9.27
C LEU C 20 36.59 -27.77 -10.37
N ASN C 21 37.72 -27.65 -11.07
CA ASN C 21 37.81 -26.81 -12.25
C ASN C 21 37.87 -27.60 -13.54
N CYS C 22 38.21 -28.89 -13.47
CA CYS C 22 38.26 -29.76 -14.64
C CYS C 22 37.28 -30.90 -14.44
N VAL C 23 36.26 -30.96 -15.28
CA VAL C 23 35.25 -32.03 -15.22
C VAL C 23 35.12 -32.63 -16.61
N PRO C 24 36.00 -33.56 -17.00
CA PRO C 24 35.91 -34.10 -18.36
C PRO C 24 34.55 -34.71 -18.68
N GLU C 25 33.92 -35.35 -17.71
CA GLU C 25 32.60 -35.94 -17.91
C GLU C 25 31.82 -35.84 -16.62
N ILE C 26 30.55 -35.45 -16.73
CA ILE C 26 29.75 -35.18 -15.53
C ILE C 26 29.43 -36.49 -14.80
N ALA C 27 29.01 -37.52 -15.53
CA ALA C 27 28.50 -38.72 -14.87
C ALA C 27 29.58 -39.38 -14.03
N ASP C 28 30.75 -39.66 -14.63
CA ASP C 28 31.80 -40.35 -13.89
C ASP C 28 32.36 -39.46 -12.79
N THR C 29 32.47 -38.16 -13.03
CA THR C 29 32.95 -37.25 -12.01
C THR C 29 32.03 -37.26 -10.80
N LEU C 30 30.72 -37.21 -11.04
CA LEU C 30 29.77 -37.26 -9.93
C LEU C 30 29.84 -38.60 -9.22
N GLY C 31 30.00 -39.69 -9.97
CA GLY C 31 30.13 -40.99 -9.33
C GLY C 31 31.33 -41.04 -8.40
N ALA C 32 32.48 -40.56 -8.87
CA ALA C 32 33.68 -40.56 -8.04
C ALA C 32 33.51 -39.65 -6.84
N VAL C 33 32.90 -38.48 -7.03
CA VAL C 33 32.71 -37.55 -5.93
C VAL C 33 31.81 -38.16 -4.87
N ALA C 34 30.72 -38.80 -5.28
CA ALA C 34 29.85 -39.47 -4.33
C ALA C 34 30.59 -40.59 -3.62
N LYS C 35 31.41 -41.35 -4.35
CA LYS C 35 32.19 -42.40 -3.71
C LYS C 35 33.08 -41.83 -2.63
N GLN C 36 33.73 -40.69 -2.90
CA GLN C 36 34.59 -40.08 -1.90
C GLN C 36 33.83 -39.60 -0.68
N GLY C 37 32.51 -39.43 -0.79
CA GLY C 37 31.67 -39.09 0.34
C GLY C 37 31.17 -37.67 0.36
N PHE C 38 31.43 -36.87 -0.67
CA PHE C 38 30.92 -35.51 -0.71
C PHE C 38 29.43 -35.51 -1.03
N ASP C 39 28.79 -34.37 -0.78
CA ASP C 39 27.36 -34.21 -1.01
C ASP C 39 27.04 -33.47 -2.30
N PHE C 40 27.83 -32.47 -2.66
CA PHE C 40 27.60 -31.70 -3.87
C PHE C 40 28.93 -31.37 -4.52
N LEU C 41 28.88 -31.05 -5.81
CA LEU C 41 30.06 -30.74 -6.60
C LEU C 41 29.92 -29.34 -7.16
N CYS C 42 30.95 -28.51 -6.97
CA CYS C 42 31.00 -27.17 -7.53
C CYS C 42 31.83 -27.23 -8.81
N MET C 43 31.20 -26.92 -9.93
CA MET C 43 31.83 -27.07 -11.24
C MET C 43 31.52 -25.86 -12.10
N PRO C 44 32.30 -25.64 -13.16
CA PRO C 44 31.98 -24.55 -14.10
C PRO C 44 30.91 -25.00 -15.09
N VAL C 45 29.89 -24.16 -15.29
CA VAL C 45 28.86 -24.46 -16.27
C VAL C 45 29.43 -24.40 -17.68
N PHE C 46 30.32 -23.44 -17.92
CA PHE C 46 31.03 -23.32 -19.19
C PHE C 46 32.49 -23.67 -18.97
N HIS C 47 33.16 -24.12 -20.02
CA HIS C 47 34.57 -24.43 -19.91
C HIS C 47 35.33 -23.19 -19.48
N PRO C 48 36.14 -23.26 -18.42
CA PRO C 48 36.76 -22.02 -17.90
C PRO C 48 37.63 -21.30 -18.91
N ARG C 49 38.28 -22.02 -19.81
CA ARG C 49 39.20 -21.40 -20.77
C ARG C 49 38.54 -21.08 -22.11
N PHE C 50 37.23 -21.30 -22.24
CA PHE C 50 36.54 -21.08 -23.52
C PHE C 50 36.02 -19.65 -23.56
N LYS C 51 36.92 -18.73 -23.88
CA LYS C 51 36.54 -17.33 -24.00
C LYS C 51 35.55 -17.16 -25.15
N ARG C 52 34.56 -16.30 -24.94
CA ARG C 52 33.51 -16.06 -25.93
C ARG C 52 33.44 -14.57 -26.22
N GLU C 53 33.14 -14.25 -27.48
CA GLU C 53 33.05 -12.88 -27.94
C GLU C 53 31.61 -12.61 -28.36
N PHE C 54 31.12 -11.40 -28.06
CA PHE C 54 29.73 -11.04 -28.30
C PHE C 54 29.54 -9.86 -29.24
N ILE C 55 30.57 -9.03 -29.43
CA ILE C 55 30.47 -7.85 -30.28
C ILE C 55 31.26 -8.02 -31.56
N GLN C 56 32.57 -8.24 -31.45
CA GLN C 56 33.42 -8.35 -32.63
C GLN C 56 33.08 -9.59 -33.43
N GLU C 57 33.36 -9.54 -34.72
CA GLU C 57 33.19 -10.64 -35.64
C GLU C 57 34.53 -10.92 -36.33
N PRO C 58 34.74 -12.14 -36.83
CA PRO C 58 33.81 -13.28 -36.90
C PRO C 58 33.79 -14.09 -35.61
N ALA C 59 34.41 -13.60 -34.55
CA ALA C 59 34.44 -14.36 -33.30
C ALA C 59 33.04 -14.60 -32.76
N LYS C 60 32.18 -13.58 -32.80
CA LYS C 60 30.83 -13.73 -32.25
C LYS C 60 29.97 -14.68 -33.07
N ASN C 61 30.36 -15.01 -34.29
CA ASN C 61 29.64 -15.96 -35.13
C ASN C 61 30.11 -17.38 -34.93
N ARG C 62 30.69 -17.69 -33.77
CA ARG C 62 31.21 -19.02 -33.54
C ARG C 62 30.08 -20.05 -33.61
N PRO C 63 30.20 -21.09 -34.44
CA PRO C 63 29.12 -22.08 -34.52
C PRO C 63 29.25 -23.15 -33.44
N GLY C 64 28.38 -24.16 -33.50
CA GLY C 64 28.47 -25.29 -32.61
C GLY C 64 27.86 -25.02 -31.26
N PRO C 65 27.89 -26.02 -30.38
CA PRO C 65 27.31 -25.83 -29.04
C PRO C 65 28.22 -24.98 -28.17
N GLN C 66 27.61 -24.11 -27.38
CA GLN C 66 28.38 -23.25 -26.48
C GLN C 66 28.77 -23.95 -25.19
N THR C 67 28.18 -25.10 -24.88
CA THR C 67 28.50 -25.82 -23.65
C THR C 67 27.74 -27.14 -23.68
N ARG C 68 28.14 -28.03 -22.76
CA ARG C 68 27.45 -29.31 -22.63
C ARG C 68 26.00 -29.08 -22.22
N SER C 69 25.11 -29.92 -22.74
CA SER C 69 23.68 -29.73 -22.56
C SER C 69 23.25 -30.20 -21.18
N ASP C 70 22.02 -29.84 -20.82
CA ASP C 70 21.43 -30.24 -19.54
C ASP C 70 20.91 -31.67 -19.56
N LEU C 71 20.84 -32.30 -20.73
CA LEU C 71 20.36 -33.68 -20.79
C LEU C 71 21.31 -34.65 -20.13
N LEU C 72 22.54 -34.23 -19.84
CA LEU C 72 23.52 -35.12 -19.21
C LEU C 72 23.07 -35.59 -17.82
N LEU C 73 22.22 -34.82 -17.15
CA LEU C 73 21.77 -35.16 -15.82
C LEU C 73 20.27 -34.91 -15.71
N SER C 74 19.63 -35.60 -14.78
CA SER C 74 18.22 -35.39 -14.52
C SER C 74 18.00 -34.05 -13.85
N GLY C 75 16.75 -33.57 -13.92
CA GLY C 75 16.45 -32.29 -13.31
C GLY C 75 16.74 -32.27 -11.83
N ARG C 76 16.46 -33.37 -11.13
CA ARG C 76 16.76 -33.44 -9.71
C ARG C 76 18.26 -33.31 -9.47
N ASP C 77 19.07 -33.97 -10.28
CA ASP C 77 20.52 -33.92 -10.08
C ASP C 77 21.03 -32.49 -10.19
N TRP C 78 20.55 -31.73 -11.16
CA TRP C 78 20.97 -30.35 -11.29
C TRP C 78 20.57 -29.53 -10.08
N ASN C 79 19.36 -29.75 -9.56
CA ASN C 79 18.83 -28.89 -8.52
C ASN C 79 19.47 -29.13 -7.15
N THR C 80 20.16 -30.24 -6.96
CA THR C 80 20.67 -30.57 -5.64
C THR C 80 22.16 -30.84 -5.60
N LEU C 81 22.72 -31.50 -6.62
CA LEU C 81 24.09 -31.96 -6.55
C LEU C 81 25.10 -30.94 -7.08
N ILE C 82 24.71 -30.08 -8.00
CA ILE C 82 25.64 -29.23 -8.73
C ILE C 82 25.57 -27.81 -8.20
N VAL C 83 26.72 -27.15 -8.18
CA VAL C 83 26.83 -25.74 -7.83
C VAL C 83 27.67 -25.06 -8.91
N GLY C 84 27.10 -24.06 -9.57
CA GLY C 84 27.79 -23.43 -10.68
C GLY C 84 28.88 -22.50 -10.20
N LYS C 85 29.91 -22.37 -11.04
CA LYS C 85 30.99 -21.41 -10.82
C LYS C 85 31.12 -20.49 -12.02
N LEU C 86 31.49 -19.24 -11.76
CA LEU C 86 31.73 -18.28 -12.82
C LEU C 86 33.11 -18.52 -13.45
N SER C 87 33.18 -18.34 -14.76
CA SER C 87 34.43 -18.58 -15.47
C SER C 87 35.48 -17.56 -15.02
N PRO C 88 36.73 -17.99 -14.83
CA PRO C 88 37.75 -17.05 -14.34
C PRO C 88 38.03 -15.89 -15.27
N TRP C 89 37.91 -16.08 -16.58
CA TRP C 89 38.30 -15.05 -17.53
C TRP C 89 37.35 -13.85 -17.52
N ILE C 90 36.22 -13.94 -16.83
CA ILE C 90 35.25 -12.85 -16.82
C ILE C 90 35.70 -11.79 -15.82
N ARG C 91 35.90 -10.57 -16.31
CA ARG C 91 36.30 -9.44 -15.48
C ARG C 91 35.31 -8.31 -15.72
N PRO C 92 34.16 -8.34 -15.05
CA PRO C 92 33.12 -7.33 -15.35
C PRO C 92 33.56 -5.91 -15.08
N ASP C 93 34.61 -5.70 -14.29
CA ASP C 93 35.07 -4.38 -13.92
C ASP C 93 36.49 -4.14 -14.42
N SER C 94 36.77 -4.54 -15.65
CA SER C 94 38.07 -4.29 -16.24
C SER C 94 38.16 -2.84 -16.70
N LYS C 95 39.39 -2.41 -17.02
CA LYS C 95 39.65 -1.04 -17.42
C LYS C 95 39.48 -0.80 -18.92
N VAL C 96 39.20 -1.83 -19.70
CA VAL C 96 39.05 -1.71 -21.14
C VAL C 96 37.60 -1.93 -21.51
N GLU C 97 37.03 -1.03 -22.30
CA GLU C 97 35.63 -1.13 -22.67
C GLU C 97 35.32 -2.47 -23.32
N LYS C 98 36.21 -2.95 -24.20
CA LYS C 98 35.97 -4.23 -24.87
C LYS C 98 35.86 -5.36 -23.86
N ILE C 99 36.87 -5.48 -22.98
CA ILE C 99 36.89 -6.56 -22.01
C ILE C 99 35.72 -6.43 -21.04
N ARG C 100 35.42 -5.20 -20.62
CA ARG C 100 34.32 -5.00 -19.69
C ARG C 100 32.99 -5.42 -20.30
N ARG C 101 32.74 -5.02 -21.55
CA ARG C 101 31.48 -5.38 -22.20
C ARG C 101 31.39 -6.88 -22.44
N ASN C 102 32.48 -7.50 -22.87
CA ASN C 102 32.47 -8.95 -23.06
C ASN C 102 32.22 -9.66 -21.74
N SER C 103 32.84 -9.17 -20.66
CA SER C 103 32.63 -9.77 -19.35
C SER C 103 31.18 -9.64 -18.92
N GLU C 104 30.58 -8.48 -19.14
CA GLU C 104 29.17 -8.31 -18.79
C GLU C 104 28.30 -9.29 -19.57
N ALA C 105 28.51 -9.38 -20.88
CA ALA C 105 27.70 -10.28 -21.68
C ALA C 105 27.88 -11.73 -21.25
N ALA C 106 29.13 -12.15 -21.01
CA ALA C 106 29.37 -13.52 -20.59
C ALA C 106 28.77 -13.81 -19.23
N MET C 107 28.86 -12.86 -18.31
CA MET C 107 28.29 -13.05 -16.98
C MET C 107 26.78 -13.19 -17.06
N LEU C 108 26.12 -12.34 -17.85
CA LEU C 108 24.68 -12.49 -18.03
C LEU C 108 24.34 -13.83 -18.65
N GLN C 109 25.11 -14.25 -19.65
CA GLN C 109 24.85 -15.54 -20.30
C GLN C 109 24.97 -16.68 -19.29
N GLU C 110 26.02 -16.66 -18.48
CA GLU C 110 26.25 -17.75 -17.55
C GLU C 110 25.20 -17.76 -16.44
N LEU C 111 24.80 -16.59 -15.95
CA LEU C 111 23.74 -16.55 -14.94
C LEU C 111 22.44 -17.06 -15.52
N ASN C 112 22.11 -16.68 -16.76
CA ASN C 112 20.89 -17.17 -17.38
C ASN C 112 20.94 -18.68 -17.56
N PHE C 113 22.09 -19.21 -17.97
CA PHE C 113 22.20 -20.66 -18.11
C PHE C 113 22.08 -21.36 -16.77
N GLY C 114 22.66 -20.80 -15.72
CA GLY C 114 22.48 -21.36 -14.40
C GLY C 114 21.03 -21.40 -13.97
N ALA C 115 20.31 -20.30 -14.23
CA ALA C 115 18.88 -20.29 -13.94
C ALA C 115 18.14 -21.35 -14.76
N TYR C 116 18.52 -21.50 -16.03
CA TYR C 116 17.89 -22.50 -16.88
C TYR C 116 18.10 -23.91 -16.32
N LEU C 117 19.31 -24.19 -15.84
CA LEU C 117 19.56 -25.48 -15.20
C LEU C 117 18.87 -25.60 -13.84
N GLY C 118 18.45 -24.48 -13.26
CA GLY C 118 17.88 -24.52 -11.93
C GLY C 118 18.88 -24.91 -10.86
N LEU C 119 20.11 -24.40 -10.94
CA LEU C 119 21.11 -24.73 -9.95
C LEU C 119 20.70 -24.16 -8.59
N PRO C 120 21.00 -24.86 -7.49
CA PRO C 120 20.66 -24.32 -6.18
C PRO C 120 21.52 -23.14 -5.77
N ALA C 121 22.77 -23.10 -6.19
CA ALA C 121 23.67 -22.02 -5.80
C ALA C 121 24.67 -21.75 -6.91
N PHE C 122 25.22 -20.55 -6.91
CA PHE C 122 26.16 -20.11 -7.93
C PHE C 122 27.28 -19.33 -7.28
N LEU C 123 28.52 -19.72 -7.54
CA LEU C 123 29.69 -19.08 -6.92
C LEU C 123 30.24 -17.98 -7.82
N LEU C 124 30.40 -16.79 -7.25
CA LEU C 124 31.02 -15.67 -7.95
C LEU C 124 32.16 -15.11 -7.10
N PRO C 125 33.27 -14.72 -7.71
CA PRO C 125 34.42 -14.27 -6.92
C PRO C 125 34.38 -12.79 -6.56
N LEU C 126 35.03 -12.48 -5.44
CA LEU C 126 35.22 -11.11 -4.95
C LEU C 126 36.70 -10.87 -4.65
N ASN C 127 37.54 -11.21 -5.62
CA ASN C 127 38.99 -11.20 -5.43
C ASN C 127 39.65 -9.87 -5.79
N GLN C 128 38.91 -8.76 -5.73
CA GLN C 128 39.52 -7.47 -6.03
C GLN C 128 38.71 -6.37 -5.37
N GLU C 129 39.34 -5.20 -5.24
CA GLU C 129 38.76 -4.10 -4.49
C GLU C 129 37.48 -3.59 -5.13
N ASP C 130 37.54 -3.24 -6.41
CA ASP C 130 36.44 -2.56 -7.08
C ASP C 130 35.64 -3.56 -7.91
N ASN C 131 34.39 -3.79 -7.52
CA ASN C 131 33.51 -4.72 -8.21
C ASN C 131 32.10 -4.15 -8.30
N THR C 132 32.00 -2.86 -8.62
CA THR C 132 30.69 -2.22 -8.71
C THR C 132 29.89 -2.73 -9.90
N ASN C 133 30.55 -2.86 -11.05
CA ASN C 133 29.85 -3.32 -12.25
C ASN C 133 29.32 -4.73 -12.07
N LEU C 134 30.10 -5.59 -11.39
CA LEU C 134 29.62 -6.94 -11.10
C LEU C 134 28.36 -6.89 -10.26
N ALA C 135 28.34 -6.02 -9.24
CA ALA C 135 27.15 -5.89 -8.41
C ALA C 135 25.97 -5.41 -9.23
N ARG C 136 26.20 -4.46 -10.14
CA ARG C 136 25.11 -3.96 -10.97
C ARG C 136 24.54 -5.07 -11.84
N VAL C 137 25.41 -5.85 -12.46
CA VAL C 137 24.93 -6.95 -13.32
C VAL C 137 24.17 -7.96 -12.51
N LEU C 138 24.69 -8.33 -11.33
CA LEU C 138 23.99 -9.29 -10.49
C LEU C 138 22.63 -8.77 -10.06
N THR C 139 22.56 -7.50 -9.68
CA THR C 139 21.27 -6.92 -9.28
C THR C 139 20.28 -6.93 -10.44
N ASN C 140 20.73 -6.59 -11.65
CA ASN C 140 19.84 -6.64 -12.79
C ASN C 140 19.33 -8.05 -13.02
N HIS C 141 20.21 -9.03 -12.92
CA HIS C 141 19.79 -10.41 -13.12
C HIS C 141 18.78 -10.84 -12.05
N ILE C 142 19.00 -10.43 -10.80
CA ILE C 142 18.13 -10.87 -9.72
C ILE C 142 16.69 -10.39 -9.94
N HIS C 143 16.53 -9.22 -10.54
CA HIS C 143 15.21 -8.65 -10.77
C HIS C 143 14.60 -9.08 -12.10
N THR C 144 15.27 -9.95 -12.85
CA THR C 144 14.77 -10.44 -14.12
C THR C 144 14.38 -11.91 -13.97
N GLY C 145 13.15 -12.23 -14.38
CA GLY C 145 12.68 -13.60 -14.30
C GLY C 145 12.19 -13.96 -12.92
N HIS C 146 11.79 -15.23 -12.78
CA HIS C 146 11.27 -15.75 -11.53
C HIS C 146 12.22 -16.74 -10.86
N HIS C 147 13.38 -17.02 -11.46
CA HIS C 147 14.35 -17.91 -10.85
C HIS C 147 14.61 -17.52 -9.41
N SER C 148 14.99 -18.51 -8.59
CA SER C 148 15.26 -18.29 -7.18
C SER C 148 16.52 -19.02 -6.74
N SER C 149 17.56 -18.93 -7.54
CA SER C 149 18.86 -19.48 -7.17
C SER C 149 19.56 -18.58 -6.17
N MET C 150 20.49 -19.16 -5.42
CA MET C 150 21.28 -18.42 -4.44
C MET C 150 22.65 -18.10 -5.01
N PHE C 151 23.24 -17.02 -4.53
CA PHE C 151 24.55 -16.56 -4.99
C PHE C 151 25.51 -16.51 -3.81
N TRP C 152 26.68 -17.12 -3.97
CA TRP C 152 27.70 -17.17 -2.95
C TRP C 152 28.91 -16.37 -3.42
N MET C 153 29.28 -15.36 -2.65
CA MET C 153 30.40 -14.47 -2.99
C MET C 153 31.66 -15.05 -2.36
N ARG C 154 32.46 -15.74 -3.15
CA ARG C 154 33.72 -16.33 -2.69
C ARG C 154 34.69 -15.19 -2.36
N VAL C 155 34.88 -14.94 -1.06
CA VAL C 155 35.70 -13.83 -0.61
C VAL C 155 36.77 -14.35 0.36
N PRO C 156 38.05 -14.08 0.12
CA PRO C 156 39.08 -14.58 1.03
C PRO C 156 39.01 -13.93 2.39
N LEU C 157 39.43 -14.68 3.42
CA LEU C 157 39.62 -14.09 4.73
C LEU C 157 40.74 -13.06 4.71
N VAL C 158 41.83 -13.34 4.00
CA VAL C 158 42.95 -12.43 3.85
C VAL C 158 43.18 -12.22 2.36
N ALA C 159 43.31 -10.95 1.96
CA ALA C 159 43.50 -10.66 0.55
C ALA C 159 44.75 -11.35 0.03
N PRO C 160 44.73 -11.85 -1.20
CA PRO C 160 45.94 -12.53 -1.72
C PRO C 160 47.17 -11.64 -1.70
N GLU C 161 47.01 -10.35 -1.94
CA GLU C 161 48.15 -9.45 -1.92
C GLU C 161 48.79 -9.40 -0.53
N ASP C 162 48.03 -9.72 0.51
CA ASP C 162 48.53 -9.62 1.87
C ASP C 162 49.20 -10.89 2.37
N LEU C 163 49.16 -11.98 1.60
CA LEU C 163 49.78 -13.23 2.03
C LEU C 163 50.75 -13.78 1.00
N ARG C 164 51.07 -13.04 -0.05
CA ARG C 164 52.11 -13.47 -0.97
C ARG C 164 53.46 -13.46 -0.25
N ASP C 165 54.25 -14.50 -0.48
CA ASP C 165 55.53 -14.62 0.19
C ASP C 165 56.46 -13.49 -0.23
N ASP C 166 57.33 -13.10 0.69
CA ASP C 166 58.27 -12.00 0.46
C ASP C 166 59.41 -12.54 -0.40
N ILE C 167 59.22 -12.49 -1.72
CA ILE C 167 60.18 -13.05 -2.66
C ILE C 167 60.68 -11.96 -3.60
N ILE C 168 59.86 -10.93 -3.82
CA ILE C 168 60.24 -9.87 -4.73
C ILE C 168 61.29 -8.99 -4.06
N GLU C 169 62.38 -8.72 -4.78
CA GLU C 169 63.50 -8.01 -4.18
C GLU C 169 63.20 -6.52 -4.03
N ASN C 170 62.58 -5.90 -5.04
CA ASN C 170 62.33 -4.47 -5.04
C ASN C 170 60.88 -4.14 -4.72
N ALA C 171 60.16 -5.05 -4.07
CA ALA C 171 58.80 -4.79 -3.62
C ALA C 171 58.53 -5.60 -2.37
N PRO C 172 59.23 -5.34 -1.27
CA PRO C 172 59.10 -6.17 -0.08
C PRO C 172 57.72 -6.06 0.56
N THR C 173 57.32 -7.14 1.22
CA THR C 173 56.07 -7.15 1.95
C THR C 173 56.13 -6.18 3.12
N THR C 174 55.04 -5.44 3.33
CA THR C 174 54.98 -4.49 4.43
C THR C 174 55.02 -5.23 5.77
N HIS C 175 55.67 -4.60 6.74
CA HIS C 175 55.78 -5.13 8.09
C HIS C 175 55.10 -4.25 9.13
N THR C 176 54.56 -3.10 8.74
CA THR C 176 53.88 -2.23 9.68
C THR C 176 52.62 -2.92 10.20
N GLU C 177 52.17 -2.47 11.37
CA GLU C 177 50.99 -3.06 12.01
C GLU C 177 49.81 -3.09 11.04
N GLU C 178 49.47 -1.94 10.46
CA GLU C 178 48.37 -1.83 9.51
C GLU C 178 47.13 -2.54 10.03
N TYR C 179 46.60 -2.01 11.14
CA TYR C 179 45.45 -2.63 11.77
C TYR C 179 44.26 -2.67 10.82
N SER C 180 44.03 -1.58 10.08
CA SER C 180 42.95 -1.56 9.09
C SER C 180 43.25 -2.43 7.88
N GLY C 181 44.51 -2.86 7.70
CA GLY C 181 44.84 -3.67 6.55
C GLY C 181 44.18 -5.03 6.57
N GLU C 182 44.11 -5.66 7.74
CA GLU C 182 43.59 -7.02 7.83
C GLU C 182 42.09 -7.09 7.55
N GLU C 183 41.36 -5.99 7.74
CA GLU C 183 39.92 -6.00 7.59
C GLU C 183 39.45 -5.71 6.18
N LYS C 184 40.36 -5.34 5.27
CA LYS C 184 39.94 -4.86 3.95
C LYS C 184 38.99 -5.83 3.28
N THR C 185 39.26 -7.13 3.37
CA THR C 185 38.40 -8.10 2.72
C THR C 185 36.94 -7.89 3.11
N TRP C 186 36.67 -7.81 4.41
CA TRP C 186 35.30 -7.59 4.84
C TRP C 186 34.71 -6.36 4.18
N MET C 187 35.47 -5.27 4.14
CA MET C 187 34.97 -4.05 3.51
C MET C 187 34.46 -4.36 2.11
N TRP C 188 35.26 -5.09 1.33
CA TRP C 188 34.80 -5.50 0.00
C TRP C 188 33.38 -6.04 0.09
N TRP C 189 33.22 -7.13 0.84
CA TRP C 189 31.90 -7.71 1.01
C TRP C 189 30.89 -6.66 1.42
N HIS C 190 31.23 -5.88 2.45
CA HIS C 190 30.29 -4.89 2.95
C HIS C 190 29.84 -3.95 1.85
N ASN C 191 30.77 -3.54 0.98
CA ASN C 191 30.38 -2.68 -0.13
C ASN C 191 29.46 -3.44 -1.07
N PHE C 192 29.86 -4.64 -1.48
CA PHE C 192 29.07 -5.40 -2.44
C PHE C 192 27.65 -5.60 -1.93
N ARG C 193 27.53 -6.13 -0.71
CA ARG C 193 26.21 -6.31 -0.12
C ARG C 193 25.42 -5.00 -0.13
N THR C 194 26.09 -3.90 0.18
CA THR C 194 25.39 -2.61 0.18
C THR C 194 24.90 -2.25 -1.21
N LEU C 195 25.70 -2.51 -2.24
CA LEU C 195 25.30 -2.17 -3.59
C LEU C 195 24.05 -2.93 -4.00
N CYS C 196 23.98 -4.22 -3.63
CA CYS C 196 22.83 -5.04 -3.98
C CYS C 196 21.68 -4.89 -3.01
N ASP C 197 21.79 -3.98 -2.03
CA ASP C 197 20.67 -3.62 -1.16
C ASP C 197 20.29 -4.78 -0.23
N TYR C 198 21.31 -5.40 0.38
CA TYR C 198 21.09 -6.42 1.40
C TYR C 198 20.15 -7.51 0.90
N SER C 199 20.26 -7.85 -0.38
CA SER C 199 19.39 -8.87 -0.93
C SER C 199 19.57 -10.18 -0.18
N LYS C 200 18.46 -10.83 0.14
CA LYS C 200 18.53 -12.11 0.84
C LYS C 200 18.99 -13.25 -0.06
N ARG C 201 19.09 -13.01 -1.36
CA ARG C 201 19.55 -14.02 -2.30
C ARG C 201 21.06 -14.01 -2.49
N ILE C 202 21.77 -13.14 -1.79
CA ILE C 202 23.22 -13.04 -1.88
C ILE C 202 23.79 -13.42 -0.52
N ALA C 203 24.62 -14.46 -0.49
CA ALA C 203 25.34 -14.88 0.69
C ALA C 203 26.83 -14.83 0.39
N VAL C 204 27.64 -15.26 1.35
CA VAL C 204 29.09 -15.22 1.23
C VAL C 204 29.63 -16.62 1.49
N ALA C 205 30.56 -17.04 0.64
CA ALA C 205 31.27 -18.31 0.79
C ALA C 205 32.69 -17.99 1.25
N LEU C 206 32.89 -17.97 2.56
CA LEU C 206 34.19 -17.62 3.11
C LEU C 206 35.25 -18.61 2.66
N GLU C 207 36.46 -18.11 2.47
CA GLU C 207 37.60 -18.93 2.06
C GLU C 207 38.68 -18.82 3.13
N ILE C 208 39.05 -19.93 3.72
CA ILE C 208 40.03 -19.97 4.79
C ILE C 208 41.43 -20.03 4.19
N GLY C 209 42.39 -19.45 4.89
CA GLY C 209 43.77 -19.45 4.45
C GLY C 209 44.68 -19.97 5.54
N ALA C 210 45.91 -20.29 5.14
CA ALA C 210 46.88 -20.86 6.09
C ALA C 210 47.15 -19.90 7.24
N ASP C 211 47.32 -18.62 6.94
CA ASP C 211 47.61 -17.60 7.95
C ASP C 211 46.30 -16.91 8.30
N LEU C 212 45.75 -17.25 9.45
CA LEU C 212 44.52 -16.61 9.90
C LEU C 212 44.81 -15.19 10.37
N PRO C 213 43.82 -14.31 10.29
CA PRO C 213 44.01 -12.94 10.77
C PRO C 213 43.80 -12.87 12.28
N SER C 214 43.87 -11.66 12.81
CA SER C 214 43.64 -11.46 14.24
C SER C 214 42.27 -12.01 14.63
N ASN C 215 42.10 -12.23 15.94
CA ASN C 215 40.86 -12.83 16.42
C ASN C 215 39.68 -11.91 16.16
N HIS C 216 39.87 -10.60 16.29
CA HIS C 216 38.77 -9.67 16.09
C HIS C 216 38.24 -9.73 14.66
N VAL C 217 39.15 -9.84 13.69
CA VAL C 217 38.72 -9.95 12.29
C VAL C 217 37.86 -11.19 12.10
N ILE C 218 38.27 -12.32 12.69
CA ILE C 218 37.50 -13.54 12.55
C ILE C 218 36.13 -13.38 13.20
N ASP C 219 36.09 -12.78 14.39
CA ASP C 219 34.82 -12.58 15.08
C ASP C 219 33.91 -11.65 14.31
N ARG C 220 34.49 -10.73 13.52
CA ARG C 220 33.68 -9.81 12.72
C ARG C 220 32.80 -10.58 11.75
N TRP C 221 33.37 -11.57 11.06
CA TRP C 221 32.63 -12.30 10.06
C TRP C 221 31.41 -13.02 10.63
N LEU C 222 31.47 -13.41 11.90
CA LEU C 222 30.27 -13.90 12.56
C LEU C 222 29.19 -12.82 12.49
N GLY C 223 27.98 -13.24 12.19
CA GLY C 223 26.89 -12.33 11.95
C GLY C 223 26.67 -12.01 10.48
N GLU C 224 27.66 -12.23 9.65
CA GLU C 224 27.45 -12.17 8.21
C GLU C 224 26.73 -13.43 7.74
N PRO C 225 26.02 -13.37 6.63
CA PRO C 225 25.32 -14.59 6.17
C PRO C 225 26.27 -15.60 5.55
N ILE C 226 27.14 -16.16 6.38
CA ILE C 226 28.04 -17.21 5.92
C ILE C 226 27.24 -18.46 5.61
N LYS C 227 27.43 -19.01 4.42
CA LYS C 227 26.75 -20.24 4.03
C LYS C 227 27.71 -21.34 3.62
N ALA C 228 28.87 -21.01 3.07
CA ALA C 228 29.87 -22.00 2.72
C ALA C 228 31.23 -21.52 3.18
N ALA C 229 32.04 -22.45 3.66
CA ALA C 229 33.44 -22.21 4.00
C ALA C 229 34.30 -23.06 3.08
N ILE C 230 35.24 -22.42 2.39
CA ILE C 230 36.08 -23.09 1.40
C ILE C 230 37.43 -23.39 2.04
N LEU C 231 37.74 -24.68 2.16
CA LEU C 231 39.01 -25.12 2.74
C LEU C 231 39.93 -25.62 1.63
N PRO C 232 41.03 -24.94 1.35
CA PRO C 232 42.03 -25.52 0.44
C PRO C 232 42.66 -26.76 1.06
N THR C 233 43.00 -27.72 0.20
CA THR C 233 43.70 -28.90 0.68
C THR C 233 45.13 -28.58 1.12
N SER C 234 45.66 -27.44 0.69
CA SER C 234 47.01 -27.04 1.09
C SER C 234 47.07 -26.54 2.53
N ILE C 235 45.93 -26.38 3.20
CA ILE C 235 45.91 -25.86 4.55
C ILE C 235 46.09 -26.94 5.60
N PHE C 236 45.82 -28.19 5.27
CA PHE C 236 45.92 -29.26 6.25
C PHE C 236 47.37 -29.62 6.51
N LEU C 237 47.68 -29.89 7.77
CA LEU C 237 49.01 -30.34 8.17
C LEU C 237 49.07 -31.87 8.16
N THR C 238 50.29 -32.38 8.18
CA THR C 238 50.53 -33.82 8.14
C THR C 238 50.94 -34.31 9.52
N ASN C 239 50.22 -35.31 10.03
CA ASN C 239 50.52 -35.88 11.34
C ASN C 239 51.62 -36.92 11.19
N LYS C 240 51.91 -37.64 12.28
CA LYS C 240 53.00 -38.60 12.26
C LYS C 240 52.73 -39.76 11.31
N LYS C 241 51.46 -40.10 11.11
CA LYS C 241 51.08 -41.21 10.25
C LYS C 241 50.76 -40.77 8.82
N GLY C 242 51.03 -39.52 8.47
CA GLY C 242 50.85 -39.05 7.12
C GLY C 242 49.45 -38.60 6.76
N PHE C 243 48.54 -38.55 7.72
CA PHE C 243 47.17 -38.14 7.44
C PHE C 243 47.02 -36.64 7.62
N PRO C 244 46.05 -36.03 6.94
CA PRO C 244 45.84 -34.59 7.10
C PRO C 244 45.24 -34.25 8.45
N VAL C 245 45.63 -33.08 8.97
CA VAL C 245 45.09 -32.54 10.21
C VAL C 245 45.15 -31.03 10.13
N LEU C 246 44.46 -30.37 11.06
CA LEU C 246 44.41 -28.91 11.12
C LEU C 246 45.07 -28.43 12.40
N SER C 247 45.58 -27.20 12.36
CA SER C 247 46.15 -26.60 13.55
C SER C 247 45.05 -26.28 14.56
N LYS C 248 45.47 -26.05 15.81
CA LYS C 248 44.49 -25.85 16.88
C LYS C 248 43.62 -24.63 16.63
N MET C 249 44.23 -23.52 16.18
CA MET C 249 43.43 -22.33 15.87
C MET C 249 42.47 -22.62 14.72
N HIS C 250 42.94 -23.32 13.69
CA HIS C 250 42.05 -23.69 12.59
C HIS C 250 40.94 -24.60 13.09
N GLN C 251 41.26 -25.52 14.00
CA GLN C 251 40.23 -26.40 14.56
C GLN C 251 39.18 -25.59 15.31
N ARG C 252 39.61 -24.60 16.09
CA ARG C 252 38.65 -23.77 16.81
C ARG C 252 37.77 -22.99 15.86
N LEU C 253 38.37 -22.44 14.80
CA LEU C 253 37.58 -21.73 13.80
C LEU C 253 36.57 -22.66 13.13
N ILE C 254 37.00 -23.89 12.83
CA ILE C 254 36.10 -24.87 12.21
C ILE C 254 34.95 -25.20 13.16
N PHE C 255 35.25 -25.31 14.45
CA PHE C 255 34.19 -25.55 15.43
C PHE C 255 33.18 -24.42 15.42
N ARG C 256 33.68 -23.18 15.46
CA ARG C 256 32.77 -22.03 15.46
C ARG C 256 31.92 -22.01 14.19
N LEU C 257 32.52 -22.31 13.05
CA LEU C 257 31.74 -22.36 11.81
C LEU C 257 30.71 -23.48 11.85
N LEU C 258 31.08 -24.65 12.37
CA LEU C 258 30.15 -25.76 12.49
C LEU C 258 28.95 -25.36 13.33
N LYS C 259 29.18 -24.59 14.39
CA LYS C 259 28.06 -24.10 15.17
C LYS C 259 27.11 -23.28 14.32
N LEU C 260 27.60 -22.72 13.22
CA LEU C 260 26.79 -21.90 12.32
C LEU C 260 26.09 -22.71 11.23
N GLU C 261 26.43 -23.99 11.08
CA GLU C 261 25.80 -24.93 10.15
C GLU C 261 26.31 -24.76 8.72
N VAL C 262 27.32 -23.93 8.49
CA VAL C 262 27.81 -23.67 7.13
C VAL C 262 28.23 -24.97 6.46
N GLN C 263 28.22 -25.00 5.14
CA GLN C 263 28.67 -26.15 4.36
C GLN C 263 30.12 -25.99 3.99
N PHE C 264 30.88 -27.08 4.08
CA PHE C 264 32.32 -27.05 3.86
C PHE C 264 32.65 -27.57 2.48
N ILE C 265 33.39 -26.78 1.71
CA ILE C 265 33.78 -27.12 0.35
C ILE C 265 35.29 -27.32 0.34
N ILE C 266 35.72 -28.56 0.07
CA ILE C 266 37.14 -28.87 -0.02
C ILE C 266 37.60 -28.56 -1.44
N THR C 267 38.63 -27.73 -1.56
CA THR C 267 39.14 -27.31 -2.86
C THR C 267 40.64 -27.56 -2.93
N GLY C 268 41.11 -27.86 -4.13
CA GLY C 268 42.52 -28.10 -4.36
C GLY C 268 42.83 -29.51 -4.80
N THR C 269 44.06 -29.95 -4.59
CA THR C 269 44.52 -31.27 -5.01
C THR C 269 44.93 -32.08 -3.78
N ASN C 270 45.08 -33.39 -3.98
CA ASN C 270 45.47 -34.30 -2.92
C ASN C 270 46.96 -34.13 -2.66
N HIS C 271 47.30 -33.18 -1.79
CA HIS C 271 48.71 -32.97 -1.45
C HIS C 271 49.31 -34.20 -0.78
N HIS C 272 48.51 -34.92 0.01
CA HIS C 272 48.96 -36.16 0.64
C HIS C 272 48.71 -37.30 -0.32
N SER C 273 49.56 -37.37 -1.35
CA SER C 273 49.39 -38.38 -2.38
C SER C 273 49.40 -39.79 -1.81
N GLU C 274 50.04 -39.98 -0.65
CA GLU C 274 50.11 -41.30 -0.05
C GLU C 274 48.76 -41.79 0.45
N LYS C 275 47.81 -40.89 0.66
CA LYS C 275 46.51 -41.22 1.22
C LYS C 275 45.41 -40.89 0.22
N GLU C 276 44.29 -41.60 0.35
CA GLU C 276 43.14 -41.32 -0.48
C GLU C 276 42.58 -39.94 -0.15
N PHE C 277 41.96 -39.30 -1.15
CA PHE C 277 41.48 -37.93 -0.97
C PHE C 277 40.43 -37.86 0.15
N CYS C 278 39.59 -38.88 0.26
CA CYS C 278 38.52 -38.85 1.26
C CYS C 278 39.08 -38.69 2.67
N SER C 279 40.35 -39.03 2.88
CA SER C 279 40.95 -38.85 4.19
C SER C 279 40.77 -37.42 4.68
N TYR C 280 40.80 -36.45 3.77
CA TYR C 280 40.46 -35.08 4.13
C TYR C 280 39.07 -35.02 4.74
N LEU C 281 38.06 -35.39 3.95
CA LEU C 281 36.68 -35.31 4.42
C LEU C 281 36.50 -36.07 5.73
N GLN C 282 37.04 -37.29 5.79
CA GLN C 282 36.94 -38.08 7.02
C GLN C 282 37.41 -37.26 8.21
N TYR C 283 38.56 -36.60 8.09
CA TYR C 283 39.08 -35.83 9.21
C TYR C 283 38.07 -34.79 9.65
N LEU C 284 37.44 -34.09 8.70
CA LEU C 284 36.45 -33.10 9.06
C LEU C 284 35.31 -33.76 9.84
N GLU C 285 34.88 -34.94 9.41
CA GLU C 285 33.86 -35.66 10.15
C GLU C 285 34.27 -35.85 11.60
N TYR C 286 35.55 -36.16 11.83
CA TYR C 286 36.04 -36.27 13.20
C TYR C 286 35.71 -35.01 13.98
N LEU C 287 36.07 -33.85 13.43
CA LEU C 287 35.77 -32.59 14.11
C LEU C 287 34.27 -32.47 14.38
N SER C 288 33.45 -32.93 13.44
CA SER C 288 32.00 -32.89 13.66
C SER C 288 31.61 -33.78 14.84
N GLN C 289 32.18 -34.99 14.91
CA GLN C 289 31.83 -35.90 15.99
C GLN C 289 32.25 -35.35 17.34
N ASN C 290 33.45 -34.77 17.41
CA ASN C 290 34.00 -34.28 18.66
C ASN C 290 33.59 -32.85 18.96
N ARG C 291 32.64 -32.29 18.23
CA ARG C 291 32.18 -30.96 18.51
C ARG C 291 31.55 -30.92 19.91
N PRO C 292 31.66 -29.81 20.63
CA PRO C 292 31.11 -29.75 21.99
C PRO C 292 29.63 -30.10 22.00
N PRO C 293 29.16 -30.87 22.98
CA PRO C 293 27.75 -31.25 22.99
C PRO C 293 26.87 -30.04 23.24
N PRO C 294 25.66 -30.02 22.69
CA PRO C 294 24.75 -28.90 22.95
C PRO C 294 24.16 -28.96 24.36
N ASN C 295 24.04 -27.80 24.97
CA ASN C 295 23.48 -27.70 26.32
C ASN C 295 21.96 -27.72 26.26
N ALA C 296 21.34 -27.78 27.44
CA ALA C 296 19.89 -27.88 27.51
C ALA C 296 19.22 -26.70 26.80
N TYR C 297 19.72 -25.49 27.04
CA TYR C 297 19.15 -24.32 26.37
C TYR C 297 19.30 -24.43 24.86
N GLU C 298 20.47 -24.88 24.39
CA GLU C 298 20.69 -25.03 22.96
C GLU C 298 19.73 -26.05 22.37
N LEU C 299 19.52 -27.18 23.04
CA LEU C 299 18.57 -28.17 22.55
C LEU C 299 17.16 -27.60 22.50
N PHE C 300 16.75 -26.88 23.55
CA PHE C 300 15.40 -26.34 23.59
C PHE C 300 15.18 -25.31 22.49
N ALA C 301 16.15 -24.43 22.27
CA ALA C 301 15.99 -23.34 21.32
C ALA C 301 16.27 -23.74 19.88
N LYS C 302 16.71 -24.97 19.64
CA LYS C 302 17.04 -25.39 18.29
C LYS C 302 15.82 -25.26 17.39
N GLY C 303 16.03 -24.73 16.18
CA GLY C 303 14.99 -24.55 15.21
C GLY C 303 14.42 -23.15 15.15
N TYR C 304 14.66 -22.32 16.17
CA TYR C 304 14.14 -20.97 16.23
C TYR C 304 15.25 -19.92 16.23
N GLU C 305 16.45 -20.30 15.80
CA GLU C 305 17.56 -19.35 15.79
C GLU C 305 17.29 -18.24 14.78
N ASP C 306 17.46 -16.99 15.23
CA ASP C 306 17.28 -15.82 14.38
C ASP C 306 15.91 -15.85 13.69
N TYR C 307 14.89 -16.24 14.45
CA TYR C 307 13.51 -16.25 13.99
C TYR C 307 12.75 -15.20 14.79
N LEU C 308 12.14 -14.25 14.08
CA LEU C 308 11.52 -13.09 14.73
C LEU C 308 10.11 -13.44 15.19
N GLN C 309 9.86 -13.27 16.49
CA GLN C 309 8.55 -13.45 17.08
C GLN C 309 8.16 -12.17 17.81
N SER C 310 6.87 -11.83 17.73
CA SER C 310 6.44 -10.62 18.40
C SER C 310 6.24 -10.88 19.90
N PRO C 311 6.58 -9.93 20.78
CA PRO C 311 6.43 -10.19 22.21
C PRO C 311 4.98 -10.44 22.60
N LEU C 312 4.80 -11.29 23.62
CA LEU C 312 3.47 -11.55 24.13
C LEU C 312 2.93 -10.33 24.86
N GLN C 313 1.60 -10.24 24.90
CA GLN C 313 0.89 -9.18 25.63
C GLN C 313 -0.19 -9.82 26.49
N PRO C 314 0.21 -10.49 27.58
CA PRO C 314 -0.79 -11.21 28.38
C PRO C 314 -1.89 -10.32 28.92
N LEU C 315 -1.59 -9.05 29.22
CA LEU C 315 -2.62 -8.18 29.77
C LEU C 315 -3.71 -7.84 28.76
N MET C 316 -3.42 -7.92 27.47
CA MET C 316 -4.38 -7.56 26.43
C MET C 316 -4.96 -8.76 25.69
N ASP C 317 -4.22 -9.86 25.61
CA ASP C 317 -4.65 -11.05 24.90
C ASP C 317 -4.62 -12.24 25.83
N ASN C 318 -5.60 -13.15 25.67
CA ASN C 318 -5.67 -14.35 26.49
C ASN C 318 -4.76 -15.42 25.88
N LEU C 319 -3.75 -15.84 26.63
CA LEU C 319 -2.80 -16.81 26.13
C LEU C 319 -3.47 -18.15 25.87
N GLU C 320 -3.05 -18.81 24.79
CA GLU C 320 -3.57 -20.12 24.44
C GLU C 320 -3.01 -21.18 25.37
N SER C 321 -3.66 -22.34 25.37
CA SER C 321 -3.21 -23.44 26.23
C SER C 321 -1.79 -23.87 25.89
N GLN C 322 -1.41 -23.81 24.62
CA GLN C 322 -0.06 -24.20 24.24
C GLN C 322 0.98 -23.27 24.85
N THR C 323 0.64 -21.98 24.97
CA THR C 323 1.56 -21.04 25.60
C THR C 323 1.85 -21.45 27.04
N TYR C 324 0.80 -21.81 27.79
CA TYR C 324 1.01 -22.27 29.15
C TYR C 324 1.76 -23.59 29.18
N GLU C 325 1.47 -24.48 28.23
CA GLU C 325 2.18 -25.75 28.17
C GLU C 325 3.69 -25.53 28.03
N VAL C 326 4.09 -24.65 27.13
CA VAL C 326 5.52 -24.37 26.97
C VAL C 326 6.05 -23.64 28.20
N PHE C 327 5.23 -22.79 28.83
CA PHE C 327 5.67 -22.08 30.03
C PHE C 327 6.07 -23.04 31.13
N GLU C 328 5.28 -24.09 31.34
CA GLU C 328 5.48 -24.99 32.46
C GLU C 328 6.67 -25.92 32.28
N LYS C 329 7.25 -25.98 31.07
CA LYS C 329 8.39 -26.87 30.85
C LYS C 329 9.59 -26.47 31.69
N ASP C 330 9.84 -25.17 31.83
CA ASP C 330 11.02 -24.70 32.54
C ASP C 330 10.92 -25.03 34.03
N PRO C 331 11.83 -25.83 34.59
CA PRO C 331 11.77 -26.09 36.04
C PRO C 331 12.55 -25.07 36.85
N ILE C 332 13.54 -24.43 36.22
CA ILE C 332 14.43 -23.53 36.96
C ILE C 332 13.64 -22.36 37.53
N LYS C 333 12.76 -21.77 36.71
CA LYS C 333 12.02 -20.60 37.14
C LYS C 333 11.18 -20.91 38.37
N TYR C 334 10.42 -21.99 38.32
CA TYR C 334 9.54 -22.33 39.43
C TYR C 334 10.31 -22.80 40.65
N SER C 335 11.44 -23.50 40.45
CA SER C 335 12.28 -23.87 41.58
C SER C 335 12.81 -22.62 42.29
N GLN C 336 13.25 -21.63 41.52
CA GLN C 336 13.73 -20.39 42.12
C GLN C 336 12.61 -19.65 42.84
N TYR C 337 11.41 -19.63 42.24
CA TYR C 337 10.28 -19.00 42.91
C TYR C 337 9.97 -19.69 44.23
N GLN C 338 9.99 -21.03 44.23
CA GLN C 338 9.74 -21.78 45.45
C GLN C 338 10.80 -21.48 46.50
N GLN C 339 12.07 -21.42 46.08
CA GLN C 339 13.13 -21.12 47.03
C GLN C 339 12.95 -19.73 47.64
N ALA C 340 12.63 -18.74 46.81
CA ALA C 340 12.43 -17.39 47.31
C ALA C 340 11.27 -17.34 48.29
N ILE C 341 10.15 -17.98 47.95
CA ILE C 341 9.02 -18.05 48.87
C ILE C 341 9.47 -18.67 50.18
N TYR C 342 9.91 -19.92 50.13
CA TYR C 342 10.42 -20.63 51.31
C TYR C 342 11.27 -19.72 52.20
N LYS C 343 12.23 -19.01 51.61
CA LYS C 343 13.11 -18.16 52.40
C LYS C 343 12.32 -17.01 53.04
N CYS C 344 11.43 -16.37 52.29
CA CYS C 344 10.66 -15.27 52.85
C CYS C 344 9.77 -15.74 53.99
N LEU C 345 9.12 -16.89 53.82
CA LEU C 345 8.29 -17.45 54.88
C LEU C 345 9.11 -17.75 56.12
N LEU C 346 10.30 -18.34 55.94
CA LEU C 346 11.16 -18.61 57.09
C LEU C 346 11.52 -17.32 57.80
N ASP C 347 11.83 -16.27 57.04
CA ASP C 347 12.20 -15.00 57.66
C ASP C 347 11.02 -14.36 58.40
N ARG C 348 9.80 -14.52 57.87
CA ARG C 348 8.65 -13.81 58.42
C ARG C 348 8.01 -14.52 59.61
N VAL C 349 8.09 -15.84 59.67
CA VAL C 349 7.40 -16.63 60.67
C VAL C 349 8.44 -17.28 61.58
N PRO C 350 8.62 -16.78 62.80
CA PRO C 350 9.53 -17.44 63.74
C PRO C 350 8.94 -18.72 64.30
N GLU C 351 9.82 -19.54 64.87
CA GLU C 351 9.42 -20.87 65.30
C GLU C 351 8.32 -20.81 66.37
N GLU C 352 8.48 -19.94 67.35
CA GLU C 352 7.52 -19.89 68.45
C GLU C 352 6.12 -19.50 67.98
N GLU C 353 6.01 -18.87 66.81
CA GLU C 353 4.72 -18.54 66.21
C GLU C 353 4.43 -19.38 64.97
N LYS C 354 5.04 -20.56 64.88
CA LYS C 354 4.91 -21.37 63.67
C LYS C 354 3.48 -21.79 63.43
N ASP C 355 2.76 -22.19 64.47
CA ASP C 355 1.44 -22.78 64.33
C ASP C 355 0.31 -21.77 64.36
N THR C 356 0.60 -20.49 64.59
CA THR C 356 -0.43 -19.47 64.67
C THR C 356 -0.27 -18.37 63.64
N ASN C 357 0.96 -18.00 63.30
CA ASN C 357 1.22 -16.93 62.33
C ASN C 357 0.96 -17.49 60.94
N VAL C 358 -0.26 -17.25 60.43
CA VAL C 358 -0.64 -17.69 59.11
C VAL C 358 -0.46 -16.52 58.15
N GLN C 359 0.44 -16.69 57.18
CA GLN C 359 0.75 -15.63 56.23
C GLN C 359 -0.21 -15.69 55.06
N VAL C 360 -0.77 -14.54 54.69
CA VAL C 360 -1.66 -14.43 53.54
C VAL C 360 -0.81 -14.17 52.31
N LEU C 361 -0.81 -15.12 51.38
CA LEU C 361 0.00 -15.04 50.17
C LEU C 361 -0.93 -14.93 48.96
N MET C 362 -0.68 -13.95 48.11
CA MET C 362 -1.46 -13.74 46.90
C MET C 362 -0.58 -13.99 45.69
N VAL C 363 -1.07 -14.81 44.77
CA VAL C 363 -0.40 -15.06 43.50
C VAL C 363 -1.18 -14.33 42.43
N LEU C 364 -0.62 -13.22 41.96
CA LEU C 364 -1.26 -12.44 40.91
C LEU C 364 -0.87 -12.99 39.55
N GLY C 365 -1.86 -13.12 38.67
CA GLY C 365 -1.62 -13.77 37.40
C GLY C 365 -1.25 -15.22 37.59
N ALA C 366 -2.01 -15.92 38.42
CA ALA C 366 -1.69 -17.31 38.73
C ALA C 366 -1.57 -18.15 37.47
N GLY C 367 -2.49 -17.96 36.53
CA GLY C 367 -2.44 -18.70 35.28
C GLY C 367 -3.05 -20.09 35.41
N ARG C 368 -2.20 -21.12 35.42
CA ARG C 368 -2.65 -22.49 35.47
C ARG C 368 -2.41 -23.18 36.79
N GLY C 369 -1.57 -22.63 37.66
CA GLY C 369 -1.29 -23.24 38.93
C GLY C 369 0.19 -23.28 39.33
N PRO C 370 1.12 -23.39 38.35
CA PRO C 370 2.53 -23.61 38.70
C PRO C 370 3.01 -22.76 39.86
N LEU C 371 2.69 -21.47 39.86
CA LEU C 371 3.06 -20.63 41.00
C LEU C 371 2.31 -21.05 42.26
N VAL C 372 1.05 -21.45 42.13
CA VAL C 372 0.30 -21.90 43.29
C VAL C 372 0.90 -23.18 43.84
N ASN C 373 1.26 -24.13 42.97
CA ASN C 373 1.90 -25.35 43.44
C ASN C 373 3.24 -25.05 44.09
N ALA C 374 4.01 -24.13 43.51
CA ALA C 374 5.28 -23.75 44.10
C ALA C 374 5.09 -23.15 45.49
N SER C 375 4.09 -22.28 45.64
CA SER C 375 3.83 -21.68 46.94
C SER C 375 3.42 -22.73 47.96
N LEU C 376 2.57 -23.67 47.57
CA LEU C 376 2.16 -24.72 48.48
C LEU C 376 3.35 -25.59 48.88
N ARG C 377 4.20 -25.94 47.93
CA ARG C 377 5.39 -26.74 48.25
C ARG C 377 6.31 -25.99 49.18
N ALA C 378 6.51 -24.69 48.94
CA ALA C 378 7.37 -23.91 49.81
C ALA C 378 6.81 -23.85 51.23
N ALA C 379 5.49 -23.65 51.35
CA ALA C 379 4.89 -23.62 52.68
C ALA C 379 5.04 -24.97 53.37
N LYS C 380 4.84 -26.07 52.65
CA LYS C 380 4.95 -27.39 53.25
C LYS C 380 6.37 -27.66 53.71
N GLN C 381 7.37 -27.32 52.88
CA GLN C 381 8.75 -27.60 53.26
C GLN C 381 9.26 -26.64 54.31
N ALA C 382 8.67 -25.45 54.43
CA ALA C 382 9.03 -24.51 55.48
C ALA C 382 8.23 -24.72 56.76
N ASP C 383 7.22 -25.59 56.74
CA ASP C 383 6.39 -25.84 57.91
C ASP C 383 5.78 -24.55 58.45
N ARG C 384 5.33 -23.68 57.55
CA ARG C 384 4.67 -22.43 57.90
C ARG C 384 3.26 -22.44 57.34
N ARG C 385 2.29 -22.11 58.18
CA ARG C 385 0.91 -22.02 57.73
C ARG C 385 0.75 -20.84 56.77
N ILE C 386 0.00 -21.08 55.69
CA ILE C 386 -0.26 -20.04 54.69
C ILE C 386 -1.73 -20.08 54.30
N LYS C 387 -2.21 -18.94 53.80
CA LYS C 387 -3.55 -18.82 53.24
C LYS C 387 -3.40 -18.18 51.87
N LEU C 388 -3.79 -18.91 50.82
CA LEU C 388 -3.39 -18.60 49.46
C LEU C 388 -4.57 -18.06 48.66
N TYR C 389 -4.35 -16.93 47.99
CA TYR C 389 -5.24 -16.42 46.96
C TYR C 389 -4.55 -16.54 45.61
N ALA C 390 -5.34 -16.78 44.57
CA ALA C 390 -4.83 -16.89 43.20
C ALA C 390 -5.72 -16.06 42.30
N VAL C 391 -5.19 -14.94 41.81
CA VAL C 391 -5.96 -13.99 41.02
C VAL C 391 -5.65 -14.21 39.55
N GLU C 392 -6.69 -14.28 38.72
CA GLU C 392 -6.51 -14.45 37.29
C GLU C 392 -7.65 -13.74 36.57
N LYS C 393 -7.34 -13.17 35.41
CA LYS C 393 -8.34 -12.51 34.59
C LYS C 393 -8.79 -13.35 33.40
N ASN C 394 -7.91 -14.17 32.86
CA ASN C 394 -8.23 -15.03 31.73
C ASN C 394 -9.26 -16.08 32.14
N PRO C 395 -10.52 -15.97 31.72
CA PRO C 395 -11.51 -16.94 32.19
C PRO C 395 -11.16 -18.38 31.86
N ASN C 396 -10.53 -18.61 30.69
CA ASN C 396 -10.18 -19.97 30.31
C ASN C 396 -9.18 -20.57 31.30
N ALA C 397 -8.18 -19.79 31.71
CA ALA C 397 -7.27 -20.26 32.74
C ALA C 397 -7.96 -20.34 34.09
N VAL C 398 -8.97 -19.50 34.32
CA VAL C 398 -9.74 -19.59 35.56
C VAL C 398 -10.44 -20.92 35.66
N VAL C 399 -10.90 -21.47 34.52
CA VAL C 399 -11.54 -22.78 34.54
C VAL C 399 -10.58 -23.84 35.09
N THR C 400 -9.36 -23.85 34.56
CA THR C 400 -8.36 -24.81 35.02
C THR C 400 -8.03 -24.58 36.49
N LEU C 401 -7.91 -23.32 36.90
CA LEU C 401 -7.62 -23.03 38.31
C LEU C 401 -8.74 -23.55 39.21
N GLU C 402 -10.00 -23.34 38.83
CA GLU C 402 -11.11 -23.81 39.64
C GLU C 402 -11.12 -25.33 39.70
N ASN C 403 -10.83 -26.00 38.59
CA ASN C 403 -10.76 -27.46 38.62
C ASN C 403 -9.68 -27.94 39.56
N TRP C 404 -8.49 -27.32 39.48
CA TRP C 404 -7.42 -27.63 40.42
C TRP C 404 -7.88 -27.47 41.86
N GLN C 405 -8.49 -26.32 42.16
CA GLN C 405 -8.89 -26.04 43.53
C GLN C 405 -9.91 -27.05 44.02
N PHE C 406 -10.88 -27.39 43.17
CA PHE C 406 -11.90 -28.37 43.57
C PHE C 406 -11.29 -29.74 43.78
N GLU C 407 -10.28 -30.10 42.99
CA GLU C 407 -9.74 -31.46 43.04
C GLU C 407 -8.76 -31.63 44.19
N GLU C 408 -7.66 -30.87 44.20
CA GLU C 408 -6.55 -31.10 45.11
C GLU C 408 -6.43 -30.03 46.17
N TRP C 409 -6.30 -28.76 45.78
CA TRP C 409 -5.95 -27.73 46.75
C TRP C 409 -7.01 -27.60 47.83
N GLY C 410 -8.28 -27.64 47.47
CA GLY C 410 -9.34 -27.51 48.44
C GLY C 410 -9.50 -26.07 48.92
N SER C 411 -10.00 -25.93 50.15
CA SER C 411 -10.30 -24.62 50.70
C SER C 411 -9.06 -23.78 50.98
N GLN C 412 -7.87 -24.39 50.97
CA GLN C 412 -6.67 -23.62 51.24
C GLN C 412 -6.44 -22.53 50.20
N VAL C 413 -6.82 -22.78 48.96
CA VAL C 413 -6.57 -21.87 47.85
C VAL C 413 -7.89 -21.26 47.43
N THR C 414 -7.95 -19.93 47.39
CA THR C 414 -9.12 -19.20 46.92
C THR C 414 -8.82 -18.60 45.56
N VAL C 415 -9.58 -19.02 44.55
CA VAL C 415 -9.36 -18.59 43.18
C VAL C 415 -10.29 -17.43 42.88
N VAL C 416 -9.74 -16.36 42.29
CA VAL C 416 -10.47 -15.15 41.97
C VAL C 416 -10.37 -14.92 40.48
N SER C 417 -11.53 -14.68 39.85
CA SER C 417 -11.61 -14.42 38.41
C SER C 417 -11.82 -12.91 38.24
N SER C 418 -10.73 -12.16 38.21
CA SER C 418 -10.79 -10.72 38.10
C SER C 418 -9.41 -10.22 37.73
N ASP C 419 -9.27 -8.90 37.65
CA ASP C 419 -8.00 -8.24 37.40
C ASP C 419 -7.54 -7.56 38.68
N MET C 420 -6.30 -7.82 39.08
CA MET C 420 -5.82 -7.25 40.34
C MET C 420 -5.90 -5.73 40.35
N ARG C 421 -5.85 -5.09 39.18
CA ARG C 421 -5.95 -3.65 39.11
C ARG C 421 -7.35 -3.15 39.44
N GLU C 422 -8.35 -4.04 39.51
CA GLU C 422 -9.70 -3.66 39.88
C GLU C 422 -10.29 -4.52 40.98
N TRP C 423 -9.68 -5.65 41.32
CA TRP C 423 -10.20 -6.50 42.39
C TRP C 423 -10.00 -5.83 43.74
N VAL C 424 -10.88 -6.17 44.68
CA VAL C 424 -10.84 -5.65 46.04
C VAL C 424 -10.70 -6.85 46.97
N ALA C 425 -9.48 -7.08 47.46
CA ALA C 425 -9.26 -8.20 48.36
C ALA C 425 -9.97 -7.95 49.69
N PRO C 426 -10.53 -8.99 50.32
CA PRO C 426 -11.18 -8.79 51.62
C PRO C 426 -10.22 -8.37 52.73
N GLU C 427 -8.93 -8.60 52.58
CA GLU C 427 -7.97 -8.26 53.63
C GLU C 427 -6.60 -8.10 53.01
N LYS C 428 -5.70 -7.49 53.79
CA LYS C 428 -4.34 -7.24 53.34
C LYS C 428 -3.57 -8.55 53.24
N ALA C 429 -2.53 -8.54 52.42
CA ALA C 429 -1.70 -9.73 52.18
C ALA C 429 -0.27 -9.46 52.63
N ASP C 430 0.34 -10.49 53.22
CA ASP C 430 1.72 -10.36 53.67
C ASP C 430 2.69 -10.42 52.49
N ILE C 431 2.43 -11.30 51.53
CA ILE C 431 3.33 -11.52 50.40
C ILE C 431 2.53 -11.47 49.11
N ILE C 432 3.16 -10.97 48.05
CA ILE C 432 2.58 -10.97 46.71
C ILE C 432 3.58 -11.63 45.78
N VAL C 433 3.12 -12.63 45.03
CA VAL C 433 3.95 -13.36 44.10
C VAL C 433 3.40 -13.14 42.69
N SER C 434 4.26 -12.77 41.77
CA SER C 434 3.86 -12.52 40.39
C SER C 434 4.97 -12.99 39.47
N GLU C 435 4.60 -13.27 38.22
CA GLU C 435 5.55 -13.70 37.20
C GLU C 435 5.25 -13.00 35.89
N LEU C 436 5.00 -11.69 35.94
CA LEU C 436 4.65 -10.92 34.77
C LEU C 436 5.88 -10.45 34.00
N LEU C 437 7.09 -10.77 34.44
CA LEU C 437 8.28 -10.31 33.77
C LEU C 437 8.29 -10.77 32.31
N GLY C 438 8.60 -9.84 31.41
CA GLY C 438 8.76 -10.15 30.01
C GLY C 438 10.23 -10.25 29.62
N SER C 439 10.46 -10.23 28.30
CA SER C 439 11.83 -10.29 27.82
C SER C 439 12.64 -9.10 28.29
N PHE C 440 12.03 -7.91 28.27
CA PHE C 440 12.67 -6.70 28.73
C PHE C 440 12.34 -6.37 30.18
N ALA C 441 11.58 -7.22 30.87
CA ALA C 441 11.22 -7.12 32.27
C ALA C 441 10.17 -6.04 32.52
N ASP C 442 9.72 -5.32 31.49
CA ASP C 442 8.63 -4.36 31.65
C ASP C 442 7.76 -4.25 30.42
N ASN C 443 8.09 -4.95 29.33
CA ASN C 443 7.27 -4.89 28.12
C ASN C 443 5.89 -5.50 28.34
N GLU C 444 5.70 -6.26 29.43
CA GLU C 444 4.41 -6.82 29.78
C GLU C 444 3.70 -6.01 30.85
N LEU C 445 4.15 -4.77 31.09
CA LEU C 445 3.49 -3.87 32.02
C LEU C 445 3.41 -4.45 33.43
N SER C 446 4.47 -5.14 33.84
CA SER C 446 4.55 -5.57 35.23
C SER C 446 4.50 -4.38 36.19
N PRO C 447 5.21 -3.27 35.96
CA PRO C 447 5.14 -2.16 36.92
C PRO C 447 3.73 -1.65 37.15
N GLU C 448 2.93 -1.52 36.09
CA GLU C 448 1.59 -0.98 36.25
C GLU C 448 0.71 -1.93 37.07
N CYS C 449 0.73 -3.22 36.73
CA CYS C 449 -0.07 -4.18 37.46
C CYS C 449 0.36 -4.26 38.92
N LEU C 450 1.66 -4.25 39.18
CA LEU C 450 2.13 -4.35 40.56
C LEU C 450 1.79 -3.09 41.35
N ASP C 451 1.90 -1.92 40.71
CA ASP C 451 1.48 -0.69 41.39
C ASP C 451 -0.01 -0.72 41.71
N GLY C 452 -0.83 -1.23 40.80
CA GLY C 452 -2.24 -1.40 41.10
C GLY C 452 -2.47 -2.35 42.25
N ALA C 453 -1.72 -3.45 42.29
CA ALA C 453 -1.87 -4.44 43.35
C ALA C 453 -1.37 -3.94 44.70
N GLN C 454 -0.46 -2.97 44.69
CA GLN C 454 0.15 -2.52 45.94
C GLN C 454 -0.89 -1.99 46.94
N HIS C 455 -2.07 -1.59 46.47
CA HIS C 455 -3.04 -1.00 47.37
C HIS C 455 -3.58 -1.99 48.40
N PHE C 456 -3.45 -3.29 48.16
CA PHE C 456 -3.90 -4.30 49.11
C PHE C 456 -2.74 -5.14 49.65
N LEU C 457 -1.57 -4.53 49.76
CA LEU C 457 -0.42 -5.17 50.38
C LEU C 457 -0.15 -4.55 51.74
N LYS C 458 0.20 -5.39 52.71
CA LYS C 458 0.44 -4.91 54.06
C LYS C 458 1.62 -3.94 54.07
N ASP C 459 1.59 -3.02 55.04
CA ASP C 459 2.66 -2.02 55.13
C ASP C 459 4.03 -2.68 55.26
N ASP C 460 4.10 -3.84 55.89
CA ASP C 460 5.33 -4.61 55.99
C ASP C 460 5.40 -5.74 54.97
N GLY C 461 4.53 -5.73 53.97
CA GLY C 461 4.47 -6.81 53.02
C GLY C 461 5.67 -6.86 52.11
N VAL C 462 5.78 -7.98 51.40
CA VAL C 462 6.89 -8.24 50.48
C VAL C 462 6.31 -8.52 49.10
N SER C 463 7.07 -8.18 48.08
CA SER C 463 6.69 -8.41 46.69
C SER C 463 7.76 -9.22 45.99
N ILE C 464 7.34 -10.29 45.31
CA ILE C 464 8.24 -11.19 44.62
C ILE C 464 7.83 -11.22 43.15
N PRO C 465 8.68 -10.76 42.21
CA PRO C 465 10.03 -10.23 42.40
C PRO C 465 10.03 -8.90 43.14
N GLY C 466 11.02 -8.65 43.98
CA GLY C 466 11.15 -7.37 44.65
C GLY C 466 11.83 -6.29 43.85
N GLU C 467 12.48 -6.67 42.75
CA GLU C 467 13.20 -5.71 41.92
C GLU C 467 13.65 -6.40 40.64
N TYR C 468 13.60 -5.67 39.53
CA TYR C 468 14.09 -6.19 38.27
C TYR C 468 14.67 -5.06 37.44
N THR C 469 15.77 -5.36 36.75
CA THR C 469 16.49 -4.41 35.93
C THR C 469 16.53 -4.94 34.50
N SER C 470 16.49 -4.03 33.53
CA SER C 470 16.54 -4.35 32.12
C SER C 470 17.80 -3.72 31.52
N PHE C 471 18.54 -4.52 30.76
CA PHE C 471 19.84 -4.17 30.22
C PHE C 471 19.79 -4.14 28.70
N LEU C 472 20.63 -3.29 28.11
CA LEU C 472 20.72 -3.12 26.67
C LEU C 472 22.16 -3.31 26.22
N ALA C 473 22.33 -3.79 24.98
CA ALA C 473 23.65 -4.01 24.43
C ALA C 473 23.61 -3.90 22.92
N PRO C 474 24.42 -3.04 22.30
CA PRO C 474 24.38 -2.93 20.84
C PRO C 474 24.81 -4.22 20.18
N ILE C 475 24.20 -4.53 19.03
CA ILE C 475 24.51 -5.74 18.29
C ILE C 475 24.44 -5.44 16.80
N SER C 476 25.35 -6.06 16.04
CA SER C 476 25.38 -6.00 14.60
C SER C 476 25.11 -7.39 14.04
N SER C 477 24.13 -7.48 13.14
CA SER C 477 23.76 -8.77 12.57
C SER C 477 23.06 -8.53 11.24
N SER C 478 23.75 -8.81 10.13
CA SER C 478 23.14 -8.63 8.82
C SER C 478 21.94 -9.55 8.65
N LYS C 479 22.05 -10.79 9.14
CA LYS C 479 20.94 -11.72 9.02
C LYS C 479 19.69 -11.19 9.70
N LEU C 480 19.83 -10.71 10.93
CA LEU C 480 18.67 -10.20 11.65
C LEU C 480 18.11 -8.96 10.98
N TYR C 481 18.98 -8.08 10.49
CA TYR C 481 18.51 -6.89 9.79
C TYR C 481 17.70 -7.27 8.56
N ASN C 482 18.20 -8.24 7.79
CA ASN C 482 17.45 -8.69 6.62
C ASN C 482 16.13 -9.31 7.01
N GLU C 483 16.10 -10.09 8.09
CA GLU C 483 14.85 -10.68 8.55
C GLU C 483 13.83 -9.61 8.90
N VAL C 484 14.25 -8.63 9.71
CA VAL C 484 13.30 -7.59 10.12
C VAL C 484 12.84 -6.79 8.90
N ARG C 485 13.74 -6.58 7.94
CA ARG C 485 13.34 -5.91 6.71
C ARG C 485 12.30 -6.74 5.96
N ALA C 486 12.40 -8.07 6.03
CA ALA C 486 11.45 -8.94 5.36
C ALA C 486 10.09 -8.95 6.02
N CYS C 487 9.97 -8.43 7.24
CA CYS C 487 8.68 -8.38 7.92
C CYS C 487 7.89 -7.17 7.45
N ARG C 488 7.74 -7.03 6.12
CA ARG C 488 7.02 -5.92 5.52
C ARG C 488 5.55 -6.32 5.43
N GLU C 489 4.75 -5.89 6.39
CA GLU C 489 3.35 -6.26 6.41
C GLU C 489 2.54 -5.41 5.44
N LYS C 490 1.36 -5.89 5.11
CA LYS C 490 0.47 -5.22 4.18
C LYS C 490 -0.43 -4.24 4.91
N ASP C 491 -0.95 -3.27 4.15
CA ASP C 491 -1.88 -2.27 4.70
C ASP C 491 -1.28 -1.61 5.94
N ARG C 492 0.01 -1.31 5.88
CA ARG C 492 0.72 -0.76 7.02
C ARG C 492 1.90 0.06 6.50
N ASP C 493 2.40 0.93 7.37
CA ASP C 493 3.53 1.76 6.98
C ASP C 493 4.72 0.89 6.61
N PRO C 494 5.36 1.11 5.46
CA PRO C 494 6.48 0.24 5.07
C PRO C 494 7.62 0.21 6.07
N GLU C 495 7.79 1.26 6.87
CA GLU C 495 8.87 1.34 7.85
C GLU C 495 8.42 0.96 9.25
N ALA C 496 7.19 0.48 9.40
CA ALA C 496 6.69 0.14 10.72
C ALA C 496 7.46 -1.01 11.34
N GLN C 497 7.91 -1.96 10.51
CA GLN C 497 8.58 -3.15 11.04
C GLN C 497 9.84 -2.78 11.81
N PHE C 498 10.46 -1.64 11.50
CA PHE C 498 11.69 -1.23 12.17
C PHE C 498 11.43 -0.50 13.49
N GLU C 499 10.17 -0.27 13.84
CA GLU C 499 9.82 0.48 15.05
C GLU C 499 9.14 -0.39 16.10
N MET C 500 9.24 -1.71 15.98
CA MET C 500 8.62 -2.62 16.92
C MET C 500 9.67 -3.61 17.40
N PRO C 501 9.79 -3.84 18.71
CA PRO C 501 10.76 -4.83 19.19
C PRO C 501 10.35 -6.24 18.81
N TYR C 502 11.35 -7.10 18.69
CA TYR C 502 11.15 -8.50 18.37
C TYR C 502 11.86 -9.35 19.42
N VAL C 503 11.23 -10.44 19.82
CA VAL C 503 11.85 -11.43 20.69
C VAL C 503 12.33 -12.57 19.82
N VAL C 504 13.65 -12.76 19.78
CA VAL C 504 14.27 -13.70 18.85
C VAL C 504 15.48 -14.31 19.51
N ARG C 505 15.75 -15.57 19.19
CA ARG C 505 16.93 -16.27 19.68
C ARG C 505 18.14 -15.78 18.89
N LEU C 506 18.85 -14.80 19.45
CA LEU C 506 20.02 -14.25 18.78
C LEU C 506 21.07 -15.33 18.60
N HIS C 507 21.28 -15.75 17.35
CA HIS C 507 22.28 -16.77 17.03
C HIS C 507 23.36 -16.24 16.11
N ASN C 508 22.99 -15.63 14.98
CA ASN C 508 23.95 -15.11 14.01
C ASN C 508 24.02 -13.59 14.20
N PHE C 509 24.86 -13.19 15.16
CA PHE C 509 24.96 -11.78 15.51
C PHE C 509 26.32 -11.54 16.15
N HIS C 510 26.72 -10.26 16.16
CA HIS C 510 27.97 -9.83 16.78
C HIS C 510 27.65 -8.74 17.80
N GLN C 511 28.03 -8.98 19.05
CA GLN C 511 27.78 -8.02 20.12
C GLN C 511 28.95 -7.05 20.20
N LEU C 512 28.67 -5.75 20.08
CA LEU C 512 29.74 -4.76 20.01
C LEU C 512 30.29 -4.40 21.39
N SER C 513 29.49 -4.51 22.44
CA SER C 513 29.94 -4.11 23.76
C SER C 513 29.13 -4.85 24.81
N ALA C 514 29.64 -4.83 26.04
CA ALA C 514 28.94 -5.47 27.14
C ALA C 514 27.66 -4.73 27.47
N PRO C 515 26.62 -5.43 27.91
CA PRO C 515 25.37 -4.76 28.24
C PRO C 515 25.52 -3.84 29.44
N GLN C 516 24.68 -2.81 29.48
CA GLN C 516 24.63 -1.87 30.58
C GLN C 516 23.19 -1.73 31.06
N PRO C 517 22.99 -1.46 32.35
CA PRO C 517 21.62 -1.36 32.86
C PRO C 517 20.86 -0.22 32.19
N CYS C 518 19.65 -0.53 31.73
CA CYS C 518 18.81 0.46 31.07
C CYS C 518 17.74 1.00 32.01
N PHE C 519 16.90 0.12 32.56
CA PHE C 519 15.83 0.54 33.46
C PHE C 519 15.85 -0.33 34.71
N THR C 520 15.23 0.18 35.77
CA THR C 520 15.14 -0.55 37.02
C THR C 520 13.81 -0.25 37.70
N PHE C 521 13.15 -1.29 38.19
CA PHE C 521 11.91 -1.16 38.92
C PHE C 521 11.98 -1.97 40.20
N SER C 522 11.33 -1.48 41.24
CA SER C 522 11.31 -2.14 42.54
C SER C 522 9.90 -2.08 43.11
N HIS C 523 9.54 -3.12 43.85
CA HIS C 523 8.25 -3.17 44.52
C HIS C 523 8.44 -3.72 45.93
N PRO C 524 7.60 -3.29 46.89
CA PRO C 524 6.56 -2.26 46.77
C PRO C 524 7.18 -0.87 46.71
N ASN C 525 6.48 0.10 46.13
CA ASN C 525 7.00 1.46 45.99
C ASN C 525 6.30 2.35 47.01
N ARG C 526 7.07 2.90 47.94
CA ARG C 526 6.54 3.70 49.03
C ARG C 526 6.83 5.19 48.90
N ASP C 527 7.48 5.61 47.83
CA ASP C 527 7.82 7.01 47.67
C ASP C 527 6.54 7.83 47.44
N PRO C 528 6.57 9.13 47.77
CA PRO C 528 5.34 9.94 47.64
C PRO C 528 4.76 9.92 46.23
N MET C 529 5.62 9.90 45.21
CA MET C 529 5.20 9.96 43.82
C MET C 529 5.44 8.59 43.18
N ILE C 530 4.43 8.11 42.45
CA ILE C 530 4.52 6.84 41.73
C ILE C 530 4.35 7.15 40.25
N ASP C 531 5.45 7.10 39.51
CA ASP C 531 5.42 7.31 38.07
C ASP C 531 6.33 6.29 37.39
N ASN C 532 5.87 5.77 36.25
CA ASN C 532 6.59 4.74 35.52
C ASN C 532 7.13 5.25 34.19
N ASN C 533 7.11 6.55 33.95
CA ASN C 533 7.74 7.13 32.78
C ASN C 533 9.22 7.32 33.06
N ARG C 534 10.07 6.83 32.16
CA ARG C 534 11.50 6.79 32.42
C ARG C 534 12.28 7.23 31.19
N TYR C 535 13.48 7.73 31.43
CA TYR C 535 14.37 8.22 30.39
C TYR C 535 15.79 7.81 30.74
N CYS C 536 16.49 7.22 29.78
CA CYS C 536 17.83 6.70 30.03
C CYS C 536 18.74 7.01 28.85
N THR C 537 20.03 7.19 29.16
CA THR C 537 21.05 7.45 28.16
C THR C 537 22.21 6.50 28.39
N LEU C 538 22.68 5.85 27.33
CA LEU C 538 23.73 4.86 27.43
C LEU C 538 24.83 5.15 26.42
N GLU C 539 26.08 4.99 26.85
CA GLU C 539 27.25 5.15 26.00
C GLU C 539 28.01 3.83 25.98
N PHE C 540 28.21 3.28 24.78
CA PHE C 540 28.89 2.01 24.61
C PHE C 540 30.20 2.23 23.87
N PRO C 541 31.35 2.01 24.49
CA PRO C 541 32.62 2.06 23.74
C PRO C 541 32.65 0.99 22.67
N VAL C 542 33.29 1.32 21.55
CA VAL C 542 33.45 0.40 20.43
C VAL C 542 34.93 0.32 20.09
N GLU C 543 35.41 -0.90 19.86
CA GLU C 543 36.84 -1.15 19.66
C GLU C 543 37.17 -1.72 18.29
N VAL C 544 36.21 -1.77 17.37
CA VAL C 544 36.46 -2.34 16.05
C VAL C 544 35.46 -1.76 15.06
N ASN C 545 35.91 -1.54 13.83
CA ASN C 545 34.99 -1.13 12.78
C ASN C 545 33.88 -2.16 12.64
N THR C 546 32.64 -1.68 12.52
CA THR C 546 31.49 -2.57 12.44
C THR C 546 30.30 -1.75 11.94
N VAL C 547 29.13 -2.40 11.93
CA VAL C 547 27.90 -1.79 11.43
C VAL C 547 26.80 -2.10 12.43
N LEU C 548 26.52 -1.15 13.32
CA LEU C 548 25.43 -1.31 14.27
C LEU C 548 24.12 -1.53 13.53
N HIS C 549 23.41 -2.60 13.90
CA HIS C 549 22.12 -2.94 13.32
C HIS C 549 20.97 -2.91 14.32
N GLY C 550 21.24 -3.04 15.61
CA GLY C 550 20.16 -2.98 16.58
C GLY C 550 20.68 -3.07 17.98
N PHE C 551 19.75 -3.19 18.93
CA PHE C 551 20.08 -3.32 20.35
C PHE C 551 19.41 -4.56 20.91
N ALA C 552 20.20 -5.46 21.47
CA ALA C 552 19.64 -6.59 22.19
C ALA C 552 19.31 -6.18 23.61
N GLY C 553 18.26 -6.77 24.15
CA GLY C 553 17.79 -6.44 25.48
C GLY C 553 17.56 -7.66 26.35
N TYR C 554 18.11 -7.62 27.55
CA TYR C 554 18.03 -8.70 28.52
C TYR C 554 17.49 -8.13 29.84
N PHE C 555 17.41 -8.99 30.85
CA PHE C 555 16.97 -8.52 32.16
C PHE C 555 17.55 -9.40 33.25
N GLU C 556 17.57 -8.85 34.46
CA GLU C 556 17.99 -9.57 35.65
C GLU C 556 17.05 -9.20 36.78
N THR C 557 16.44 -10.20 37.41
CA THR C 557 15.46 -9.99 38.47
C THR C 557 15.98 -10.58 39.76
N VAL C 558 15.89 -9.82 40.84
CA VAL C 558 16.27 -10.28 42.17
C VAL C 558 14.98 -10.66 42.88
N LEU C 559 14.62 -11.94 42.76
CA LEU C 559 13.38 -12.41 43.36
C LEU C 559 13.30 -12.04 44.84
N TYR C 560 14.24 -12.53 45.64
CA TYR C 560 14.27 -12.22 47.06
C TYR C 560 15.68 -12.49 47.57
N GLN C 561 16.39 -11.42 47.94
CA GLN C 561 17.76 -11.54 48.46
C GLN C 561 18.62 -12.21 47.41
N ASP C 562 19.30 -13.32 47.71
CA ASP C 562 20.23 -13.91 46.75
C ASP C 562 19.51 -14.60 45.61
N ILE C 563 18.26 -15.03 45.82
CA ILE C 563 17.54 -15.76 44.79
C ILE C 563 17.27 -14.82 43.62
N THR C 564 17.89 -15.11 42.47
CA THR C 564 17.81 -14.24 41.31
C THR C 564 17.64 -15.07 40.05
N LEU C 565 16.97 -14.47 39.06
CA LEU C 565 16.88 -15.00 37.71
C LEU C 565 17.44 -13.98 36.75
N SER C 566 18.12 -14.44 35.71
CA SER C 566 18.73 -13.54 34.75
C SER C 566 18.90 -14.26 33.43
N ILE C 567 18.78 -13.50 32.34
CA ILE C 567 19.08 -13.99 31.00
C ILE C 567 20.21 -13.19 30.36
N ARG C 568 20.85 -12.32 31.10
CA ARG C 568 22.02 -11.61 30.58
C ARG C 568 23.13 -12.62 30.33
N PRO C 569 23.82 -12.55 29.18
CA PRO C 569 24.77 -13.62 28.84
C PRO C 569 25.83 -13.89 29.91
N GLU C 570 26.35 -12.84 30.55
CA GLU C 570 27.41 -13.06 31.53
C GLU C 570 26.89 -13.62 32.85
N THR C 571 25.59 -13.57 33.09
CA THR C 571 25.01 -14.12 34.31
C THR C 571 23.75 -14.91 34.00
N HIS C 572 23.68 -15.50 32.80
CA HIS C 572 22.51 -16.27 32.41
C HIS C 572 22.24 -17.38 33.41
N SER C 573 20.99 -17.55 33.79
CA SER C 573 20.62 -18.62 34.71
C SER C 573 20.83 -19.96 34.03
N PRO C 574 21.62 -20.87 34.60
CA PRO C 574 21.91 -22.13 33.89
C PRO C 574 20.63 -22.89 33.55
N GLY C 575 20.55 -23.33 32.30
CA GLY C 575 19.47 -24.20 31.86
C GLY C 575 18.16 -23.50 31.57
N MET C 576 18.02 -22.23 31.92
CA MET C 576 16.77 -21.53 31.67
C MET C 576 16.55 -21.30 30.19
N PHE C 577 15.31 -21.50 29.74
CA PHE C 577 14.95 -21.25 28.35
C PHE C 577 13.59 -20.59 28.22
N SER C 578 13.06 -20.02 29.31
CA SER C 578 11.73 -19.45 29.27
C SER C 578 11.67 -18.07 28.62
N TRP C 579 12.81 -17.40 28.50
CA TRP C 579 12.87 -16.06 27.91
C TRP C 579 13.95 -15.99 26.85
N PHE C 580 13.65 -15.31 25.75
CA PHE C 580 14.64 -14.99 24.74
C PHE C 580 14.94 -13.49 24.77
N PRO C 581 16.13 -13.08 24.36
CA PRO C 581 16.44 -11.64 24.33
C PRO C 581 15.50 -10.90 23.39
N ILE C 582 15.21 -9.65 23.73
CA ILE C 582 14.40 -8.80 22.88
C ILE C 582 15.32 -8.06 21.92
N LEU C 583 14.78 -7.63 20.79
CA LEU C 583 15.55 -6.94 19.77
C LEU C 583 14.88 -5.62 19.43
N PHE C 584 15.63 -4.52 19.53
CA PHE C 584 15.17 -3.20 19.13
C PHE C 584 15.92 -2.82 17.86
N PRO C 585 15.30 -2.87 16.69
CA PRO C 585 16.03 -2.53 15.46
C PRO C 585 16.08 -1.02 15.25
N ILE C 586 16.96 -0.63 14.33
CA ILE C 586 17.05 0.75 13.88
C ILE C 586 16.90 0.76 12.37
N LYS C 587 16.35 1.86 11.85
CA LYS C 587 15.98 1.92 10.44
C LYS C 587 17.19 1.63 9.56
N GLN C 588 18.22 2.48 9.64
CA GLN C 588 19.39 2.34 8.79
C GLN C 588 20.59 1.87 9.62
N PRO C 589 21.39 0.94 9.10
CA PRO C 589 22.60 0.55 9.84
C PRO C 589 23.54 1.74 10.01
N ILE C 590 24.23 1.76 11.14
CA ILE C 590 25.12 2.86 11.48
C ILE C 590 26.56 2.34 11.47
N THR C 591 27.37 2.85 10.55
CA THR C 591 28.77 2.47 10.52
C THR C 591 29.50 3.03 11.73
N VAL C 592 30.38 2.22 12.32
CA VAL C 592 31.11 2.61 13.52
C VAL C 592 32.58 2.23 13.34
N ARG C 593 33.45 3.03 13.93
CA ARG C 593 34.88 2.81 13.89
C ARG C 593 35.44 2.64 15.30
N GLU C 594 36.52 1.89 15.41
CA GLU C 594 37.16 1.70 16.71
C GLU C 594 37.51 3.04 17.33
N GLY C 595 37.29 3.15 18.64
CA GLY C 595 37.51 4.38 19.35
C GLY C 595 36.29 5.27 19.46
N GLN C 596 35.29 5.07 18.60
CA GLN C 596 34.05 5.80 18.72
C GLN C 596 33.18 5.19 19.81
N THR C 597 32.25 6.00 20.31
CA THR C 597 31.30 5.58 21.33
C THR C 597 29.88 5.73 20.79
N ILE C 598 29.10 4.66 20.87
CA ILE C 598 27.72 4.68 20.43
C ILE C 598 26.87 5.20 21.58
N CYS C 599 26.24 6.36 21.38
CA CYS C 599 25.39 6.97 22.39
C CYS C 599 23.95 6.83 21.95
N VAL C 600 23.14 6.17 22.79
CA VAL C 600 21.75 5.86 22.51
C VAL C 600 20.91 6.37 23.68
N ARG C 601 19.65 6.65 23.40
CA ARG C 601 18.72 7.13 24.40
C ARG C 601 17.41 6.35 24.30
N PHE C 602 16.85 6.00 25.46
CA PHE C 602 15.64 5.22 25.54
C PHE C 602 14.60 5.96 26.38
N TRP C 603 13.35 5.91 25.92
CA TRP C 603 12.22 6.48 26.65
C TRP C 603 11.18 5.40 26.88
N ARG C 604 10.63 5.38 28.09
CA ARG C 604 9.46 4.57 28.43
C ARG C 604 8.35 5.54 28.78
N CYS C 605 7.35 5.62 27.91
CA CYS C 605 6.27 6.60 28.04
C CYS C 605 4.94 5.88 28.16
N SER C 606 4.02 6.50 28.89
CA SER C 606 2.67 5.96 29.08
C SER C 606 1.68 7.10 29.12
N ASN C 607 0.51 6.90 28.50
CA ASN C 607 -0.52 7.92 28.40
C ASN C 607 -1.80 7.50 29.12
N SER C 608 -1.70 6.65 30.14
CA SER C 608 -2.81 6.16 30.94
C SER C 608 -3.64 5.12 30.21
N LYS C 609 -3.37 4.85 28.94
CA LYS C 609 -4.04 3.79 28.19
C LYS C 609 -3.08 2.88 27.45
N LYS C 610 -1.85 3.30 27.21
CA LYS C 610 -0.87 2.52 26.47
C LYS C 610 0.51 2.77 27.06
N VAL C 611 1.41 1.81 26.84
CA VAL C 611 2.80 1.92 27.24
C VAL C 611 3.64 1.54 26.03
N TRP C 612 4.56 2.41 25.64
CA TRP C 612 5.41 2.19 24.49
C TRP C 612 6.81 2.70 24.76
N TYR C 613 7.77 2.13 24.04
CA TYR C 613 9.16 2.54 24.12
C TYR C 613 9.51 3.41 22.91
N GLU C 614 10.45 4.33 23.13
CA GLU C 614 11.01 5.13 22.05
C GLU C 614 12.52 5.15 22.23
N TRP C 615 13.24 4.81 21.17
CA TRP C 615 14.69 4.76 21.21
C TRP C 615 15.26 5.50 20.01
N ALA C 616 16.34 6.23 20.25
CA ALA C 616 17.03 6.95 19.19
C ALA C 616 18.53 6.85 19.43
N VAL C 617 19.28 6.87 18.34
CA VAL C 617 20.75 6.81 18.38
C VAL C 617 21.25 8.23 18.14
N THR C 618 21.99 8.76 19.12
CA THR C 618 22.49 10.12 19.03
C THR C 618 23.94 10.21 18.60
N ALA C 619 24.77 9.23 18.93
CA ALA C 619 26.15 9.21 18.47
C ALA C 619 26.50 7.81 17.98
N PRO C 620 27.38 7.69 16.98
CA PRO C 620 28.17 8.75 16.33
C PRO C 620 27.37 9.58 15.33
N VAL C 621 26.26 9.05 14.83
CA VAL C 621 25.40 9.77 13.90
C VAL C 621 23.96 9.64 14.37
N CYS C 622 23.21 10.72 14.22
CA CYS C 622 21.84 10.75 14.71
C CYS C 622 20.95 9.84 13.88
N SER C 623 19.81 9.47 14.48
CA SER C 623 18.80 8.69 13.79
C SER C 623 17.44 9.13 14.32
N ALA C 624 16.42 8.92 13.49
CA ALA C 624 15.08 9.36 13.85
C ALA C 624 14.59 8.64 15.10
N ILE C 625 13.81 9.34 15.91
CA ILE C 625 13.15 8.69 17.03
C ILE C 625 12.23 7.61 16.51
N HIS C 626 12.35 6.41 17.06
CA HIS C 626 11.60 5.26 16.60
C HIS C 626 10.35 5.08 17.46
N ASN C 627 9.22 4.86 16.81
CA ASN C 627 7.97 4.61 17.49
C ASN C 627 7.55 5.80 18.35
N PRO C 628 7.49 7.00 17.78
CA PRO C 628 7.02 8.15 18.57
C PRO C 628 5.52 8.06 18.82
N THR C 629 5.12 8.33 20.06
CA THR C 629 3.72 8.24 20.46
C THR C 629 3.16 6.84 20.24
N GLY C 630 4.01 5.83 20.32
CA GLY C 630 3.54 4.48 20.08
C GLY C 630 2.92 4.32 18.71
N ARG C 631 3.50 4.97 17.70
CA ARG C 631 2.92 4.94 16.36
C ARG C 631 2.88 3.52 15.81
N SER C 632 3.95 2.75 16.01
CA SER C 632 4.09 1.43 15.42
C SER C 632 3.89 0.29 16.41
N TYR C 633 4.40 0.43 17.64
CA TYR C 633 4.31 -0.64 18.63
C TYR C 633 3.81 -0.06 19.94
N THR C 634 2.80 -0.72 20.52
CA THR C 634 2.24 -0.27 21.78
C THR C 634 1.80 -1.49 22.57
N ILE C 635 1.78 -1.34 23.90
CA ILE C 635 1.33 -2.39 24.79
C ILE C 635 0.02 -1.90 25.41
N GLY C 636 -1.07 -2.59 25.09
CA GLY C 636 -2.37 -2.19 25.58
C GLY C 636 -2.48 -2.25 27.09
N LEU C 637 -2.57 -1.10 27.73
CA LEU C 637 -2.70 -1.04 29.17
C LEU C 637 -4.03 -1.67 29.59
N THR D 229 -16.15 -58.66 6.04
CA THR D 229 -15.77 -60.07 6.38
C THR D 229 -16.70 -61.07 5.71
N VAL D 230 -17.96 -61.09 6.15
CA VAL D 230 -18.92 -62.02 5.60
C VAL D 230 -19.17 -61.67 4.13
N ALA D 231 -19.31 -62.70 3.30
CA ALA D 231 -19.56 -62.49 1.88
C ALA D 231 -20.84 -61.69 1.68
N GLY D 232 -20.77 -60.67 0.82
CA GLY D 232 -21.92 -59.83 0.59
C GLY D 232 -22.39 -59.07 1.80
N GLN D 233 -21.46 -58.67 2.68
CA GLN D 233 -21.84 -57.88 3.84
C GLN D 233 -22.36 -56.51 3.41
N PHE D 234 -21.73 -55.90 2.41
CA PHE D 234 -22.09 -54.57 1.96
C PHE D 234 -22.96 -54.60 0.71
N GLU D 235 -23.44 -55.78 0.31
CA GLU D 235 -24.27 -55.86 -0.89
C GLU D 235 -25.56 -55.07 -0.69
N ASP D 236 -26.03 -54.47 -1.78
CA ASP D 236 -27.10 -53.49 -1.69
C ASP D 236 -28.39 -54.12 -1.16
N ALA D 237 -29.18 -53.32 -0.45
CA ALA D 237 -30.50 -53.74 -0.01
C ALA D 237 -31.49 -53.62 -1.16
N ASP D 238 -32.61 -54.33 -1.01
CA ASP D 238 -33.66 -54.33 -2.03
C ASP D 238 -35.01 -54.61 -1.38
N PRO E 26 48.45 -43.97 -36.53
CA PRO E 26 48.21 -45.39 -36.78
C PRO E 26 47.09 -45.95 -35.92
N ASN E 27 47.06 -45.55 -34.64
CA ASN E 27 46.02 -46.02 -33.72
C ASN E 27 45.45 -44.88 -32.89
N ALA E 28 45.60 -43.64 -33.34
CA ALA E 28 45.06 -42.50 -32.61
C ALA E 28 43.54 -42.43 -32.79
N PRO E 29 42.86 -41.66 -31.94
CA PRO E 29 41.40 -41.54 -32.08
C PRO E 29 41.00 -41.14 -33.49
N ALA E 30 39.79 -41.55 -33.88
CA ALA E 30 39.33 -41.29 -35.24
C ALA E 30 39.21 -39.80 -35.52
N CYS E 31 38.63 -39.05 -34.58
CA CYS E 31 38.31 -37.65 -34.79
C CYS E 31 38.99 -36.78 -33.75
N MET E 32 39.60 -35.69 -34.20
CA MET E 32 40.28 -34.72 -33.35
C MET E 32 39.29 -33.70 -32.81
N GLU E 33 39.62 -33.17 -31.63
CA GLU E 33 38.78 -32.13 -31.02
C GLU E 33 38.80 -30.88 -31.88
N ARG E 34 37.70 -30.14 -31.84
CA ARG E 34 37.51 -29.05 -32.79
C ARG E 34 38.49 -27.91 -32.56
N GLN E 35 38.88 -27.65 -31.32
CA GLN E 35 39.67 -26.47 -30.97
C GLN E 35 41.13 -26.86 -30.83
N LEU E 36 41.95 -26.45 -31.79
CA LEU E 36 43.39 -26.55 -31.64
C LEU E 36 43.89 -25.55 -30.60
N GLU E 37 44.94 -25.93 -29.88
CA GLU E 37 45.42 -25.10 -28.78
C GLU E 37 46.91 -24.81 -28.89
N ALA E 38 47.68 -25.73 -29.44
CA ALA E 38 49.12 -25.52 -29.53
C ALA E 38 49.67 -26.17 -30.79
N ALA E 39 50.70 -25.52 -31.35
CA ALA E 39 51.38 -26.03 -32.54
C ALA E 39 52.85 -25.68 -32.43
N ARG E 40 53.72 -26.69 -32.50
CA ARG E 40 55.15 -26.46 -32.36
C ARG E 40 55.93 -27.35 -33.33
N TYR E 41 56.91 -26.76 -34.00
CA TYR E 41 57.81 -27.54 -34.83
C TYR E 41 58.93 -28.13 -33.98
N ARG E 42 59.77 -28.95 -34.62
CA ARG E 42 60.99 -29.45 -34.00
C ARG E 42 62.09 -29.44 -35.06
N SER E 43 63.30 -29.82 -34.64
CA SER E 43 64.47 -29.64 -35.48
C SER E 43 64.30 -30.33 -36.83
N ASP E 44 63.62 -31.46 -36.88
CA ASP E 44 63.46 -32.22 -38.12
C ASP E 44 62.30 -31.74 -38.97
N GLY E 45 61.57 -30.71 -38.53
CA GLY E 45 60.45 -30.20 -39.28
C GLY E 45 59.11 -30.79 -38.92
N ALA E 46 59.08 -31.85 -38.10
CA ALA E 46 57.82 -32.43 -37.69
C ALA E 46 57.03 -31.43 -36.85
N LEU E 47 55.70 -31.51 -36.97
CA LEU E 47 54.80 -30.58 -36.31
C LEU E 47 54.00 -31.32 -35.24
N LEU E 48 53.92 -30.74 -34.05
CA LEU E 48 53.16 -31.29 -32.94
C LEU E 48 51.98 -30.38 -32.69
N LEU E 49 50.77 -30.95 -32.74
CA LEU E 49 49.53 -30.23 -32.51
C LEU E 49 48.87 -30.77 -31.24
N GLY E 50 48.58 -29.87 -30.32
CA GLY E 50 47.81 -30.22 -29.14
C GLY E 50 46.45 -29.57 -29.21
N ALA E 51 45.40 -30.39 -29.11
CA ALA E 51 44.03 -29.93 -29.31
C ALA E 51 43.17 -30.32 -28.11
N SER E 52 42.08 -29.58 -27.93
CA SER E 52 41.13 -29.88 -26.87
C SER E 52 39.73 -29.49 -27.35
N SER E 53 38.74 -30.12 -26.74
CA SER E 53 37.33 -29.81 -27.03
C SER E 53 36.80 -28.99 -25.86
N LEU E 54 36.60 -27.69 -26.10
CA LEU E 54 36.12 -26.79 -25.07
C LEU E 54 34.60 -26.75 -24.99
N SER E 55 33.91 -27.54 -25.81
CA SER E 55 32.46 -27.64 -25.74
C SER E 55 32.04 -29.03 -26.16
N GLY E 56 30.86 -29.44 -25.70
CA GLY E 56 30.35 -30.76 -25.95
C GLY E 56 30.33 -31.60 -24.69
N ARG E 57 29.97 -32.87 -24.87
CA ARG E 57 29.82 -33.76 -23.72
C ARG E 57 31.14 -33.96 -23.00
N CYS E 58 32.22 -34.20 -23.75
CA CYS E 58 33.51 -34.55 -23.17
C CYS E 58 34.51 -33.44 -23.43
N TRP E 59 35.11 -32.93 -22.36
CA TRP E 59 36.17 -31.93 -22.44
C TRP E 59 37.51 -32.63 -22.31
N ALA E 60 37.91 -33.32 -23.37
CA ALA E 60 39.16 -34.07 -23.40
C ALA E 60 40.17 -33.34 -24.27
N GLY E 61 41.38 -33.88 -24.32
CA GLY E 61 42.44 -33.33 -25.13
C GLY E 61 43.18 -34.44 -25.87
N SER E 62 44.03 -34.02 -26.80
CA SER E 62 44.78 -34.99 -27.58
C SER E 62 46.03 -34.34 -28.14
N LEU E 63 47.04 -35.17 -28.38
CA LEU E 63 48.30 -34.76 -28.98
C LEU E 63 48.50 -35.52 -30.28
N TRP E 64 49.09 -34.85 -31.27
CA TRP E 64 49.26 -35.40 -32.60
C TRP E 64 50.58 -34.94 -33.17
N LEU E 65 51.24 -35.83 -33.92
CA LEU E 65 52.53 -35.55 -34.52
C LEU E 65 52.45 -35.86 -36.01
N PHE E 66 52.83 -34.89 -36.84
CA PHE E 66 52.84 -35.01 -38.28
C PHE E 66 54.25 -34.85 -38.79
N LYS E 67 54.69 -35.78 -39.63
CA LYS E 67 55.95 -35.57 -40.35
C LYS E 67 55.78 -34.55 -41.47
N ASP E 68 54.56 -34.44 -42.01
CA ASP E 68 54.27 -33.47 -43.05
C ASP E 68 53.40 -32.36 -42.49
N PRO E 69 53.93 -31.15 -42.29
CA PRO E 69 53.07 -30.06 -41.77
C PRO E 69 51.86 -29.80 -42.66
N CYS E 70 52.02 -29.91 -43.98
CA CYS E 70 50.91 -29.63 -44.89
C CYS E 70 49.79 -30.65 -44.77
N ALA E 71 50.08 -31.85 -44.25
CA ALA E 71 49.05 -32.88 -44.17
C ALA E 71 48.05 -32.59 -43.06
N ALA E 72 48.46 -31.87 -42.02
CA ALA E 72 47.58 -31.58 -40.90
C ALA E 72 46.44 -30.67 -41.35
N PRO E 73 45.32 -30.67 -40.60
CA PRO E 73 45.03 -31.42 -39.38
C PRO E 73 44.24 -32.70 -39.65
N ASN E 74 44.32 -33.28 -40.84
CA ASN E 74 43.58 -34.51 -41.13
C ASN E 74 44.07 -35.63 -40.23
N GLU E 75 43.16 -36.23 -39.48
CA GLU E 75 43.52 -37.28 -38.54
C GLU E 75 44.09 -38.50 -39.24
N GLY E 76 43.74 -38.72 -40.51
CA GLY E 76 44.25 -39.88 -41.22
C GLY E 76 45.75 -39.82 -41.44
N PHE E 77 46.27 -38.62 -41.69
CA PHE E 77 47.68 -38.44 -42.05
C PHE E 77 48.58 -38.21 -40.85
N CYS E 78 48.04 -38.23 -39.63
CA CYS E 78 48.87 -37.99 -38.46
C CYS E 78 49.92 -39.09 -38.33
N SER E 79 51.17 -38.68 -38.13
CA SER E 79 52.23 -39.65 -37.92
C SER E 79 52.01 -40.42 -36.62
N ALA E 80 51.56 -39.74 -35.58
CA ALA E 80 51.24 -40.39 -34.32
C ALA E 80 50.18 -39.57 -33.61
N GLY E 81 49.52 -40.18 -32.64
CA GLY E 81 48.48 -39.49 -31.90
C GLY E 81 48.12 -40.22 -30.64
N VAL E 82 47.57 -39.46 -29.69
CA VAL E 82 47.15 -40.00 -28.41
C VAL E 82 46.12 -39.05 -27.81
N GLN E 83 45.32 -39.58 -26.88
CA GLN E 83 44.28 -38.80 -26.22
C GLN E 83 44.55 -38.75 -24.73
N THR E 84 44.53 -37.55 -24.16
CA THR E 84 44.74 -37.33 -22.75
C THR E 84 43.41 -37.45 -22.00
N GLU E 85 43.50 -37.47 -20.68
CA GLU E 85 42.31 -37.52 -19.84
C GLU E 85 41.70 -36.15 -19.59
N ALA E 86 42.38 -35.08 -19.95
CA ALA E 86 41.88 -33.72 -19.74
C ALA E 86 42.45 -32.80 -20.79
N GLY E 87 41.82 -31.64 -20.94
CA GLY E 87 42.22 -30.73 -22.00
C GLY E 87 43.64 -30.24 -21.82
N VAL E 88 44.28 -29.93 -22.95
CA VAL E 88 45.65 -29.42 -22.97
C VAL E 88 45.59 -27.91 -23.08
N ALA E 89 46.25 -27.22 -22.16
CA ALA E 89 46.32 -25.77 -22.19
C ALA E 89 47.59 -25.24 -22.83
N ASP E 90 48.66 -26.04 -22.83
CA ASP E 90 49.93 -25.64 -23.42
C ASP E 90 50.85 -26.84 -23.40
N LEU E 91 51.84 -26.82 -24.30
CA LEU E 91 52.82 -27.90 -24.35
C LEU E 91 54.08 -27.37 -25.01
N THR E 92 55.17 -28.10 -24.81
CA THR E 92 56.46 -27.73 -25.37
C THR E 92 57.27 -28.98 -25.65
N TRP E 93 58.30 -28.83 -26.47
CA TRP E 93 59.21 -29.92 -26.78
C TRP E 93 60.31 -29.97 -25.72
N VAL E 94 60.52 -31.16 -25.15
CA VAL E 94 61.63 -31.40 -24.24
C VAL E 94 62.63 -32.22 -25.05
N GLY E 95 63.59 -31.53 -25.65
CA GLY E 95 64.47 -32.21 -26.59
C GLY E 95 63.71 -32.56 -27.85
N GLU E 96 64.22 -33.55 -28.56
CA GLU E 96 63.62 -34.01 -29.81
C GLU E 96 62.70 -35.21 -29.61
N ARG E 97 62.51 -35.68 -28.37
CA ARG E 97 61.77 -36.91 -28.14
C ARG E 97 60.68 -36.74 -27.10
N GLY E 98 60.87 -35.83 -26.15
CA GLY E 98 59.93 -35.63 -25.07
C GLY E 98 58.94 -34.54 -25.35
N ILE E 99 57.77 -34.65 -24.72
CA ILE E 99 56.70 -33.67 -24.84
C ILE E 99 56.22 -33.33 -23.43
N LEU E 100 56.34 -32.06 -23.05
CA LEU E 100 55.86 -31.59 -21.76
C LEU E 100 54.55 -30.85 -22.00
N VAL E 101 53.49 -31.28 -21.30
CA VAL E 101 52.15 -30.78 -21.54
C VAL E 101 51.53 -30.33 -20.22
N ALA E 102 50.82 -29.21 -20.28
CA ALA E 102 50.08 -28.70 -19.14
C ALA E 102 48.59 -29.01 -19.33
N SER E 103 48.00 -29.63 -18.32
CA SER E 103 46.64 -30.16 -18.42
C SER E 103 45.69 -29.30 -17.61
N ASP E 104 44.44 -29.25 -18.07
CA ASP E 104 43.42 -28.45 -17.37
C ASP E 104 43.20 -28.94 -15.95
N SER E 105 43.38 -30.24 -15.71
CA SER E 105 43.14 -30.78 -14.38
C SER E 105 44.06 -30.18 -13.34
N GLY E 106 45.14 -29.55 -13.76
CA GLY E 106 46.14 -29.03 -12.85
C GLY E 106 47.38 -29.88 -12.73
N ALA E 107 47.65 -30.74 -13.69
CA ALA E 107 48.77 -31.66 -13.63
C ALA E 107 49.70 -31.41 -14.81
N VAL E 108 51.00 -31.53 -14.56
CA VAL E 108 52.01 -31.44 -15.61
C VAL E 108 52.38 -32.87 -16.00
N GLU E 109 52.34 -33.15 -17.30
CA GLU E 109 52.61 -34.48 -17.80
C GLU E 109 53.78 -34.46 -18.76
N LEU E 110 54.58 -35.52 -18.71
CA LEU E 110 55.67 -35.73 -19.65
C LEU E 110 55.41 -37.01 -20.41
N TRP E 111 55.31 -36.91 -21.73
CA TRP E 111 55.18 -38.04 -22.63
C TRP E 111 56.46 -38.19 -23.43
N GLU E 112 56.66 -39.37 -23.97
CA GLU E 112 57.83 -39.65 -24.80
C GLU E 112 57.41 -40.44 -26.03
N LEU E 113 57.91 -40.02 -27.19
CA LEU E 113 57.67 -40.76 -28.41
C LEU E 113 58.38 -42.11 -28.34
N ASP E 114 57.78 -43.10 -28.99
CA ASP E 114 58.39 -44.42 -29.04
C ASP E 114 59.65 -44.38 -29.89
N GLU E 115 60.53 -45.36 -29.64
CA GLU E 115 61.76 -45.47 -30.44
C GLU E 115 61.42 -45.51 -31.92
N ASN E 116 60.31 -46.14 -32.28
CA ASN E 116 59.87 -46.18 -33.67
C ASN E 116 59.22 -44.89 -34.14
N GLU E 117 59.03 -43.93 -33.24
CA GLU E 117 58.43 -42.63 -33.58
C GLU E 117 56.98 -42.75 -34.00
N THR E 118 56.33 -43.88 -33.69
CA THR E 118 54.98 -44.14 -34.15
C THR E 118 53.92 -43.90 -33.07
N LEU E 119 54.26 -44.06 -31.80
CA LEU E 119 53.29 -43.95 -30.72
C LEU E 119 53.80 -42.99 -29.66
N ILE E 120 52.85 -42.44 -28.90
CA ILE E 120 53.13 -41.51 -27.81
C ILE E 120 52.85 -42.24 -26.50
N VAL E 121 53.82 -42.19 -25.58
CA VAL E 121 53.73 -42.90 -24.31
C VAL E 121 53.86 -41.89 -23.18
N SER E 122 53.13 -42.12 -22.10
CA SER E 122 53.14 -41.24 -20.94
C SER E 122 54.31 -41.62 -20.04
N LYS E 123 55.23 -40.67 -19.82
CA LYS E 123 56.36 -40.94 -18.95
C LYS E 123 56.01 -40.66 -17.49
N PHE E 124 55.34 -39.55 -17.21
CA PHE E 124 54.82 -39.30 -15.87
C PHE E 124 53.74 -38.24 -15.95
N CYS E 125 53.00 -38.09 -14.84
CA CYS E 125 51.91 -37.13 -14.78
C CYS E 125 51.71 -36.76 -13.31
N LYS E 126 52.08 -35.54 -12.94
CA LYS E 126 52.03 -35.10 -11.55
C LYS E 126 50.89 -34.11 -11.36
N TYR E 127 50.02 -34.39 -10.39
CA TYR E 127 48.90 -33.52 -10.04
C TYR E 127 49.33 -32.53 -8.95
N GLU E 128 50.35 -31.74 -9.29
CA GLU E 128 50.93 -30.84 -8.30
C GLU E 128 50.17 -29.52 -8.22
N HIS E 129 49.99 -28.86 -9.35
CA HIS E 129 49.32 -27.57 -9.37
C HIS E 129 47.84 -27.72 -9.04
N ASP E 130 47.30 -26.74 -8.32
CA ASP E 130 45.87 -26.63 -8.12
C ASP E 130 45.24 -25.83 -9.26
N ASP E 131 43.93 -25.97 -9.39
CA ASP E 131 43.16 -25.22 -10.40
C ASP E 131 43.70 -25.66 -11.76
N ILE E 132 44.29 -24.76 -12.55
CA ILE E 132 44.66 -25.06 -13.93
C ILE E 132 46.09 -24.58 -14.16
N VAL E 133 46.88 -25.39 -14.86
CA VAL E 133 48.21 -24.99 -15.29
C VAL E 133 48.05 -24.22 -16.60
N SER E 134 48.17 -22.89 -16.52
CA SER E 134 47.90 -22.07 -17.70
C SER E 134 49.02 -22.15 -18.71
N THR E 135 50.27 -22.30 -18.25
CA THR E 135 51.40 -22.31 -19.16
C THR E 135 52.54 -23.11 -18.55
N VAL E 136 53.44 -23.56 -19.43
CA VAL E 136 54.66 -24.25 -19.02
C VAL E 136 55.78 -23.79 -19.94
N SER E 137 57.01 -24.02 -19.49
CA SER E 137 58.19 -23.68 -20.28
C SER E 137 59.34 -24.56 -19.82
N VAL E 138 60.35 -24.67 -20.68
CA VAL E 138 61.53 -25.48 -20.41
C VAL E 138 62.73 -24.55 -20.34
N LEU E 139 63.47 -24.64 -19.24
CA LEU E 139 64.65 -23.80 -19.08
C LEU E 139 65.73 -24.20 -20.08
N SER E 140 66.59 -23.23 -20.42
CA SER E 140 67.55 -23.44 -21.49
C SER E 140 68.44 -24.66 -21.24
N SER E 141 68.61 -25.03 -19.97
CA SER E 141 69.40 -26.23 -19.68
C SER E 141 68.79 -27.46 -20.33
N GLY E 142 67.47 -27.47 -20.53
CA GLY E 142 66.79 -28.58 -21.16
C GLY E 142 66.43 -29.72 -20.22
N THR E 143 66.86 -29.66 -18.96
CA THR E 143 66.54 -30.68 -17.96
C THR E 143 65.62 -30.16 -16.88
N GLN E 144 65.13 -28.93 -17.00
CA GLN E 144 64.26 -28.34 -16.00
C GLN E 144 63.11 -27.62 -16.71
N ALA E 145 61.99 -27.51 -16.01
CA ALA E 145 60.81 -26.87 -16.56
C ALA E 145 60.19 -25.97 -15.51
N VAL E 146 59.36 -25.05 -15.96
CA VAL E 146 58.65 -24.13 -15.07
C VAL E 146 57.18 -24.10 -15.47
N SER E 147 56.30 -24.13 -14.47
CA SER E 147 54.87 -24.19 -14.71
C SER E 147 54.17 -23.12 -13.88
N GLY E 148 53.30 -22.36 -14.53
CA GLY E 148 52.49 -21.35 -13.86
C GLY E 148 51.02 -21.72 -13.98
N SER E 149 50.29 -21.57 -12.87
CA SER E 149 48.90 -21.96 -12.80
C SER E 149 48.05 -20.78 -12.35
N LYS E 150 46.74 -20.95 -12.46
CA LYS E 150 45.80 -19.97 -11.95
C LYS E 150 45.72 -19.97 -10.43
N ASP E 151 46.46 -20.87 -9.77
CA ASP E 151 46.57 -20.87 -8.32
C ASP E 151 47.42 -19.72 -7.80
N ILE E 152 48.02 -18.93 -8.68
CA ILE E 152 48.93 -17.86 -8.30
C ILE E 152 50.19 -18.47 -7.71
N CYS E 153 50.65 -19.57 -8.32
CA CYS E 153 51.85 -20.25 -7.85
C CYS E 153 52.67 -20.70 -9.06
N ILE E 154 53.98 -20.50 -8.98
CA ILE E 154 54.90 -20.87 -10.04
C ILE E 154 55.82 -21.94 -9.48
N LYS E 155 55.87 -23.09 -10.15
CA LYS E 155 56.64 -24.23 -9.67
C LYS E 155 57.73 -24.58 -10.68
N VAL E 156 58.82 -25.13 -10.18
CA VAL E 156 59.96 -25.53 -10.99
C VAL E 156 60.13 -27.04 -10.85
N TRP E 157 60.25 -27.72 -11.98
CA TRP E 157 60.34 -29.17 -12.03
C TRP E 157 61.69 -29.59 -12.59
N ASP E 158 62.20 -30.70 -12.07
CA ASP E 158 63.35 -31.38 -12.64
C ASP E 158 62.81 -32.61 -13.36
N LEU E 159 62.83 -32.57 -14.69
CA LEU E 159 62.22 -33.65 -15.47
C LEU E 159 62.91 -34.97 -15.21
N ALA E 160 64.24 -34.97 -15.11
CA ALA E 160 64.96 -36.20 -14.85
C ALA E 160 64.52 -36.84 -13.54
N GLN E 161 64.43 -36.04 -12.48
CA GLN E 161 63.98 -36.53 -11.18
C GLN E 161 62.46 -36.68 -11.10
N GLN E 162 61.73 -36.02 -11.98
CA GLN E 162 60.26 -36.10 -11.99
C GLN E 162 59.66 -35.65 -10.66
N VAL E 163 60.18 -34.55 -10.13
CA VAL E 163 59.68 -33.96 -8.89
C VAL E 163 59.79 -32.45 -9.00
N VAL E 164 59.30 -31.76 -7.98
CA VAL E 164 59.30 -30.30 -7.94
C VAL E 164 60.43 -29.84 -7.03
N LEU E 165 61.29 -28.96 -7.55
CA LEU E 165 62.39 -28.43 -6.76
C LEU E 165 61.94 -27.26 -5.89
N SER E 166 61.30 -26.26 -6.51
CA SER E 166 60.95 -25.03 -5.82
C SER E 166 59.53 -24.63 -6.19
N SER E 167 58.89 -23.91 -5.27
CA SER E 167 57.58 -23.33 -5.49
C SER E 167 57.59 -21.90 -4.97
N TYR E 168 56.97 -20.99 -5.71
CA TYR E 168 56.94 -19.59 -5.35
C TYR E 168 55.53 -19.06 -5.52
N ARG E 169 55.20 -18.04 -4.74
CA ARG E 169 53.88 -17.42 -4.77
C ARG E 169 54.02 -15.90 -4.76
N ALA E 170 54.93 -15.38 -5.60
CA ALA E 170 55.18 -13.96 -5.60
C ALA E 170 54.01 -13.16 -6.15
N HIS E 171 53.25 -13.74 -7.08
CA HIS E 171 52.16 -13.02 -7.71
C HIS E 171 50.95 -12.94 -6.78
N ALA E 172 50.05 -12.02 -7.11
CA ALA E 172 48.80 -11.84 -6.36
C ALA E 172 47.57 -12.19 -7.19
N ALA E 173 47.74 -12.50 -8.47
CA ALA E 173 46.64 -12.88 -9.34
C ALA E 173 47.08 -14.09 -10.15
N GLN E 174 46.22 -14.52 -11.07
CA GLN E 174 46.53 -15.72 -11.85
C GLN E 174 47.76 -15.46 -12.71
N VAL E 175 48.66 -16.43 -12.74
CA VAL E 175 49.88 -16.32 -13.54
C VAL E 175 49.49 -16.44 -15.01
N THR E 176 49.54 -15.32 -15.72
CA THR E 176 49.09 -15.30 -17.11
C THR E 176 50.07 -16.00 -18.02
N CYS E 177 51.37 -15.75 -17.86
CA CYS E 177 52.35 -16.33 -18.76
C CYS E 177 53.70 -16.44 -18.06
N VAL E 178 54.51 -17.38 -18.55
CA VAL E 178 55.90 -17.52 -18.14
C VAL E 178 56.73 -17.78 -19.39
N ALA E 179 58.02 -17.48 -19.30
CA ALA E 179 58.90 -17.64 -20.45
C ALA E 179 60.33 -17.82 -19.97
N ALA E 180 60.91 -18.99 -20.24
CA ALA E 180 62.29 -19.24 -19.88
C ALA E 180 63.24 -18.48 -20.80
N SER E 181 64.43 -18.20 -20.31
CA SER E 181 65.42 -17.49 -21.10
C SER E 181 66.12 -18.46 -22.03
N PRO E 182 66.12 -18.23 -23.34
CA PRO E 182 66.74 -19.20 -24.26
C PRO E 182 68.21 -19.44 -24.00
N HIS E 183 68.93 -18.42 -23.51
CA HIS E 183 70.38 -18.47 -23.42
C HIS E 183 70.90 -18.60 -21.99
N LYS E 184 70.22 -18.02 -21.01
CA LYS E 184 70.69 -17.99 -19.64
C LYS E 184 69.81 -18.93 -18.81
N ASP E 185 70.40 -20.00 -18.29
CA ASP E 185 69.64 -20.99 -17.54
C ASP E 185 69.21 -20.45 -16.19
N SER E 186 68.10 -20.96 -15.69
CA SER E 186 67.57 -20.59 -14.37
C SER E 186 67.09 -19.15 -14.31
N VAL E 187 66.80 -18.55 -15.46
CA VAL E 187 66.28 -17.19 -15.53
C VAL E 187 65.03 -17.20 -16.40
N PHE E 188 63.96 -16.60 -15.91
CA PHE E 188 62.71 -16.62 -16.67
C PHE E 188 61.81 -15.47 -16.26
N LEU E 189 61.01 -15.00 -17.21
CA LEU E 189 60.02 -13.98 -16.95
C LEU E 189 58.69 -14.60 -16.58
N SER E 190 57.92 -13.89 -15.77
CA SER E 190 56.55 -14.25 -15.46
C SER E 190 55.69 -12.99 -15.46
N CYS E 191 54.44 -13.13 -15.86
CA CYS E 191 53.52 -12.02 -15.88
C CYS E 191 52.13 -12.51 -15.48
N SER E 192 51.43 -11.68 -14.72
CA SER E 192 50.12 -12.03 -14.16
C SER E 192 49.18 -10.86 -14.32
N GLU E 193 47.92 -11.05 -13.90
CA GLU E 193 46.93 -9.99 -13.99
C GLU E 193 47.09 -8.95 -12.89
N ASP E 194 47.99 -9.16 -11.94
CA ASP E 194 48.28 -8.17 -10.92
C ASP E 194 49.16 -7.03 -11.44
N ASN E 195 49.34 -6.94 -12.76
CA ASN E 195 50.14 -5.91 -13.41
C ASN E 195 51.62 -6.03 -13.11
N ARG E 196 52.09 -7.19 -12.66
CA ARG E 196 53.49 -7.39 -12.31
C ARG E 196 54.16 -8.24 -13.38
N ILE E 197 55.29 -7.76 -13.86
CA ILE E 197 56.23 -8.58 -14.64
C ILE E 197 57.43 -8.82 -13.74
N LEU E 198 57.76 -10.09 -13.53
CA LEU E 198 58.82 -10.47 -12.61
C LEU E 198 59.89 -11.26 -13.35
N LEU E 199 61.13 -10.80 -13.26
CA LEU E 199 62.28 -11.54 -13.75
C LEU E 199 62.81 -12.40 -12.60
N TRP E 200 62.80 -13.72 -12.79
CA TRP E 200 63.22 -14.66 -11.77
C TRP E 200 64.60 -15.19 -12.12
N ASP E 201 65.50 -15.13 -11.14
CA ASP E 201 66.82 -15.76 -11.22
C ASP E 201 66.99 -16.55 -9.94
N THR E 202 66.84 -17.88 -10.02
CA THR E 202 66.78 -18.71 -8.83
C THR E 202 68.08 -18.69 -8.03
N ARG E 203 69.19 -18.22 -8.61
CA ARG E 203 70.44 -18.17 -7.86
C ARG E 203 70.40 -17.11 -6.76
N CYS E 204 69.73 -15.98 -7.02
CA CYS E 204 69.75 -14.88 -6.07
C CYS E 204 69.03 -15.26 -4.79
N PRO E 205 69.39 -14.63 -3.66
CA PRO E 205 68.67 -14.92 -2.41
C PRO E 205 67.18 -14.62 -2.51
N LYS E 206 66.81 -13.56 -3.22
CA LYS E 206 65.41 -13.23 -3.49
C LYS E 206 65.21 -13.34 -4.99
N PRO E 207 64.68 -14.46 -5.49
CA PRO E 207 64.76 -14.71 -6.93
C PRO E 207 64.07 -13.67 -7.80
N ALA E 208 62.97 -13.10 -7.34
CA ALA E 208 62.13 -12.26 -8.20
C ALA E 208 62.55 -10.80 -8.11
N SER E 209 62.60 -10.15 -9.27
CA SER E 209 62.82 -8.72 -9.37
C SER E 209 61.77 -8.13 -10.30
N GLN E 210 61.09 -7.08 -9.85
CA GLN E 210 60.01 -6.52 -10.64
C GLN E 210 60.55 -5.64 -11.76
N ILE E 211 59.84 -5.64 -12.88
CA ILE E 211 60.15 -4.80 -14.03
C ILE E 211 58.85 -4.20 -14.54
N GLY E 212 58.88 -2.94 -14.93
CA GLY E 212 57.68 -2.27 -15.39
C GLY E 212 57.98 -1.30 -16.49
N CYS E 213 57.01 -1.13 -17.40
CA CYS E 213 57.11 -0.16 -18.49
C CYS E 213 56.65 1.21 -17.98
N SER E 214 57.48 1.81 -17.14
CA SER E 214 57.18 3.11 -16.54
C SER E 214 55.87 3.05 -15.77
N ALA E 215 54.82 3.68 -16.30
CA ALA E 215 53.54 3.70 -15.62
C ALA E 215 52.92 2.31 -15.60
N PRO E 216 51.98 2.05 -14.68
CA PRO E 216 51.36 0.73 -14.63
C PRO E 216 50.74 0.30 -15.94
N GLY E 217 50.14 1.24 -16.67
CA GLY E 217 49.55 0.91 -17.95
C GLY E 217 48.46 -0.14 -17.81
N TYR E 218 48.53 -1.18 -18.63
CA TYR E 218 47.50 -2.20 -18.72
C TYR E 218 48.12 -3.57 -18.57
N LEU E 219 47.27 -4.57 -18.31
CA LEU E 219 47.75 -5.87 -17.91
C LEU E 219 48.57 -6.51 -19.03
N PRO E 220 49.72 -7.11 -18.73
CA PRO E 220 50.41 -7.91 -19.74
C PRO E 220 49.69 -9.23 -19.98
N THR E 221 49.92 -9.78 -21.17
CA THR E 221 49.25 -11.02 -21.56
C THR E 221 50.16 -12.04 -22.21
N SER E 222 51.39 -11.71 -22.57
CA SER E 222 52.29 -12.69 -23.17
C SER E 222 53.70 -12.10 -23.20
N LEU E 223 54.69 -12.97 -23.11
CA LEU E 223 56.09 -12.58 -23.05
C LEU E 223 56.88 -13.38 -24.08
N ALA E 224 58.03 -12.82 -24.47
CA ALA E 224 58.92 -13.53 -25.38
C ALA E 224 60.31 -12.93 -25.29
N TRP E 225 61.31 -13.77 -25.02
CA TRP E 225 62.69 -13.34 -25.05
C TRP E 225 63.17 -13.15 -26.48
N HIS E 226 64.04 -12.18 -26.69
CA HIS E 226 64.67 -12.02 -27.99
C HIS E 226 65.72 -13.12 -28.16
N PRO E 227 65.71 -13.87 -29.27
CA PRO E 227 66.62 -15.02 -29.37
C PRO E 227 68.08 -14.64 -29.20
N GLN E 228 68.51 -13.49 -29.73
CA GLN E 228 69.93 -13.12 -29.74
C GLN E 228 70.28 -12.16 -28.62
N GLN E 229 69.64 -11.00 -28.57
CA GLN E 229 69.95 -10.02 -27.53
C GLN E 229 69.66 -10.61 -26.17
N SER E 230 70.68 -10.63 -25.31
CA SER E 230 70.60 -11.38 -24.07
C SER E 230 69.54 -10.81 -23.14
N GLU E 231 69.50 -9.49 -22.99
CA GLU E 231 68.71 -8.83 -21.97
C GLU E 231 67.60 -7.96 -22.57
N VAL E 232 67.02 -8.42 -23.67
CA VAL E 232 65.92 -7.71 -24.34
C VAL E 232 64.80 -8.69 -24.57
N PHE E 233 63.57 -8.29 -24.21
CA PHE E 233 62.40 -9.12 -24.42
C PHE E 233 61.24 -8.24 -24.85
N VAL E 234 60.11 -8.87 -25.15
CA VAL E 234 58.91 -8.17 -25.57
C VAL E 234 57.73 -8.75 -24.82
N PHE E 235 56.71 -7.92 -24.61
CA PHE E 235 55.49 -8.36 -23.97
C PHE E 235 54.29 -7.66 -24.57
N GLY E 236 53.18 -8.40 -24.67
CA GLY E 236 51.93 -7.86 -25.15
C GLY E 236 51.00 -7.50 -24.02
N ASP E 237 50.07 -6.60 -24.30
CA ASP E 237 49.10 -6.14 -23.32
C ASP E 237 47.70 -6.51 -23.79
N GLU E 238 46.69 -6.01 -23.06
CA GLU E 238 45.30 -6.37 -23.31
C GLU E 238 44.61 -5.45 -24.32
N ASN E 239 45.32 -4.47 -24.87
CA ASN E 239 44.76 -3.60 -25.90
C ASN E 239 45.38 -3.81 -27.27
N GLY E 240 46.33 -4.73 -27.41
CA GLY E 240 47.00 -4.94 -28.66
C GLY E 240 48.29 -4.18 -28.84
N THR E 241 48.92 -3.74 -27.76
CA THR E 241 50.17 -3.01 -27.81
C THR E 241 51.31 -3.95 -27.45
N VAL E 242 52.30 -4.01 -28.33
CA VAL E 242 53.50 -4.82 -28.11
C VAL E 242 54.61 -3.88 -27.64
N SER E 243 55.20 -4.19 -26.50
CA SER E 243 56.23 -3.37 -25.89
C SER E 243 57.55 -4.12 -25.89
N LEU E 244 58.62 -3.41 -26.24
CA LEU E 244 59.96 -3.96 -26.28
C LEU E 244 60.75 -3.37 -25.12
N VAL E 245 61.25 -4.22 -24.23
CA VAL E 245 61.88 -3.79 -23.00
C VAL E 245 63.27 -4.37 -22.90
N ASP E 246 64.16 -3.61 -22.27
CA ASP E 246 65.52 -4.04 -21.96
C ASP E 246 65.64 -4.20 -20.45
N THR E 247 66.24 -5.30 -20.02
CA THR E 247 66.29 -5.62 -18.59
C THR E 247 67.07 -4.55 -17.82
N LYS E 248 68.27 -4.22 -18.29
CA LYS E 248 69.15 -3.32 -17.55
C LYS E 248 68.84 -1.85 -17.80
N SER E 249 68.05 -1.53 -18.82
CA SER E 249 67.77 -0.14 -19.14
C SER E 249 66.94 0.49 -18.04
N THR E 250 66.96 1.82 -18.01
CA THR E 250 66.22 2.58 -17.01
C THR E 250 64.73 2.54 -17.33
N SER E 251 64.13 1.35 -17.25
CA SER E 251 62.72 1.16 -17.56
C SER E 251 62.39 1.61 -18.97
N CYS E 252 63.35 1.44 -19.89
CA CYS E 252 63.15 1.88 -21.27
C CYS E 252 62.06 1.05 -21.94
N VAL E 253 61.39 1.67 -22.91
CA VAL E 253 60.32 1.01 -23.65
C VAL E 253 60.04 1.82 -24.91
N LEU E 254 59.76 1.10 -26.00
CA LEU E 254 59.43 1.71 -27.28
C LEU E 254 58.25 0.97 -27.90
N SER E 255 57.20 0.78 -27.11
CA SER E 255 56.07 -0.04 -27.52
C SER E 255 55.39 0.52 -28.76
N SER E 256 54.47 -0.27 -29.31
CA SER E 256 53.72 0.09 -30.50
C SER E 256 52.41 -0.68 -30.51
N ALA E 257 51.36 -0.03 -30.99
CA ALA E 257 50.03 -0.65 -31.07
C ALA E 257 49.89 -1.37 -32.40
N VAL E 258 49.54 -2.66 -32.35
CA VAL E 258 49.46 -3.48 -33.55
C VAL E 258 48.09 -4.11 -33.68
N HIS E 259 47.40 -4.31 -32.56
CA HIS E 259 46.11 -4.99 -32.53
C HIS E 259 45.09 -4.16 -31.78
N SER E 260 43.83 -4.50 -31.99
CA SER E 260 42.72 -3.90 -31.27
C SER E 260 42.08 -4.89 -30.30
N GLN E 261 42.87 -5.85 -29.83
CA GLN E 261 42.37 -6.89 -28.95
C GLN E 261 43.55 -7.47 -28.19
N CYS E 262 43.24 -8.23 -27.14
CA CYS E 262 44.27 -8.82 -26.30
C CYS E 262 45.25 -9.63 -27.12
N VAL E 263 46.53 -9.43 -26.88
CA VAL E 263 47.58 -10.19 -27.56
C VAL E 263 47.75 -11.51 -26.82
N THR E 264 47.63 -12.61 -27.57
CA THR E 264 47.67 -13.94 -26.96
C THR E 264 49.08 -14.50 -26.88
N GLY E 265 49.90 -14.30 -27.90
CA GLY E 265 51.24 -14.86 -27.91
C GLY E 265 52.18 -14.07 -28.79
N LEU E 266 53.47 -14.31 -28.59
CA LEU E 266 54.52 -13.66 -29.36
C LEU E 266 55.61 -14.69 -29.65
N VAL E 267 56.05 -14.74 -30.90
CA VAL E 267 57.06 -15.71 -31.33
C VAL E 267 58.08 -14.98 -32.19
N PHE E 268 59.37 -15.23 -31.93
CA PHE E 268 60.44 -14.64 -32.71
C PHE E 268 60.91 -15.61 -33.78
N SER E 269 61.12 -15.08 -34.98
CA SER E 269 61.52 -15.91 -36.10
C SER E 269 62.96 -16.39 -35.93
N PRO E 270 63.33 -17.47 -36.60
CA PRO E 270 64.72 -17.96 -36.52
C PRO E 270 65.70 -17.24 -37.43
N HIS E 271 65.32 -16.10 -38.02
CA HIS E 271 66.23 -15.39 -38.90
C HIS E 271 67.37 -14.76 -38.11
N SER E 272 68.42 -14.39 -38.83
CA SER E 272 69.53 -13.67 -38.20
C SER E 272 69.07 -12.33 -37.64
N VAL E 273 68.05 -11.73 -38.24
CA VAL E 273 67.42 -10.52 -37.71
C VAL E 273 65.96 -10.89 -37.45
N PRO E 274 65.63 -11.37 -36.26
CA PRO E 274 64.31 -11.99 -36.05
C PRO E 274 63.16 -11.05 -36.35
N PHE E 275 62.10 -11.61 -36.91
CA PHE E 275 60.82 -10.93 -37.08
C PHE E 275 59.84 -11.50 -36.07
N LEU E 276 59.15 -10.61 -35.36
CA LEU E 276 58.29 -11.02 -34.25
C LEU E 276 56.88 -11.24 -34.76
N ALA E 277 56.36 -12.45 -34.57
CA ALA E 277 54.99 -12.78 -34.96
C ALA E 277 54.09 -12.65 -33.75
N SER E 278 53.01 -11.88 -33.89
CA SER E 278 52.10 -11.59 -32.79
C SER E 278 50.69 -11.97 -33.21
N LEU E 279 50.02 -12.74 -32.34
CA LEU E 279 48.66 -13.20 -32.55
C LEU E 279 47.76 -12.56 -31.50
N SER E 280 46.50 -12.34 -31.87
CA SER E 280 45.56 -11.69 -30.98
C SER E 280 44.19 -12.32 -31.14
N GLU E 281 43.34 -12.11 -30.13
CA GLU E 281 41.96 -12.57 -30.20
C GLU E 281 41.17 -11.86 -31.29
N ASP E 282 41.77 -10.89 -31.97
CA ASP E 282 41.12 -10.23 -33.10
C ASP E 282 41.04 -11.17 -34.30
N CYS E 283 41.60 -12.37 -34.16
CA CYS E 283 41.63 -13.38 -35.22
C CYS E 283 42.58 -13.01 -36.35
N SER E 284 43.49 -12.07 -36.10
CA SER E 284 44.46 -11.63 -37.08
C SER E 284 45.86 -11.75 -36.49
N LEU E 285 46.85 -11.92 -37.36
CA LEU E 285 48.24 -12.04 -36.95
C LEU E 285 49.05 -10.98 -37.68
N ALA E 286 50.14 -10.56 -37.03
CA ALA E 286 51.01 -9.53 -37.60
C ALA E 286 52.46 -9.89 -37.36
N VAL E 287 53.27 -9.80 -38.41
CA VAL E 287 54.70 -9.97 -38.34
C VAL E 287 55.35 -8.59 -38.35
N LEU E 288 56.22 -8.33 -37.38
CA LEU E 288 56.82 -7.04 -37.17
C LEU E 288 58.34 -7.16 -37.24
N ASP E 289 58.98 -6.03 -37.53
CA ASP E 289 60.42 -5.96 -37.65
C ASP E 289 61.04 -5.64 -36.29
N SER E 290 62.33 -5.31 -36.28
CA SER E 290 63.02 -4.98 -35.03
C SER E 290 62.50 -3.70 -34.40
N SER E 291 61.83 -2.85 -35.18
CA SER E 291 61.32 -1.57 -34.69
C SER E 291 59.85 -1.65 -34.31
N LEU E 292 59.27 -2.84 -34.26
CA LEU E 292 57.86 -3.05 -33.96
C LEU E 292 56.94 -2.43 -35.01
N SER E 293 57.48 -2.00 -36.13
CA SER E 293 56.66 -1.51 -37.23
C SER E 293 56.15 -2.69 -38.04
N GLU E 294 54.85 -2.73 -38.27
CA GLU E 294 54.24 -3.88 -38.91
C GLU E 294 54.89 -4.14 -40.27
N LEU E 295 55.32 -5.38 -40.48
CA LEU E 295 55.90 -5.80 -41.75
C LEU E 295 54.92 -6.59 -42.59
N PHE E 296 54.04 -7.35 -41.96
CA PHE E 296 53.05 -8.15 -42.69
C PHE E 296 51.86 -8.37 -41.76
N ARG E 297 50.69 -8.60 -42.36
CA ARG E 297 49.49 -8.83 -41.58
C ARG E 297 48.63 -9.86 -42.31
N SER E 298 47.79 -10.55 -41.53
CA SER E 298 46.90 -11.55 -42.10
C SER E 298 45.66 -11.67 -41.24
N GLN E 299 44.54 -11.97 -41.89
CA GLN E 299 43.25 -12.17 -41.23
C GLN E 299 42.57 -13.41 -41.79
N ALA E 300 43.35 -14.50 -41.94
CA ALA E 300 42.84 -15.70 -42.57
C ALA E 300 41.88 -16.48 -41.67
N HIS E 301 42.14 -16.48 -40.36
CA HIS E 301 41.36 -17.30 -39.45
C HIS E 301 39.98 -16.69 -39.22
N ARG E 302 39.06 -17.54 -38.74
CA ARG E 302 37.71 -17.12 -38.41
C ARG E 302 37.43 -17.14 -36.91
N ASP E 303 38.40 -17.54 -36.10
CA ASP E 303 38.24 -17.58 -34.65
C ASP E 303 39.55 -17.10 -34.03
N PHE E 304 39.68 -17.29 -32.73
CA PHE E 304 40.90 -16.89 -32.05
C PHE E 304 42.09 -17.65 -32.63
N VAL E 305 43.17 -16.91 -32.91
CA VAL E 305 44.43 -17.52 -33.32
C VAL E 305 45.18 -17.91 -32.05
N ARG E 306 45.29 -19.20 -31.79
CA ARG E 306 45.84 -19.66 -30.53
C ARG E 306 47.37 -19.72 -30.54
N ASP E 307 47.97 -20.26 -31.59
CA ASP E 307 49.41 -20.40 -31.59
C ASP E 307 49.97 -20.22 -32.99
N ALA E 308 51.25 -19.89 -33.04
CA ALA E 308 51.98 -19.75 -34.30
C ALA E 308 53.39 -20.28 -34.08
N THR E 309 54.02 -20.65 -35.19
CA THR E 309 55.37 -21.20 -35.14
C THR E 309 56.05 -20.97 -36.48
N TRP E 310 57.37 -21.08 -36.48
CA TRP E 310 58.19 -20.88 -37.67
C TRP E 310 58.80 -22.20 -38.10
N SER E 311 58.63 -22.54 -39.36
CA SER E 311 59.14 -23.81 -39.88
C SER E 311 60.66 -23.75 -39.96
N PRO E 312 61.39 -24.66 -39.30
CA PRO E 312 62.86 -24.64 -39.45
C PRO E 312 63.31 -24.87 -40.88
N LEU E 313 62.56 -25.64 -41.66
CA LEU E 313 62.97 -25.94 -43.03
C LEU E 313 63.04 -24.67 -43.87
N ASN E 314 62.02 -23.81 -43.75
CA ASN E 314 61.97 -22.55 -44.47
C ASN E 314 61.58 -21.46 -43.48
N HIS E 315 62.53 -20.57 -43.18
CA HIS E 315 62.28 -19.54 -42.18
C HIS E 315 61.17 -18.58 -42.61
N SER E 316 60.83 -18.56 -43.89
CA SER E 316 59.75 -17.72 -44.37
C SER E 316 58.37 -18.35 -44.17
N LEU E 317 58.31 -19.61 -43.73
CA LEU E 317 57.04 -20.30 -43.52
C LEU E 317 56.61 -20.13 -42.07
N LEU E 318 55.41 -19.60 -41.87
CA LEU E 318 54.82 -19.43 -40.54
C LEU E 318 53.49 -20.18 -40.49
N THR E 319 53.35 -21.06 -39.52
CA THR E 319 52.17 -21.89 -39.38
C THR E 319 51.38 -21.46 -38.15
N THR E 320 50.10 -21.21 -38.34
CA THR E 320 49.22 -20.75 -37.27
C THR E 320 48.04 -21.69 -37.11
N VAL E 321 47.61 -21.87 -35.86
CA VAL E 321 46.49 -22.73 -35.51
C VAL E 321 45.59 -21.98 -34.55
N GLY E 322 44.27 -22.08 -34.78
CA GLY E 322 43.28 -21.43 -33.95
C GLY E 322 42.10 -22.34 -33.70
N TRP E 323 41.11 -21.80 -33.00
CA TRP E 323 39.94 -22.58 -32.60
C TRP E 323 39.01 -22.89 -33.76
N ASP E 324 39.17 -22.23 -34.91
CA ASP E 324 38.32 -22.52 -36.06
C ASP E 324 38.64 -23.87 -36.69
N HIS E 325 39.58 -24.63 -36.12
CA HIS E 325 39.88 -25.98 -36.58
C HIS E 325 40.52 -25.98 -37.97
N GLN E 326 41.50 -25.12 -38.16
CA GLN E 326 42.26 -25.11 -39.40
C GLN E 326 43.66 -24.60 -39.13
N VAL E 327 44.64 -25.18 -39.83
CA VAL E 327 46.03 -24.73 -39.77
C VAL E 327 46.31 -23.94 -41.04
N VAL E 328 46.95 -22.78 -40.88
CA VAL E 328 47.20 -21.87 -41.99
C VAL E 328 48.70 -21.67 -42.13
N HIS E 329 49.19 -21.81 -43.36
CA HIS E 329 50.59 -21.60 -43.68
C HIS E 329 50.75 -20.28 -44.42
N HIS E 330 51.75 -19.50 -44.03
CA HIS E 330 51.97 -18.17 -44.56
C HIS E 330 53.41 -18.04 -45.03
N VAL E 331 53.61 -17.36 -46.15
CA VAL E 331 54.94 -17.04 -46.65
C VAL E 331 55.18 -15.56 -46.40
N VAL E 332 55.81 -15.25 -45.27
CA VAL E 332 56.03 -13.84 -44.92
C VAL E 332 57.11 -13.27 -45.84
N PRO E 333 56.88 -12.12 -46.48
CA PRO E 333 57.94 -11.53 -47.30
C PRO E 333 59.15 -11.14 -46.46
N THR E 334 60.34 -11.35 -47.02
CA THR E 334 61.58 -11.02 -46.34
C THR E 334 62.67 -10.68 -47.35
N THR F 229 40.25 -46.17 11.00
CA THR F 229 40.83 -47.54 11.08
C THR F 229 42.11 -47.54 11.90
N VAL F 230 43.17 -46.94 11.35
CA VAL F 230 44.44 -46.91 12.05
C VAL F 230 44.28 -46.16 13.36
N ALA F 231 44.87 -46.71 14.42
CA ALA F 231 44.76 -46.10 15.74
C ALA F 231 45.33 -44.69 15.71
N GLY F 232 44.64 -43.78 16.40
CA GLY F 232 45.08 -42.39 16.44
C GLY F 232 45.20 -41.77 15.07
N GLN F 233 44.24 -42.05 14.18
CA GLN F 233 44.33 -41.55 12.81
C GLN F 233 44.33 -40.03 12.78
N PHE F 234 43.48 -39.41 13.59
CA PHE F 234 43.25 -37.97 13.50
C PHE F 234 43.92 -37.20 14.64
N GLU F 235 44.92 -37.80 15.29
CA GLU F 235 45.64 -37.08 16.33
C GLU F 235 46.38 -35.90 15.72
N ASP F 236 46.39 -34.78 16.45
CA ASP F 236 46.96 -33.55 15.90
C ASP F 236 48.45 -33.69 15.67
N ALA F 237 48.94 -32.95 14.68
CA ALA F 237 50.35 -32.98 14.35
C ALA F 237 51.16 -32.23 15.41
N ASP F 238 52.47 -32.49 15.41
CA ASP F 238 53.37 -31.87 16.37
C ASP F 238 54.22 -30.79 15.72
N ARG G 13 5.67 42.94 -0.90
CA ARG G 13 6.54 43.59 0.06
C ARG G 13 7.39 42.57 0.80
N VAL G 14 8.32 43.06 1.63
CA VAL G 14 9.16 42.20 2.44
C VAL G 14 8.45 41.96 3.77
N SER G 15 7.98 40.74 3.97
CA SER G 15 7.29 40.40 5.21
C SER G 15 8.21 40.61 6.40
N SER G 16 7.86 41.56 7.27
CA SER G 16 8.67 41.88 8.44
C SER G 16 7.81 41.78 9.69
N GLY G 17 8.44 41.36 10.78
CA GLY G 17 7.75 41.20 12.04
C GLY G 17 8.56 41.78 13.18
N ARG G 18 7.93 41.85 14.35
CA ARG G 18 8.54 42.39 15.55
C ARG G 18 8.53 41.32 16.63
N ASP G 19 9.64 41.22 17.36
CA ASP G 19 9.80 40.24 18.43
C ASP G 19 9.74 40.96 19.77
N LEU G 20 8.72 40.65 20.56
CA LEU G 20 8.54 41.22 21.89
C LEU G 20 8.27 40.10 22.87
N ASN G 21 8.84 40.23 24.07
CA ASN G 21 8.54 39.31 25.16
C ASN G 21 7.87 39.99 26.34
N CYS G 22 7.63 41.30 26.25
CA CYS G 22 6.83 42.02 27.24
C CYS G 22 5.66 42.67 26.52
N VAL G 23 4.47 42.10 26.69
CA VAL G 23 3.27 42.57 26.02
C VAL G 23 2.22 42.85 27.08
N PRO G 24 2.24 44.02 27.73
CA PRO G 24 1.26 44.27 28.80
C PRO G 24 -0.18 44.12 28.34
N GLU G 25 -0.50 44.56 27.13
CA GLU G 25 -1.84 44.44 26.59
C GLU G 25 -1.73 44.19 25.09
N ILE G 26 -2.51 43.23 24.59
CA ILE G 26 -2.37 42.84 23.20
C ILE G 26 -2.89 43.93 22.26
N ALA G 27 -4.02 44.54 22.60
CA ALA G 27 -4.66 45.45 21.65
C ALA G 27 -3.74 46.62 21.32
N ASP G 28 -3.25 47.32 22.34
CA ASP G 28 -2.39 48.48 22.09
C ASP G 28 -1.07 48.06 21.48
N THR G 29 -0.52 46.92 21.91
CA THR G 29 0.74 46.45 21.36
C THR G 29 0.61 46.18 19.86
N LEU G 30 -0.47 45.52 19.46
CA LEU G 30 -0.69 45.25 18.04
C LEU G 30 -0.94 46.54 17.28
N GLY G 31 -1.69 47.48 17.87
CA GLY G 31 -1.88 48.76 17.20
C GLY G 31 -0.56 49.45 16.93
N ALA G 32 0.30 49.51 17.95
CA ALA G 32 1.60 50.16 17.78
C ALA G 32 2.46 49.42 16.77
N VAL G 33 2.45 48.08 16.81
CA VAL G 33 3.27 47.30 15.89
C VAL G 33 2.81 47.53 14.46
N ALA G 34 1.50 47.51 14.22
CA ALA G 34 0.98 47.76 12.88
C ALA G 34 1.31 49.17 12.43
N LYS G 35 1.21 50.15 13.32
CA LYS G 35 1.53 51.52 12.95
C LYS G 35 2.97 51.62 12.46
N GLN G 36 3.91 50.96 13.15
CA GLN G 36 5.31 51.01 12.76
C GLN G 36 5.56 50.31 11.42
N GLY G 37 4.62 49.52 10.92
CA GLY G 37 4.73 48.89 9.62
C GLY G 37 5.05 47.42 9.64
N PHE G 38 5.14 46.79 10.80
CA PHE G 38 5.41 45.36 10.85
C PHE G 38 4.19 44.58 10.40
N ASP G 39 4.42 43.32 10.02
CA ASP G 39 3.37 42.46 9.51
C ASP G 39 2.90 41.43 10.53
N PHE G 40 3.76 41.02 11.46
CA PHE G 40 3.36 40.07 12.49
C PHE G 40 4.19 40.32 13.74
N LEU G 41 3.67 39.83 14.86
CA LEU G 41 4.29 40.03 16.17
C LEU G 41 4.60 38.67 16.78
N CYS G 42 5.84 38.50 17.24
CA CYS G 42 6.25 37.29 17.95
C CYS G 42 6.19 37.55 19.44
N MET G 43 5.33 36.82 20.14
CA MET G 43 5.06 37.07 21.54
C MET G 43 5.01 35.77 22.30
N PRO G 44 5.14 35.81 23.63
CA PRO G 44 4.97 34.59 24.43
C PRO G 44 3.50 34.32 24.69
N VAL G 45 3.09 33.06 24.52
CA VAL G 45 1.71 32.69 24.82
C VAL G 45 1.46 32.77 26.32
N PHE G 46 2.42 32.34 27.13
CA PHE G 46 2.36 32.45 28.57
C PHE G 46 3.39 33.47 29.04
N HIS G 47 3.17 34.01 30.22
CA HIS G 47 4.10 35.00 30.75
C HIS G 47 5.47 34.34 30.92
N PRO G 48 6.55 34.97 30.45
CA PRO G 48 7.86 34.29 30.46
C PRO G 48 8.32 33.89 31.85
N ARG G 49 8.01 34.65 32.89
CA ARG G 49 8.49 34.38 34.23
C ARG G 49 7.51 33.57 35.07
N PHE G 50 6.36 33.19 34.52
CA PHE G 50 5.34 32.49 35.29
C PHE G 50 5.62 31.00 35.26
N LYS G 51 6.50 30.57 36.15
CA LYS G 51 6.81 29.15 36.28
C LYS G 51 5.59 28.38 36.76
N ARG G 52 5.46 27.15 36.29
CA ARG G 52 4.33 26.30 36.64
C ARG G 52 4.83 24.91 36.93
N GLU G 53 4.24 24.28 37.96
CA GLU G 53 4.60 22.93 38.37
C GLU G 53 3.45 21.98 38.08
N PHE G 54 3.79 20.70 37.99
CA PHE G 54 2.81 19.67 37.66
C PHE G 54 2.93 18.42 38.51
N ILE G 55 3.91 18.34 39.41
CA ILE G 55 4.10 17.15 40.25
C ILE G 55 4.28 17.48 41.72
N GLN G 56 4.24 18.76 42.10
CA GLN G 56 4.36 19.17 43.50
C GLN G 56 3.00 19.62 43.99
N GLU G 57 2.58 19.08 45.14
CA GLU G 57 1.21 19.28 45.61
C GLU G 57 0.87 20.75 45.81
N PRO G 58 1.62 21.52 46.60
CA PRO G 58 1.22 22.93 46.80
C PRO G 58 1.21 23.74 45.53
N ALA G 59 2.11 23.44 44.59
CA ALA G 59 2.24 24.27 43.40
C ALA G 59 1.24 23.86 42.32
N LYS G 60 1.09 22.55 42.08
CA LYS G 60 0.24 22.10 40.98
C LYS G 60 -1.21 22.52 41.17
N ASN G 61 -1.62 22.83 42.40
CA ASN G 61 -2.98 23.24 42.70
C ASN G 61 -3.15 24.76 42.60
N ARG G 62 -2.31 25.43 41.83
CA ARG G 62 -2.40 26.88 41.73
C ARG G 62 -3.76 27.28 41.16
N PRO G 63 -4.50 28.17 41.81
CA PRO G 63 -5.82 28.56 41.30
C PRO G 63 -5.69 29.65 40.23
N GLY G 64 -6.85 29.97 39.65
CA GLY G 64 -6.95 31.09 38.74
C GLY G 64 -6.52 30.74 37.33
N PRO G 65 -6.74 31.66 36.39
CA PRO G 65 -6.32 31.42 35.01
C PRO G 65 -4.82 31.31 34.89
N GLN G 66 -4.39 30.50 33.92
CA GLN G 66 -2.96 30.31 33.66
C GLN G 66 -2.42 31.27 32.61
N THR G 67 -3.28 31.92 31.84
CA THR G 67 -2.83 32.86 30.82
C THR G 67 -4.05 33.65 30.33
N ARG G 68 -3.76 34.72 29.61
CA ARG G 68 -4.83 35.54 29.04
C ARG G 68 -5.62 34.74 28.02
N SER G 69 -6.93 34.96 27.99
CA SER G 69 -7.81 34.18 27.13
C SER G 69 -7.60 34.55 25.67
N ASP G 70 -8.04 33.64 24.80
CA ASP G 70 -7.99 33.88 23.37
C ASP G 70 -9.11 34.79 22.87
N LEU G 71 -10.10 35.09 23.71
CA LEU G 71 -11.19 35.97 23.30
C LEU G 71 -10.70 37.38 23.02
N LEU G 72 -9.50 37.73 23.48
CA LEU G 72 -9.00 39.09 23.27
C LEU G 72 -8.83 39.42 21.80
N LEU G 73 -8.69 38.43 20.94
CA LEU G 73 -8.40 38.64 19.53
C LEU G 73 -9.35 37.83 18.66
N SER G 74 -9.63 38.35 17.47
CA SER G 74 -10.43 37.60 16.51
C SER G 74 -9.66 36.38 16.04
N GLY G 75 -10.39 35.32 15.71
CA GLY G 75 -9.76 34.10 15.25
C GLY G 75 -8.83 34.34 14.07
N ARG G 76 -9.20 35.27 13.19
CA ARG G 76 -8.33 35.62 12.07
C ARG G 76 -7.02 36.20 12.57
N ASP G 77 -7.09 37.11 13.55
CA ASP G 77 -5.87 37.75 14.03
C ASP G 77 -4.89 36.73 14.59
N TRP G 78 -5.39 35.76 15.35
CA TRP G 78 -4.52 34.73 15.88
C TRP G 78 -3.84 33.95 14.77
N ASN G 79 -4.58 33.61 13.72
CA ASN G 79 -4.06 32.74 12.68
C ASN G 79 -3.07 33.44 11.76
N THR G 80 -2.99 34.76 11.78
CA THR G 80 -2.12 35.46 10.84
C THR G 80 -1.16 36.43 11.49
N LEU G 81 -1.57 37.10 12.57
CA LEU G 81 -0.77 38.19 13.11
C LEU G 81 0.24 37.75 14.16
N ILE G 82 -0.04 36.67 14.89
CA ILE G 82 0.75 36.32 16.07
C ILE G 82 1.64 35.12 15.77
N VAL G 83 2.79 35.10 16.42
CA VAL G 83 3.71 33.96 16.37
C VAL G 83 4.13 33.65 17.80
N GLY G 84 3.87 32.42 18.25
CA GLY G 84 4.14 32.07 19.61
C GLY G 84 5.61 31.79 19.87
N LYS G 85 6.04 32.11 21.09
CA LYS G 85 7.39 31.81 21.56
C LYS G 85 7.32 30.89 22.77
N LEU G 86 8.35 30.06 22.92
CA LEU G 86 8.45 29.17 24.07
C LEU G 86 9.06 29.91 25.24
N SER G 87 8.55 29.63 26.44
CA SER G 87 9.00 30.35 27.62
C SER G 87 10.47 30.05 27.90
N PRO G 88 11.26 31.06 28.29
CA PRO G 88 12.70 30.83 28.48
C PRO G 88 13.01 29.83 29.59
N TRP G 89 12.20 29.78 30.65
CA TRP G 89 12.53 28.94 31.79
C TRP G 89 12.40 27.45 31.50
N ILE G 90 11.86 27.07 30.35
CA ILE G 90 11.65 25.67 30.01
C ILE G 90 12.95 25.11 29.47
N ARG G 91 13.53 24.13 30.18
CA ARG G 91 14.77 23.48 29.78
C ARG G 91 14.54 21.97 29.78
N PRO G 92 13.98 21.43 28.71
CA PRO G 92 13.69 19.99 28.69
C PRO G 92 14.92 19.11 28.84
N ASP G 93 16.12 19.61 28.52
CA ASP G 93 17.34 18.83 28.60
C ASP G 93 18.12 19.09 29.88
N SER G 94 17.45 19.51 30.93
CA SER G 94 18.12 19.76 32.20
C SER G 94 18.63 18.44 32.80
N LYS G 95 19.69 18.55 33.59
CA LYS G 95 20.27 17.37 34.23
C LYS G 95 19.44 16.88 35.40
N VAL G 96 18.55 17.71 35.94
CA VAL G 96 17.75 17.35 37.11
C VAL G 96 16.45 16.73 36.63
N GLU G 97 16.11 15.57 37.20
CA GLU G 97 14.91 14.86 36.77
C GLU G 97 13.66 15.70 36.97
N LYS G 98 13.55 16.36 38.14
CA LYS G 98 12.36 17.16 38.41
C LYS G 98 12.25 18.31 37.42
N ILE G 99 13.34 19.03 37.19
CA ILE G 99 13.31 20.15 36.25
C ILE G 99 13.01 19.65 34.85
N ARG G 100 13.60 18.51 34.46
CA ARG G 100 13.34 17.97 33.13
C ARG G 100 11.86 17.63 32.96
N ARG G 101 11.27 16.98 33.95
CA ARG G 101 9.85 16.61 33.84
C ARG G 101 8.96 17.85 33.81
N ASN G 102 9.25 18.83 34.65
CA ASN G 102 8.47 20.07 34.64
C ASN G 102 8.59 20.76 33.30
N SER G 103 9.80 20.81 32.73
CA SER G 103 9.98 21.44 31.43
C SER G 103 9.22 20.70 30.35
N GLU G 104 9.24 19.37 30.39
CA GLU G 104 8.47 18.60 29.41
C GLU G 104 7.00 18.94 29.50
N ALA G 105 6.45 18.92 30.71
CA ALA G 105 5.02 19.21 30.88
C ALA G 105 4.68 20.61 30.42
N ALA G 106 5.51 21.59 30.80
CA ALA G 106 5.23 22.97 30.43
C ALA G 106 5.31 23.17 28.92
N MET G 107 6.31 22.57 28.27
CA MET G 107 6.44 22.71 26.83
C MET G 107 5.25 22.08 26.12
N LEU G 108 4.82 20.90 26.60
CA LEU G 108 3.64 20.28 25.99
C LEU G 108 2.42 21.16 26.16
N GLN G 109 2.25 21.75 27.34
CA GLN G 109 1.11 22.63 27.58
C GLN G 109 1.15 23.84 26.65
N GLU G 110 2.32 24.46 26.51
CA GLU G 110 2.42 25.63 25.65
C GLU G 110 2.17 25.28 24.19
N LEU G 111 2.69 24.15 23.72
CA LEU G 111 2.45 23.75 22.34
C LEU G 111 0.97 23.46 22.11
N ASN G 112 0.33 22.80 23.07
CA ASN G 112 -1.11 22.52 22.93
C ASN G 112 -1.90 23.82 22.89
N PHE G 113 -1.54 24.79 23.73
CA PHE G 113 -2.24 26.07 23.71
C PHE G 113 -2.01 26.79 22.39
N GLY G 114 -0.79 26.74 21.85
CA GLY G 114 -0.54 27.34 20.56
C GLY G 114 -1.38 26.71 19.47
N ALA G 115 -1.50 25.38 19.49
CA ALA G 115 -2.38 24.71 18.54
C ALA G 115 -3.82 25.14 18.73
N TYR G 116 -4.26 25.29 19.99
CA TYR G 116 -5.62 25.71 20.27
C TYR G 116 -5.90 27.08 19.68
N LEU G 117 -4.95 28.00 19.80
CA LEU G 117 -5.08 29.32 19.18
C LEU G 117 -4.90 29.29 17.68
N GLY G 118 -4.40 28.19 17.12
CA GLY G 118 -4.17 28.11 15.68
C GLY G 118 -3.13 29.10 15.20
N LEU G 119 -2.04 29.26 15.94
CA LEU G 119 -1.00 30.19 15.53
C LEU G 119 -0.35 29.71 14.23
N PRO G 120 -0.05 30.61 13.30
CA PRO G 120 0.61 30.17 12.07
C PRO G 120 1.97 29.55 12.30
N ALA G 121 2.72 30.02 13.29
CA ALA G 121 4.05 29.50 13.55
C ALA G 121 4.35 29.62 15.04
N PHE G 122 5.27 28.79 15.50
CA PHE G 122 5.69 28.75 16.88
C PHE G 122 7.21 28.71 16.93
N LEU G 123 7.81 29.58 17.74
CA LEU G 123 9.26 29.79 17.75
C LEU G 123 9.85 29.11 18.99
N LEU G 124 10.77 28.17 18.77
CA LEU G 124 11.43 27.45 19.84
C LEU G 124 12.94 27.63 19.73
N PRO G 125 13.66 27.65 20.85
CA PRO G 125 15.11 27.89 20.79
C PRO G 125 15.94 26.62 20.70
N LEU G 126 17.14 26.78 20.15
CA LEU G 126 18.16 25.74 20.08
C LEU G 126 19.48 26.28 20.59
N ASN G 127 19.44 26.91 21.76
CA ASN G 127 20.60 27.63 22.28
C ASN G 127 21.70 26.73 22.82
N GLN G 128 21.45 25.44 22.98
CA GLN G 128 22.44 24.53 23.54
C GLN G 128 22.65 23.33 22.63
N GLU G 129 23.80 22.67 22.82
CA GLU G 129 24.18 21.59 21.93
C GLU G 129 23.17 20.45 21.98
N ASP G 130 22.85 19.96 23.18
CA ASP G 130 22.02 18.78 23.34
C ASP G 130 20.56 19.19 23.35
N ASN G 131 19.77 18.59 22.45
CA ASN G 131 18.35 18.90 22.33
C ASN G 131 17.52 17.65 22.08
N THR G 132 17.99 16.50 22.56
CA THR G 132 17.32 15.25 22.25
C THR G 132 15.94 15.18 22.86
N ASN G 133 15.81 15.52 24.14
CA ASN G 133 14.52 15.45 24.80
C ASN G 133 13.54 16.45 24.19
N LEU G 134 14.03 17.64 23.86
CA LEU G 134 13.18 18.63 23.21
C LEU G 134 12.68 18.12 21.88
N ALA G 135 13.56 17.49 21.10
CA ALA G 135 13.15 16.92 19.83
C ALA G 135 12.12 15.82 20.02
N ARG G 136 12.31 14.99 21.04
CA ARG G 136 11.35 13.92 21.30
C ARG G 136 9.98 14.48 21.64
N VAL G 137 9.94 15.50 22.50
CA VAL G 137 8.66 16.08 22.89
C VAL G 137 7.98 16.71 21.68
N LEU G 138 8.75 17.45 20.87
CA LEU G 138 8.16 18.10 19.71
C LEU G 138 7.63 17.07 18.72
N THR G 139 8.39 16.01 18.48
CA THR G 139 7.93 14.96 17.58
C THR G 139 6.67 14.29 18.09
N ASN G 140 6.62 14.02 19.40
CA ASN G 140 5.42 13.44 19.97
C ASN G 140 4.22 14.36 19.78
N HIS G 141 4.43 15.66 19.95
CA HIS G 141 3.34 16.61 19.73
C HIS G 141 2.89 16.60 18.28
N ILE G 142 3.83 16.53 17.34
CA ILE G 142 3.45 16.56 15.93
C ILE G 142 2.58 15.38 15.58
N HIS G 143 2.93 14.19 16.05
CA HIS G 143 2.16 12.98 15.78
C HIS G 143 1.04 12.80 16.82
N THR G 144 0.24 13.85 17.01
CA THR G 144 -0.84 13.80 17.98
C THR G 144 -1.90 14.81 17.55
N GLY G 145 -3.00 14.32 17.02
CA GLY G 145 -4.02 15.19 16.48
C GLY G 145 -3.61 15.78 15.14
N HIS G 146 -4.41 16.73 14.68
CA HIS G 146 -4.17 17.41 13.42
C HIS G 146 -4.09 18.91 13.66
N HIS G 147 -2.99 19.52 13.23
CA HIS G 147 -2.80 20.95 13.33
C HIS G 147 -1.75 21.35 12.30
N SER G 148 -1.74 22.64 11.96
CA SER G 148 -0.91 23.13 10.87
C SER G 148 0.12 24.17 11.32
N SER G 149 0.36 24.30 12.61
CA SER G 149 1.31 25.30 13.10
C SER G 149 2.74 24.87 12.79
N MET G 150 3.43 25.65 11.98
CA MET G 150 4.83 25.43 11.69
C MET G 150 5.68 25.71 12.92
N PHE G 151 6.88 25.15 12.94
CA PHE G 151 7.82 25.33 14.04
C PHE G 151 9.12 25.92 13.51
N TRP G 152 9.56 27.02 14.12
CA TRP G 152 10.78 27.71 13.73
C TRP G 152 11.80 27.56 14.85
N MET G 153 12.95 26.98 14.53
CA MET G 153 14.02 26.78 15.51
C MET G 153 14.98 27.96 15.42
N ARG G 154 15.18 28.64 16.54
CA ARG G 154 16.05 29.80 16.60
C ARG G 154 17.48 29.32 16.80
N VAL G 155 18.30 29.38 15.75
CA VAL G 155 19.66 28.85 15.79
C VAL G 155 20.64 29.98 15.45
N PRO G 156 21.45 30.44 16.39
CA PRO G 156 22.43 31.48 16.05
C PRO G 156 23.44 30.97 15.05
N LEU G 157 23.90 31.88 14.18
CA LEU G 157 25.00 31.53 13.28
C LEU G 157 26.27 31.25 14.06
N VAL G 158 26.54 32.04 15.10
CA VAL G 158 27.70 31.86 15.96
C VAL G 158 27.20 31.48 17.34
N ALA G 159 27.74 30.40 17.90
CA ALA G 159 27.27 29.91 19.17
C ALA G 159 27.48 30.98 20.25
N PRO G 160 26.59 31.05 21.24
CA PRO G 160 26.77 32.07 22.29
C PRO G 160 28.11 31.96 23.00
N GLU G 161 28.60 30.74 23.22
CA GLU G 161 29.86 30.57 23.93
C GLU G 161 31.02 31.22 23.18
N ASP G 162 30.91 31.32 21.85
CA ASP G 162 31.97 31.89 21.04
C ASP G 162 31.85 33.40 20.88
N LEU G 163 30.68 33.97 21.16
CA LEU G 163 30.46 35.40 21.00
C LEU G 163 30.76 36.20 22.25
N ARG G 164 31.00 35.54 23.38
CA ARG G 164 31.30 36.26 24.61
C ARG G 164 32.66 36.94 24.51
N ASP G 165 32.78 38.09 25.16
CA ASP G 165 34.02 38.85 25.12
C ASP G 165 35.08 38.21 26.02
N ASP G 166 36.32 38.64 25.82
CA ASP G 166 37.45 38.13 26.59
C ASP G 166 37.60 38.95 27.87
N ILE G 167 36.63 38.73 28.77
CA ILE G 167 36.61 39.43 30.06
C ILE G 167 37.08 38.55 31.21
N ILE G 168 36.98 37.23 31.08
CA ILE G 168 37.31 36.33 32.18
C ILE G 168 38.81 36.11 32.22
N GLU G 169 39.39 36.25 33.40
CA GLU G 169 40.83 36.01 33.55
C GLU G 169 41.16 34.54 33.43
N ASN G 170 40.37 33.67 34.05
CA ASN G 170 40.68 32.25 34.12
C ASN G 170 40.10 31.44 32.97
N ALA G 171 39.27 32.04 32.12
CA ALA G 171 38.68 31.37 30.97
C ALA G 171 38.83 32.23 29.73
N PRO G 172 40.06 32.48 29.29
CA PRO G 172 40.27 33.32 28.11
C PRO G 172 39.78 32.65 26.85
N THR G 173 39.36 33.47 25.90
CA THR G 173 38.98 32.97 24.59
C THR G 173 40.22 32.58 23.80
N THR G 174 40.01 32.08 22.58
CA THR G 174 41.10 31.66 21.71
C THR G 174 40.90 32.27 20.33
N HIS G 175 42.01 32.68 19.72
CA HIS G 175 42.00 33.24 18.37
C HIS G 175 42.33 32.20 17.31
N THR G 176 42.35 30.92 17.67
CA THR G 176 42.58 29.87 16.68
C THR G 176 41.51 29.93 15.60
N GLU G 177 41.91 29.62 14.37
CA GLU G 177 40.98 29.72 13.25
C GLU G 177 39.73 28.87 13.50
N GLU G 178 39.90 27.66 14.00
CA GLU G 178 38.80 26.76 14.30
C GLU G 178 37.87 26.64 13.09
N TYR G 179 38.45 26.18 11.98
CA TYR G 179 37.68 26.03 10.75
C TYR G 179 36.51 25.06 10.97
N SER G 180 36.76 23.96 11.67
CA SER G 180 35.69 23.02 12.00
C SER G 180 34.84 23.50 13.17
N GLY G 181 35.32 24.46 13.96
CA GLY G 181 34.58 24.94 15.10
C GLY G 181 33.55 26.00 14.79
N GLU G 182 33.56 26.56 13.58
CA GLU G 182 32.57 27.55 13.18
C GLU G 182 31.26 26.92 12.72
N GLU G 183 31.24 25.62 12.46
CA GLU G 183 30.05 24.94 11.96
C GLU G 183 29.20 24.35 13.08
N LYS G 184 29.61 24.48 14.33
CA LYS G 184 28.96 23.72 15.40
C LYS G 184 27.47 24.00 15.45
N THR G 185 27.07 25.27 15.30
CA THR G 185 25.66 25.59 15.36
C THR G 185 24.88 24.80 14.33
N TRP G 186 25.39 24.74 13.09
CA TRP G 186 24.71 23.96 12.07
C TRP G 186 24.53 22.52 12.53
N MET G 187 25.57 21.95 13.14
CA MET G 187 25.45 20.59 13.66
C MET G 187 24.26 20.49 14.59
N TRP G 188 24.13 21.44 15.52
CA TRP G 188 22.98 21.45 16.42
C TRP G 188 21.69 21.32 15.63
N TRP G 189 21.57 22.12 14.56
CA TRP G 189 20.39 22.03 13.72
C TRP G 189 20.32 20.67 13.04
N HIS G 190 21.43 20.24 12.43
CA HIS G 190 21.39 19.03 11.62
C HIS G 190 20.96 17.83 12.44
N ASN G 191 21.49 17.70 13.65
CA ASN G 191 21.04 16.63 14.53
C ASN G 191 19.55 16.74 14.80
N PHE G 192 19.09 17.94 15.16
CA PHE G 192 17.70 18.09 15.59
C PHE G 192 16.73 17.63 14.50
N ARG G 193 16.88 18.16 13.29
CA ARG G 193 15.98 17.74 12.22
C ARG G 193 16.15 16.27 11.90
N THR G 194 17.35 15.71 12.13
CA THR G 194 17.52 14.28 11.98
C THR G 194 16.69 13.51 12.99
N LEU G 195 16.66 13.99 14.24
CA LEU G 195 15.86 13.33 15.26
C LEU G 195 14.38 13.34 14.91
N CYS G 196 13.88 14.47 14.42
CA CYS G 196 12.48 14.60 14.04
C CYS G 196 12.19 14.03 12.66
N ASP G 197 13.18 13.42 12.02
CA ASP G 197 12.96 12.69 10.76
C ASP G 197 12.59 13.64 9.62
N TYR G 198 13.33 14.74 9.51
CA TYR G 198 13.17 15.68 8.40
C TYR G 198 11.72 16.12 8.26
N SER G 199 11.05 16.31 9.39
CA SER G 199 9.65 16.69 9.34
C SER G 199 9.49 17.97 8.54
N LYS G 200 8.48 18.00 7.67
CA LYS G 200 8.25 19.18 6.85
C LYS G 200 7.70 20.34 7.65
N ARG G 201 7.32 20.12 8.91
CA ARG G 201 6.79 21.18 9.75
C ARG G 201 7.84 21.87 10.60
N ILE G 202 9.11 21.53 10.43
CA ILE G 202 10.21 22.13 11.18
C ILE G 202 11.03 22.98 10.23
N ALA G 203 11.28 24.22 10.61
CA ALA G 203 12.06 25.15 9.80
C ALA G 203 12.99 25.92 10.71
N VAL G 204 13.95 26.58 10.10
CA VAL G 204 14.97 27.32 10.84
C VAL G 204 14.60 28.79 10.88
N ALA G 205 14.95 29.45 11.98
CA ALA G 205 14.90 30.90 12.09
C ALA G 205 16.26 31.32 12.66
N LEU G 206 17.25 31.46 11.77
CA LEU G 206 18.61 31.73 12.22
C LEU G 206 18.74 33.18 12.67
N GLU G 207 19.62 33.38 13.65
CA GLU G 207 19.88 34.71 14.20
C GLU G 207 21.23 35.21 13.67
N ILE G 208 21.22 36.40 13.08
CA ILE G 208 22.40 36.88 12.36
C ILE G 208 23.55 37.13 13.33
N GLY G 209 23.28 37.84 14.42
CA GLY G 209 24.33 38.19 15.36
C GLY G 209 25.20 39.32 14.84
N ALA G 210 26.15 39.74 15.68
CA ALA G 210 26.98 40.89 15.35
C ALA G 210 28.00 40.56 14.28
N ASP G 211 28.63 39.39 14.37
CA ASP G 211 29.72 39.01 13.48
C ASP G 211 29.31 37.79 12.66
N LEU G 212 29.69 37.81 11.37
CA LEU G 212 29.35 36.70 10.47
C LEU G 212 30.45 35.65 10.50
N PRO G 213 30.09 34.37 10.26
CA PRO G 213 31.12 33.34 10.14
C PRO G 213 31.71 33.27 8.75
N SER G 214 32.56 32.28 8.49
CA SER G 214 33.18 32.14 7.18
C SER G 214 32.12 31.99 6.10
N ASN G 215 32.42 32.52 4.92
CA ASN G 215 31.46 32.55 3.83
C ASN G 215 30.93 31.16 3.51
N HIS G 216 31.76 30.12 3.66
CA HIS G 216 31.30 28.77 3.39
C HIS G 216 30.20 28.37 4.35
N VAL G 217 30.29 28.78 5.61
CA VAL G 217 29.24 28.48 6.58
C VAL G 217 27.92 29.10 6.14
N ILE G 218 27.96 30.36 5.70
CA ILE G 218 26.74 31.03 5.27
C ILE G 218 26.17 30.33 4.03
N ASP G 219 27.05 29.94 3.10
CA ASP G 219 26.57 29.24 1.91
C ASP G 219 25.90 27.92 2.29
N ARG G 220 26.48 27.21 3.25
CA ARG G 220 25.85 25.98 3.74
C ARG G 220 24.50 26.26 4.36
N TRP G 221 24.42 27.31 5.18
CA TRP G 221 23.16 27.64 5.83
C TRP G 221 22.08 27.95 4.81
N LEU G 222 22.43 28.66 3.75
CA LEU G 222 21.44 29.05 2.75
C LEU G 222 20.80 27.86 2.06
N GLY G 223 21.38 26.67 2.16
CA GLY G 223 20.76 25.48 1.62
C GLY G 223 19.72 24.85 2.52
N GLU G 224 19.64 25.29 3.78
CA GLU G 224 18.69 24.75 4.73
C GLU G 224 17.33 25.41 4.55
N PRO G 225 16.26 24.80 5.08
CA PRO G 225 14.92 25.39 4.93
C PRO G 225 14.68 26.57 5.88
N ILE G 226 15.28 27.70 5.54
CA ILE G 226 15.18 28.90 6.36
C ILE G 226 13.84 29.57 6.06
N LYS G 227 13.06 29.83 7.11
CA LYS G 227 11.79 30.54 6.98
C LYS G 227 11.84 31.96 7.53
N ALA G 228 12.63 32.20 8.58
CA ALA G 228 12.75 33.52 9.16
C ALA G 228 14.20 33.81 9.46
N ALA G 229 14.51 35.09 9.59
CA ALA G 229 15.84 35.57 9.96
C ALA G 229 15.68 36.62 11.05
N ILE G 230 16.36 36.41 12.17
CA ILE G 230 16.26 37.29 13.33
C ILE G 230 17.36 38.34 13.22
N LEU G 231 16.97 39.61 13.21
CA LEU G 231 17.91 40.72 13.18
C LEU G 231 17.88 41.43 14.52
N PRO G 232 18.88 41.26 15.38
CA PRO G 232 18.95 42.11 16.57
C PRO G 232 19.18 43.56 16.17
N THR G 233 18.57 44.47 16.94
CA THR G 233 18.79 45.88 16.68
C THR G 233 20.20 46.33 17.04
N SER G 234 20.96 45.48 17.74
CA SER G 234 22.31 45.85 18.14
C SER G 234 23.34 45.69 17.02
N ILE G 235 22.98 44.98 15.94
CA ILE G 235 23.93 44.81 14.85
C ILE G 235 23.94 45.99 13.90
N PHE G 236 22.89 46.80 13.91
CA PHE G 236 22.82 47.93 12.99
C PHE G 236 23.86 48.99 13.36
N LEU G 237 24.61 49.44 12.38
CA LEU G 237 25.55 50.53 12.59
C LEU G 237 24.84 51.87 12.49
N THR G 238 25.50 52.91 13.00
CA THR G 238 24.96 54.26 12.96
C THR G 238 25.72 55.05 11.90
N ASN G 239 24.98 55.65 10.97
CA ASN G 239 25.58 56.48 9.95
C ASN G 239 25.77 57.90 10.47
N LYS G 240 26.42 58.73 9.66
CA LYS G 240 26.71 60.10 10.08
C LYS G 240 25.45 60.89 10.40
N LYS G 241 24.31 60.50 9.85
CA LYS G 241 23.04 61.16 10.13
C LYS G 241 22.31 60.56 11.32
N GLY G 242 22.91 59.56 11.98
CA GLY G 242 22.31 58.96 13.15
C GLY G 242 21.31 57.86 12.89
N PHE G 243 21.12 57.46 11.64
CA PHE G 243 20.18 56.40 11.30
C PHE G 243 20.86 55.05 11.37
N PRO G 244 20.09 53.98 11.55
CA PRO G 244 20.68 52.64 11.53
C PRO G 244 21.01 52.19 10.12
N VAL G 245 22.12 51.45 10.02
CA VAL G 245 22.57 50.88 8.75
C VAL G 245 23.30 49.58 9.05
N LEU G 246 23.63 48.84 7.98
CA LEU G 246 24.29 47.56 8.09
C LEU G 246 25.62 47.59 7.34
N SER G 247 26.55 46.76 7.79
CA SER G 247 27.84 46.65 7.12
C SER G 247 27.68 45.98 5.76
N LYS G 248 28.76 46.03 4.97
CA LYS G 248 28.70 45.48 3.62
C LYS G 248 28.43 43.98 3.64
N MET G 249 29.10 43.24 4.54
CA MET G 249 28.84 41.81 4.63
C MET G 249 27.40 41.54 5.04
N HIS G 250 26.90 42.30 6.01
CA HIS G 250 25.51 42.14 6.41
C HIS G 250 24.58 42.46 5.25
N GLN G 251 24.89 43.49 4.47
CA GLN G 251 24.05 43.83 3.33
C GLN G 251 24.03 42.70 2.31
N ARG G 252 25.20 42.11 2.03
CA ARG G 252 25.24 40.98 1.09
C ARG G 252 24.43 39.80 1.61
N LEU G 253 24.57 39.49 2.90
CA LEU G 253 23.79 38.40 3.47
C LEU G 253 22.30 38.69 3.39
N ILE G 254 21.90 39.94 3.63
CA ILE G 254 20.50 40.30 3.54
C ILE G 254 20.00 40.15 2.12
N PHE G 255 20.81 40.53 1.13
CA PHE G 255 20.42 40.34 -0.26
C PHE G 255 20.19 38.87 -0.56
N ARG G 256 21.15 38.02 -0.14
CA ARG G 256 21.01 36.59 -0.40
C ARG G 256 19.75 36.03 0.25
N LEU G 257 19.48 36.45 1.49
CA LEU G 257 18.29 35.98 2.18
C LEU G 257 17.03 36.46 1.47
N LEU G 258 17.01 37.73 1.07
CA LEU G 258 15.85 38.25 0.34
C LEU G 258 15.59 37.43 -0.91
N LYS G 259 16.66 36.97 -1.57
CA LYS G 259 16.47 36.12 -2.73
C LYS G 259 15.75 34.82 -2.38
N LEU G 260 15.75 34.43 -1.10
CA LEU G 260 15.06 33.23 -0.66
C LEU G 260 13.65 33.48 -0.15
N GLU G 261 13.19 34.74 -0.14
CA GLU G 261 11.85 35.07 0.35
C GLU G 261 11.69 34.67 1.81
N VAL G 262 12.65 35.11 2.64
CA VAL G 262 12.60 34.82 4.07
C VAL G 262 11.82 35.92 4.77
N GLN G 263 11.35 35.62 5.98
CA GLN G 263 10.62 36.58 6.80
C GLN G 263 11.58 37.19 7.83
N PHE G 264 11.71 38.51 7.82
CA PHE G 264 12.63 39.19 8.71
C PHE G 264 11.92 39.55 10.02
N ILE G 265 12.58 39.25 11.14
CA ILE G 265 12.06 39.54 12.47
C ILE G 265 13.04 40.45 13.18
N ILE G 266 12.66 41.70 13.38
CA ILE G 266 13.49 42.63 14.12
C ILE G 266 13.30 42.39 15.61
N THR G 267 14.39 42.23 16.34
CA THR G 267 14.33 41.94 17.76
C THR G 267 15.27 42.86 18.52
N GLY G 268 14.94 43.11 19.78
CA GLY G 268 15.76 43.96 20.63
C GLY G 268 15.07 45.25 21.01
N THR G 269 15.86 46.28 21.29
CA THR G 269 15.34 47.57 21.71
C THR G 269 15.88 48.66 20.79
N ASN G 270 15.22 49.81 20.81
CA ASN G 270 15.61 50.93 19.95
C ASN G 270 16.87 51.59 20.47
N HIS G 271 18.03 51.09 20.06
CA HIS G 271 19.28 51.70 20.50
C HIS G 271 19.42 53.12 19.99
N HIS G 272 18.99 53.38 18.75
CA HIS G 272 19.00 54.72 18.19
C HIS G 272 17.75 55.46 18.67
N SER G 273 17.78 55.83 19.96
CA SER G 273 16.62 56.45 20.58
C SER G 273 16.24 57.75 19.91
N GLU G 274 17.22 58.49 19.38
CA GLU G 274 16.93 59.77 18.75
C GLU G 274 15.95 59.60 17.59
N LYS G 275 16.03 58.48 16.89
CA LYS G 275 15.12 58.19 15.79
C LYS G 275 13.98 57.31 16.30
N GLU G 276 13.12 56.86 15.39
CA GLU G 276 12.02 55.97 15.71
C GLU G 276 12.38 54.53 15.36
N PHE G 277 11.67 53.60 15.99
CA PHE G 277 11.93 52.19 15.72
C PHE G 277 11.66 51.87 14.25
N CYS G 278 10.66 52.51 13.65
CA CYS G 278 10.36 52.26 12.25
C CYS G 278 11.58 52.51 11.37
N SER G 279 12.50 53.36 11.82
CA SER G 279 13.70 53.63 11.04
C SER G 279 14.42 52.34 10.68
N TYR G 280 14.41 51.36 11.59
CA TYR G 280 14.99 50.06 11.25
C TYR G 280 14.28 49.45 10.06
N LEU G 281 12.96 49.31 10.17
CA LEU G 281 12.20 48.65 9.11
C LEU G 281 12.38 49.37 7.79
N GLN G 282 12.30 50.70 7.80
CA GLN G 282 12.49 51.47 6.59
C GLN G 282 13.78 51.07 5.90
N TYR G 283 14.86 50.90 6.67
CA TYR G 283 16.14 50.56 6.05
C TYR G 283 16.01 49.26 5.27
N LEU G 284 15.35 48.25 5.85
CA LEU G 284 15.16 47.00 5.11
C LEU G 284 14.42 47.26 3.81
N GLU G 285 13.40 48.12 3.84
CA GLU G 285 12.72 48.49 2.60
C GLU G 285 13.72 49.05 1.60
N TYR G 286 14.60 49.96 2.07
CA TYR G 286 15.61 50.50 1.17
C TYR G 286 16.50 49.40 0.61
N LEU G 287 16.75 48.35 1.38
CA LEU G 287 17.47 47.21 0.84
C LEU G 287 16.56 46.35 -0.03
N SER G 288 15.28 46.24 0.32
CA SER G 288 14.36 45.48 -0.50
C SER G 288 14.33 46.01 -1.92
N GLN G 289 14.11 47.32 -2.05
CA GLN G 289 14.29 47.99 -3.32
C GLN G 289 15.78 48.21 -3.57
N ASN G 290 16.12 48.53 -4.81
CA ASN G 290 17.48 48.76 -5.29
C ASN G 290 18.26 47.45 -5.47
N ARG G 291 17.71 46.31 -5.05
CA ARG G 291 18.41 45.06 -5.28
C ARG G 291 18.32 44.68 -6.76
N PRO G 292 19.28 43.91 -7.27
CA PRO G 292 19.28 43.55 -8.68
C PRO G 292 17.93 43.00 -9.11
N PRO G 293 17.22 43.68 -10.01
CA PRO G 293 15.91 43.19 -10.41
C PRO G 293 16.03 41.85 -11.11
N PRO G 294 15.00 41.00 -11.01
CA PRO G 294 15.09 39.67 -11.62
C PRO G 294 15.29 39.76 -13.12
N ASN G 295 16.10 38.86 -13.66
CA ASN G 295 16.35 38.80 -15.09
C ASN G 295 15.19 38.10 -15.79
N ALA G 296 15.30 37.97 -17.11
CA ALA G 296 14.24 37.30 -17.86
C ALA G 296 14.07 35.86 -17.41
N TYR G 297 15.17 35.14 -17.19
CA TYR G 297 15.08 33.76 -16.75
C TYR G 297 14.41 33.66 -15.38
N GLU G 298 14.80 34.52 -14.44
CA GLU G 298 14.23 34.46 -13.11
C GLU G 298 12.74 34.78 -13.13
N LEU G 299 12.35 35.78 -13.90
CA LEU G 299 10.93 36.09 -14.04
C LEU G 299 10.18 34.93 -14.65
N PHE G 300 10.76 34.30 -15.68
CA PHE G 300 10.12 33.15 -16.32
C PHE G 300 9.91 32.03 -15.32
N ALA G 301 10.95 31.71 -14.54
CA ALA G 301 10.90 30.59 -13.60
C ALA G 301 10.08 30.88 -12.36
N LYS G 302 9.68 32.14 -12.13
CA LYS G 302 8.94 32.47 -10.93
C LYS G 302 7.67 31.64 -10.85
N GLY G 303 7.42 31.07 -9.68
CA GLY G 303 6.30 30.17 -9.47
C GLY G 303 6.67 28.71 -9.58
N TYR G 304 7.79 28.39 -10.22
CA TYR G 304 8.29 27.02 -10.32
C TYR G 304 9.71 27.03 -9.78
N GLU G 305 9.84 26.90 -8.47
CA GLU G 305 11.13 26.81 -7.81
C GLU G 305 11.05 25.74 -6.74
N ASP G 306 11.99 24.81 -6.75
CA ASP G 306 11.98 23.65 -5.86
C ASP G 306 10.70 22.85 -6.02
N TYR G 307 10.05 22.96 -7.17
CA TYR G 307 8.84 22.20 -7.48
C TYR G 307 9.23 21.05 -8.39
N LEU G 308 9.02 19.82 -7.92
CA LEU G 308 9.43 18.65 -8.67
C LEU G 308 8.37 18.27 -9.69
N GLN G 309 8.81 18.07 -10.93
CA GLN G 309 7.93 17.65 -12.02
C GLN G 309 8.65 16.60 -12.84
N SER G 310 7.90 15.58 -13.27
CA SER G 310 8.51 14.50 -14.03
C SER G 310 8.92 14.99 -15.42
N PRO G 311 10.00 14.44 -15.98
CA PRO G 311 10.43 14.88 -17.32
C PRO G 311 9.44 14.43 -18.39
N LEU G 312 9.43 15.18 -19.49
CA LEU G 312 8.61 14.81 -20.63
C LEU G 312 9.20 13.62 -21.37
N GLN G 313 8.33 12.87 -22.03
CA GLN G 313 8.72 11.72 -22.85
C GLN G 313 7.99 11.80 -24.18
N PRO G 314 8.36 12.75 -25.03
CA PRO G 314 7.59 12.95 -26.28
C PRO G 314 7.53 11.73 -27.16
N LEU G 315 8.52 10.84 -27.09
CA LEU G 315 8.50 9.65 -27.94
C LEU G 315 7.30 8.77 -27.62
N MET G 316 7.00 8.57 -26.34
CA MET G 316 5.94 7.64 -25.97
C MET G 316 4.56 8.28 -26.10
N ASP G 317 4.39 9.48 -25.54
CA ASP G 317 3.10 10.16 -25.51
C ASP G 317 3.19 11.49 -26.23
N ASN G 318 2.05 11.94 -26.74
CA ASN G 318 1.98 13.17 -27.51
C ASN G 318 1.80 14.37 -26.59
N LEU G 319 2.51 15.44 -26.90
CA LEU G 319 2.43 16.66 -26.13
C LEU G 319 1.15 17.44 -26.49
N GLU G 320 0.81 18.39 -25.62
CA GLU G 320 -0.35 19.24 -25.84
C GLU G 320 0.05 20.50 -26.59
N SER G 321 -0.95 21.29 -26.96
CA SER G 321 -0.68 22.55 -27.65
C SER G 321 0.04 23.53 -26.73
N GLN G 322 -0.32 23.54 -25.45
CA GLN G 322 0.31 24.48 -24.51
C GLN G 322 1.80 24.19 -24.36
N THR G 323 2.19 22.92 -24.35
CA THR G 323 3.60 22.58 -24.26
C THR G 323 4.37 23.15 -25.44
N TYR G 324 3.86 22.95 -26.65
CA TYR G 324 4.53 23.51 -27.82
C TYR G 324 4.54 25.03 -27.76
N GLU G 325 3.47 25.62 -27.22
CA GLU G 325 3.42 27.08 -27.13
C GLU G 325 4.52 27.60 -26.22
N VAL G 326 4.70 26.97 -25.05
CA VAL G 326 5.74 27.42 -24.13
C VAL G 326 7.12 27.17 -24.72
N PHE G 327 7.28 26.08 -25.48
CA PHE G 327 8.54 25.87 -26.18
C PHE G 327 8.87 27.05 -27.10
N GLU G 328 7.84 27.66 -27.68
CA GLU G 328 8.06 28.76 -28.62
C GLU G 328 8.42 30.07 -27.92
N LYS G 329 8.15 30.19 -26.62
CA LYS G 329 8.42 31.44 -25.93
C LYS G 329 9.91 31.76 -25.85
N ASP G 330 10.77 30.79 -26.09
CA ASP G 330 12.22 31.00 -26.01
C ASP G 330 12.73 31.40 -27.40
N PRO G 331 13.23 32.62 -27.59
CA PRO G 331 13.74 33.00 -28.91
C PRO G 331 15.21 32.65 -29.09
N ILE G 332 15.93 32.50 -27.98
CA ILE G 332 17.37 32.27 -28.05
C ILE G 332 17.68 30.95 -28.73
N LYS G 333 16.94 29.90 -28.37
CA LYS G 333 17.22 28.58 -28.93
C LYS G 333 17.05 28.58 -30.44
N TYR G 334 15.95 29.16 -30.93
CA TYR G 334 15.70 29.15 -32.36
C TYR G 334 16.61 30.12 -33.10
N SER G 335 17.00 31.22 -32.46
CA SER G 335 18.01 32.08 -33.08
C SER G 335 19.32 31.33 -33.25
N GLN G 336 19.72 30.56 -32.24
CA GLN G 336 20.95 29.79 -32.35
C GLN G 336 20.84 28.72 -33.43
N TYR G 337 19.69 28.04 -33.51
CA TYR G 337 19.49 27.05 -34.55
C TYR G 337 19.59 27.70 -35.93
N GLN G 338 18.97 28.87 -36.09
CA GLN G 338 19.04 29.58 -37.36
C GLN G 338 20.47 29.96 -37.69
N GLN G 339 21.24 30.42 -36.70
CA GLN G 339 22.63 30.77 -36.95
C GLN G 339 23.44 29.55 -37.38
N ALA G 340 23.22 28.41 -36.72
CA ALA G 340 23.93 27.19 -37.10
C ALA G 340 23.58 26.77 -38.51
N ILE G 341 22.29 26.84 -38.86
CA ILE G 341 21.87 26.49 -40.22
C ILE G 341 22.52 27.42 -41.22
N TYR G 342 22.55 28.72 -40.91
CA TYR G 342 23.16 29.70 -41.80
C TYR G 342 24.62 29.37 -42.05
N LYS G 343 25.36 29.09 -40.98
CA LYS G 343 26.79 28.76 -41.13
C LYS G 343 26.97 27.50 -41.95
N CYS G 344 26.18 26.46 -41.66
CA CYS G 344 26.32 25.20 -42.39
C CYS G 344 26.01 25.39 -43.87
N LEU G 345 24.95 26.13 -44.18
CA LEU G 345 24.61 26.37 -45.58
C LEU G 345 25.71 27.14 -46.29
N LEU G 346 26.25 28.17 -45.64
CA LEU G 346 27.34 28.92 -46.26
C LEU G 346 28.53 28.02 -46.53
N ASP G 347 28.89 27.18 -45.57
CA ASP G 347 30.07 26.32 -45.75
C ASP G 347 29.85 25.29 -46.84
N ARG G 348 28.66 24.70 -46.92
CA ARG G 348 28.43 23.61 -47.85
C ARG G 348 28.27 24.09 -49.29
N VAL G 349 27.64 25.23 -49.50
CA VAL G 349 27.31 25.73 -50.84
C VAL G 349 28.21 26.92 -51.14
N PRO G 350 29.16 26.80 -52.05
CA PRO G 350 29.95 27.97 -52.45
C PRO G 350 29.13 28.94 -53.29
N GLU G 351 29.64 30.17 -53.40
CA GLU G 351 28.90 31.22 -54.08
C GLU G 351 28.65 30.86 -55.54
N GLU G 352 29.65 30.32 -56.23
CA GLU G 352 29.47 29.95 -57.63
C GLU G 352 28.36 28.92 -57.81
N GLU G 353 28.05 28.15 -56.77
CA GLU G 353 26.98 27.16 -56.82
C GLU G 353 25.74 27.63 -56.06
N LYS G 354 25.64 28.92 -55.73
CA LYS G 354 24.50 29.40 -54.97
C LYS G 354 23.19 29.09 -55.68
N ASP G 355 23.22 28.95 -57.00
CA ASP G 355 22.07 28.53 -57.77
C ASP G 355 22.38 27.20 -58.44
N THR G 356 21.31 26.49 -58.82
CA THR G 356 21.39 25.16 -59.44
C THR G 356 21.87 24.11 -58.46
N ASN G 357 21.95 24.42 -57.16
CA ASN G 357 22.40 23.47 -56.15
C ASN G 357 21.45 23.62 -54.96
N VAL G 358 20.52 22.68 -54.84
CA VAL G 358 19.51 22.71 -53.78
C VAL G 358 19.93 21.71 -52.72
N GLN G 359 20.15 22.20 -51.51
CA GLN G 359 20.52 21.34 -50.39
C GLN G 359 19.28 20.74 -49.75
N VAL G 360 19.25 19.42 -49.65
CA VAL G 360 18.12 18.73 -49.04
C VAL G 360 18.29 18.79 -47.53
N LEU G 361 17.35 19.45 -46.85
CA LEU G 361 17.37 19.61 -45.41
C LEU G 361 16.22 18.83 -44.81
N MET G 362 16.45 18.24 -43.64
CA MET G 362 15.44 17.49 -42.92
C MET G 362 15.30 18.03 -41.51
N VAL G 363 14.06 18.25 -41.09
CA VAL G 363 13.75 18.63 -39.72
C VAL G 363 12.97 17.47 -39.10
N LEU G 364 13.51 16.88 -38.06
CA LEU G 364 12.91 15.74 -37.40
C LEU G 364 12.26 16.18 -36.09
N GLY G 365 11.02 15.76 -35.89
CA GLY G 365 10.26 16.26 -34.76
C GLY G 365 9.99 17.74 -34.88
N ALA G 366 9.45 18.14 -36.04
CA ALA G 366 9.23 19.57 -36.30
C ALA G 366 8.23 20.19 -35.34
N GLY G 367 7.46 19.38 -34.63
CA GLY G 367 6.48 19.95 -33.72
C GLY G 367 5.47 20.81 -34.47
N ARG G 368 5.24 22.01 -33.96
CA ARG G 368 4.30 22.93 -34.58
C ARG G 368 4.94 23.79 -35.66
N GLY G 369 6.22 23.60 -35.94
CA GLY G 369 6.87 24.23 -37.07
C GLY G 369 7.86 25.36 -36.79
N PRO G 370 8.18 25.66 -35.52
CA PRO G 370 9.15 26.74 -35.30
C PRO G 370 10.52 26.44 -35.91
N LEU G 371 10.93 25.17 -35.86
CA LEU G 371 12.20 24.79 -36.49
C LEU G 371 12.15 25.00 -37.99
N VAL G 372 11.02 24.68 -38.62
CA VAL G 372 10.91 24.85 -40.06
C VAL G 372 10.99 26.33 -40.43
N ASN G 373 10.32 27.18 -39.67
CA ASN G 373 10.42 28.62 -39.91
C ASN G 373 11.85 29.10 -39.73
N ALA G 374 12.53 28.62 -38.69
CA ALA G 374 13.92 29.01 -38.48
C ALA G 374 14.78 28.58 -39.65
N SER G 375 14.59 27.36 -40.15
CA SER G 375 15.37 26.88 -41.28
C SER G 375 15.11 27.72 -42.52
N LEU G 376 13.84 28.03 -42.79
CA LEU G 376 13.52 28.84 -43.96
C LEU G 376 14.14 30.23 -43.86
N ARG G 377 14.07 30.84 -42.68
CA ARG G 377 14.66 32.17 -42.51
C ARG G 377 16.18 32.12 -42.63
N ALA G 378 16.80 31.06 -42.11
CA ALA G 378 18.23 30.89 -42.29
C ALA G 378 18.60 30.77 -43.76
N ALA G 379 17.82 29.98 -44.51
CA ALA G 379 18.09 29.85 -45.94
C ALA G 379 17.93 31.20 -46.64
N LYS G 380 16.90 31.96 -46.29
CA LYS G 380 16.69 33.26 -46.92
C LYS G 380 17.84 34.20 -46.62
N GLN G 381 18.32 34.23 -45.37
CA GLN G 381 19.42 35.12 -45.05
C GLN G 381 20.71 34.66 -45.68
N ALA G 382 20.89 33.34 -45.84
CA ALA G 382 22.08 32.81 -46.49
C ALA G 382 22.01 32.86 -48.01
N ASP G 383 20.83 33.17 -48.57
CA ASP G 383 20.66 33.25 -50.01
C ASP G 383 21.08 31.95 -50.69
N ARG G 384 20.56 30.83 -50.18
CA ARG G 384 20.80 29.53 -50.76
C ARG G 384 19.46 28.80 -50.92
N ARG G 385 19.39 27.94 -51.93
CA ARG G 385 18.18 27.21 -52.25
C ARG G 385 18.21 25.86 -51.53
N ILE G 386 17.06 25.46 -50.98
CA ILE G 386 16.95 24.24 -50.18
C ILE G 386 15.59 23.61 -50.41
N LYS G 387 15.40 22.43 -49.80
CA LYS G 387 14.12 21.74 -49.80
C LYS G 387 14.01 20.95 -48.49
N LEU G 388 12.89 21.10 -47.80
CA LEU G 388 12.73 20.55 -46.47
C LEU G 388 11.82 19.33 -46.48
N TYR G 389 12.05 18.44 -45.53
CA TYR G 389 11.18 17.32 -45.22
C TYR G 389 10.87 17.36 -43.73
N ALA G 390 9.72 17.91 -43.37
CA ALA G 390 9.31 17.98 -41.96
C ALA G 390 8.74 16.64 -41.55
N VAL G 391 9.34 16.03 -40.53
CA VAL G 391 8.93 14.73 -40.03
C VAL G 391 8.39 14.90 -38.62
N GLU G 392 7.18 14.39 -38.38
CA GLU G 392 6.55 14.50 -37.07
C GLU G 392 5.66 13.29 -36.86
N LYS G 393 5.78 12.67 -35.69
CA LYS G 393 4.95 11.52 -35.36
C LYS G 393 3.63 11.92 -34.72
N ASN G 394 3.62 13.00 -33.95
CA ASN G 394 2.41 13.46 -33.27
C ASN G 394 1.35 13.83 -34.30
N PRO G 395 0.27 13.06 -34.43
CA PRO G 395 -0.73 13.38 -35.47
C PRO G 395 -1.31 14.77 -35.36
N ASN G 396 -1.52 15.28 -34.13
CA ASN G 396 -2.08 16.61 -33.98
C ASN G 396 -1.08 17.68 -34.43
N ALA G 397 0.19 17.54 -34.03
CA ALA G 397 1.22 18.41 -34.56
C ALA G 397 1.30 18.28 -36.08
N VAL G 398 1.05 17.09 -36.61
CA VAL G 398 1.02 16.92 -38.05
C VAL G 398 -0.12 17.75 -38.66
N VAL G 399 -1.27 17.77 -38.01
CA VAL G 399 -2.38 18.58 -38.51
C VAL G 399 -2.00 20.05 -38.52
N THR G 400 -1.39 20.52 -37.43
CA THR G 400 -0.96 21.91 -37.37
C THR G 400 0.05 22.22 -38.47
N LEU G 401 1.02 21.32 -38.67
CA LEU G 401 2.01 21.52 -39.71
C LEU G 401 1.36 21.56 -41.09
N GLU G 402 0.41 20.66 -41.35
CA GLU G 402 -0.24 20.64 -42.65
C GLU G 402 -0.99 21.94 -42.90
N ASN G 403 -1.70 22.43 -41.89
CA ASN G 403 -2.41 23.69 -42.06
C ASN G 403 -1.44 24.85 -42.29
N TRP G 404 -0.32 24.87 -41.54
CA TRP G 404 0.69 25.88 -41.77
C TRP G 404 1.34 25.74 -43.14
N GLN G 405 1.29 24.54 -43.72
CA GLN G 405 1.95 24.27 -44.99
C GLN G 405 1.08 24.65 -46.18
N PHE G 406 -0.24 24.46 -46.05
CA PHE G 406 -1.12 24.76 -47.17
C PHE G 406 -1.04 26.23 -47.57
N GLU G 407 -0.82 27.13 -46.60
CA GLU G 407 -0.63 28.54 -46.88
C GLU G 407 0.61 29.02 -46.13
N GLU G 408 1.22 30.08 -46.67
CA GLU G 408 2.42 30.71 -46.13
C GLU G 408 3.65 29.83 -46.29
N TRP G 409 3.51 28.62 -46.83
CA TRP G 409 4.66 27.75 -47.10
C TRP G 409 4.50 27.21 -48.51
N GLY G 410 5.52 27.43 -49.35
CA GLY G 410 5.46 26.93 -50.70
C GLY G 410 5.54 25.42 -50.75
N SER G 411 5.98 24.89 -51.89
CA SER G 411 6.23 23.46 -52.01
C SER G 411 7.54 23.03 -51.37
N GLN G 412 8.33 23.97 -50.87
CA GLN G 412 9.59 23.62 -50.24
C GLN G 412 9.38 22.62 -49.11
N VAL G 413 8.48 22.93 -48.19
CA VAL G 413 8.22 22.06 -47.05
C VAL G 413 7.41 20.87 -47.52
N THR G 414 7.73 19.69 -46.97
CA THR G 414 7.03 18.45 -47.29
C THR G 414 6.73 17.74 -45.98
N VAL G 415 5.57 18.05 -45.40
CA VAL G 415 5.21 17.47 -44.11
C VAL G 415 5.04 15.97 -44.28
N VAL G 416 5.62 15.21 -43.36
CA VAL G 416 5.54 13.76 -43.35
C VAL G 416 5.05 13.32 -41.99
N SER G 417 4.06 12.42 -41.98
CA SER G 417 3.46 11.92 -40.74
C SER G 417 3.95 10.50 -40.52
N SER G 418 5.11 10.37 -39.87
CA SER G 418 5.68 9.06 -39.59
C SER G 418 6.80 9.22 -38.59
N ASP G 419 7.16 8.11 -37.95
CA ASP G 419 8.31 8.08 -37.06
C ASP G 419 9.58 8.00 -37.89
N MET G 420 10.54 8.90 -37.61
CA MET G 420 11.75 8.93 -38.43
C MET G 420 12.47 7.59 -38.42
N ARG G 421 12.33 6.82 -37.34
CA ARG G 421 12.95 5.50 -37.31
C ARG G 421 12.32 4.54 -38.31
N GLU G 422 11.10 4.82 -38.77
CA GLU G 422 10.41 3.97 -39.72
C GLU G 422 10.23 4.59 -41.09
N TRP G 423 10.27 5.91 -41.19
CA TRP G 423 10.06 6.58 -42.47
C TRP G 423 11.15 6.19 -43.45
N VAL G 424 10.77 6.03 -44.71
CA VAL G 424 11.70 5.69 -45.79
C VAL G 424 11.80 6.92 -46.67
N ALA G 425 12.85 7.71 -46.46
CA ALA G 425 12.99 8.96 -47.19
C ALA G 425 13.21 8.69 -48.67
N PRO G 426 12.58 9.46 -49.56
CA PRO G 426 12.84 9.28 -50.99
C PRO G 426 14.18 9.82 -51.45
N GLU G 427 14.83 10.67 -50.65
CA GLU G 427 16.07 11.31 -51.07
C GLU G 427 16.96 11.48 -49.84
N LYS G 428 18.26 11.26 -50.03
CA LYS G 428 19.22 11.46 -48.96
C LYS G 428 19.28 12.93 -48.57
N ALA G 429 19.56 13.18 -47.30
CA ALA G 429 19.53 14.54 -46.75
C ALA G 429 20.94 15.06 -46.57
N ASP G 430 21.18 16.28 -47.07
CA ASP G 430 22.45 16.94 -46.82
C ASP G 430 22.61 17.28 -45.34
N ILE G 431 21.53 17.74 -44.71
CA ILE G 431 21.54 18.13 -43.30
C ILE G 431 20.32 17.53 -42.63
N ILE G 432 20.43 17.31 -41.33
CA ILE G 432 19.30 16.91 -40.50
C ILE G 432 19.31 17.76 -39.24
N VAL G 433 18.14 18.26 -38.86
CA VAL G 433 17.99 19.16 -37.71
C VAL G 433 17.03 18.52 -36.73
N SER G 434 17.33 18.65 -35.44
CA SER G 434 16.47 18.10 -34.41
C SER G 434 16.66 18.88 -33.12
N GLU G 435 15.68 18.75 -32.23
CA GLU G 435 15.74 19.39 -30.92
C GLU G 435 15.26 18.43 -29.85
N LEU G 436 15.67 17.16 -29.95
CA LEU G 436 15.27 16.15 -28.99
C LEU G 436 16.07 16.24 -27.69
N LEU G 437 16.82 17.31 -27.47
CA LEU G 437 17.59 17.43 -26.23
C LEU G 437 16.67 17.72 -25.05
N GLY G 438 16.91 17.01 -23.95
CA GLY G 438 16.17 17.21 -22.73
C GLY G 438 17.00 17.90 -21.67
N SER G 439 16.44 17.93 -20.46
CA SER G 439 17.16 18.51 -19.33
C SER G 439 18.53 17.85 -19.19
N PHE G 440 18.55 16.53 -19.12
CA PHE G 440 19.77 15.79 -19.31
C PHE G 440 20.09 15.73 -20.80
N ALA G 441 21.33 15.37 -21.11
CA ALA G 441 21.77 15.41 -22.50
C ALA G 441 20.85 14.57 -23.40
N ASP G 442 20.61 13.32 -23.01
CA ASP G 442 19.86 12.36 -23.81
C ASP G 442 18.67 11.81 -23.05
N ASN G 443 17.94 12.69 -22.36
CA ASN G 443 16.80 12.24 -21.58
C ASN G 443 15.63 11.78 -22.44
N GLU G 444 15.55 12.21 -23.70
CA GLU G 444 14.43 11.90 -24.56
C GLU G 444 14.85 11.03 -25.75
N LEU G 445 15.83 10.16 -25.54
CA LEU G 445 16.22 9.18 -26.55
C LEU G 445 16.66 9.83 -27.84
N SER G 446 17.27 11.01 -27.74
CA SER G 446 17.85 11.61 -28.95
C SER G 446 18.86 10.69 -29.61
N PRO G 447 19.75 10.01 -28.89
CA PRO G 447 20.69 9.11 -29.58
C PRO G 447 20.01 8.04 -30.41
N GLU G 448 18.98 7.38 -29.86
CA GLU G 448 18.32 6.31 -30.60
C GLU G 448 17.66 6.85 -31.87
N CYS G 449 16.91 7.94 -31.73
CA CYS G 449 16.22 8.51 -32.89
C CYS G 449 17.21 8.97 -33.94
N LEU G 450 18.30 9.62 -33.53
CA LEU G 450 19.27 10.09 -34.51
C LEU G 450 20.00 8.93 -35.17
N ASP G 451 20.29 7.87 -34.42
CA ASP G 451 20.89 6.69 -35.03
C ASP G 451 19.96 6.07 -36.05
N GLY G 452 18.67 6.02 -35.74
CA GLY G 452 17.71 5.53 -36.72
C GLY G 452 17.65 6.40 -37.96
N ALA G 453 17.68 7.72 -37.78
CA ALA G 453 17.59 8.64 -38.90
C ALA G 453 18.87 8.70 -39.71
N GLN G 454 20.00 8.26 -39.14
CA GLN G 454 21.27 8.34 -39.85
C GLN G 454 21.26 7.55 -41.15
N HIS G 455 20.38 6.57 -41.29
CA HIS G 455 20.43 5.70 -42.46
C HIS G 455 20.14 6.47 -43.75
N PHE G 456 19.32 7.52 -43.68
CA PHE G 456 19.01 8.33 -44.86
C PHE G 456 19.78 9.64 -44.88
N LEU G 457 20.85 9.74 -44.10
CA LEU G 457 21.74 10.89 -44.16
C LEU G 457 22.83 10.62 -45.19
N LYS G 458 23.16 11.66 -45.97
CA LYS G 458 24.18 11.51 -46.99
C LYS G 458 25.51 11.11 -46.37
N ASP G 459 26.44 10.69 -47.23
CA ASP G 459 27.76 10.29 -46.75
C ASP G 459 28.45 11.44 -46.03
N ASP G 460 28.38 12.64 -46.60
CA ASP G 460 28.98 13.84 -46.01
C ASP G 460 27.94 14.70 -45.31
N GLY G 461 26.92 14.08 -44.71
CA GLY G 461 25.86 14.84 -44.09
C GLY G 461 26.31 15.52 -42.81
N VAL G 462 25.51 16.47 -42.37
CA VAL G 462 25.77 17.26 -41.17
C VAL G 462 24.57 17.14 -40.26
N SER G 463 24.81 16.87 -38.98
CA SER G 463 23.77 16.81 -37.96
C SER G 463 23.88 18.06 -37.10
N ILE G 464 22.97 19.00 -37.31
CA ILE G 464 23.01 20.30 -36.65
C ILE G 464 23.05 20.13 -35.14
N PRO G 465 22.28 19.22 -34.53
CA PRO G 465 22.44 19.01 -33.09
C PRO G 465 23.88 18.68 -32.73
N GLY G 466 24.66 18.26 -33.72
CA GLY G 466 26.09 18.15 -33.55
C GLY G 466 26.48 17.24 -32.42
N GLU G 467 26.95 17.82 -31.32
CA GLU G 467 27.37 17.06 -30.15
C GLU G 467 26.64 17.58 -28.93
N TYR G 468 26.45 16.72 -27.93
CA TYR G 468 25.91 17.16 -26.66
C TYR G 468 26.50 16.31 -25.55
N THR G 469 26.75 16.94 -24.41
CA THR G 469 27.35 16.31 -23.26
C THR G 469 26.53 16.63 -22.02
N SER G 470 26.46 15.67 -21.09
CA SER G 470 25.78 15.86 -19.83
C SER G 470 26.79 16.08 -18.72
N PHE G 471 26.38 16.84 -17.70
CA PHE G 471 27.23 17.18 -16.58
C PHE G 471 26.49 16.89 -15.29
N LEU G 472 27.22 16.38 -14.30
CA LEU G 472 26.66 16.07 -12.99
C LEU G 472 27.40 16.85 -11.91
N ALA G 473 26.67 17.25 -10.88
CA ALA G 473 27.27 17.95 -9.76
C ALA G 473 26.53 17.59 -8.48
N PRO G 474 27.22 17.12 -7.45
CA PRO G 474 26.52 16.81 -6.19
C PRO G 474 25.89 18.05 -5.60
N ILE G 475 24.71 17.88 -5.00
CA ILE G 475 24.00 18.98 -4.37
C ILE G 475 23.32 18.47 -3.11
N SER G 476 23.31 19.33 -2.10
CA SER G 476 22.66 19.05 -0.82
C SER G 476 21.55 20.06 -0.62
N SER G 477 20.38 19.58 -0.22
CA SER G 477 19.26 20.48 0.09
C SER G 477 18.20 19.70 0.84
N SER G 478 17.81 20.19 2.01
CA SER G 478 16.75 19.53 2.76
C SER G 478 15.38 19.79 2.12
N LYS G 479 15.22 20.93 1.45
CA LYS G 479 13.93 21.24 0.82
C LYS G 479 13.61 20.21 -0.26
N LEU G 480 14.53 19.98 -1.18
CA LEU G 480 14.28 19.03 -2.26
C LEU G 480 14.12 17.62 -1.72
N TYR G 481 14.93 17.25 -0.73
CA TYR G 481 14.78 15.92 -0.15
C TYR G 481 13.40 15.74 0.46
N ASN G 482 12.94 16.73 1.22
CA ASN G 482 11.62 16.64 1.82
C ASN G 482 10.54 16.58 0.75
N GLU G 483 10.68 17.38 -0.30
CA GLU G 483 9.66 17.38 -1.36
C GLU G 483 9.60 16.01 -2.05
N VAL G 484 10.75 15.46 -2.41
CA VAL G 484 10.76 14.16 -3.09
C VAL G 484 10.24 13.08 -2.17
N ARG G 485 10.54 13.17 -0.87
CA ARG G 485 9.96 12.22 0.08
C ARG G 485 8.45 12.34 0.11
N ALA G 486 7.93 13.56 0.04
CA ALA G 486 6.49 13.77 0.01
C ALA G 486 5.88 13.30 -1.30
N CYS G 487 6.69 13.05 -2.33
CA CYS G 487 6.17 12.57 -3.60
C CYS G 487 5.77 11.10 -3.56
N ARG G 488 5.95 10.43 -2.42
CA ARG G 488 5.54 9.03 -2.32
C ARG G 488 4.05 8.90 -2.60
N GLU G 489 3.70 7.90 -3.41
CA GLU G 489 2.32 7.65 -3.79
C GLU G 489 1.98 6.19 -3.54
N LYS G 490 0.69 5.93 -3.40
CA LYS G 490 0.20 4.57 -3.23
C LYS G 490 0.37 3.79 -4.53
N ASP G 491 0.12 2.48 -4.44
CA ASP G 491 0.11 1.61 -5.61
C ASP G 491 1.48 1.48 -6.26
N ARG G 492 2.55 1.62 -5.48
CA ARG G 492 3.89 1.38 -6.00
C ARG G 492 4.87 1.29 -4.84
N ASP G 493 6.10 0.95 -5.18
CA ASP G 493 7.13 0.78 -4.16
C ASP G 493 7.30 2.07 -3.37
N PRO G 494 7.31 2.01 -2.04
CA PRO G 494 7.45 3.25 -1.26
C PRO G 494 8.75 4.01 -1.53
N GLU G 495 9.79 3.34 -2.00
CA GLU G 495 11.06 4.00 -2.32
C GLU G 495 11.17 4.38 -3.79
N ALA G 496 10.11 4.19 -4.57
CA ALA G 496 10.19 4.49 -5.99
C ALA G 496 10.47 5.96 -6.26
N GLN G 497 9.90 6.86 -5.44
CA GLN G 497 10.09 8.28 -5.68
C GLN G 497 11.55 8.69 -5.66
N PHE G 498 12.40 7.91 -5.00
CA PHE G 498 13.83 8.22 -4.94
C PHE G 498 14.62 7.63 -6.10
N GLU G 499 13.98 6.83 -6.94
CA GLU G 499 14.67 6.14 -8.03
C GLU G 499 14.26 6.68 -9.40
N MET G 500 13.74 7.89 -9.46
CA MET G 500 13.41 8.53 -10.73
C MET G 500 13.91 9.97 -10.70
N PRO G 501 14.33 10.50 -11.85
CA PRO G 501 14.76 11.89 -11.89
C PRO G 501 13.60 12.85 -12.06
N TYR G 502 13.76 14.04 -11.50
CA TYR G 502 12.76 15.09 -11.57
C TYR G 502 13.37 16.33 -12.19
N VAL G 503 12.61 16.98 -13.07
CA VAL G 503 12.99 18.28 -13.60
C VAL G 503 12.58 19.33 -12.57
N VAL G 504 13.54 20.09 -12.07
CA VAL G 504 13.28 21.02 -10.98
C VAL G 504 14.14 22.26 -11.18
N ARG G 505 13.57 23.41 -10.87
CA ARG G 505 14.30 24.67 -10.85
C ARG G 505 14.97 24.80 -9.49
N LEU G 506 16.17 24.23 -9.38
CA LEU G 506 16.89 24.24 -8.12
C LEU G 506 17.10 25.67 -7.62
N HIS G 507 16.43 26.01 -6.52
CA HIS G 507 16.53 27.35 -5.94
C HIS G 507 17.12 27.33 -4.55
N ASN G 508 16.56 26.53 -3.64
CA ASN G 508 17.05 26.43 -2.27
C ASN G 508 17.91 25.19 -2.16
N PHE G 509 19.17 25.33 -2.58
CA PHE G 509 20.08 24.21 -2.61
C PHE G 509 21.52 24.71 -2.51
N HIS G 510 22.42 23.79 -2.20
CA HIS G 510 23.85 24.07 -2.11
C HIS G 510 24.60 23.08 -2.98
N GLN G 511 25.48 23.60 -3.83
CA GLN G 511 26.25 22.77 -4.75
C GLN G 511 27.60 22.45 -4.12
N LEU G 512 27.91 21.17 -4.00
CA LEU G 512 29.11 20.73 -3.28
C LEU G 512 30.37 20.72 -4.14
N SER G 513 30.25 20.86 -5.46
CA SER G 513 31.42 20.83 -6.32
C SER G 513 31.02 21.28 -7.71
N ALA G 514 32.03 21.51 -8.55
CA ALA G 514 31.79 21.93 -9.92
C ALA G 514 31.31 20.74 -10.76
N PRO G 515 30.46 20.98 -11.75
CA PRO G 515 29.99 19.87 -12.58
C PRO G 515 31.12 19.25 -13.39
N GLN G 516 30.96 17.96 -13.68
CA GLN G 516 31.91 17.23 -14.49
C GLN G 516 31.15 16.45 -15.58
N PRO G 517 31.75 16.28 -16.75
CA PRO G 517 31.02 15.65 -17.85
C PRO G 517 30.66 14.20 -17.53
N CYS G 518 29.43 13.83 -17.87
CA CYS G 518 28.93 12.48 -17.61
C CYS G 518 28.91 11.62 -18.87
N PHE G 519 28.19 12.04 -19.90
CA PHE G 519 28.05 11.29 -21.14
C PHE G 519 28.20 12.24 -22.31
N THR G 520 28.72 11.73 -23.43
CA THR G 520 28.89 12.51 -24.65
C THR G 520 28.38 11.71 -25.82
N PHE G 521 27.61 12.37 -26.69
CA PHE G 521 27.11 11.77 -27.92
C PHE G 521 27.42 12.70 -29.09
N SER G 522 27.72 12.09 -30.23
CA SER G 522 27.98 12.83 -31.45
C SER G 522 27.29 12.12 -32.60
N HIS G 523 26.88 12.89 -33.60
CA HIS G 523 26.20 12.34 -34.76
C HIS G 523 26.80 12.91 -36.04
N PRO G 524 26.83 12.10 -37.10
CA PRO G 524 26.41 10.70 -37.20
C PRO G 524 27.43 9.75 -36.58
N ASN G 525 26.99 8.59 -36.09
CA ASN G 525 27.89 7.58 -35.54
C ASN G 525 28.31 6.64 -36.67
N ARG G 526 29.24 7.12 -37.49
CA ARG G 526 29.68 6.36 -38.65
C ARG G 526 30.46 5.11 -38.27
N ASP G 527 30.91 4.99 -37.02
CA ASP G 527 31.61 3.80 -36.59
C ASP G 527 30.63 2.62 -36.55
N PRO G 528 31.14 1.39 -36.68
CA PRO G 528 30.26 0.23 -36.59
C PRO G 528 29.79 -0.02 -35.18
N MET G 529 28.95 -1.04 -34.98
CA MET G 529 28.44 -1.40 -33.66
C MET G 529 28.05 -0.14 -32.90
N ILE G 530 27.02 0.53 -33.41
CA ILE G 530 26.48 1.74 -32.79
C ILE G 530 25.68 1.31 -31.57
N ASP G 531 26.24 1.52 -30.38
CA ASP G 531 25.61 1.16 -29.12
C ASP G 531 25.52 2.41 -28.26
N ASN G 532 24.46 2.50 -27.45
CA ASN G 532 24.23 3.67 -26.63
C ASN G 532 24.35 3.37 -25.15
N ASN G 533 24.60 2.12 -24.77
CA ASN G 533 24.87 1.81 -23.38
C ASN G 533 26.16 2.49 -22.95
N ARG G 534 26.18 3.00 -21.72
CA ARG G 534 27.34 3.75 -21.27
C ARG G 534 27.51 3.58 -19.77
N TYR G 535 28.76 3.80 -19.32
CA TYR G 535 29.12 3.66 -17.93
C TYR G 535 30.17 4.71 -17.60
N CYS G 536 29.91 5.52 -16.57
CA CYS G 536 30.80 6.62 -16.22
C CYS G 536 31.02 6.65 -14.72
N THR G 537 32.19 7.16 -14.32
CA THR G 537 32.57 7.29 -12.93
C THR G 537 33.08 8.70 -12.69
N LEU G 538 32.61 9.33 -11.61
CA LEU G 538 32.94 10.73 -11.32
C LEU G 538 33.38 10.87 -9.87
N GLU G 539 34.48 11.57 -9.66
CA GLU G 539 34.97 11.90 -8.33
C GLU G 539 34.86 13.41 -8.12
N PHE G 540 34.25 13.81 -7.01
CA PHE G 540 34.04 15.21 -6.69
C PHE G 540 34.71 15.53 -5.37
N PRO G 541 35.73 16.39 -5.34
CA PRO G 541 36.27 16.85 -4.05
C PRO G 541 35.24 17.67 -3.29
N VAL G 542 35.32 17.61 -1.96
CA VAL G 542 34.43 18.33 -1.07
C VAL G 542 35.27 19.14 -0.10
N GLU G 543 34.92 20.41 0.08
CA GLU G 543 35.69 21.33 0.91
C GLU G 543 34.99 21.71 2.21
N VAL G 544 33.83 21.14 2.50
CA VAL G 544 33.10 21.48 3.73
C VAL G 544 32.26 20.28 4.14
N ASN G 545 32.14 20.07 5.45
CA ASN G 545 31.22 19.06 5.96
C ASN G 545 29.81 19.38 5.47
N THR G 546 29.12 18.38 4.95
CA THR G 546 27.82 18.59 4.33
C THR G 546 27.04 17.28 4.38
N VAL G 547 25.84 17.29 3.82
CA VAL G 547 24.99 16.12 3.72
C VAL G 547 24.50 16.04 2.28
N LEU G 548 25.18 15.24 1.47
CA LEU G 548 24.78 15.06 0.08
C LEU G 548 23.36 14.50 0.01
N HIS G 549 22.52 15.14 -0.80
CA HIS G 549 21.14 14.72 -0.99
C HIS G 549 20.81 14.27 -2.40
N GLY G 550 21.58 14.69 -3.40
CA GLY G 550 21.30 14.27 -4.75
C GLY G 550 22.36 14.78 -5.71
N PHE G 551 22.10 14.56 -7.00
CA PHE G 551 23.00 15.01 -8.06
C PHE G 551 22.21 15.85 -9.05
N ALA G 552 22.61 17.11 -9.21
CA ALA G 552 22.02 17.95 -10.23
C ALA G 552 22.66 17.65 -11.58
N GLY G 553 21.85 17.66 -12.62
CA GLY G 553 22.30 17.33 -13.95
C GLY G 553 21.97 18.41 -14.97
N TYR G 554 22.98 18.83 -15.71
CA TYR G 554 22.86 19.83 -16.76
C TYR G 554 23.35 19.24 -18.07
N PHE G 555 23.25 20.02 -19.14
CA PHE G 555 23.74 19.59 -20.43
C PHE G 555 24.30 20.79 -21.18
N GLU G 556 25.23 20.50 -22.09
CA GLU G 556 25.83 21.52 -22.94
C GLU G 556 26.01 20.91 -24.32
N THR G 557 25.50 21.59 -25.34
CA THR G 557 25.50 21.05 -26.69
C THR G 557 26.18 22.02 -27.64
N VAL G 558 26.97 21.46 -28.54
CA VAL G 558 27.61 22.21 -29.62
C VAL G 558 26.80 21.93 -30.88
N LEU G 559 26.17 22.98 -31.40
CA LEU G 559 25.46 22.91 -32.68
C LEU G 559 26.43 23.33 -33.77
N TYR G 560 26.67 22.43 -34.73
CA TYR G 560 27.61 22.71 -35.80
C TYR G 560 28.98 23.09 -35.22
N GLN G 561 29.41 24.33 -35.39
CA GLN G 561 30.70 24.78 -34.91
C GLN G 561 30.55 26.14 -34.25
N ASP G 562 31.10 26.28 -33.04
CA ASP G 562 31.18 27.56 -32.36
C ASP G 562 29.83 28.05 -31.85
N ILE G 563 28.75 27.31 -32.15
CA ILE G 563 27.41 27.65 -31.69
C ILE G 563 27.03 26.62 -30.63
N THR G 564 26.70 27.10 -29.43
CA THR G 564 26.47 26.23 -28.29
C THR G 564 25.21 26.66 -27.54
N LEU G 565 24.48 25.66 -27.04
CA LEU G 565 23.40 25.88 -26.09
C LEU G 565 23.80 25.23 -24.78
N SER G 566 23.85 26.01 -23.72
CA SER G 566 24.34 25.54 -22.43
C SER G 566 23.36 25.93 -21.34
N ILE G 567 23.23 25.05 -20.34
CA ILE G 567 22.47 25.34 -19.14
C ILE G 567 23.26 25.08 -17.87
N ARG G 568 24.49 24.58 -17.98
CA ARG G 568 25.32 24.45 -16.78
C ARG G 568 25.58 25.83 -16.20
N PRO G 569 25.52 25.99 -14.88
CA PRO G 569 25.57 27.36 -14.32
C PRO G 569 26.80 28.14 -14.71
N GLU G 570 27.96 27.48 -14.81
CA GLU G 570 29.19 28.22 -15.08
C GLU G 570 29.17 28.87 -16.45
N THR G 571 28.46 28.28 -17.42
CA THR G 571 28.42 28.79 -18.78
C THR G 571 26.98 28.78 -19.29
N HIS G 572 26.03 29.14 -18.43
CA HIS G 572 24.64 29.15 -18.83
C HIS G 572 24.41 30.14 -19.96
N SER G 573 23.66 29.72 -20.97
CA SER G 573 23.33 30.61 -22.07
C SER G 573 22.39 31.70 -21.57
N PRO G 574 22.57 32.95 -22.02
CA PRO G 574 21.74 34.04 -21.49
C PRO G 574 20.30 33.91 -21.95
N GLY G 575 19.37 34.10 -21.01
CA GLY G 575 17.96 34.06 -21.34
C GLY G 575 17.44 32.71 -21.76
N MET G 576 18.22 31.65 -21.59
CA MET G 576 17.81 30.30 -22.01
C MET G 576 16.99 29.72 -20.87
N PHE G 577 15.67 29.78 -21.01
CA PHE G 577 14.75 29.25 -20.00
C PHE G 577 13.95 28.07 -20.51
N SER G 578 14.41 27.42 -21.59
CA SER G 578 13.69 26.28 -22.13
C SER G 578 13.88 25.02 -21.30
N TRP G 579 15.05 24.87 -20.67
CA TRP G 579 15.38 23.65 -19.92
C TRP G 579 15.72 24.01 -18.49
N PHE G 580 15.15 23.26 -17.55
CA PHE G 580 15.54 23.32 -16.15
C PHE G 580 16.51 22.18 -15.85
N PRO G 581 17.34 22.32 -14.82
CA PRO G 581 18.23 21.21 -14.45
C PRO G 581 17.43 20.00 -13.97
N ILE G 582 18.03 18.84 -14.14
CA ILE G 582 17.43 17.59 -13.69
C ILE G 582 18.00 17.24 -12.32
N LEU G 583 17.28 16.40 -11.59
CA LEU G 583 17.70 15.99 -10.25
C LEU G 583 17.66 14.48 -10.16
N PHE G 584 18.77 13.89 -9.70
CA PHE G 584 18.85 12.46 -9.41
C PHE G 584 18.95 12.31 -7.89
N PRO G 585 17.87 11.94 -7.21
CA PRO G 585 17.95 11.81 -5.75
C PRO G 585 18.56 10.49 -5.33
N ILE G 586 19.07 10.47 -4.09
CA ILE G 586 19.55 9.27 -3.44
C ILE G 586 18.70 9.05 -2.19
N LYS G 587 18.20 7.84 -2.02
CA LYS G 587 17.18 7.61 -1.00
C LYS G 587 17.71 7.88 0.41
N GLN G 588 19.01 7.71 0.64
CA GLN G 588 19.60 7.97 1.95
C GLN G 588 20.58 9.12 1.85
N PRO G 589 20.38 10.23 2.55
CA PRO G 589 21.38 11.30 2.52
C PRO G 589 22.71 10.79 3.05
N ILE G 590 23.80 11.25 2.43
CA ILE G 590 25.14 10.77 2.74
C ILE G 590 25.91 11.88 3.42
N THR G 591 26.28 11.68 4.69
CA THR G 591 27.08 12.66 5.39
C THR G 591 28.50 12.65 4.84
N VAL G 592 29.03 13.83 4.55
CA VAL G 592 30.35 13.98 3.96
C VAL G 592 31.16 14.94 4.82
N ARG G 593 32.45 14.66 4.98
CA ARG G 593 33.34 15.50 5.75
C ARG G 593 34.28 16.26 4.83
N GLU G 594 34.92 17.28 5.39
CA GLU G 594 35.91 18.04 4.65
C GLU G 594 37.04 17.13 4.21
N GLY G 595 37.47 17.29 2.96
CA GLY G 595 38.59 16.55 2.42
C GLY G 595 38.22 15.23 1.77
N GLN G 596 37.04 14.70 2.06
CA GLN G 596 36.61 13.47 1.42
C GLN G 596 36.24 13.73 -0.04
N THR G 597 36.18 12.66 -0.81
CA THR G 597 35.83 12.72 -2.22
C THR G 597 34.60 11.85 -2.47
N ILE G 598 33.58 12.46 -3.07
CA ILE G 598 32.37 11.72 -3.40
C ILE G 598 32.59 11.03 -4.74
N CYS G 599 32.58 9.71 -4.73
CA CYS G 599 32.76 8.91 -5.94
C CYS G 599 31.43 8.27 -6.29
N VAL G 600 30.91 8.60 -7.48
CA VAL G 600 29.62 8.15 -7.95
C VAL G 600 29.78 7.50 -9.31
N ARG G 601 28.83 6.64 -9.66
CA ARG G 601 28.87 5.90 -10.91
C ARG G 601 27.49 5.95 -11.56
N PHE G 602 27.47 6.13 -12.87
CA PHE G 602 26.24 6.20 -13.65
C PHE G 602 26.27 5.17 -14.76
N TRP G 603 25.14 4.51 -14.95
CA TRP G 603 24.94 3.58 -16.05
C TRP G 603 23.75 4.04 -16.88
N ARG G 604 23.92 4.01 -18.20
CA ARG G 604 22.83 4.20 -19.14
C ARG G 604 22.64 2.87 -19.86
N CYS G 605 21.52 2.21 -19.58
CA CYS G 605 21.20 0.92 -20.16
C CYS G 605 20.07 1.09 -21.15
N SER G 606 20.20 0.44 -22.31
CA SER G 606 19.26 0.59 -23.41
C SER G 606 18.81 -0.76 -23.92
N ASN G 607 18.42 -1.64 -23.00
CA ASN G 607 17.79 -2.90 -23.39
C ASN G 607 16.71 -2.64 -24.42
N SER G 608 16.46 -3.63 -25.27
CA SER G 608 15.47 -3.48 -26.34
C SER G 608 14.22 -2.77 -25.83
N LYS G 609 13.62 -1.96 -26.69
CA LYS G 609 12.35 -1.27 -26.43
C LYS G 609 12.28 -0.73 -25.00
N LYS G 610 13.41 -0.25 -24.48
CA LYS G 610 13.44 0.24 -23.11
C LYS G 610 14.75 0.98 -22.88
N VAL G 611 14.69 2.04 -22.08
CA VAL G 611 15.89 2.81 -21.73
C VAL G 611 15.71 3.37 -20.34
N TRP G 612 16.80 3.43 -19.58
CA TRP G 612 16.75 3.96 -18.22
C TRP G 612 18.16 4.20 -17.73
N TYR G 613 18.26 4.96 -16.63
CA TYR G 613 19.52 5.25 -15.98
C TYR G 613 19.59 4.52 -14.65
N GLU G 614 20.80 4.19 -14.23
CA GLU G 614 21.07 3.64 -12.92
C GLU G 614 22.28 4.35 -12.34
N TRP G 615 22.13 4.85 -11.12
CA TRP G 615 23.19 5.60 -10.46
C TRP G 615 23.40 5.06 -9.05
N ALA G 616 24.63 5.16 -8.57
CA ALA G 616 24.97 4.71 -7.23
C ALA G 616 26.22 5.44 -6.78
N VAL G 617 26.21 5.89 -5.54
CA VAL G 617 27.36 6.57 -4.94
C VAL G 617 28.16 5.52 -4.20
N THR G 618 29.42 5.36 -4.58
CA THR G 618 30.28 4.33 -4.00
C THR G 618 31.17 4.87 -2.88
N ALA G 619 31.56 6.13 -2.93
CA ALA G 619 32.36 6.70 -1.86
C ALA G 619 31.80 8.05 -1.46
N PRO G 620 31.93 8.44 -0.18
CA PRO G 620 32.64 7.75 0.91
C PRO G 620 31.82 6.63 1.53
N VAL G 621 30.53 6.55 1.24
CA VAL G 621 29.67 5.49 1.75
C VAL G 621 28.86 4.93 0.58
N CYS G 622 28.90 3.61 0.43
CA CYS G 622 28.18 2.98 -0.66
C CYS G 622 26.68 3.10 -0.46
N SER G 623 25.95 3.10 -1.58
CA SER G 623 24.50 3.13 -1.56
C SER G 623 23.98 2.13 -2.58
N ALA G 624 22.77 1.65 -2.35
CA ALA G 624 22.17 0.68 -3.25
C ALA G 624 22.02 1.27 -4.65
N ILE G 625 22.20 0.42 -5.67
CA ILE G 625 21.97 0.86 -7.03
C ILE G 625 20.53 1.32 -7.16
N HIS G 626 20.36 2.52 -7.70
CA HIS G 626 19.03 3.10 -7.85
C HIS G 626 18.45 2.75 -9.21
N ASN G 627 17.17 2.40 -9.21
CA ASN G 627 16.46 2.12 -10.45
C ASN G 627 17.10 0.95 -11.21
N PRO G 628 17.34 -0.19 -10.56
CA PRO G 628 17.88 -1.34 -11.28
C PRO G 628 16.84 -1.89 -12.25
N THR G 629 17.29 -2.19 -13.47
CA THR G 629 16.41 -2.71 -14.51
C THR G 629 15.28 -1.76 -14.86
N GLY G 630 15.44 -0.48 -14.54
CA GLY G 630 14.39 0.48 -14.81
C GLY G 630 13.10 0.13 -14.12
N ARG G 631 13.17 -0.39 -12.89
CA ARG G 631 11.96 -0.79 -12.19
C ARG G 631 11.12 0.42 -11.79
N SER G 632 11.74 1.57 -11.58
CA SER G 632 11.04 2.77 -11.15
C SER G 632 10.95 3.85 -12.21
N TYR G 633 11.91 3.93 -13.12
CA TYR G 633 11.92 4.96 -14.15
C TYR G 633 12.40 4.36 -15.46
N THR G 634 11.66 4.63 -16.53
CA THR G 634 12.05 4.21 -17.86
C THR G 634 11.59 5.24 -18.87
N ILE G 635 12.27 5.30 -20.01
CA ILE G 635 11.96 6.30 -21.04
C ILE G 635 11.10 5.72 -22.15
N GLY G 636 10.89 4.41 -22.18
CA GLY G 636 9.88 3.83 -23.04
C GLY G 636 10.33 3.38 -24.41
N LEU G 637 10.93 4.28 -25.18
CA LEU G 637 11.25 3.99 -26.58
C LEU G 637 9.98 3.69 -27.36
N PRO H 26 -5.23 56.85 49.55
CA PRO H 26 -3.88 57.07 49.05
C PRO H 26 -3.82 57.21 47.53
N ASN H 27 -4.98 57.40 46.91
CA ASN H 27 -5.09 57.51 45.45
C ASN H 27 -4.16 56.52 44.75
N ALA H 28 -4.13 55.30 45.25
CA ALA H 28 -3.33 54.22 44.69
C ALA H 28 -4.19 53.31 43.83
N PRO H 29 -3.58 52.35 43.14
CA PRO H 29 -4.38 51.43 42.32
C PRO H 29 -5.41 50.69 43.16
N ALA H 30 -6.55 50.38 42.53
CA ALA H 30 -7.68 49.83 43.26
C ALA H 30 -7.32 48.51 43.94
N CYS H 31 -6.66 47.61 43.21
CA CYS H 31 -6.35 46.28 43.73
C CYS H 31 -4.97 45.86 43.22
N MET H 32 -4.37 44.95 43.97
CA MET H 32 -3.05 44.44 43.62
C MET H 32 -3.17 43.34 42.56
N GLU H 33 -2.03 42.87 42.08
CA GLU H 33 -1.98 41.99 40.92
C GLU H 33 -2.00 40.51 41.28
N ARG H 34 -2.02 40.16 42.56
CA ARG H 34 -2.20 38.78 43.04
C ARG H 34 -0.93 37.94 42.94
N GLN H 35 0.20 38.51 42.53
CA GLN H 35 1.48 37.77 42.51
C GLN H 35 2.56 38.70 43.06
N LEU H 36 2.77 38.65 44.37
CA LEU H 36 3.82 39.44 44.98
C LEU H 36 5.18 38.97 44.47
N GLU H 37 6.08 39.92 44.22
CA GLU H 37 7.37 39.60 43.62
C GLU H 37 8.57 40.13 44.39
N ALA H 38 8.42 41.18 45.19
CA ALA H 38 9.57 41.73 45.91
C ALA H 38 9.12 42.33 47.23
N ALA H 39 9.93 42.13 48.26
CA ALA H 39 9.71 42.73 49.57
C ALA H 39 11.02 43.28 50.09
N ARG H 40 11.00 44.49 50.62
CA ARG H 40 12.22 45.14 51.09
C ARG H 40 11.89 46.00 52.30
N TYR H 41 12.61 45.80 53.39
CA TYR H 41 12.41 46.61 54.59
C TYR H 41 13.33 47.82 54.54
N ARG H 42 12.75 49.01 54.69
CA ARG H 42 13.54 50.21 54.82
C ARG H 42 14.06 50.34 56.25
N SER H 43 15.18 51.05 56.40
CA SER H 43 15.82 51.16 57.71
C SER H 43 14.84 51.66 58.76
N ASP H 44 13.96 52.59 58.38
CA ASP H 44 12.98 53.12 59.33
C ASP H 44 12.00 52.05 59.77
N GLY H 45 11.82 50.99 58.98
CA GLY H 45 10.86 49.95 59.25
C GLY H 45 9.77 49.82 58.21
N ALA H 46 9.63 50.79 57.32
CA ALA H 46 8.61 50.71 56.28
C ALA H 46 8.91 49.57 55.32
N LEU H 47 7.85 48.96 54.79
CA LEU H 47 7.95 47.81 53.91
C LEU H 47 7.56 48.22 52.49
N LEU H 48 8.47 48.01 51.55
CA LEU H 48 8.19 48.20 50.13
C LEU H 48 7.86 46.85 49.52
N LEU H 49 6.76 46.80 48.77
CA LEU H 49 6.24 45.55 48.23
C LEU H 49 5.93 45.77 46.76
N GLY H 50 6.60 45.02 45.89
CA GLY H 50 6.38 45.09 44.46
C GLY H 50 5.68 43.84 43.97
N ALA H 51 4.57 44.05 43.26
CA ALA H 51 3.73 42.98 42.79
C ALA H 51 3.54 43.10 41.28
N SER H 52 3.22 41.97 40.64
CA SER H 52 3.01 41.94 39.21
C SER H 52 1.90 40.95 38.90
N SER H 53 1.29 41.10 37.72
CA SER H 53 0.21 40.24 37.26
C SER H 53 0.77 39.31 36.19
N LEU H 54 1.24 38.14 36.63
CA LEU H 54 1.78 37.15 35.71
C LEU H 54 0.70 36.41 34.93
N SER H 55 -0.58 36.63 35.25
CA SER H 55 -1.67 36.00 34.53
C SER H 55 -2.80 37.01 34.39
N GLY H 56 -3.68 36.76 33.42
CA GLY H 56 -4.80 37.62 33.16
C GLY H 56 -4.59 38.49 31.93
N ARG H 57 -5.57 39.37 31.71
CA ARG H 57 -5.55 40.19 30.50
C ARG H 57 -4.35 41.12 30.46
N CYS H 58 -4.07 41.79 31.58
CA CYS H 58 -3.04 42.82 31.65
C CYS H 58 -1.88 42.31 32.49
N TRP H 59 -0.69 42.28 31.89
CA TRP H 59 0.53 41.91 32.59
C TRP H 59 1.25 43.19 33.01
N ALA H 60 0.71 43.83 34.03
CA ALA H 60 1.27 45.07 34.57
C ALA H 60 1.85 44.81 35.94
N GLY H 61 2.44 45.86 36.52
CA GLY H 61 3.04 45.76 37.83
C GLY H 61 2.67 46.97 38.67
N SER H 62 3.05 46.88 39.95
CA SER H 62 2.76 47.97 40.88
C SER H 62 3.73 47.88 42.05
N LEU H 63 3.94 49.03 42.68
CA LEU H 63 4.75 49.15 43.87
C LEU H 63 3.91 49.75 44.99
N TRP H 64 4.18 49.33 46.21
CA TRP H 64 3.44 49.80 47.37
C TRP H 64 4.40 50.01 48.53
N LEU H 65 4.04 50.94 49.41
CA LEU H 65 4.83 51.25 50.59
C LEU H 65 3.90 51.28 51.79
N PHE H 66 4.21 50.46 52.79
CA PHE H 66 3.43 50.37 54.01
C PHE H 66 4.29 50.86 55.17
N LYS H 67 3.84 51.93 55.83
CA LYS H 67 4.50 52.34 57.06
C LYS H 67 4.31 51.33 58.19
N ASP H 68 3.30 50.48 58.07
CA ASP H 68 3.06 49.42 59.05
C ASP H 68 3.09 48.08 58.31
N PRO H 69 4.14 47.27 58.48
CA PRO H 69 4.19 45.99 57.75
C PRO H 69 3.00 45.10 58.01
N CYS H 70 2.44 45.13 59.23
CA CYS H 70 1.33 44.24 59.55
C CYS H 70 0.12 44.51 58.65
N ALA H 71 -0.16 45.78 58.36
CA ALA H 71 -1.35 46.11 57.61
C ALA H 71 -1.34 45.50 56.21
N ALA H 72 -0.16 45.22 55.66
CA ALA H 72 -0.07 44.68 54.32
C ALA H 72 -0.66 43.27 54.29
N PRO H 73 -1.11 42.81 53.10
CA PRO H 73 -1.11 43.48 51.80
C PRO H 73 -2.43 44.19 51.48
N ASN H 74 -3.21 44.57 52.48
CA ASN H 74 -4.48 45.25 52.23
C ASN H 74 -4.20 46.58 51.54
N GLU H 75 -4.82 46.78 50.36
CA GLU H 75 -4.57 47.98 49.59
C GLU H 75 -5.13 49.23 50.26
N GLY H 76 -6.10 49.09 51.15
CA GLY H 76 -6.67 50.24 51.81
C GLY H 76 -5.77 50.87 52.86
N PHE H 77 -4.84 50.10 53.41
CA PHE H 77 -3.94 50.58 54.45
C PHE H 77 -2.54 50.89 53.92
N CYS H 78 -2.33 50.82 52.62
CA CYS H 78 -1.02 51.11 52.07
C CYS H 78 -0.70 52.59 52.22
N SER H 79 0.51 52.89 52.72
CA SER H 79 0.91 54.28 52.87
C SER H 79 1.02 54.98 51.53
N ALA H 80 1.53 54.28 50.52
CA ALA H 80 1.62 54.84 49.18
C ALA H 80 1.59 53.70 48.18
N GLY H 81 1.27 54.03 46.94
CA GLY H 81 1.22 53.02 45.89
C GLY H 81 1.22 53.65 44.52
N VAL H 82 1.64 52.85 43.55
CA VAL H 82 1.69 53.29 42.16
C VAL H 82 1.67 52.06 41.27
N GLN H 83 1.28 52.25 40.02
CA GLN H 83 1.20 51.18 39.04
C GLN H 83 2.26 51.40 37.96
N THR H 84 3.10 50.39 37.75
CA THR H 84 4.20 50.51 36.81
C THR H 84 3.70 50.26 35.38
N GLU H 85 4.55 50.60 34.42
CA GLU H 85 4.21 50.40 33.01
C GLU H 85 4.09 48.91 32.68
N ALA H 86 5.00 48.09 33.19
CA ALA H 86 5.00 46.67 32.91
C ALA H 86 5.34 45.92 34.19
N GLY H 87 5.56 44.61 34.07
CA GLY H 87 5.81 43.80 35.25
C GLY H 87 7.07 44.21 35.97
N VAL H 88 7.12 43.89 37.26
CA VAL H 88 8.27 44.19 38.12
C VAL H 88 8.95 42.87 38.46
N ALA H 89 10.18 42.70 37.98
CA ALA H 89 10.92 41.48 38.25
C ALA H 89 11.73 41.55 39.52
N ASP H 90 12.28 42.73 39.84
CA ASP H 90 13.04 42.91 41.06
C ASP H 90 13.12 44.40 41.37
N LEU H 91 13.46 44.70 42.61
CA LEU H 91 13.59 46.10 43.02
C LEU H 91 14.54 46.17 44.21
N THR H 92 15.00 47.38 44.49
CA THR H 92 15.96 47.60 45.57
C THR H 92 15.83 49.04 46.05
N TRP H 93 16.15 49.25 47.32
CA TRP H 93 16.17 50.59 47.89
C TRP H 93 17.48 51.26 47.54
N VAL H 94 17.41 52.39 46.82
CA VAL H 94 18.61 53.15 46.51
C VAL H 94 19.01 54.05 47.67
N GLY H 95 18.11 54.29 48.62
CA GLY H 95 18.42 55.10 49.77
C GLY H 95 17.27 55.08 50.75
N GLU H 96 16.93 56.24 51.31
CA GLU H 96 15.77 56.35 52.18
C GLU H 96 14.49 56.66 51.41
N ARG H 97 14.60 57.14 50.18
CA ARG H 97 13.42 57.45 49.38
C ARG H 97 13.52 57.04 47.92
N GLY H 98 14.64 56.47 47.48
CA GLY H 98 14.81 56.05 46.10
C GLY H 98 14.56 54.56 45.96
N ILE H 99 13.80 54.20 44.92
CA ILE H 99 13.46 52.81 44.63
C ILE H 99 13.91 52.51 43.21
N LEU H 100 14.80 51.53 43.07
CA LEU H 100 15.29 51.10 41.77
C LEU H 100 14.61 49.80 41.39
N VAL H 101 14.00 49.78 40.21
CA VAL H 101 13.13 48.68 39.79
C VAL H 101 13.57 48.17 38.43
N ALA H 102 13.51 46.85 38.27
CA ALA H 102 13.76 46.19 37.00
C ALA H 102 12.44 45.72 36.43
N SER H 103 12.19 46.06 35.16
CA SER H 103 10.91 45.80 34.53
C SER H 103 11.04 44.72 33.48
N ASP H 104 9.92 44.04 33.21
CA ASP H 104 9.90 43.01 32.18
C ASP H 104 10.10 43.60 30.79
N SER H 105 9.88 44.89 30.60
CA SER H 105 10.06 45.54 29.32
C SER H 105 11.52 45.74 28.98
N GLY H 106 12.45 45.17 29.72
CA GLY H 106 13.86 45.44 29.50
C GLY H 106 14.31 46.79 29.98
N ALA H 107 13.51 47.47 30.80
CA ALA H 107 13.81 48.82 31.25
C ALA H 107 14.17 48.82 32.72
N VAL H 108 15.14 49.64 33.08
CA VAL H 108 15.51 49.89 34.46
C VAL H 108 15.02 51.29 34.82
N GLU H 109 14.36 51.41 35.97
CA GLU H 109 13.72 52.67 36.34
C GLU H 109 14.03 53.00 37.79
N LEU H 110 13.97 54.30 38.08
CA LEU H 110 14.21 54.84 39.41
C LEU H 110 13.05 55.74 39.77
N TRP H 111 12.40 55.46 40.89
CA TRP H 111 11.31 56.25 41.43
C TRP H 111 11.77 56.90 42.74
N GLU H 112 11.11 58.01 43.07
CA GLU H 112 11.42 58.75 44.28
C GLU H 112 10.14 59.03 45.05
N LEU H 113 10.19 58.84 46.36
CA LEU H 113 9.08 59.21 47.21
C LEU H 113 9.02 60.72 47.39
N ASP H 114 7.82 61.24 47.58
CA ASP H 114 7.65 62.65 47.83
C ASP H 114 8.11 63.00 49.24
N GLU H 115 8.24 64.30 49.50
CA GLU H 115 8.66 64.74 50.83
C GLU H 115 7.76 64.18 51.92
N ASN H 116 6.47 64.04 51.63
CA ASN H 116 5.54 63.44 52.59
C ASN H 116 5.52 61.93 52.52
N GLU H 117 6.25 61.33 51.58
CA GLU H 117 6.27 59.87 51.42
C GLU H 117 4.87 59.32 51.21
N THR H 118 4.08 60.03 50.41
CA THR H 118 2.71 59.61 50.09
C THR H 118 2.51 59.27 48.62
N LEU H 119 3.39 59.71 47.74
CA LEU H 119 3.29 59.43 46.32
C LEU H 119 4.62 58.91 45.80
N ILE H 120 4.56 57.92 44.92
CA ILE H 120 5.74 57.37 44.26
C ILE H 120 5.79 57.98 42.86
N VAL H 121 6.82 58.79 42.61
CA VAL H 121 6.95 59.56 41.38
C VAL H 121 8.11 59.01 40.57
N SER H 122 7.85 58.67 39.31
CA SER H 122 8.91 58.21 38.43
C SER H 122 9.93 59.33 38.23
N LYS H 123 11.20 58.98 38.35
CA LYS H 123 12.29 59.92 38.11
C LYS H 123 13.09 59.60 36.86
N PHE H 124 13.35 58.32 36.61
CA PHE H 124 14.20 57.94 35.48
C PHE H 124 13.75 56.58 34.98
N CYS H 125 13.87 56.35 33.68
CA CYS H 125 13.45 55.09 33.09
C CYS H 125 14.14 54.92 31.74
N LYS H 126 14.96 53.88 31.61
CA LYS H 126 15.73 53.66 30.39
C LYS H 126 15.54 52.23 29.91
N TYR H 127 15.51 52.07 28.58
CA TYR H 127 15.33 50.77 27.92
C TYR H 127 16.63 50.25 27.36
N GLU H 128 17.75 50.47 28.04
CA GLU H 128 19.03 50.03 27.51
C GLU H 128 19.09 48.51 27.37
N HIS H 129 18.55 47.79 28.34
CA HIS H 129 18.60 46.35 28.32
C HIS H 129 17.65 45.79 27.26
N ASP H 130 18.10 44.75 26.56
CA ASP H 130 17.22 43.96 25.72
C ASP H 130 16.59 42.84 26.55
N ASP H 131 15.56 42.23 25.99
CA ASP H 131 14.84 41.17 26.70
C ASP H 131 14.34 41.76 28.02
N ILE H 132 14.32 40.95 29.08
CA ILE H 132 13.77 41.35 30.38
C ILE H 132 14.88 41.32 31.42
N VAL H 133 14.99 42.39 32.19
CA VAL H 133 16.01 42.47 33.22
C VAL H 133 15.64 41.53 34.36
N SER H 134 16.45 40.50 34.57
CA SER H 134 16.11 39.50 35.57
C SER H 134 16.37 39.97 36.99
N THR H 135 17.38 40.81 37.19
CA THR H 135 17.75 41.22 38.54
C THR H 135 18.46 42.57 38.48
N VAL H 136 18.56 43.20 39.65
CA VAL H 136 19.23 44.49 39.78
C VAL H 136 19.80 44.57 41.19
N SER H 137 20.86 45.36 41.35
CA SER H 137 21.50 45.52 42.64
C SER H 137 22.19 46.88 42.68
N VAL H 138 22.47 47.33 43.90
CA VAL H 138 23.12 48.62 44.14
C VAL H 138 24.46 48.37 44.79
N LEU H 139 25.50 48.98 44.25
CA LEU H 139 26.83 48.80 44.80
C LEU H 139 26.98 49.55 46.12
N SER H 140 28.03 49.21 46.86
CA SER H 140 28.21 49.78 48.20
C SER H 140 28.27 51.30 48.15
N SER H 141 28.81 51.87 47.08
CA SER H 141 28.90 53.32 47.00
C SER H 141 27.53 53.99 47.11
N GLY H 142 26.48 53.31 46.65
CA GLY H 142 25.14 53.82 46.74
C GLY H 142 24.71 54.69 45.58
N THR H 143 25.66 55.15 44.75
CA THR H 143 25.36 55.98 43.59
C THR H 143 25.48 55.21 42.27
N GLN H 144 25.72 53.91 42.33
CA GLN H 144 25.83 53.10 41.13
C GLN H 144 25.05 51.81 41.31
N ALA H 145 24.59 51.24 40.21
CA ALA H 145 23.77 50.03 40.24
C ALA H 145 24.26 49.07 39.16
N VAL H 146 23.93 47.80 39.35
CA VAL H 146 24.29 46.75 38.40
C VAL H 146 23.04 45.93 38.09
N SER H 147 22.83 45.65 36.81
CA SER H 147 21.66 44.92 36.35
C SER H 147 22.10 43.79 35.42
N GLY H 148 21.38 42.68 35.48
CA GLY H 148 21.64 41.55 34.62
C GLY H 148 20.41 41.15 33.84
N SER H 149 20.55 40.95 32.53
CA SER H 149 19.40 40.65 31.70
C SER H 149 19.46 39.22 31.19
N LYS H 150 18.33 38.73 30.70
CA LYS H 150 18.29 37.43 30.05
C LYS H 150 18.93 37.44 28.67
N ASP H 151 19.28 38.61 28.14
CA ASP H 151 19.97 38.70 26.85
C ASP H 151 21.48 38.72 27.03
N ILE H 152 21.98 37.78 27.83
CA ILE H 152 23.41 37.57 28.02
C ILE H 152 24.13 38.90 28.18
N CYS H 153 23.83 39.65 29.24
CA CYS H 153 24.54 40.90 29.43
C CYS H 153 24.35 41.43 30.84
N ILE H 154 25.40 42.09 31.33
CA ILE H 154 25.39 42.82 32.58
C ILE H 154 25.68 44.28 32.26
N LYS H 155 25.09 45.18 33.04
CA LYS H 155 25.29 46.60 32.82
C LYS H 155 25.48 47.30 34.16
N VAL H 156 26.38 48.27 34.17
CA VAL H 156 26.67 49.09 35.35
C VAL H 156 26.22 50.51 35.02
N TRP H 157 25.27 51.01 35.81
CA TRP H 157 24.67 52.33 35.64
C TRP H 157 25.17 53.26 36.75
N ASP H 158 25.31 54.53 36.40
CA ASP H 158 25.50 55.60 37.37
C ASP H 158 24.16 56.30 37.56
N LEU H 159 23.53 56.07 38.70
CA LEU H 159 22.21 56.64 38.94
C LEU H 159 22.25 58.17 38.95
N ALA H 160 23.26 58.74 39.61
CA ALA H 160 23.36 60.20 39.65
C ALA H 160 23.53 60.77 38.25
N GLN H 161 24.42 60.19 37.45
CA GLN H 161 24.61 60.64 36.08
C GLN H 161 23.46 60.18 35.18
N GLN H 162 22.75 59.12 35.56
CA GLN H 162 21.59 58.65 34.79
C GLN H 162 22.02 58.10 33.43
N VAL H 163 23.14 57.37 33.39
CA VAL H 163 23.68 56.79 32.19
C VAL H 163 24.15 55.38 32.50
N VAL H 164 24.59 54.66 31.47
CA VAL H 164 25.14 53.32 31.60
C VAL H 164 26.65 53.44 31.59
N LEU H 165 27.28 53.29 32.76
CA LEU H 165 28.73 53.39 32.84
C LEU H 165 29.40 52.34 31.98
N SER H 166 28.93 51.09 32.05
CA SER H 166 29.62 50.01 31.37
C SER H 166 28.65 48.90 31.01
N SER H 167 29.05 48.10 30.03
CA SER H 167 28.29 46.93 29.61
C SER H 167 29.27 45.78 29.37
N TYR H 168 28.89 44.60 29.83
CA TYR H 168 29.73 43.42 29.70
C TYR H 168 28.90 42.23 29.23
N ARG H 169 29.55 41.34 28.50
CA ARG H 169 28.95 40.06 28.08
C ARG H 169 30.00 38.99 28.33
N ALA H 170 30.02 38.44 29.53
CA ALA H 170 30.95 37.38 29.89
C ALA H 170 30.30 36.01 30.01
N HIS H 171 28.98 35.95 30.14
CA HIS H 171 28.27 34.69 30.26
C HIS H 171 27.84 34.20 28.89
N ALA H 172 27.45 32.92 28.83
CA ALA H 172 26.93 32.31 27.61
C ALA H 172 25.46 31.95 27.73
N ALA H 173 24.82 32.26 28.86
CA ALA H 173 23.42 31.94 29.08
C ALA H 173 22.81 33.04 29.94
N GLN H 174 21.53 32.88 30.28
CA GLN H 174 20.83 33.92 31.02
C GLN H 174 21.55 34.21 32.33
N VAL H 175 21.68 35.50 32.65
CA VAL H 175 22.29 35.94 33.90
C VAL H 175 21.24 35.73 34.99
N THR H 176 21.36 34.64 35.73
CA THR H 176 20.34 34.29 36.71
C THR H 176 20.30 35.30 37.85
N CYS H 177 21.45 35.63 38.42
CA CYS H 177 21.47 36.49 39.59
C CYS H 177 22.74 37.33 39.62
N VAL H 178 22.64 38.49 40.27
CA VAL H 178 23.78 39.34 40.58
C VAL H 178 23.67 39.77 42.02
N ALA H 179 24.81 40.09 42.63
CA ALA H 179 24.84 40.45 44.04
C ALA H 179 26.02 41.38 44.27
N ALA H 180 25.73 42.63 44.61
CA ALA H 180 26.79 43.59 44.89
C ALA H 180 27.49 43.26 46.20
N SER H 181 28.76 43.63 46.29
CA SER H 181 29.53 43.41 47.51
C SER H 181 29.15 44.47 48.53
N PRO H 182 28.69 44.09 49.73
CA PRO H 182 28.28 45.11 50.70
C PRO H 182 29.44 45.88 51.33
N HIS H 183 30.67 45.37 51.24
CA HIS H 183 31.81 46.00 51.89
C HIS H 183 32.82 46.62 50.94
N LYS H 184 32.88 46.17 49.68
CA LYS H 184 33.82 46.69 48.72
C LYS H 184 33.06 47.24 47.53
N ASP H 185 33.30 48.50 47.20
CA ASP H 185 32.66 49.12 46.05
C ASP H 185 33.22 48.54 44.75
N SER H 186 32.38 48.50 43.73
CA SER H 186 32.78 48.04 42.40
C SER H 186 33.21 46.58 42.41
N VAL H 187 32.62 45.79 43.31
CA VAL H 187 32.86 44.34 43.36
C VAL H 187 31.50 43.66 43.48
N PHE H 188 31.24 42.68 42.62
CA PHE H 188 29.95 42.02 42.67
C PHE H 188 30.03 40.64 42.04
N LEU H 189 29.24 39.72 42.58
CA LEU H 189 29.15 38.38 42.03
C LEU H 189 28.03 38.31 41.00
N SER H 190 28.17 37.39 40.04
CA SER H 190 27.15 37.15 39.05
C SER H 190 27.14 35.67 38.68
N CYS H 191 25.95 35.07 38.71
CA CYS H 191 25.78 33.67 38.37
C CYS H 191 24.78 33.55 37.22
N SER H 192 25.11 32.70 36.26
CA SER H 192 24.33 32.53 35.04
C SER H 192 23.98 31.06 34.86
N GLU H 193 23.11 30.80 33.88
CA GLU H 193 22.70 29.44 33.56
C GLU H 193 23.79 28.66 32.85
N ASP H 194 24.88 29.31 32.43
CA ASP H 194 26.01 28.62 31.83
C ASP H 194 26.91 27.97 32.88
N ASN H 195 26.50 27.97 34.14
CA ASN H 195 27.22 27.30 35.22
C ASN H 195 28.48 28.03 35.63
N ARG H 196 28.56 29.34 35.38
CA ARG H 196 29.70 30.16 35.75
C ARG H 196 29.30 31.10 36.87
N ILE H 197 30.16 31.21 37.88
CA ILE H 197 30.03 32.22 38.94
C ILE H 197 31.24 33.12 38.81
N LEU H 198 31.00 34.38 38.44
CA LEU H 198 32.06 35.33 38.16
C LEU H 198 32.06 36.44 39.21
N LEU H 199 33.22 36.71 39.78
CA LEU H 199 33.40 37.81 40.72
C LEU H 199 34.00 38.98 39.96
N TRP H 200 33.16 39.94 39.59
CA TRP H 200 33.59 41.12 38.85
C TRP H 200 34.20 42.13 39.80
N ASP H 201 35.38 42.62 39.46
CA ASP H 201 36.03 43.74 40.14
C ASP H 201 36.38 44.74 39.04
N THR H 202 35.51 45.71 38.83
CA THR H 202 35.60 46.58 37.66
C THR H 202 36.71 47.60 37.75
N ARG H 203 37.63 47.53 38.71
CA ARG H 203 38.73 48.48 38.76
C ARG H 203 39.89 48.13 37.84
N CYS H 204 39.93 46.92 37.29
CA CYS H 204 41.05 46.44 36.50
C CYS H 204 40.54 45.82 35.21
N PRO H 205 41.38 45.76 34.18
CA PRO H 205 40.97 45.10 32.93
C PRO H 205 40.67 43.63 33.15
N LYS H 206 39.77 43.09 32.34
CA LYS H 206 39.33 41.72 32.49
C LYS H 206 38.81 41.51 33.91
N PRO H 207 37.81 42.28 34.33
CA PRO H 207 37.35 42.18 35.73
C PRO H 207 36.87 40.79 36.12
N ALA H 208 36.20 40.08 35.23
CA ALA H 208 35.63 38.78 35.59
C ALA H 208 36.74 37.84 36.05
N SER H 209 36.44 37.07 37.09
CA SER H 209 37.44 36.24 37.74
C SER H 209 37.15 34.75 37.73
N GLN H 210 35.92 34.33 37.41
CA GLN H 210 35.57 32.92 37.34
C GLN H 210 35.66 32.22 38.68
N ILE H 211 35.85 32.97 39.77
CA ILE H 211 35.95 32.35 41.08
C ILE H 211 34.62 31.70 41.43
N GLY H 212 34.67 30.42 41.81
CA GLY H 212 33.46 29.70 42.11
C GLY H 212 33.77 28.43 42.89
N CYS H 213 32.71 27.68 43.17
CA CYS H 213 32.85 26.45 43.94
C CYS H 213 33.70 25.41 43.21
N SER H 214 33.91 25.57 41.90
CA SER H 214 34.63 24.61 41.08
C SER H 214 33.88 23.29 40.95
N ALA H 215 32.59 23.28 41.27
CA ALA H 215 31.75 22.09 41.13
C ALA H 215 30.73 22.35 40.03
N PRO H 216 30.94 21.85 38.81
CA PRO H 216 30.00 22.14 37.73
C PRO H 216 28.78 21.22 37.72
N GLY H 217 28.55 20.51 38.84
CA GLY H 217 27.47 19.55 38.87
C GLY H 217 26.12 20.18 38.55
N TYR H 218 25.73 21.18 39.32
CA TYR H 218 24.40 21.75 39.27
C TYR H 218 24.47 23.26 39.09
N LEU H 219 23.54 23.80 38.32
CA LEU H 219 23.58 25.22 37.98
C LEU H 219 23.30 26.07 39.22
N PRO H 220 24.02 27.18 39.40
CA PRO H 220 23.69 28.09 40.49
C PRO H 220 22.39 28.83 40.22
N THR H 221 21.74 29.27 41.29
CA THR H 221 20.47 29.97 41.18
C THR H 221 20.38 31.25 42.00
N SER H 222 21.17 31.39 43.06
CA SER H 222 21.11 32.60 43.88
C SER H 222 22.43 32.77 44.59
N LEU H 223 22.77 34.02 44.90
CA LEU H 223 24.01 34.37 45.58
C LEU H 223 23.70 35.27 46.76
N ALA H 224 24.63 35.33 47.70
CA ALA H 224 24.47 36.21 48.85
C ALA H 224 25.83 36.43 49.51
N TRP H 225 26.22 37.69 49.64
CA TRP H 225 27.44 38.04 50.36
C TRP H 225 27.21 37.96 51.86
N HIS H 226 28.24 37.54 52.58
CA HIS H 226 28.15 37.52 54.04
C HIS H 226 28.27 38.93 54.57
N PRO H 227 27.31 39.41 55.38
CA PRO H 227 27.38 40.82 55.81
C PRO H 227 28.66 41.15 56.56
N GLN H 228 29.16 40.23 57.38
CA GLN H 228 30.31 40.52 58.23
C GLN H 228 31.62 40.13 57.57
N GLN H 229 31.77 38.85 57.22
CA GLN H 229 33.03 38.34 56.68
C GLN H 229 33.18 38.77 55.24
N SER H 230 34.30 39.42 54.92
CA SER H 230 34.60 39.80 53.55
C SER H 230 35.14 38.60 52.78
N GLU H 231 34.95 38.63 51.47
CA GLU H 231 35.46 37.60 50.57
C GLU H 231 34.85 36.23 50.86
N VAL H 232 33.74 36.19 51.59
CA VAL H 232 33.03 34.95 51.90
C VAL H 232 31.57 35.14 51.50
N PHE H 233 31.03 34.18 50.76
CA PHE H 233 29.67 34.29 50.29
C PHE H 233 29.04 32.90 50.25
N VAL H 234 27.74 32.86 49.92
CA VAL H 234 26.99 31.63 49.83
C VAL H 234 26.18 31.67 48.54
N PHE H 235 25.80 30.48 48.07
CA PHE H 235 25.02 30.39 46.86
C PHE H 235 24.16 29.13 46.88
N GLY H 236 23.21 29.08 45.95
CA GLY H 236 22.30 27.96 45.87
C GLY H 236 22.23 27.44 44.45
N ASP H 237 21.85 26.16 44.34
CA ASP H 237 21.80 25.48 43.07
C ASP H 237 20.38 24.99 42.80
N GLU H 238 20.22 24.22 41.73
CA GLU H 238 18.90 23.73 41.35
C GLU H 238 18.34 22.74 42.36
N ASN H 239 19.19 21.87 42.92
CA ASN H 239 18.74 20.83 43.82
C ASN H 239 18.61 21.31 45.26
N GLY H 240 18.52 22.61 45.49
CA GLY H 240 18.33 23.11 46.84
C GLY H 240 19.48 22.77 47.77
N THR H 241 20.70 22.97 47.31
CA THR H 241 21.91 22.73 48.11
C THR H 241 22.58 24.07 48.33
N VAL H 242 22.45 24.62 49.54
CA VAL H 242 23.09 25.88 49.89
C VAL H 242 24.56 25.59 50.22
N SER H 243 25.46 26.26 49.51
CA SER H 243 26.89 26.06 49.67
C SER H 243 27.54 27.37 50.10
N LEU H 244 28.40 27.29 51.11
CA LEU H 244 29.18 28.41 51.59
C LEU H 244 30.59 28.29 51.05
N VAL H 245 31.06 29.34 50.39
CA VAL H 245 32.35 29.37 49.73
C VAL H 245 33.09 30.65 50.14
N ASP H 246 34.41 30.60 49.97
CA ASP H 246 35.29 31.71 50.28
C ASP H 246 36.00 32.16 49.01
N THR H 247 35.98 33.46 48.76
CA THR H 247 36.57 33.98 47.52
C THR H 247 38.06 33.72 47.45
N LYS H 248 38.77 33.97 48.55
CA LYS H 248 40.23 33.85 48.56
C LYS H 248 40.71 32.43 48.83
N SER H 249 39.80 31.48 49.05
CA SER H 249 40.16 30.10 49.29
C SER H 249 40.37 29.37 47.96
N THR H 250 40.83 28.14 48.06
CA THR H 250 41.07 27.29 46.89
C THR H 250 39.80 26.57 46.48
N SER H 251 38.72 27.33 46.26
CA SER H 251 37.42 26.79 45.87
C SER H 251 36.87 25.81 46.91
N CYS H 252 37.38 25.87 48.14
CA CYS H 252 36.87 25.00 49.19
C CYS H 252 35.49 25.48 49.64
N VAL H 253 34.55 24.55 49.75
CA VAL H 253 33.16 24.86 50.05
C VAL H 253 32.66 23.92 51.13
N LEU H 254 31.59 24.35 51.80
CA LEU H 254 30.83 23.47 52.70
C LEU H 254 29.36 23.67 52.41
N SER H 255 28.66 22.60 52.09
CA SER H 255 27.31 22.68 51.55
C SER H 255 26.36 21.78 52.33
N SER H 256 25.09 22.15 52.27
CA SER H 256 24.02 21.39 52.91
C SER H 256 22.82 21.34 51.97
N ALA H 257 22.23 20.16 51.83
CA ALA H 257 21.05 19.98 50.98
C ALA H 257 19.81 20.23 51.84
N VAL H 258 19.41 21.49 51.91
CA VAL H 258 18.31 21.87 52.78
C VAL H 258 16.96 21.90 52.06
N HIS H 259 16.96 22.15 50.76
CA HIS H 259 15.73 22.29 49.99
C HIS H 259 15.64 21.19 48.94
N SER H 260 14.40 20.81 48.63
CA SER H 260 14.14 19.82 47.60
C SER H 260 13.99 20.43 46.22
N GLN H 261 14.02 21.76 46.11
CA GLN H 261 13.91 22.46 44.84
C GLN H 261 14.97 23.55 44.79
N CYS H 262 14.99 24.30 43.69
CA CYS H 262 15.99 25.34 43.51
C CYS H 262 15.80 26.43 44.56
N VAL H 263 16.93 26.95 45.05
CA VAL H 263 16.91 28.03 46.03
C VAL H 263 16.69 29.33 45.28
N THR H 264 15.51 29.93 45.43
CA THR H 264 15.19 31.14 44.69
C THR H 264 15.95 32.34 45.22
N GLY H 265 16.25 32.38 46.51
CA GLY H 265 16.93 33.52 47.09
C GLY H 265 17.54 33.18 48.43
N LEU H 266 18.46 34.05 48.85
CA LEU H 266 19.16 33.90 50.12
C LEU H 266 19.32 35.27 50.75
N VAL H 267 19.06 35.35 52.06
CA VAL H 267 19.15 36.59 52.80
C VAL H 267 19.82 36.32 54.13
N PHE H 268 20.73 37.21 54.54
CA PHE H 268 21.42 37.10 55.80
C PHE H 268 20.79 38.04 56.82
N SER H 269 20.63 37.55 58.05
CA SER H 269 20.00 38.34 59.09
C SER H 269 20.90 39.47 59.53
N PRO H 270 20.35 40.50 60.17
CA PRO H 270 21.16 41.62 60.66
C PRO H 270 21.83 41.39 62.00
N HIS H 271 21.87 40.16 62.51
CA HIS H 271 22.53 39.90 63.77
C HIS H 271 24.05 40.01 63.61
N SER H 272 24.73 40.11 64.76
CA SER H 272 26.18 40.07 64.75
C SER H 272 26.71 38.72 64.27
N VAL H 273 25.90 37.67 64.39
CA VAL H 273 26.24 36.35 63.86
C VAL H 273 25.08 35.93 62.96
N PRO H 274 25.02 36.45 61.73
CA PRO H 274 23.79 36.32 60.94
C PRO H 274 23.37 34.86 60.71
N PHE H 275 22.06 34.64 60.77
CA PHE H 275 21.45 33.41 60.28
C PHE H 275 21.06 33.60 58.82
N LEU H 276 21.13 32.51 58.06
CA LEU H 276 20.88 32.55 56.63
C LEU H 276 19.45 32.11 56.37
N ALA H 277 18.66 32.98 55.75
CA ALA H 277 17.28 32.67 55.39
C ALA H 277 17.22 32.28 53.92
N SER H 278 16.74 31.06 53.65
CA SER H 278 16.67 30.53 52.30
C SER H 278 15.23 30.15 51.98
N LEU H 279 14.79 30.56 50.78
CA LEU H 279 13.47 30.24 50.28
C LEU H 279 13.62 29.54 48.94
N SER H 280 12.78 28.55 48.69
CA SER H 280 12.93 27.68 47.54
C SER H 280 11.62 27.52 46.79
N GLU H 281 11.72 26.98 45.58
CA GLU H 281 10.54 26.71 44.77
C GLU H 281 9.62 25.70 45.44
N ASP H 282 10.11 24.94 46.42
CA ASP H 282 9.28 23.97 47.13
C ASP H 282 8.28 24.64 48.06
N CYS H 283 8.23 25.97 48.11
CA CYS H 283 7.26 26.69 48.93
C CYS H 283 7.56 26.54 50.43
N SER H 284 8.85 26.56 50.77
CA SER H 284 9.28 26.40 52.16
C SER H 284 10.36 27.40 52.50
N LEU H 285 10.44 27.74 53.77
CA LEU H 285 11.45 28.64 54.32
C LEU H 285 12.36 27.86 55.25
N ALA H 286 13.66 28.17 55.21
CA ALA H 286 14.62 27.52 56.09
C ALA H 286 15.61 28.55 56.60
N VAL H 287 15.69 28.70 57.91
CA VAL H 287 16.68 29.55 58.56
C VAL H 287 17.77 28.65 59.09
N LEU H 288 19.01 28.91 58.68
CA LEU H 288 20.15 28.07 59.00
C LEU H 288 21.18 28.86 59.79
N ASP H 289 21.97 28.16 60.59
CA ASP H 289 23.05 28.77 61.34
C ASP H 289 24.27 28.96 60.42
N SER H 290 25.34 29.52 60.98
CA SER H 290 26.56 29.71 60.20
C SER H 290 27.09 28.38 59.69
N SER H 291 26.82 27.28 60.38
CA SER H 291 27.26 25.96 59.95
C SER H 291 26.28 25.31 58.99
N LEU H 292 25.33 26.06 58.44
CA LEU H 292 24.33 25.57 57.51
C LEU H 292 23.41 24.52 58.12
N SER H 293 23.42 24.37 59.45
CA SER H 293 22.48 23.48 60.10
C SER H 293 21.12 24.12 60.15
N GLU H 294 20.08 23.35 59.79
CA GLU H 294 18.73 23.87 59.70
C GLU H 294 18.25 24.25 61.10
N LEU H 295 18.25 25.55 61.40
CA LEU H 295 17.84 26.02 62.71
C LEU H 295 16.33 26.12 62.83
N PHE H 296 15.64 26.45 61.74
CA PHE H 296 14.20 26.60 61.76
C PHE H 296 13.66 26.38 60.35
N ARG H 297 12.41 25.93 60.27
CA ARG H 297 11.80 25.68 58.98
C ARG H 297 10.31 26.02 59.04
N SER H 298 9.76 26.31 57.87
CA SER H 298 8.34 26.64 57.77
C SER H 298 7.83 26.28 56.38
N GLN H 299 6.54 25.98 56.30
CA GLN H 299 5.87 25.71 55.03
C GLN H 299 4.50 26.36 55.01
N ALA H 300 4.41 27.61 55.48
CA ALA H 300 3.12 28.28 55.56
C ALA H 300 2.56 28.60 54.17
N HIS H 301 3.42 29.02 53.25
CA HIS H 301 2.96 29.45 51.94
C HIS H 301 2.35 28.29 51.17
N ARG H 302 1.34 28.62 50.35
CA ARG H 302 0.68 27.66 49.49
C ARG H 302 1.18 27.71 48.06
N ASP H 303 2.24 28.45 47.79
CA ASP H 303 2.79 28.57 46.44
C ASP H 303 4.25 28.97 46.58
N PHE H 304 4.86 29.39 45.47
CA PHE H 304 6.26 29.78 45.49
C PHE H 304 6.48 30.91 46.47
N VAL H 305 7.51 30.78 47.30
CA VAL H 305 8.00 31.88 48.13
C VAL H 305 8.97 32.67 47.28
N ARG H 306 8.72 33.96 47.10
CA ARG H 306 9.54 34.78 46.21
C ARG H 306 10.61 35.56 46.95
N ASP H 307 10.27 36.21 48.06
CA ASP H 307 11.24 37.04 48.75
C ASP H 307 11.05 36.95 50.25
N ALA H 308 12.12 37.27 50.97
CA ALA H 308 12.11 37.34 52.42
C ALA H 308 12.97 38.51 52.86
N THR H 309 12.67 39.05 54.03
CA THR H 309 13.42 40.19 54.54
C THR H 309 13.29 40.24 56.05
N TRP H 310 14.38 40.62 56.71
CA TRP H 310 14.40 40.71 58.17
C TRP H 310 13.97 42.10 58.61
N SER H 311 13.09 42.15 59.58
CA SER H 311 12.61 43.44 60.08
C SER H 311 13.70 44.11 60.90
N PRO H 312 14.14 45.33 60.53
CA PRO H 312 15.19 45.98 61.32
C PRO H 312 14.78 46.23 62.76
N LEU H 313 13.50 46.48 63.02
CA LEU H 313 13.07 46.74 64.39
C LEU H 313 13.27 45.52 65.27
N ASN H 314 12.84 44.35 64.81
CA ASN H 314 12.98 43.10 65.55
C ASN H 314 13.73 42.12 64.67
N HIS H 315 14.97 41.82 65.03
CA HIS H 315 15.80 40.95 64.21
C HIS H 315 15.30 39.51 64.18
N SER H 316 14.38 39.14 65.07
CA SER H 316 13.80 37.80 65.07
C SER H 316 12.54 37.71 64.22
N LEU H 317 12.16 38.78 63.53
CA LEU H 317 10.96 38.80 62.71
C LEU H 317 11.37 38.77 61.24
N LEU H 318 10.80 37.82 60.49
CA LEU H 318 11.11 37.63 59.08
C LEU H 318 9.82 37.72 58.28
N THR H 319 9.76 38.66 57.34
CA THR H 319 8.58 38.85 56.50
C THR H 319 8.86 38.28 55.12
N THR H 320 7.98 37.39 54.66
CA THR H 320 8.17 36.72 53.39
C THR H 320 6.92 36.85 52.53
N VAL H 321 7.13 36.97 51.23
CA VAL H 321 6.06 37.16 50.26
C VAL H 321 6.25 36.17 49.12
N GLY H 322 5.13 35.59 48.66
CA GLY H 322 5.14 34.66 47.57
C GLY H 322 3.97 34.90 46.64
N TRP H 323 3.84 34.02 45.64
CA TRP H 323 2.80 34.16 44.64
C TRP H 323 1.41 33.80 45.14
N ASP H 324 1.30 33.20 46.33
CA ASP H 324 -0.03 32.93 46.89
C ASP H 324 -0.73 34.20 47.35
N HIS H 325 -0.12 35.37 47.17
CA HIS H 325 -0.72 36.64 47.58
C HIS H 325 -0.85 36.72 49.10
N GLN H 326 0.23 36.35 49.78
CA GLN H 326 0.29 36.40 51.24
C GLN H 326 1.57 37.10 51.68
N VAL H 327 1.48 37.76 52.82
CA VAL H 327 2.65 38.29 53.52
C VAL H 327 2.70 37.58 54.87
N VAL H 328 3.71 36.74 55.06
CA VAL H 328 3.81 35.87 56.22
C VAL H 328 4.90 36.39 57.13
N HIS H 329 4.56 36.59 58.41
CA HIS H 329 5.51 37.03 59.41
C HIS H 329 5.89 35.82 60.27
N HIS H 330 7.19 35.54 60.33
CA HIS H 330 7.71 34.44 61.12
C HIS H 330 8.54 34.98 62.27
N VAL H 331 8.45 34.32 63.42
CA VAL H 331 9.29 34.62 64.58
C VAL H 331 10.28 33.49 64.72
N VAL H 332 11.56 33.79 64.56
CA VAL H 332 12.61 32.77 64.55
C VAL H 332 13.22 32.67 65.94
N PRO H 333 13.58 31.47 66.41
CA PRO H 333 14.21 31.35 67.74
C PRO H 333 15.70 31.68 67.70
N THR H 334 16.00 32.94 67.41
CA THR H 334 17.38 33.40 67.34
C THR H 334 18.05 33.32 68.71
N THR I 229 13.20 59.69 3.73
CA THR I 229 12.88 61.13 3.93
C THR I 229 14.14 61.98 3.88
N VAL I 230 14.91 61.94 4.96
CA VAL I 230 16.15 62.71 5.01
C VAL I 230 17.07 62.28 3.89
N ALA I 231 17.69 63.25 3.22
CA ALA I 231 18.61 62.94 2.14
C ALA I 231 19.76 62.08 2.66
N GLY I 232 20.07 61.02 1.92
CA GLY I 232 21.11 60.10 2.34
C GLY I 232 20.80 59.42 3.66
N GLN I 233 19.52 59.23 3.96
CA GLN I 233 19.13 58.58 5.22
C GLN I 233 19.73 57.19 5.31
N PHE I 234 19.78 56.47 4.19
CA PHE I 234 20.25 55.09 4.16
C PHE I 234 21.70 54.97 3.71
N GLU I 235 22.42 56.08 3.62
CA GLU I 235 23.82 56.02 3.21
C GLU I 235 24.64 55.27 4.25
N ASP I 236 25.60 54.50 3.78
CA ASP I 236 26.38 53.63 4.67
C ASP I 236 27.18 54.44 5.66
N ALA I 237 27.41 53.86 6.84
CA ALA I 237 28.18 54.51 7.88
C ALA I 237 29.66 54.42 7.56
N ASP I 238 30.37 55.54 7.70
CA ASP I 238 31.80 55.59 7.42
C ASP I 238 32.60 55.66 8.72
N ARG J 13 -26.48 34.15 -10.31
CA ARG J 13 -25.74 34.06 -11.56
C ARG J 13 -25.94 32.71 -12.23
N VAL J 14 -25.94 32.71 -13.57
CA VAL J 14 -26.12 31.50 -14.35
C VAL J 14 -25.10 31.50 -15.47
N SER J 15 -24.48 30.34 -15.70
CA SER J 15 -23.51 30.16 -16.76
C SER J 15 -24.13 29.31 -17.86
N SER J 16 -24.12 29.83 -19.09
CA SER J 16 -24.77 29.16 -20.21
C SER J 16 -23.87 29.25 -21.43
N GLY J 17 -24.13 28.35 -22.38
CA GLY J 17 -23.35 28.28 -23.61
C GLY J 17 -24.24 28.04 -24.80
N ARG J 18 -23.60 28.02 -25.97
CA ARG J 18 -24.29 27.82 -27.25
C ARG J 18 -23.84 26.51 -27.88
N ASP J 19 -24.76 25.86 -28.57
CA ASP J 19 -24.48 24.61 -29.27
C ASP J 19 -24.66 24.85 -30.76
N LEU J 20 -23.59 24.58 -31.52
CA LEU J 20 -23.60 24.76 -32.96
C LEU J 20 -23.02 23.52 -33.64
N ASN J 21 -23.52 23.24 -34.84
CA ASN J 21 -22.97 22.19 -35.68
C ASN J 21 -22.26 22.74 -36.91
N CYS J 22 -22.36 24.03 -37.17
CA CYS J 22 -21.67 24.67 -38.28
C CYS J 22 -20.86 25.83 -37.76
N VAL J 23 -19.61 25.95 -38.21
CA VAL J 23 -18.75 27.04 -37.81
C VAL J 23 -17.82 27.36 -38.98
N PRO J 24 -18.27 28.14 -39.97
CA PRO J 24 -17.39 28.45 -41.10
C PRO J 24 -16.07 29.08 -40.67
N GLU J 25 -16.10 29.95 -39.67
CA GLU J 25 -14.88 30.50 -39.08
C GLU J 25 -15.05 30.54 -37.57
N ILE J 26 -13.92 30.50 -36.87
CA ILE J 26 -13.94 30.44 -35.42
C ILE J 26 -13.98 31.83 -34.80
N ALA J 27 -13.17 32.76 -35.30
CA ALA J 27 -13.09 34.07 -34.68
C ALA J 27 -14.43 34.78 -34.71
N ASP J 28 -15.05 34.88 -35.90
CA ASP J 28 -16.33 35.57 -36.01
C ASP J 28 -17.43 34.83 -35.26
N THR J 29 -17.40 33.49 -35.29
CA THR J 29 -18.41 32.73 -34.56
C THR J 29 -18.33 33.01 -33.08
N LEU J 30 -17.13 33.02 -32.52
CA LEU J 30 -16.97 33.35 -31.10
C LEU J 30 -17.39 34.78 -30.82
N GLY J 31 -17.06 35.71 -31.72
CA GLY J 31 -17.49 37.08 -31.52
C GLY J 31 -19.00 37.20 -31.44
N ALA J 32 -19.70 36.56 -32.37
CA ALA J 32 -21.16 36.61 -32.37
C ALA J 32 -21.72 35.93 -31.12
N VAL J 33 -21.15 34.80 -30.73
CA VAL J 33 -21.64 34.09 -29.55
C VAL J 33 -21.47 34.95 -28.31
N ALA J 34 -20.31 35.59 -28.16
CA ALA J 34 -20.09 36.47 -27.03
C ALA J 34 -21.06 37.65 -27.06
N LYS J 35 -21.28 38.24 -28.23
CA LYS J 35 -22.24 39.33 -28.34
C LYS J 35 -23.61 38.89 -27.87
N GLN J 36 -24.02 37.67 -28.24
CA GLN J 36 -25.31 37.16 -27.78
C GLN J 36 -25.36 36.95 -26.27
N GLY J 37 -24.19 36.82 -25.63
CA GLY J 37 -24.12 36.72 -24.18
C GLY J 37 -23.78 35.35 -23.64
N PHE J 38 -23.56 34.36 -24.50
CA PHE J 38 -23.19 33.04 -24.00
C PHE J 38 -21.77 33.05 -23.45
N ASP J 39 -21.48 32.06 -22.61
CA ASP J 39 -20.16 31.95 -21.99
C ASP J 39 -19.22 31.04 -22.76
N PHE J 40 -19.73 29.97 -23.36
CA PHE J 40 -18.89 29.04 -24.08
C PHE J 40 -19.65 28.51 -25.28
N LEU J 41 -18.90 27.95 -26.23
CA LEU J 41 -19.45 27.46 -27.50
C LEU J 41 -19.15 25.97 -27.62
N CYS J 42 -20.19 25.20 -27.91
CA CYS J 42 -20.05 23.77 -28.18
C CYS J 42 -19.94 23.57 -29.68
N MET J 43 -18.80 23.08 -30.14
CA MET J 43 -18.53 22.97 -31.57
C MET J 43 -17.91 21.62 -31.88
N PRO J 44 -17.98 21.18 -33.14
CA PRO J 44 -17.27 19.95 -33.53
C PRO J 44 -15.81 20.25 -33.84
N VAL J 45 -14.92 19.44 -33.30
CA VAL J 45 -13.50 19.63 -33.59
C VAL J 45 -13.20 19.31 -35.05
N PHE J 46 -13.85 18.27 -35.59
CA PHE J 46 -13.76 17.91 -37.00
C PHE J 46 -15.08 18.22 -37.68
N HIS J 47 -15.02 18.40 -38.99
CA HIS J 47 -16.24 18.65 -39.74
C HIS J 47 -17.18 17.46 -39.58
N PRO J 48 -18.43 17.67 -39.18
CA PRO J 48 -19.30 16.53 -38.89
C PRO J 48 -19.52 15.60 -40.06
N ARG J 49 -19.51 16.11 -41.29
CA ARG J 49 -19.78 15.30 -42.47
C ARG J 49 -18.51 14.69 -43.07
N PHE J 50 -17.33 15.06 -42.58
CA PHE J 50 -16.07 14.65 -43.20
C PHE J 50 -15.69 13.26 -42.67
N LYS J 51 -16.29 12.24 -43.27
CA LYS J 51 -15.97 10.87 -42.91
C LYS J 51 -14.52 10.57 -43.26
N ARG J 52 -13.87 9.76 -42.44
CA ARG J 52 -12.48 9.42 -42.63
C ARG J 52 -12.30 7.91 -42.56
N GLU J 53 -11.46 7.38 -43.44
CA GLU J 53 -11.14 5.96 -43.47
C GLU J 53 -9.77 5.74 -42.84
N PHE J 54 -9.58 4.54 -42.29
CA PHE J 54 -8.35 4.22 -41.58
C PHE J 54 -7.74 2.89 -41.95
N ILE J 55 -8.42 2.05 -42.73
CA ILE J 55 -7.92 0.71 -43.04
C ILE J 55 -7.81 0.53 -44.54
N GLN J 56 -8.91 0.76 -45.25
CA GLN J 56 -9.02 0.42 -46.66
C GLN J 56 -8.50 1.59 -47.49
N GLU J 57 -7.39 1.37 -48.19
CA GLU J 57 -6.87 2.34 -49.15
C GLU J 57 -7.72 2.31 -50.41
N PRO J 58 -7.66 3.36 -51.24
CA PRO J 58 -6.83 4.55 -51.13
C PRO J 58 -7.47 5.63 -50.27
N ALA J 59 -8.62 5.34 -49.65
CA ALA J 59 -9.29 6.33 -48.84
C ALA J 59 -8.42 6.77 -47.67
N LYS J 60 -7.75 5.82 -47.01
CA LYS J 60 -6.96 6.16 -45.84
C LYS J 60 -5.74 6.99 -46.19
N ASN J 61 -5.28 6.96 -47.43
CA ASN J 61 -4.18 7.82 -47.86
C ASN J 61 -4.69 9.17 -48.34
N ARG J 62 -5.50 9.81 -47.51
CA ARG J 62 -6.07 11.11 -47.87
C ARG J 62 -5.06 12.21 -47.58
N PRO J 63 -4.69 13.02 -48.55
CA PRO J 63 -3.71 14.07 -48.31
C PRO J 63 -4.33 15.28 -47.62
N GLY J 64 -3.48 16.23 -47.27
CA GLY J 64 -3.90 17.52 -46.77
C GLY J 64 -4.28 17.49 -45.30
N PRO J 65 -4.57 18.66 -44.74
CA PRO J 65 -4.95 18.72 -43.32
C PRO J 65 -6.25 17.99 -43.06
N GLN J 66 -6.37 17.44 -41.85
CA GLN J 66 -7.57 16.74 -41.45
C GLN J 66 -8.59 17.64 -40.77
N THR J 67 -8.18 18.82 -40.31
CA THR J 67 -9.09 19.73 -39.62
C THR J 67 -8.42 21.09 -39.55
N ARG J 68 -9.18 22.08 -39.07
CA ARG J 68 -8.65 23.42 -38.93
C ARG J 68 -7.55 23.46 -37.87
N SER J 69 -6.61 24.36 -38.06
CA SER J 69 -5.45 24.44 -37.19
C SER J 69 -5.86 24.84 -35.77
N ASP J 70 -5.01 24.50 -34.81
CA ASP J 70 -5.21 24.89 -33.43
C ASP J 70 -4.66 26.28 -33.12
N LEU J 71 -3.99 26.93 -34.07
CA LEU J 71 -3.44 28.25 -33.84
C LEU J 71 -4.45 29.37 -34.04
N LEU J 72 -5.67 29.04 -34.47
CA LEU J 72 -6.67 30.08 -34.69
C LEU J 72 -7.02 30.79 -33.38
N LEU J 73 -7.07 30.05 -32.29
CA LEU J 73 -7.39 30.60 -30.98
C LEU J 73 -6.24 30.35 -30.02
N SER J 74 -6.04 31.28 -29.10
CA SER J 74 -4.99 31.14 -28.10
C SER J 74 -5.33 30.00 -27.14
N GLY J 75 -4.31 29.52 -26.44
CA GLY J 75 -4.52 28.42 -25.51
C GLY J 75 -5.57 28.74 -24.46
N ARG J 76 -5.57 29.99 -23.97
CA ARG J 76 -6.58 30.39 -23.01
C ARG J 76 -7.98 30.24 -23.58
N ASP J 77 -8.17 30.63 -24.84
CA ASP J 77 -9.48 30.53 -25.46
C ASP J 77 -9.93 29.07 -25.57
N TRP J 78 -9.03 28.19 -26.00
CA TRP J 78 -9.39 26.78 -26.11
C TRP J 78 -9.77 26.20 -24.76
N ASN J 79 -9.02 26.54 -23.72
CA ASN J 79 -9.23 25.92 -22.41
C ASN J 79 -10.54 26.32 -21.76
N THR J 80 -11.16 27.41 -22.20
CA THR J 80 -12.35 27.92 -21.52
C THR J 80 -13.54 28.12 -22.44
N LEU J 81 -13.32 28.57 -23.67
CA LEU J 81 -14.41 29.02 -24.52
C LEU J 81 -14.99 27.94 -25.42
N ILE J 82 -14.38 26.76 -25.48
CA ILE J 82 -14.77 25.75 -26.46
C ILE J 82 -15.08 24.43 -25.75
N VAL J 83 -16.11 23.75 -26.23
CA VAL J 83 -16.46 22.41 -25.77
C VAL J 83 -16.61 21.53 -27.00
N GLY J 84 -15.82 20.46 -27.07
CA GLY J 84 -15.81 19.62 -28.25
C GLY J 84 -17.00 18.70 -28.32
N LYS J 85 -17.44 18.44 -29.54
CA LYS J 85 -18.52 17.51 -29.82
C LYS J 85 -18.02 16.38 -30.70
N LEU J 86 -18.42 15.16 -30.37
CA LEU J 86 -18.08 14.02 -31.20
C LEU J 86 -18.86 14.07 -32.52
N SER J 87 -18.22 13.60 -33.59
CA SER J 87 -18.84 13.67 -34.90
C SER J 87 -20.07 12.78 -34.95
N PRO J 88 -21.08 13.15 -35.74
CA PRO J 88 -22.33 12.38 -35.72
C PRO J 88 -22.25 11.05 -36.45
N TRP J 89 -21.30 10.88 -37.36
CA TRP J 89 -21.20 9.66 -38.15
C TRP J 89 -20.47 8.54 -37.44
N ILE J 90 -19.95 8.79 -36.24
CA ILE J 90 -19.19 7.80 -35.49
C ILE J 90 -20.17 6.92 -34.72
N ARG J 91 -20.23 5.64 -35.09
CA ARG J 91 -21.14 4.67 -34.48
C ARG J 91 -20.34 3.45 -34.06
N PRO J 92 -19.66 3.51 -32.92
CA PRO J 92 -18.78 2.40 -32.53
C PRO J 92 -19.51 1.09 -32.32
N ASP J 93 -20.82 1.11 -32.12
CA ASP J 93 -21.59 -0.09 -31.85
C ASP J 93 -22.34 -0.58 -33.08
N SER J 94 -21.96 -0.13 -34.27
CA SER J 94 -22.58 -0.62 -35.49
C SER J 94 -22.39 -2.12 -35.60
N LYS J 95 -23.25 -2.74 -36.41
CA LYS J 95 -23.22 -4.18 -36.59
C LYS J 95 -22.22 -4.65 -37.64
N VAL J 96 -21.57 -3.72 -38.35
CA VAL J 96 -20.62 -4.06 -39.40
C VAL J 96 -19.21 -3.87 -38.86
N GLU J 97 -18.36 -4.88 -39.06
CA GLU J 97 -17.00 -4.81 -38.53
C GLU J 97 -16.26 -3.61 -39.10
N LYS J 98 -16.39 -3.36 -40.39
CA LYS J 98 -15.69 -2.23 -41.00
C LYS J 98 -16.13 -0.92 -40.38
N ILE J 99 -17.44 -0.71 -40.27
CA ILE J 99 -17.96 0.52 -39.69
C ILE J 99 -17.54 0.64 -38.24
N ARG J 100 -17.60 -0.45 -37.49
CA ARG J 100 -17.21 -0.41 -36.09
C ARG J 100 -15.74 -0.03 -35.93
N ARG J 101 -14.86 -0.62 -36.74
CA ARG J 101 -13.44 -0.30 -36.65
C ARG J 101 -13.17 1.15 -37.03
N ASN J 102 -13.80 1.62 -38.11
CA ASN J 102 -13.62 3.01 -38.50
C ASN J 102 -14.12 3.95 -37.41
N SER J 103 -15.26 3.62 -36.79
CA SER J 103 -15.78 4.46 -35.72
C SER J 103 -14.84 4.49 -34.53
N GLU J 104 -14.29 3.33 -34.17
CA GLU J 104 -13.33 3.30 -33.06
C GLU J 104 -12.13 4.18 -33.36
N ALA J 105 -11.56 4.03 -34.56
CA ALA J 105 -10.39 4.83 -34.92
C ALA J 105 -10.72 6.32 -34.92
N ALA J 106 -11.88 6.69 -35.48
CA ALA J 106 -12.26 8.09 -35.54
C ALA J 106 -12.47 8.65 -34.15
N MET J 107 -13.12 7.90 -33.26
CA MET J 107 -13.33 8.39 -31.91
C MET J 107 -12.01 8.58 -31.18
N LEU J 108 -11.09 7.63 -31.33
CA LEU J 108 -9.79 7.79 -30.71
C LEU J 108 -9.07 9.01 -31.24
N GLN J 109 -9.12 9.22 -32.56
CA GLN J 109 -8.49 10.40 -33.15
C GLN J 109 -9.09 11.68 -32.59
N GLU J 110 -10.42 11.74 -32.50
CA GLU J 110 -11.07 12.97 -32.05
C GLU J 110 -10.80 13.23 -30.57
N LEU J 111 -10.82 12.18 -29.74
CA LEU J 111 -10.51 12.37 -28.33
C LEU J 111 -9.07 12.82 -28.15
N ASN J 112 -8.15 12.23 -28.92
CA ASN J 112 -6.75 12.65 -28.82
C ASN J 112 -6.59 14.10 -29.24
N PHE J 113 -7.27 14.51 -30.31
CA PHE J 113 -7.19 15.91 -30.73
C PHE J 113 -7.79 16.83 -29.67
N GLY J 114 -8.90 16.45 -29.07
CA GLY J 114 -9.48 17.25 -28.01
C GLY J 114 -8.51 17.40 -26.84
N ALA J 115 -7.83 16.32 -26.48
CA ALA J 115 -6.80 16.42 -25.45
C ALA J 115 -5.68 17.36 -25.88
N TYR J 116 -5.31 17.29 -27.16
CA TYR J 116 -4.25 18.15 -27.68
C TYR J 116 -4.62 19.63 -27.54
N LEU J 117 -5.88 19.97 -27.82
CA LEU J 117 -6.33 21.35 -27.65
C LEU J 117 -6.53 21.70 -26.18
N GLY J 118 -6.59 20.71 -25.30
CA GLY J 118 -6.87 20.98 -23.91
C GLY J 118 -8.28 21.48 -23.67
N LEU J 119 -9.27 20.94 -24.37
CA LEU J 119 -10.63 21.39 -24.20
C LEU J 119 -11.10 21.10 -22.78
N PRO J 120 -11.83 22.04 -22.16
CA PRO J 120 -12.35 21.77 -20.80
C PRO J 120 -13.28 20.58 -20.74
N ALA J 121 -14.09 20.35 -21.77
CA ALA J 121 -15.06 19.27 -21.75
C ALA J 121 -15.32 18.79 -23.17
N PHE J 122 -15.81 17.55 -23.26
CA PHE J 122 -16.08 16.92 -24.54
C PHE J 122 -17.44 16.24 -24.48
N LEU J 123 -18.28 16.52 -25.47
CA LEU J 123 -19.65 16.02 -25.51
C LEU J 123 -19.71 14.74 -26.35
N LEU J 124 -20.18 13.66 -25.75
CA LEU J 124 -20.34 12.39 -26.43
C LEU J 124 -21.82 12.02 -26.47
N PRO J 125 -22.38 11.72 -27.65
CA PRO J 125 -23.79 11.31 -27.68
C PRO J 125 -23.98 9.93 -27.09
N LEU J 126 -25.12 9.75 -26.42
CA LEU J 126 -25.48 8.47 -25.78
C LEU J 126 -26.97 8.27 -26.05
N ASN J 127 -27.28 7.59 -27.16
CA ASN J 127 -28.65 7.48 -27.63
C ASN J 127 -28.96 6.08 -28.15
N GLN J 128 -28.32 5.05 -27.61
CA GLN J 128 -28.60 3.69 -28.00
C GLN J 128 -28.73 2.81 -26.77
N GLU J 129 -29.46 1.72 -26.92
CA GLU J 129 -29.61 0.77 -25.83
C GLU J 129 -28.26 0.15 -25.46
N ASP J 130 -27.46 -0.20 -26.46
CA ASP J 130 -26.16 -0.83 -26.26
C ASP J 130 -25.07 0.11 -26.73
N ASN J 131 -24.17 0.49 -25.82
CA ASN J 131 -23.00 1.30 -26.15
C ASN J 131 -21.79 0.80 -25.39
N THR J 132 -21.61 -0.52 -25.34
CA THR J 132 -20.48 -1.09 -24.61
C THR J 132 -19.15 -0.73 -25.26
N ASN J 133 -19.08 -0.81 -26.58
CA ASN J 133 -17.82 -0.52 -27.27
C ASN J 133 -17.40 0.93 -27.06
N LEU J 134 -18.37 1.85 -27.06
CA LEU J 134 -18.06 3.23 -26.78
C LEU J 134 -17.47 3.39 -25.39
N ALA J 135 -18.04 2.68 -24.42
CA ALA J 135 -17.51 2.73 -23.06
C ALA J 135 -16.09 2.19 -23.03
N ARG J 136 -15.82 1.11 -23.76
CA ARG J 136 -14.47 0.55 -23.78
C ARG J 136 -13.48 1.55 -24.35
N VAL J 137 -13.83 2.19 -25.47
CA VAL J 137 -12.92 3.17 -26.06
C VAL J 137 -12.69 4.33 -25.11
N LEU J 138 -13.77 4.83 -24.49
CA LEU J 138 -13.63 5.98 -23.61
C LEU J 138 -12.76 5.65 -22.40
N THR J 139 -12.96 4.48 -21.81
CA THR J 139 -12.16 4.12 -20.63
C THR J 139 -10.72 3.82 -21.01
N ASN J 140 -10.48 3.28 -22.21
CA ASN J 140 -9.11 3.14 -22.67
C ASN J 140 -8.44 4.49 -22.81
N HIS J 141 -9.16 5.47 -23.36
CA HIS J 141 -8.59 6.81 -23.46
C HIS J 141 -8.34 7.42 -22.08
N ILE J 142 -9.25 7.17 -21.13
CA ILE J 142 -9.13 7.77 -19.81
C ILE J 142 -7.91 7.26 -19.07
N HIS J 143 -7.26 6.21 -19.57
CA HIS J 143 -6.06 5.66 -18.94
C HIS J 143 -4.82 5.83 -19.81
N THR J 144 -4.73 6.92 -20.58
CA THR J 144 -3.63 7.13 -21.49
C THR J 144 -3.27 8.61 -21.53
N GLY J 145 -2.18 8.98 -20.85
CA GLY J 145 -1.70 10.35 -20.90
C GLY J 145 -2.09 11.14 -19.66
N HIS J 146 -2.50 12.39 -19.89
CA HIS J 146 -2.93 13.28 -18.82
C HIS J 146 -4.40 13.62 -18.88
N HIS J 147 -4.95 13.80 -20.09
CA HIS J 147 -6.40 13.84 -20.33
C HIS J 147 -7.13 14.56 -19.19
N SER J 148 -6.77 15.83 -18.97
CA SER J 148 -7.45 16.60 -17.94
C SER J 148 -8.90 16.90 -18.29
N SER J 149 -9.32 16.66 -19.53
CA SER J 149 -10.65 17.05 -19.98
C SER J 149 -11.73 16.22 -19.30
N MET J 150 -12.90 16.83 -19.16
CA MET J 150 -14.11 16.16 -18.67
C MET J 150 -14.93 15.64 -19.85
N PHE J 151 -15.77 14.65 -19.56
CA PHE J 151 -16.63 14.04 -20.57
C PHE J 151 -18.08 14.17 -20.15
N TRP J 152 -18.91 14.71 -21.04
CA TRP J 152 -20.33 14.89 -20.81
C TRP J 152 -21.10 14.01 -21.78
N MET J 153 -21.95 13.13 -21.26
CA MET J 153 -22.76 12.25 -22.09
C MET J 153 -24.11 12.90 -22.33
N ARG J 154 -24.41 13.16 -23.60
CA ARG J 154 -25.69 13.76 -23.99
C ARG J 154 -26.74 12.65 -24.00
N VAL J 155 -27.45 12.50 -22.89
CA VAL J 155 -28.43 11.43 -22.72
C VAL J 155 -29.82 12.06 -22.64
N PRO J 156 -30.73 11.75 -23.56
CA PRO J 156 -32.06 12.37 -23.48
C PRO J 156 -32.84 11.90 -22.26
N LEU J 157 -33.70 12.80 -21.77
CA LEU J 157 -34.63 12.40 -20.71
C LEU J 157 -35.61 11.34 -21.22
N VAL J 158 -36.10 11.50 -22.45
CA VAL J 158 -37.04 10.58 -23.07
C VAL J 158 -36.43 10.09 -24.37
N ALA J 159 -36.39 8.78 -24.56
CA ALA J 159 -35.78 8.23 -25.75
C ALA J 159 -36.54 8.71 -26.99
N PRO J 160 -35.85 9.01 -28.09
CA PRO J 160 -36.57 9.44 -29.30
C PRO J 160 -37.61 8.44 -29.76
N GLU J 161 -37.36 7.15 -29.56
CA GLU J 161 -38.32 6.14 -29.97
C GLU J 161 -39.66 6.31 -29.27
N ASP J 162 -39.70 7.00 -28.13
CA ASP J 162 -40.94 7.18 -27.39
C ASP J 162 -41.67 8.47 -27.75
N LEU J 163 -40.95 9.51 -28.14
CA LEU J 163 -41.56 10.80 -28.42
C LEU J 163 -41.79 11.04 -29.90
N ARG J 164 -41.57 10.04 -30.74
CA ARG J 164 -41.87 10.18 -32.16
C ARG J 164 -43.37 10.24 -32.38
N ASP J 165 -43.79 11.02 -33.37
CA ASP J 165 -45.20 11.17 -33.66
C ASP J 165 -45.80 9.84 -34.13
N ASP J 166 -47.09 9.67 -33.86
CA ASP J 166 -47.82 8.48 -34.28
C ASP J 166 -48.50 8.76 -35.63
N ILE J 167 -47.66 8.88 -36.66
CA ILE J 167 -48.11 9.16 -38.01
C ILE J 167 -47.76 8.03 -38.98
N ILE J 168 -47.38 6.87 -38.47
CA ILE J 168 -47.09 5.71 -39.31
C ILE J 168 -48.28 4.78 -39.26
N GLU J 169 -48.77 4.39 -40.44
CA GLU J 169 -50.01 3.61 -40.50
C GLU J 169 -49.86 2.26 -39.83
N ASN J 170 -48.74 1.57 -40.06
CA ASN J 170 -48.55 0.21 -39.58
C ASN J 170 -47.39 0.09 -38.59
N ALA J 171 -47.02 1.20 -37.94
CA ALA J 171 -46.01 1.18 -36.87
C ALA J 171 -46.55 1.99 -35.71
N PRO J 172 -47.64 1.54 -35.08
CA PRO J 172 -48.26 2.33 -34.02
C PRO J 172 -47.33 2.52 -32.84
N THR J 173 -47.42 3.69 -32.22
CA THR J 173 -46.65 3.99 -31.02
C THR J 173 -47.28 3.31 -29.82
N THR J 174 -46.44 2.94 -28.86
CA THR J 174 -46.93 2.25 -27.68
C THR J 174 -47.84 3.17 -26.87
N HIS J 175 -48.94 2.61 -26.36
CA HIS J 175 -49.87 3.33 -25.52
C HIS J 175 -50.05 2.70 -24.15
N THR J 176 -49.49 1.51 -23.92
CA THR J 176 -49.61 0.87 -22.62
C THR J 176 -48.89 1.70 -21.56
N GLU J 177 -49.39 1.64 -20.33
CA GLU J 177 -48.79 2.37 -19.22
C GLU J 177 -47.48 1.71 -18.81
N GLU J 178 -46.45 1.86 -19.63
CA GLU J 178 -45.13 1.27 -19.36
C GLU J 178 -44.43 2.13 -18.31
N TYR J 179 -44.73 1.84 -17.04
CA TYR J 179 -44.11 2.59 -15.95
C TYR J 179 -42.61 2.39 -15.95
N SER J 180 -42.14 1.16 -16.19
CA SER J 180 -40.72 0.88 -16.28
C SER J 180 -40.14 1.16 -17.67
N GLY J 181 -40.99 1.45 -18.65
CA GLY J 181 -40.51 1.78 -19.97
C GLY J 181 -40.13 3.23 -20.13
N GLU J 182 -40.49 4.06 -19.15
CA GLU J 182 -40.16 5.48 -19.19
C GLU J 182 -38.82 5.79 -18.53
N GLU J 183 -38.19 4.82 -17.88
CA GLU J 183 -36.89 5.02 -17.26
C GLU J 183 -35.74 4.50 -18.10
N LYS J 184 -36.03 3.96 -19.29
CA LYS J 184 -34.99 3.30 -20.07
C LYS J 184 -33.78 4.21 -20.27
N THR J 185 -34.01 5.49 -20.53
CA THR J 185 -32.89 6.41 -20.75
C THR J 185 -31.93 6.36 -19.58
N TRP J 186 -32.47 6.47 -18.35
CA TRP J 186 -31.59 6.39 -17.18
C TRP J 186 -30.78 5.12 -17.21
N MET J 187 -31.41 3.99 -17.51
CA MET J 187 -30.68 2.73 -17.59
C MET J 187 -29.50 2.87 -18.53
N TRP J 188 -29.72 3.46 -19.72
CA TRP J 188 -28.63 3.64 -20.67
C TRP J 188 -27.45 4.32 -19.99
N TRP J 189 -27.73 5.40 -19.24
CA TRP J 189 -26.67 6.06 -18.51
C TRP J 189 -26.08 5.14 -17.46
N HIS J 190 -26.94 4.56 -16.62
CA HIS J 190 -26.45 3.75 -15.51
C HIS J 190 -25.51 2.67 -16.00
N ASN J 191 -25.94 1.88 -16.98
CA ASN J 191 -25.08 0.85 -17.54
C ASN J 191 -23.75 1.45 -17.96
N PHE J 192 -23.79 2.53 -18.75
CA PHE J 192 -22.53 3.11 -19.22
C PHE J 192 -21.67 3.53 -18.04
N ARG J 193 -22.30 4.08 -16.99
CA ARG J 193 -21.53 4.50 -15.83
C ARG J 193 -20.84 3.31 -15.19
N THR J 194 -21.52 2.17 -15.11
CA THR J 194 -20.94 1.01 -14.46
C THR J 194 -19.72 0.50 -15.23
N LEU J 195 -19.81 0.44 -16.55
CA LEU J 195 -18.69 -0.08 -17.33
C LEU J 195 -17.44 0.77 -17.15
N CYS J 196 -17.61 2.08 -16.98
CA CYS J 196 -16.51 2.98 -16.69
C CYS J 196 -16.25 3.13 -15.20
N ASP J 197 -16.57 2.10 -14.41
CA ASP J 197 -16.23 2.05 -12.99
C ASP J 197 -16.47 3.39 -12.29
N TYR J 198 -17.61 4.01 -12.58
CA TYR J 198 -18.01 5.25 -11.93
C TYR J 198 -16.90 6.30 -12.03
N SER J 199 -16.30 6.40 -13.21
CA SER J 199 -15.18 7.32 -13.39
C SER J 199 -15.59 8.73 -13.01
N LYS J 200 -14.71 9.40 -12.26
CA LYS J 200 -14.99 10.76 -11.83
C LYS J 200 -14.98 11.75 -12.99
N ARG J 201 -14.40 11.36 -14.13
CA ARG J 201 -14.28 12.24 -15.29
C ARG J 201 -15.48 12.14 -16.22
N ILE J 202 -16.47 11.31 -15.90
CA ILE J 202 -17.65 11.12 -16.73
C ILE J 202 -18.84 11.77 -16.02
N ALA J 203 -19.49 12.70 -16.70
CA ALA J 203 -20.66 13.38 -16.18
C ALA J 203 -21.77 13.28 -17.22
N VAL J 204 -22.93 13.85 -16.90
CA VAL J 204 -24.11 13.77 -17.75
C VAL J 204 -24.45 15.17 -18.24
N ALA J 205 -24.81 15.28 -19.51
CA ALA J 205 -25.37 16.50 -20.08
C ALA J 205 -26.82 16.18 -20.43
N LEU J 206 -27.70 16.33 -19.44
CA LEU J 206 -29.10 15.98 -19.62
C LEU J 206 -29.70 16.84 -20.72
N GLU J 207 -30.50 16.21 -21.57
CA GLU J 207 -31.17 16.89 -22.67
C GLU J 207 -32.66 16.90 -22.39
N ILE J 208 -33.24 18.09 -22.32
CA ILE J 208 -34.65 18.25 -21.95
C ILE J 208 -35.50 18.26 -23.20
N GLY J 209 -36.49 17.36 -23.25
CA GLY J 209 -37.41 17.32 -24.36
C GLY J 209 -38.63 18.20 -24.13
N ALA J 210 -39.44 18.33 -25.18
CA ALA J 210 -40.64 19.15 -25.07
C ALA J 210 -41.59 18.59 -24.03
N ASP J 211 -41.74 17.27 -23.99
CA ASP J 211 -42.59 16.60 -23.01
C ASP J 211 -41.75 16.06 -21.87
N LEU J 212 -42.22 16.28 -20.65
CA LEU J 212 -41.47 15.84 -19.48
C LEU J 212 -42.02 14.52 -18.96
N PRO J 213 -41.19 13.69 -18.34
CA PRO J 213 -41.68 12.42 -17.79
C PRO J 213 -42.29 12.58 -16.40
N SER J 214 -42.67 11.46 -15.79
CA SER J 214 -43.28 11.50 -14.47
C SER J 214 -42.28 12.02 -13.44
N ASN J 215 -42.82 12.60 -12.37
CA ASN J 215 -41.98 13.25 -11.37
C ASN J 215 -40.92 12.30 -10.82
N HIS J 216 -41.26 11.01 -10.69
CA HIS J 216 -40.33 10.08 -10.09
C HIS J 216 -39.06 9.94 -10.95
N VAL J 217 -39.21 10.06 -12.26
CA VAL J 217 -38.03 9.99 -13.13
C VAL J 217 -37.12 11.20 -12.89
N ILE J 218 -37.70 12.40 -12.87
CA ILE J 218 -36.89 13.59 -12.67
C ILE J 218 -36.22 13.54 -11.31
N ASP J 219 -36.90 12.96 -10.32
CA ASP J 219 -36.22 12.69 -9.05
C ASP J 219 -35.08 11.70 -9.25
N ARG J 220 -35.30 10.68 -10.06
CA ARG J 220 -34.25 9.71 -10.39
C ARG J 220 -32.99 10.41 -10.81
N TRP J 221 -33.12 11.37 -11.73
CA TRP J 221 -31.93 12.05 -12.25
C TRP J 221 -31.26 12.94 -11.22
N LEU J 222 -31.90 13.20 -10.08
CA LEU J 222 -31.21 13.86 -8.99
C LEU J 222 -30.20 12.91 -8.38
N GLY J 223 -29.06 13.46 -7.96
CA GLY J 223 -27.97 12.66 -7.45
C GLY J 223 -27.00 12.18 -8.50
N GLU J 224 -27.38 12.21 -9.76
CA GLU J 224 -26.44 11.89 -10.82
C GLU J 224 -25.52 13.09 -11.07
N PRO J 225 -24.30 12.85 -11.53
CA PRO J 225 -23.38 13.97 -11.74
C PRO J 225 -23.76 14.78 -12.97
N ILE J 226 -24.85 15.54 -12.89
CA ILE J 226 -25.28 16.38 -13.99
C ILE J 226 -24.42 17.64 -13.99
N LYS J 227 -23.74 17.89 -15.10
CA LYS J 227 -22.91 19.08 -15.26
C LYS J 227 -23.56 20.12 -16.15
N ALA J 228 -24.25 19.68 -17.21
CA ALA J 228 -24.92 20.58 -18.12
C ALA J 228 -26.32 20.07 -18.42
N ALA J 229 -27.20 21.00 -18.77
CA ALA J 229 -28.55 20.70 -19.21
C ALA J 229 -28.76 21.35 -20.56
N ILE J 230 -29.23 20.56 -21.53
CA ILE J 230 -29.36 21.02 -22.91
C ILE J 230 -30.82 21.36 -23.16
N LEU J 231 -31.08 22.62 -23.50
CA LEU J 231 -32.43 23.09 -23.80
C LEU J 231 -32.55 23.32 -25.30
N PRO J 232 -33.32 22.51 -26.03
CA PRO J 232 -33.62 22.86 -27.42
C PRO J 232 -34.45 24.14 -27.48
N THR J 233 -34.26 24.91 -28.54
CA THR J 233 -35.05 26.11 -28.72
C THR J 233 -36.50 25.80 -29.07
N SER J 234 -36.83 24.55 -29.35
CA SER J 234 -38.19 24.19 -29.75
C SER J 234 -39.11 23.94 -28.56
N ILE J 235 -38.58 23.95 -27.32
CA ILE J 235 -39.40 23.71 -26.15
C ILE J 235 -39.96 24.99 -25.56
N PHE J 236 -39.62 26.15 -26.11
CA PHE J 236 -40.07 27.42 -25.57
C PHE J 236 -41.41 27.81 -26.18
N LEU J 237 -42.39 28.05 -25.33
CA LEU J 237 -43.68 28.55 -25.78
C LEU J 237 -43.56 30.03 -26.13
N THR J 238 -44.61 30.55 -26.77
CA THR J 238 -44.65 31.95 -27.19
C THR J 238 -45.72 32.67 -26.38
N ASN J 239 -45.32 33.73 -25.69
CA ASN J 239 -46.27 34.58 -25.00
C ASN J 239 -46.93 35.54 -26.00
N LYS J 240 -48.01 36.18 -25.56
CA LYS J 240 -48.74 37.06 -26.46
C LYS J 240 -47.89 38.21 -26.97
N LYS J 241 -46.78 38.53 -26.28
CA LYS J 241 -45.86 39.55 -26.77
C LYS J 241 -44.88 39.01 -27.79
N GLY J 242 -44.89 37.71 -28.07
CA GLY J 242 -44.05 37.12 -29.09
C GLY J 242 -42.68 36.68 -28.62
N PHE J 243 -42.44 36.63 -27.32
CA PHE J 243 -41.16 36.22 -26.78
C PHE J 243 -41.19 34.76 -26.36
N PRO J 244 -40.04 34.13 -26.21
CA PRO J 244 -40.01 32.73 -25.76
C PRO J 244 -40.20 32.64 -24.25
N VAL J 245 -40.96 31.62 -23.83
CA VAL J 245 -41.22 31.35 -22.42
C VAL J 245 -41.29 29.84 -22.24
N LEU J 246 -41.26 29.41 -20.98
CA LEU J 246 -41.29 27.99 -20.63
C LEU J 246 -42.57 27.68 -19.85
N SER J 247 -43.02 26.43 -19.97
CA SER J 247 -44.19 25.99 -19.24
C SER J 247 -43.88 25.90 -17.75
N LYS J 248 -44.94 25.88 -16.95
CA LYS J 248 -44.77 25.92 -15.49
C LYS J 248 -43.95 24.73 -15.01
N MET J 249 -44.24 23.52 -15.51
CA MET J 249 -43.44 22.36 -15.12
C MET J 249 -41.99 22.53 -15.58
N HIS J 250 -41.79 23.04 -16.79
CA HIS J 250 -40.43 23.31 -17.25
C HIS J 250 -39.75 24.35 -16.36
N GLN J 251 -40.48 25.37 -15.95
CA GLN J 251 -39.90 26.38 -15.07
C GLN J 251 -39.49 25.77 -13.74
N ARG J 252 -40.33 24.90 -13.18
CA ARG J 252 -39.97 24.25 -11.92
C ARG J 252 -38.74 23.38 -12.09
N LEU J 253 -38.66 22.64 -13.21
CA LEU J 253 -37.47 21.82 -13.47
C LEU J 253 -36.24 22.70 -13.59
N ILE J 254 -36.36 23.84 -14.26
CA ILE J 254 -35.22 24.74 -14.42
C ILE J 254 -34.78 25.29 -13.06
N PHE J 255 -35.75 25.61 -12.21
CA PHE J 255 -35.40 26.07 -10.86
C PHE J 255 -34.63 24.99 -10.10
N ARG J 256 -35.09 23.75 -10.20
CA ARG J 256 -34.40 22.66 -9.52
C ARG J 256 -32.98 22.51 -10.05
N LEU J 257 -32.81 22.56 -11.38
CA LEU J 257 -31.48 22.45 -11.96
C LEU J 257 -30.59 23.60 -11.50
N LEU J 258 -31.13 24.81 -11.46
CA LEU J 258 -30.37 25.95 -10.97
C LEU J 258 -29.91 25.71 -9.54
N LYS J 259 -30.81 25.18 -8.70
CA LYS J 259 -30.40 24.80 -7.35
C LYS J 259 -29.33 23.72 -7.37
N LEU J 260 -29.22 22.95 -8.46
CA LEU J 260 -28.12 22.00 -8.62
C LEU J 260 -26.90 22.65 -9.25
N GLU J 261 -27.03 23.84 -9.84
CA GLU J 261 -25.91 24.63 -10.39
C GLU J 261 -25.29 23.96 -11.61
N VAL J 262 -26.13 23.57 -12.56
CA VAL J 262 -25.67 23.04 -13.85
C VAL J 262 -25.45 24.20 -14.81
N GLN J 263 -24.79 23.94 -15.93
CA GLN J 263 -24.62 24.92 -16.99
C GLN J 263 -25.62 24.64 -18.11
N PHE J 264 -26.32 25.68 -18.56
CA PHE J 264 -27.39 25.53 -19.53
C PHE J 264 -26.85 25.77 -20.93
N ILE J 265 -27.12 24.83 -21.84
CA ILE J 265 -26.66 24.89 -23.22
C ILE J 265 -27.89 25.01 -24.10
N ILE J 266 -28.04 26.16 -24.74
CA ILE J 266 -29.16 26.37 -25.66
C ILE J 266 -28.78 25.80 -27.01
N THR J 267 -29.59 24.88 -27.52
CA THR J 267 -29.31 24.22 -28.79
C THR J 267 -30.50 24.40 -29.73
N GLY J 268 -30.21 24.43 -31.02
CA GLY J 268 -31.23 24.56 -32.04
C GLY J 268 -31.11 25.86 -32.80
N THR J 269 -32.19 26.23 -33.46
CA THR J 269 -32.27 27.44 -34.27
C THR J 269 -33.22 28.44 -33.63
N ASN J 270 -33.21 29.67 -34.16
CA ASN J 270 -34.03 30.76 -33.66
C ASN J 270 -35.44 30.59 -34.20
N HIS J 271 -36.23 29.77 -33.50
CA HIS J 271 -37.62 29.56 -33.92
C HIS J 271 -38.41 30.85 -33.86
N HIS J 272 -38.20 31.65 -32.82
CA HIS J 272 -38.86 32.95 -32.67
C HIS J 272 -38.09 33.99 -33.49
N SER J 273 -38.20 33.85 -34.81
CA SER J 273 -37.42 34.68 -35.72
C SER J 273 -37.72 36.16 -35.53
N GLU J 274 -38.88 36.51 -34.99
CA GLU J 274 -39.22 37.91 -34.79
C GLU J 274 -38.33 38.58 -33.76
N LYS J 275 -37.63 37.81 -32.94
CA LYS J 275 -36.80 38.34 -31.87
C LYS J 275 -35.38 37.81 -32.01
N GLU J 276 -34.43 38.55 -31.43
CA GLU J 276 -33.04 38.11 -31.44
C GLU J 276 -32.88 36.81 -30.66
N PHE J 277 -31.85 36.06 -31.01
CA PHE J 277 -31.60 34.79 -30.32
C PHE J 277 -31.29 35.03 -28.85
N CYS J 278 -30.53 36.07 -28.54
CA CYS J 278 -30.18 36.36 -27.16
C CYS J 278 -31.40 36.36 -26.25
N SER J 279 -32.58 36.65 -26.81
CA SER J 279 -33.80 36.66 -26.01
C SER J 279 -33.94 35.38 -25.20
N TYR J 280 -33.75 34.24 -25.85
CA TYR J 280 -33.75 32.96 -25.14
C TYR J 280 -32.92 33.06 -23.87
N LEU J 281 -31.63 33.36 -24.03
CA LEU J 281 -30.76 33.49 -22.88
C LEU J 281 -31.33 34.45 -21.85
N GLN J 282 -31.83 35.60 -22.32
CA GLN J 282 -32.39 36.59 -21.41
C GLN J 282 -33.46 35.95 -20.53
N TYR J 283 -34.34 35.16 -21.12
CA TYR J 283 -35.39 34.53 -20.34
C TYR J 283 -34.80 33.73 -19.18
N LEU J 284 -33.76 32.96 -19.45
CA LEU J 284 -33.13 32.19 -18.39
C LEU J 284 -32.68 33.12 -17.26
N GLU J 285 -32.03 34.24 -17.62
CA GLU J 285 -31.64 35.20 -16.61
C GLU J 285 -32.83 35.61 -15.77
N TYR J 286 -33.96 35.90 -16.42
CA TYR J 286 -35.18 36.23 -15.69
C TYR J 286 -35.50 35.15 -14.67
N LEU J 287 -35.49 33.89 -15.09
CA LEU J 287 -35.74 32.80 -14.15
C LEU J 287 -34.68 32.79 -13.06
N SER J 288 -33.42 33.02 -13.42
CA SER J 288 -32.38 33.07 -12.41
C SER J 288 -32.70 34.11 -11.34
N GLN J 289 -33.41 35.17 -11.71
CA GLN J 289 -33.79 36.19 -10.72
C GLN J 289 -34.96 35.72 -9.88
N ASN J 290 -35.91 35.00 -10.48
CA ASN J 290 -37.07 34.52 -9.71
C ASN J 290 -36.70 33.45 -8.70
N ARG J 291 -35.51 32.89 -8.77
CA ARG J 291 -35.08 31.89 -7.81
C ARG J 291 -35.10 32.51 -6.42
N PRO J 292 -35.84 31.96 -5.46
CA PRO J 292 -35.89 32.55 -4.12
C PRO J 292 -34.49 32.65 -3.52
N PRO J 293 -34.19 33.73 -2.81
CA PRO J 293 -32.84 33.87 -2.25
C PRO J 293 -32.57 32.78 -1.23
N PRO J 294 -31.32 32.35 -1.10
CA PRO J 294 -31.02 31.28 -0.14
C PRO J 294 -31.32 31.72 1.28
N ASN J 295 -31.79 30.76 2.08
CA ASN J 295 -32.08 31.04 3.48
C ASN J 295 -30.78 31.08 4.28
N ALA J 296 -30.90 31.27 5.60
CA ALA J 296 -29.72 31.34 6.44
C ALA J 296 -28.94 30.03 6.40
N TYR J 297 -29.65 28.90 6.47
CA TYR J 297 -28.98 27.60 6.47
C TYR J 297 -28.25 27.37 5.15
N GLU J 298 -28.90 27.68 4.02
CA GLU J 298 -28.28 27.46 2.72
C GLU J 298 -27.04 28.32 2.56
N LEU J 299 -27.11 29.59 2.97
CA LEU J 299 -25.94 30.45 2.92
C LEU J 299 -24.83 29.92 3.82
N PHE J 300 -25.19 29.44 5.01
CA PHE J 300 -24.20 28.89 5.92
C PHE J 300 -23.48 27.69 5.32
N ALA J 301 -24.24 26.80 4.69
CA ALA J 301 -23.67 25.57 4.12
C ALA J 301 -22.95 25.82 2.80
N LYS J 302 -23.12 26.99 2.19
CA LYS J 302 -22.48 27.27 0.91
C LYS J 302 -20.97 27.11 1.04
N GLY J 303 -20.40 26.18 0.25
CA GLY J 303 -18.98 25.92 0.22
C GLY J 303 -18.62 24.48 0.51
N TYR J 304 -19.35 23.85 1.44
CA TYR J 304 -19.09 22.46 1.82
C TYR J 304 -20.18 21.52 1.35
N GLU J 305 -20.98 21.94 0.37
CA GLU J 305 -22.01 21.06 -0.16
C GLU J 305 -21.39 19.79 -0.72
N ASP J 306 -21.89 18.64 -0.26
CA ASP J 306 -21.38 17.34 -0.69
C ASP J 306 -19.86 17.27 -0.55
N TYR J 307 -19.35 17.82 0.55
CA TYR J 307 -17.94 17.78 0.90
C TYR J 307 -17.77 16.94 2.15
N LEU J 308 -16.90 15.94 2.08
CA LEU J 308 -16.78 14.94 3.12
C LEU J 308 -15.86 15.41 4.23
N GLN J 309 -16.32 15.26 5.47
CA GLN J 309 -15.54 15.63 6.65
C GLN J 309 -15.65 14.53 7.68
N SER J 310 -14.55 14.27 8.37
CA SER J 310 -14.59 13.28 9.45
C SER J 310 -15.29 13.89 10.67
N PRO J 311 -16.15 13.13 11.34
CA PRO J 311 -16.87 13.68 12.49
C PRO J 311 -15.93 13.98 13.64
N LEU J 312 -16.31 14.98 14.44
CA LEU J 312 -15.51 15.34 15.61
C LEU J 312 -15.66 14.31 16.71
N GLN J 313 -14.61 14.19 17.53
CA GLN J 313 -14.62 13.33 18.71
C GLN J 313 -14.01 14.09 19.87
N PRO J 314 -14.77 14.99 20.49
CA PRO J 314 -14.19 15.81 21.57
C PRO J 314 -13.66 15.00 22.74
N LEU J 315 -14.09 13.75 22.90
CA LEU J 315 -13.69 12.99 24.08
C LEU J 315 -12.18 12.74 24.10
N MET J 316 -11.57 12.42 22.97
CA MET J 316 -10.14 12.21 22.91
C MET J 316 -9.38 13.32 22.20
N ASP J 317 -10.04 14.10 21.35
CA ASP J 317 -9.41 15.24 20.70
C ASP J 317 -9.78 16.53 21.42
N ASN J 318 -8.98 17.56 21.19
CA ASN J 318 -9.22 18.89 21.74
C ASN J 318 -9.50 19.84 20.59
N LEU J 319 -10.63 20.53 20.67
CA LEU J 319 -11.06 21.40 19.58
C LEU J 319 -10.33 22.73 19.61
N GLU J 320 -10.13 23.30 18.43
CA GLU J 320 -9.47 24.58 18.31
C GLU J 320 -10.40 25.71 18.71
N SER J 321 -9.85 26.92 18.78
CA SER J 321 -10.67 28.09 19.06
C SER J 321 -11.69 28.33 17.96
N GLN J 322 -11.28 28.13 16.70
CA GLN J 322 -12.20 28.37 15.59
C GLN J 322 -13.40 27.43 15.63
N THR J 323 -13.19 26.19 16.11
CA THR J 323 -14.32 25.27 16.22
C THR J 323 -15.38 25.82 17.16
N TYR J 324 -14.97 26.27 18.34
CA TYR J 324 -15.93 26.89 19.26
C TYR J 324 -16.52 28.15 18.66
N GLU J 325 -15.71 28.92 17.94
CA GLU J 325 -16.21 30.15 17.34
C GLU J 325 -17.35 29.85 16.36
N VAL J 326 -17.18 28.84 15.52
CA VAL J 326 -18.25 28.49 14.58
C VAL J 326 -19.43 27.88 15.32
N PHE J 327 -19.18 27.13 16.40
CA PHE J 327 -20.29 26.62 17.20
C PHE J 327 -21.15 27.76 17.73
N GLU J 328 -20.51 28.83 18.21
CA GLU J 328 -21.25 29.92 18.84
C GLU J 328 -22.01 30.78 17.85
N LYS J 329 -21.80 30.60 16.53
CA LYS J 329 -22.51 31.40 15.55
C LYS J 329 -23.98 31.02 15.46
N ASP J 330 -24.38 29.88 16.03
CA ASP J 330 -25.76 29.43 15.95
C ASP J 330 -26.55 29.98 17.12
N PRO J 331 -27.56 30.83 16.89
CA PRO J 331 -28.34 31.36 18.02
C PRO J 331 -29.50 30.45 18.42
N ILE J 332 -29.97 29.64 17.48
CA ILE J 332 -31.18 28.85 17.73
C ILE J 332 -30.92 27.83 18.83
N LYS J 333 -29.79 27.13 18.77
CA LYS J 333 -29.51 26.08 19.74
C LYS J 333 -29.46 26.65 21.15
N TYR J 334 -28.73 27.75 21.32
CA TYR J 334 -28.58 28.31 22.66
C TYR J 334 -29.85 28.98 23.14
N SER J 335 -30.62 29.59 22.23
CA SER J 335 -31.91 30.15 22.63
C SER J 335 -32.84 29.05 23.13
N GLN J 336 -32.85 27.91 22.44
CA GLN J 336 -33.72 26.82 22.88
C GLN J 336 -33.21 26.19 24.18
N TYR J 337 -31.89 26.12 24.35
CA TYR J 337 -31.36 25.66 25.63
C TYR J 337 -31.78 26.59 26.77
N GLN J 338 -31.71 27.90 26.53
CA GLN J 338 -32.15 28.87 27.53
C GLN J 338 -33.63 28.70 27.83
N GLN J 339 -34.45 28.49 26.80
CA GLN J 339 -35.88 28.30 27.02
C GLN J 339 -36.14 27.06 27.86
N ALA J 340 -35.46 25.96 27.54
CA ALA J 340 -35.65 24.73 28.31
C ALA J 340 -35.23 24.91 29.75
N ILE J 341 -34.07 25.56 29.99
CA ILE J 341 -33.61 25.76 31.35
C ILE J 341 -34.59 26.63 32.11
N TYR J 342 -35.09 27.69 31.46
CA TYR J 342 -36.04 28.58 32.12
C TYR J 342 -37.32 27.84 32.50
N LYS J 343 -37.85 27.03 31.59
CA LYS J 343 -39.05 26.27 31.90
C LYS J 343 -38.80 25.29 33.04
N CYS J 344 -37.65 24.60 33.02
CA CYS J 344 -37.34 23.67 34.10
C CYS J 344 -37.23 24.37 35.43
N LEU J 345 -36.57 25.53 35.46
CA LEU J 345 -36.45 26.28 36.71
C LEU J 345 -37.82 26.72 37.21
N LEU J 346 -38.68 27.21 36.32
CA LEU J 346 -40.02 27.60 36.74
C LEU J 346 -40.77 26.41 37.33
N ASP J 347 -40.68 25.25 36.68
CA ASP J 347 -41.36 24.08 37.19
C ASP J 347 -40.83 23.67 38.56
N ARG J 348 -39.50 23.71 38.74
CA ARG J 348 -38.90 23.16 39.95
C ARG J 348 -39.07 24.08 41.16
N VAL J 349 -38.99 25.39 40.97
CA VAL J 349 -38.99 26.35 42.07
C VAL J 349 -40.35 27.05 42.08
N PRO J 350 -41.21 26.76 43.05
CA PRO J 350 -42.47 27.50 43.15
C PRO J 350 -42.24 28.93 43.63
N GLU J 351 -43.24 29.77 43.38
CA GLU J 351 -43.12 31.19 43.72
C GLU J 351 -42.88 31.40 45.21
N GLU J 352 -43.57 30.63 46.05
CA GLU J 352 -43.43 30.82 47.49
C GLU J 352 -42.00 30.53 47.96
N GLU J 353 -41.28 29.67 47.24
CA GLU J 353 -39.91 29.31 47.59
C GLU J 353 -38.89 30.06 46.75
N LYS J 354 -39.29 31.11 46.06
CA LYS J 354 -38.37 31.81 45.17
C LYS J 354 -37.19 32.39 45.93
N ASP J 355 -37.45 33.01 47.07
CA ASP J 355 -36.40 33.71 47.81
C ASP J 355 -35.45 32.75 48.54
N THR J 356 -35.93 31.57 48.94
CA THR J 356 -35.18 30.69 49.82
C THR J 356 -34.53 29.51 49.11
N ASN J 357 -35.06 29.08 47.97
CA ASN J 357 -34.59 27.88 47.30
C ASN J 357 -33.56 28.25 46.23
N VAL J 358 -32.41 27.58 46.27
CA VAL J 358 -31.34 27.77 45.30
C VAL J 358 -31.08 26.43 44.62
N GLN J 359 -31.14 26.43 43.30
CA GLN J 359 -30.99 25.21 42.50
C GLN J 359 -29.55 25.07 42.03
N VAL J 360 -29.02 23.86 42.14
CA VAL J 360 -27.66 23.56 41.68
C VAL J 360 -27.74 23.11 40.23
N LEU J 361 -27.05 23.82 39.35
CA LEU J 361 -27.04 23.54 37.92
C LEU J 361 -25.60 23.28 37.49
N MET J 362 -25.37 22.14 36.85
CA MET J 362 -24.05 21.78 36.36
C MET J 362 -24.06 21.74 34.84
N VAL J 363 -23.17 22.51 34.23
CA VAL J 363 -23.01 22.53 32.78
C VAL J 363 -21.82 21.63 32.45
N LEU J 364 -22.10 20.52 31.77
CA LEU J 364 -21.08 19.55 31.42
C LEU J 364 -20.55 19.85 30.03
N GLY J 365 -19.23 19.91 29.89
CA GLY J 365 -18.64 20.30 28.63
C GLY J 365 -18.97 21.73 28.29
N ALA J 366 -18.74 22.64 29.23
CA ALA J 366 -19.13 24.04 29.02
C ALA J 366 -18.39 24.69 27.88
N GLY J 367 -17.29 24.12 27.42
CA GLY J 367 -16.55 24.72 26.32
C GLY J 367 -16.09 26.11 26.70
N ARG J 368 -16.37 27.09 25.85
CA ARG J 368 -15.98 28.47 26.08
C ARG J 368 -17.03 29.27 26.83
N GLY J 369 -18.09 28.61 27.32
CA GLY J 369 -19.03 29.24 28.22
C GLY J 369 -20.37 29.69 27.66
N PRO J 370 -20.68 29.43 26.39
CA PRO J 370 -22.00 29.88 25.90
C PRO J 370 -23.15 29.24 26.65
N LEU J 371 -23.02 27.97 27.03
CA LEU J 371 -24.05 27.32 27.83
C LEU J 371 -24.17 27.97 29.20
N VAL J 372 -23.04 28.36 29.79
CA VAL J 372 -23.09 29.03 31.09
C VAL J 372 -23.83 30.36 30.98
N ASN J 373 -23.55 31.11 29.92
CA ASN J 373 -24.27 32.37 29.71
C ASN J 373 -25.76 32.12 29.52
N ALA J 374 -26.11 31.09 28.74
CA ALA J 374 -27.52 30.77 28.56
C ALA J 374 -28.19 30.42 29.88
N SER J 375 -27.51 29.62 30.71
CA SER J 375 -28.08 29.25 32.00
C SER J 375 -28.24 30.47 32.89
N LEU J 376 -27.26 31.36 32.91
CA LEU J 376 -27.37 32.56 33.74
C LEU J 376 -28.52 33.44 33.27
N ARG J 377 -28.67 33.60 31.96
CA ARG J 377 -29.78 34.41 31.45
C ARG J 377 -31.11 33.78 31.78
N ALA J 378 -31.22 32.45 31.65
CA ALA J 378 -32.46 31.78 31.99
C ALA J 378 -32.80 31.95 33.46
N ALA J 379 -31.81 31.80 34.33
CA ALA J 379 -32.05 31.99 35.76
C ALA J 379 -32.48 33.42 36.05
N LYS J 380 -31.83 34.39 35.41
CA LYS J 380 -32.18 35.79 35.64
C LYS J 380 -33.61 36.07 35.20
N GLN J 381 -33.99 35.62 34.01
CA GLN J 381 -35.33 35.91 33.51
C GLN J 381 -36.39 35.15 34.32
N ALA J 382 -36.07 33.93 34.76
CA ALA J 382 -36.98 33.18 35.62
C ALA J 382 -36.95 33.68 37.06
N ASP J 383 -35.99 34.54 37.42
CA ASP J 383 -35.92 35.10 38.77
C ASP J 383 -35.82 34.00 39.82
N ARG J 384 -35.01 32.98 39.54
CA ARG J 384 -34.75 31.90 40.47
C ARG J 384 -33.27 31.88 40.82
N ARG J 385 -32.95 31.79 42.10
CA ARG J 385 -31.57 31.68 42.52
C ARG J 385 -30.98 30.36 42.07
N ILE J 386 -29.71 30.39 41.63
CA ILE J 386 -29.03 29.19 41.17
C ILE J 386 -27.55 29.29 41.51
N LYS J 387 -26.94 28.14 41.76
CA LYS J 387 -25.50 28.00 41.90
C LYS J 387 -25.03 27.10 40.77
N LEU J 388 -24.02 27.56 40.04
CA LEU J 388 -23.64 26.94 38.78
C LEU J 388 -22.23 26.37 38.87
N TYR J 389 -22.08 25.12 38.42
CA TYR J 389 -20.79 24.51 38.17
C TYR J 389 -20.60 24.36 36.66
N ALA J 390 -19.36 24.46 36.20
CA ALA J 390 -19.03 24.32 34.80
C ALA J 390 -17.87 23.34 34.68
N VAL J 391 -18.18 22.11 34.28
CA VAL J 391 -17.17 21.06 34.15
C VAL J 391 -16.64 21.08 32.72
N GLU J 392 -15.32 21.09 32.57
CA GLU J 392 -14.70 21.09 31.26
C GLU J 392 -13.34 20.42 31.35
N LYS J 393 -13.07 19.51 30.42
CA LYS J 393 -11.82 18.75 30.43
C LYS J 393 -10.74 19.37 29.57
N ASN J 394 -11.10 20.13 28.56
CA ASN J 394 -10.10 20.75 27.69
C ASN J 394 -9.38 21.85 28.45
N PRO J 395 -8.07 21.74 28.66
CA PRO J 395 -7.39 22.77 29.48
C PRO J 395 -7.49 24.17 28.91
N ASN J 396 -7.51 24.32 27.58
CA ASN J 396 -7.56 25.67 27.01
C ASN J 396 -8.96 26.27 27.15
N ALA J 397 -9.99 25.47 26.90
CA ALA J 397 -11.34 25.90 27.23
C ALA J 397 -11.44 26.23 28.71
N VAL J 398 -10.72 25.50 29.55
CA VAL J 398 -10.70 25.80 30.98
C VAL J 398 -10.08 27.17 31.20
N VAL J 399 -9.01 27.50 30.47
CA VAL J 399 -8.39 28.81 30.62
C VAL J 399 -9.39 29.91 30.27
N THR J 400 -10.08 29.74 29.15
CA THR J 400 -11.06 30.75 28.74
C THR J 400 -12.18 30.86 29.77
N LEU J 401 -12.66 29.73 30.28
CA LEU J 401 -13.72 29.74 31.28
C LEU J 401 -13.27 30.45 32.55
N GLU J 402 -12.04 30.20 32.98
CA GLU J 402 -11.53 30.85 34.19
C GLU J 402 -11.40 32.34 33.99
N ASN J 403 -10.96 32.78 32.81
CA ASN J 403 -10.91 34.20 32.52
C ASN J 403 -12.31 34.81 32.59
N TRP J 404 -13.29 34.14 31.99
CA TRP J 404 -14.67 34.60 32.06
C TRP J 404 -15.12 34.71 33.51
N GLN J 405 -14.86 33.66 34.30
CA GLN J 405 -15.34 33.63 35.68
C GLN J 405 -14.73 34.76 36.50
N PHE J 406 -13.42 35.00 36.33
CA PHE J 406 -12.80 36.09 37.05
C PHE J 406 -13.34 37.44 36.60
N GLU J 407 -13.61 37.60 35.31
CA GLU J 407 -14.02 38.90 34.79
C GLU J 407 -15.49 39.19 35.06
N GLU J 408 -16.38 38.28 34.66
CA GLU J 408 -17.81 38.57 34.61
C GLU J 408 -18.63 37.78 35.62
N TRP J 409 -18.56 36.45 35.58
CA TRP J 409 -19.50 35.66 36.37
C TRP J 409 -19.30 35.83 37.87
N GLY J 410 -18.04 35.89 38.32
CA GLY J 410 -17.82 36.00 39.74
C GLY J 410 -18.01 34.67 40.44
N SER J 411 -18.37 34.74 41.73
CA SER J 411 -18.47 33.56 42.56
C SER J 411 -19.66 32.68 42.20
N GLN J 412 -20.59 33.17 41.38
CA GLN J 412 -21.77 32.37 41.05
C GLN J 412 -21.41 31.11 40.28
N VAL J 413 -20.33 31.14 39.51
CA VAL J 413 -19.95 30.04 38.64
C VAL J 413 -18.63 29.46 39.15
N THR J 414 -18.60 28.14 39.35
CA THR J 414 -17.42 27.44 39.79
C THR J 414 -16.92 26.56 38.65
N VAL J 415 -15.68 26.78 38.22
CA VAL J 415 -15.11 26.09 37.07
C VAL J 415 -14.36 24.85 37.56
N VAL J 416 -14.59 23.72 36.90
CA VAL J 416 -13.94 22.46 37.22
C VAL J 416 -13.17 22.00 35.99
N SER J 417 -11.88 21.76 36.16
CA SER J 417 -11.03 21.27 35.07
C SER J 417 -10.80 19.77 35.21
N SER J 418 -11.89 19.01 35.02
CA SER J 418 -11.81 17.57 35.17
C SER J 418 -12.85 16.90 34.28
N ASP J 419 -12.57 15.67 33.91
CA ASP J 419 -13.54 14.86 33.18
C ASP J 419 -14.69 14.50 34.11
N MET J 420 -15.92 14.69 33.63
CA MET J 420 -17.08 14.46 34.49
C MET J 420 -17.13 13.02 34.97
N ARG J 421 -16.64 12.07 34.16
CA ARG J 421 -16.69 10.67 34.56
C ARG J 421 -15.81 10.40 35.77
N GLU J 422 -14.72 11.16 35.92
CA GLU J 422 -13.79 10.96 37.04
C GLU J 422 -13.98 11.97 38.16
N TRP J 423 -14.65 13.08 37.90
CA TRP J 423 -14.80 14.11 38.93
C TRP J 423 -15.73 13.65 40.04
N VAL J 424 -15.44 14.11 41.25
CA VAL J 424 -16.30 13.87 42.42
C VAL J 424 -16.85 15.22 42.84
N ALA J 425 -18.15 15.42 42.63
CA ALA J 425 -18.75 16.72 42.93
C ALA J 425 -18.93 16.91 44.43
N PRO J 426 -18.85 18.15 44.91
CA PRO J 426 -19.11 18.39 46.33
C PRO J 426 -20.59 18.44 46.68
N GLU J 427 -21.47 18.65 45.71
CA GLU J 427 -22.90 18.76 45.96
C GLU J 427 -23.66 18.01 44.88
N LYS J 428 -24.88 17.58 45.23
CA LYS J 428 -25.75 16.93 44.27
C LYS J 428 -26.43 17.97 43.40
N ALA J 429 -26.38 17.77 42.09
CA ALA J 429 -26.92 18.74 41.16
C ALA J 429 -28.42 18.58 41.02
N ASP J 430 -29.13 19.71 41.02
CA ASP J 430 -30.55 19.68 40.73
C ASP J 430 -30.81 19.52 39.24
N ILE J 431 -29.98 20.14 38.40
CA ILE J 431 -30.11 20.05 36.95
C ILE J 431 -28.73 19.86 36.36
N ILE J 432 -28.63 19.04 35.31
CA ILE J 432 -27.40 18.88 34.55
C ILE J 432 -27.70 19.19 33.09
N VAL J 433 -27.08 20.23 32.57
CA VAL J 433 -27.23 20.66 31.19
C VAL J 433 -25.96 20.30 30.44
N SER J 434 -26.12 19.69 29.27
CA SER J 434 -24.97 19.24 28.50
C SER J 434 -25.30 19.32 27.02
N GLU J 435 -24.24 19.45 26.21
CA GLU J 435 -24.35 19.38 24.76
C GLU J 435 -23.24 18.45 24.31
N LEU J 436 -23.60 17.23 23.93
CA LEU J 436 -22.66 16.27 23.40
C LEU J 436 -23.28 15.51 22.24
N LEU J 437 -24.09 16.21 21.45
CA LEU J 437 -24.85 15.60 20.37
C LEU J 437 -24.12 15.84 19.05
N GLY J 438 -23.63 14.76 18.44
CA GLY J 438 -23.06 14.84 17.12
C GLY J 438 -24.13 14.76 16.05
N SER J 439 -23.69 14.67 14.80
CA SER J 439 -24.63 14.54 13.70
C SER J 439 -25.59 13.39 13.95
N PHE J 440 -25.04 12.21 14.23
CA PHE J 440 -25.83 11.14 14.80
C PHE J 440 -26.05 11.42 16.27
N ALA J 441 -27.18 10.95 16.81
CA ALA J 441 -27.56 11.30 18.17
C ALA J 441 -26.42 11.05 19.16
N ASP J 442 -25.97 9.80 19.26
CA ASP J 442 -24.97 9.40 20.24
C ASP J 442 -23.59 9.21 19.61
N ASN J 443 -23.28 9.98 18.57
CA ASN J 443 -22.00 9.82 17.88
C ASN J 443 -20.84 10.18 18.80
N GLU J 444 -21.01 11.20 19.64
CA GLU J 444 -19.94 11.71 20.49
C GLU J 444 -19.98 11.14 21.90
N LEU J 445 -20.52 9.93 22.06
CA LEU J 445 -20.54 9.25 23.35
C LEU J 445 -21.21 10.09 24.44
N SER J 446 -22.23 10.83 24.05
CA SER J 446 -23.04 11.50 25.07
C SER J 446 -23.62 10.50 26.07
N PRO J 447 -24.15 9.35 25.66
CA PRO J 447 -24.70 8.43 26.66
C PRO J 447 -23.69 8.00 27.71
N GLU J 448 -22.46 7.70 27.31
CA GLU J 448 -21.48 7.22 28.28
C GLU J 448 -21.12 8.31 29.28
N CYS J 449 -20.85 9.52 28.79
CA CYS J 449 -20.52 10.62 29.69
C CYS J 449 -21.68 10.92 30.62
N LEU J 450 -22.91 10.91 30.11
CA LEU J 450 -24.05 11.27 30.95
C LEU J 450 -24.34 10.18 31.99
N ASP J 451 -24.19 8.91 31.62
CA ASP J 451 -24.34 7.85 32.61
C ASP J 451 -23.23 7.88 33.65
N GLY J 452 -22.02 8.29 33.27
CA GLY J 452 -20.99 8.51 34.27
C GLY J 452 -21.30 9.67 35.19
N ALA J 453 -21.87 10.75 34.65
CA ALA J 453 -22.20 11.92 35.45
C ALA J 453 -23.44 11.72 36.31
N GLN J 454 -24.28 10.74 35.96
CA GLN J 454 -25.52 10.54 36.70
C GLN J 454 -25.27 10.29 38.19
N HIS J 455 -24.10 9.77 38.54
CA HIS J 455 -23.88 9.36 39.92
C HIS J 455 -23.98 10.53 40.90
N PHE J 456 -23.76 11.75 40.43
CA PHE J 456 -23.85 12.92 41.29
C PHE J 456 -25.11 13.76 41.00
N LEU J 457 -26.12 13.15 40.39
CA LEU J 457 -27.39 13.84 40.17
C LEU J 457 -28.37 13.46 41.28
N LYS J 458 -29.20 14.43 41.66
CA LYS J 458 -30.19 14.19 42.69
C LYS J 458 -31.22 13.15 42.22
N ASP J 459 -31.85 12.49 43.20
CA ASP J 459 -32.84 11.49 42.87
C ASP J 459 -33.98 12.08 42.05
N ASP J 460 -34.28 13.36 42.25
CA ASP J 460 -35.30 14.07 41.49
C ASP J 460 -34.70 15.01 40.45
N GLY J 461 -33.43 14.81 40.10
CA GLY J 461 -32.77 15.71 39.20
C GLY J 461 -33.29 15.62 37.78
N VAL J 462 -32.88 16.59 36.97
CA VAL J 462 -33.29 16.68 35.57
C VAL J 462 -32.04 16.77 34.71
N SER J 463 -32.09 16.13 33.55
CA SER J 463 -30.98 16.13 32.60
C SER J 463 -31.45 16.71 31.28
N ILE J 464 -30.77 17.75 30.82
CA ILE J 464 -31.04 18.39 29.54
C ILE J 464 -29.83 18.11 28.64
N PRO J 465 -30.02 17.54 27.44
CA PRO J 465 -31.28 17.15 26.80
C PRO J 465 -31.96 15.99 27.49
N GLY J 466 -33.29 16.01 27.56
CA GLY J 466 -34.00 14.94 28.21
C GLY J 466 -33.87 13.62 27.47
N GLU J 467 -33.99 13.64 26.15
CA GLU J 467 -33.93 12.42 25.37
C GLU J 467 -33.50 12.75 23.95
N TYR J 468 -32.89 11.78 23.28
CA TYR J 468 -32.51 11.98 21.89
C TYR J 468 -32.61 10.66 21.12
N THR J 469 -33.04 10.77 19.88
CA THR J 469 -33.22 9.63 18.99
C THR J 469 -32.51 9.91 17.68
N SER J 470 -32.07 8.84 17.02
CA SER J 470 -31.38 8.93 15.74
C SER J 470 -32.23 8.26 14.67
N PHE J 471 -32.12 8.78 13.44
CA PHE J 471 -32.94 8.34 12.33
C PHE J 471 -32.05 8.01 11.14
N LEU J 472 -32.40 6.95 10.41
CA LEU J 472 -31.67 6.52 9.22
C LEU J 472 -32.60 6.56 8.02
N ALA J 473 -32.03 6.87 6.85
CA ALA J 473 -32.80 6.90 5.62
C ALA J 473 -31.91 6.50 4.47
N PRO J 474 -32.28 5.51 3.66
CA PRO J 474 -31.44 5.15 2.51
C PRO J 474 -31.35 6.30 1.53
N ILE J 475 -30.20 6.42 0.87
CA ILE J 475 -29.96 7.49 -0.08
C ILE J 475 -29.13 6.95 -1.25
N SER J 476 -29.41 7.49 -2.42
CA SER J 476 -28.65 7.20 -3.63
C SER J 476 -27.91 8.46 -4.06
N SER J 477 -26.61 8.34 -4.28
CA SER J 477 -25.79 9.48 -4.69
C SER J 477 -24.56 8.94 -5.41
N SER J 478 -24.55 9.07 -6.73
CA SER J 478 -23.35 8.70 -7.48
C SER J 478 -22.18 9.58 -7.08
N LYS J 479 -22.43 10.88 -6.89
CA LYS J 479 -21.35 11.79 -6.51
C LYS J 479 -20.79 11.44 -5.14
N LEU J 480 -21.67 11.18 -4.17
CA LEU J 480 -21.18 10.85 -2.83
C LEU J 480 -20.37 9.55 -2.85
N TYR J 481 -20.85 8.55 -3.59
CA TYR J 481 -20.10 7.31 -3.69
C TYR J 481 -18.74 7.55 -4.34
N ASN J 482 -18.69 8.36 -5.39
CA ASN J 482 -17.42 8.62 -6.05
C ASN J 482 -16.45 9.34 -5.13
N GLU J 483 -16.92 10.36 -4.40
CA GLU J 483 -16.07 11.06 -3.45
C GLU J 483 -15.58 10.13 -2.34
N VAL J 484 -16.45 9.26 -1.83
CA VAL J 484 -16.02 8.30 -0.82
C VAL J 484 -14.94 7.40 -1.39
N ARG J 485 -15.16 6.91 -2.60
CA ARG J 485 -14.16 6.05 -3.24
C ARG J 485 -12.86 6.78 -3.48
N ALA J 486 -12.92 8.11 -3.61
CA ALA J 486 -11.72 8.92 -3.82
C ALA J 486 -11.01 9.26 -2.53
N CYS J 487 -11.52 8.83 -1.39
CA CYS J 487 -10.90 9.06 -0.09
C CYS J 487 -9.84 8.01 0.23
N ARG J 488 -9.33 7.31 -0.78
CA ARG J 488 -8.28 6.32 -0.57
C ARG J 488 -7.10 6.94 0.16
N GLU J 489 -6.84 6.48 1.37
CA GLU J 489 -5.69 6.94 2.14
C GLU J 489 -4.62 5.86 2.07
N LYS J 490 -3.46 6.23 1.57
CA LYS J 490 -2.36 5.28 1.53
C LYS J 490 -2.00 4.89 2.96
N ASP J 491 -1.36 3.73 3.10
CA ASP J 491 -0.91 3.25 4.41
C ASP J 491 -2.08 2.71 5.24
N ARG J 492 -3.07 2.13 4.56
CA ARG J 492 -4.32 1.76 5.22
C ARG J 492 -5.00 0.67 4.41
N ASP J 493 -5.99 0.03 5.04
CA ASP J 493 -6.78 -0.98 4.36
C ASP J 493 -7.43 -0.37 3.12
N PRO J 494 -7.30 -0.98 1.94
CA PRO J 494 -7.80 -0.32 0.72
C PRO J 494 -9.27 0.04 0.78
N GLU J 495 -10.10 -0.74 1.47
CA GLU J 495 -11.54 -0.52 1.51
C GLU J 495 -12.00 -0.03 2.88
N ALA J 496 -11.13 0.71 3.57
CA ALA J 496 -11.48 1.27 4.87
C ALA J 496 -12.36 2.51 4.76
N GLN J 497 -12.24 3.27 3.67
CA GLN J 497 -13.02 4.50 3.55
C GLN J 497 -14.51 4.22 3.58
N PHE J 498 -14.93 3.05 3.12
CA PHE J 498 -16.34 2.70 3.10
C PHE J 498 -16.87 2.22 4.44
N GLU J 499 -15.99 2.00 5.43
CA GLU J 499 -16.38 1.45 6.71
C GLU J 499 -16.37 2.50 7.82
N MET J 500 -16.36 3.78 7.46
CA MET J 500 -16.39 4.84 8.46
C MET J 500 -17.41 5.89 8.03
N PRO J 501 -18.11 6.51 8.99
CA PRO J 501 -19.08 7.53 8.63
C PRO J 501 -18.44 8.89 8.38
N TYR J 502 -19.12 9.69 7.59
CA TYR J 502 -18.72 11.06 7.31
C TYR J 502 -19.91 11.98 7.53
N VAL J 503 -19.61 13.23 7.84
CA VAL J 503 -20.64 14.27 7.94
C VAL J 503 -20.58 15.08 6.65
N VAL J 504 -21.70 15.12 5.93
CA VAL J 504 -21.79 15.78 4.64
C VAL J 504 -23.10 16.55 4.58
N ARG J 505 -23.12 17.56 3.69
CA ARG J 505 -24.33 18.35 3.50
C ARG J 505 -25.33 17.66 2.57
N LEU J 506 -24.93 16.61 1.86
CA LEU J 506 -25.84 15.83 1.04
C LEU J 506 -26.66 16.73 0.11
N HIS J 507 -25.98 17.67 -0.53
CA HIS J 507 -26.69 18.60 -1.40
C HIS J 507 -27.26 17.88 -2.62
N ASN J 508 -26.50 16.95 -3.20
CA ASN J 508 -26.88 16.27 -4.44
C ASN J 508 -27.11 14.79 -4.12
N PHE J 509 -28.36 14.45 -3.84
CA PHE J 509 -28.69 13.09 -3.44
C PHE J 509 -30.18 12.84 -3.66
N HIS J 510 -30.54 11.56 -3.67
CA HIS J 510 -31.93 11.14 -3.72
C HIS J 510 -32.23 10.27 -2.50
N GLN J 511 -33.29 10.61 -1.79
CA GLN J 511 -33.71 9.89 -0.59
C GLN J 511 -34.79 8.89 -0.99
N LEU J 512 -34.53 7.61 -0.72
CA LEU J 512 -35.41 6.54 -1.19
C LEU J 512 -36.56 6.25 -0.24
N SER J 513 -36.58 6.83 0.95
CA SER J 513 -37.67 6.57 1.89
C SER J 513 -37.57 7.56 3.03
N ALA J 514 -38.67 7.68 3.76
CA ALA J 514 -38.69 8.56 4.92
C ALA J 514 -37.79 7.98 6.02
N PRO J 515 -37.08 8.82 6.77
CA PRO J 515 -36.23 8.30 7.84
C PRO J 515 -37.05 7.59 8.91
N GLN J 516 -36.44 6.61 9.55
CA GLN J 516 -37.06 5.86 10.62
C GLN J 516 -36.16 5.86 11.84
N PRO J 517 -36.73 5.82 13.04
CA PRO J 517 -35.90 5.86 14.25
C PRO J 517 -34.95 4.68 14.31
N CYS J 518 -33.74 4.93 14.80
CA CYS J 518 -32.70 3.91 14.90
C CYS J 518 -32.37 3.58 16.35
N PHE J 519 -31.95 4.57 17.14
CA PHE J 519 -31.61 4.37 18.54
C PHE J 519 -32.19 5.49 19.36
N THR J 520 -32.55 5.18 20.60
CA THR J 520 -33.14 6.15 21.51
C THR J 520 -32.40 6.10 22.84
N PHE J 521 -32.07 7.26 23.37
CA PHE J 521 -31.40 7.38 24.66
C PHE J 521 -32.14 8.40 25.51
N SER J 522 -32.26 8.10 26.80
CA SER J 522 -32.95 8.98 27.74
C SER J 522 -32.15 9.06 29.03
N HIS J 523 -32.09 10.25 29.61
CA HIS J 523 -31.40 10.47 30.87
C HIS J 523 -32.28 11.25 31.82
N PRO J 524 -32.13 11.03 33.13
CA PRO J 524 -31.23 10.08 33.79
C PRO J 524 -31.73 8.65 33.61
N ASN J 525 -30.84 7.66 33.63
CA ASN J 525 -31.19 6.27 33.39
C ASN J 525 -31.30 5.56 34.74
N ARG J 526 -32.53 5.37 35.21
CA ARG J 526 -32.78 4.69 36.48
C ARG J 526 -32.88 3.18 36.32
N ASP J 527 -32.77 2.67 35.10
CA ASP J 527 -32.87 1.23 34.88
C ASP J 527 -31.73 0.53 35.62
N PRO J 528 -32.01 -0.51 36.41
CA PRO J 528 -30.90 -1.23 37.07
C PRO J 528 -29.85 -1.72 36.09
N MET J 529 -30.26 -2.19 34.92
CA MET J 529 -29.31 -2.48 33.85
C MET J 529 -28.86 -1.18 33.23
N ILE J 530 -27.55 -1.01 33.08
CA ILE J 530 -27.00 0.19 32.44
C ILE J 530 -26.11 -0.27 31.30
N ASP J 531 -26.68 -0.39 30.10
CA ASP J 531 -25.95 -0.84 28.93
C ASP J 531 -26.31 0.02 27.74
N ASN J 532 -25.32 0.27 26.90
CA ASN J 532 -25.50 1.10 25.71
C ASN J 532 -25.37 0.31 24.41
N ASN J 533 -24.97 -0.96 24.46
CA ASN J 533 -24.97 -1.78 23.27
C ASN J 533 -26.40 -1.91 22.74
N ARG J 534 -26.57 -1.71 21.44
CA ARG J 534 -27.90 -1.71 20.86
C ARG J 534 -27.89 -2.40 19.50
N TYR J 535 -29.04 -2.96 19.14
CA TYR J 535 -29.21 -3.66 17.87
C TYR J 535 -30.56 -3.27 17.30
N CYS J 536 -30.58 -2.84 16.05
CA CYS J 536 -31.80 -2.37 15.41
C CYS J 536 -31.90 -2.91 14.01
N THR J 537 -33.14 -3.12 13.56
CA THR J 537 -33.44 -3.56 12.21
C THR J 537 -34.50 -2.64 11.62
N LEU J 538 -34.29 -2.23 10.36
CA LEU J 538 -35.14 -1.27 9.71
C LEU J 538 -35.58 -1.77 8.34
N GLU J 539 -36.86 -1.55 8.03
CA GLU J 539 -37.44 -1.87 6.74
C GLU J 539 -37.83 -0.58 6.04
N PHE J 540 -37.36 -0.41 4.82
CA PHE J 540 -37.62 0.80 4.03
C PHE J 540 -38.30 0.43 2.72
N PRO J 541 -39.59 0.70 2.56
CA PRO J 541 -40.22 0.50 1.24
C PRO J 541 -39.55 1.40 0.20
N VAL J 542 -39.50 0.88 -1.03
CA VAL J 542 -38.89 1.59 -2.15
C VAL J 542 -39.90 1.66 -3.29
N GLU J 543 -40.06 2.85 -3.87
CA GLU J 543 -41.04 3.09 -4.92
C GLU J 543 -40.42 3.72 -6.16
N VAL J 544 -39.11 3.61 -6.33
CA VAL J 544 -38.43 4.33 -7.40
C VAL J 544 -37.60 3.42 -8.30
N ASN J 545 -37.17 2.25 -7.84
CA ASN J 545 -36.40 1.32 -8.66
C ASN J 545 -35.03 1.91 -9.01
N THR J 546 -34.29 2.34 -7.99
CA THR J 546 -32.99 2.98 -8.17
C THR J 546 -31.91 2.16 -7.46
N VAL J 547 -30.71 2.74 -7.42
CA VAL J 547 -29.54 2.08 -6.84
C VAL J 547 -29.22 2.75 -5.51
N LEU J 548 -29.07 1.94 -4.47
CA LEU J 548 -28.80 2.43 -3.12
C LEU J 548 -27.31 2.60 -2.93
N HIS J 549 -26.91 3.77 -2.42
CA HIS J 549 -25.50 4.09 -2.24
C HIS J 549 -25.08 4.27 -0.79
N GLY J 550 -26.00 4.59 0.11
CA GLY J 550 -25.61 4.75 1.50
C GLY J 550 -26.81 5.04 2.36
N PHE J 551 -26.54 5.38 3.62
CA PHE J 551 -27.58 5.73 4.57
C PHE J 551 -27.28 7.08 5.18
N ALA J 552 -28.24 8.00 5.09
CA ALA J 552 -28.12 9.30 5.73
C ALA J 552 -28.70 9.21 7.14
N GLY J 553 -27.97 9.80 8.08
CA GLY J 553 -28.36 9.76 9.48
C GLY J 553 -28.61 11.13 10.05
N TYR J 554 -29.80 11.31 10.60
CA TYR J 554 -30.22 12.53 11.28
C TYR J 554 -30.53 12.22 12.73
N PHE J 555 -30.98 13.23 13.47
CA PHE J 555 -31.34 13.00 14.86
C PHE J 555 -32.34 14.05 15.30
N GLU J 556 -33.06 13.72 16.36
CA GLU J 556 -33.97 14.63 17.04
C GLU J 556 -33.72 14.52 18.53
N THR J 557 -34.10 15.56 19.26
CA THR J 557 -33.93 15.54 20.71
C THR J 557 -35.01 16.38 21.37
N VAL J 558 -35.48 15.90 22.51
CA VAL J 558 -36.37 16.65 23.39
C VAL J 558 -35.52 17.14 24.55
N LEU J 559 -35.28 18.45 24.60
CA LEU J 559 -34.49 19.02 25.68
C LEU J 559 -35.27 19.00 26.99
N TYR J 560 -36.51 19.46 26.96
CA TYR J 560 -37.37 19.44 28.14
C TYR J 560 -38.80 19.62 27.69
N GLN J 561 -39.63 18.60 27.90
CA GLN J 561 -41.04 18.67 27.54
C GLN J 561 -41.20 19.08 26.08
N ASP J 562 -41.82 20.24 25.82
CA ASP J 562 -42.09 20.64 24.45
C ASP J 562 -40.82 21.05 23.73
N ILE J 563 -39.88 21.67 24.43
CA ILE J 563 -38.69 22.22 23.78
C ILE J 563 -37.95 21.10 23.07
N THR J 564 -37.84 21.21 21.75
CA THR J 564 -37.23 20.18 20.92
C THR J 564 -36.24 20.80 19.96
N LEU J 565 -35.32 19.98 19.48
CA LEU J 565 -34.27 20.42 18.56
C LEU J 565 -33.96 19.25 17.64
N SER J 566 -34.09 19.47 16.33
CA SER J 566 -33.98 18.38 15.37
C SER J 566 -33.33 18.87 14.09
N ILE J 567 -32.74 17.93 13.36
CA ILE J 567 -32.21 18.17 12.02
C ILE J 567 -32.86 17.28 10.98
N ARG J 568 -33.85 16.49 11.36
CA ARG J 568 -34.53 15.65 10.39
C ARG J 568 -35.25 16.52 9.36
N PRO J 569 -35.24 16.14 8.08
CA PRO J 569 -35.80 17.05 7.07
C PRO J 569 -37.25 17.45 7.32
N GLU J 570 -38.08 16.53 7.79
CA GLU J 570 -39.49 16.86 7.98
C GLU J 570 -39.71 17.80 9.16
N THR J 571 -38.90 17.66 10.22
CA THR J 571 -39.03 18.49 11.41
C THR J 571 -37.75 19.28 11.67
N HIS J 572 -37.03 19.63 10.61
CA HIS J 572 -35.78 20.36 10.77
C HIS J 572 -36.03 21.65 11.53
N SER J 573 -35.19 21.93 12.52
CA SER J 573 -35.33 23.15 13.29
C SER J 573 -35.07 24.35 12.38
N PRO J 574 -35.97 25.33 12.33
CA PRO J 574 -35.78 26.45 11.40
C PRO J 574 -34.52 27.25 11.74
N GLY J 575 -33.69 27.47 10.72
CA GLY J 575 -32.51 28.30 10.88
C GLY J 575 -31.32 27.58 11.47
N MET J 576 -31.57 26.59 12.33
CA MET J 576 -30.47 25.88 12.99
C MET J 576 -29.55 25.26 11.95
N PHE J 577 -28.24 25.49 12.12
CA PHE J 577 -27.25 24.99 11.16
C PHE J 577 -26.01 24.45 11.85
N SER J 578 -26.14 24.01 13.09
CA SER J 578 -24.98 23.54 13.85
C SER J 578 -24.56 22.13 13.49
N TRP J 579 -25.42 21.35 12.84
CA TRP J 579 -25.12 19.96 12.54
C TRP J 579 -25.43 19.66 11.07
N PHE J 580 -24.64 18.76 10.50
CA PHE J 580 -24.90 18.23 9.18
C PHE J 580 -25.25 16.75 9.27
N PRO J 581 -26.04 16.22 8.34
CA PRO J 581 -26.36 14.79 8.38
C PRO J 581 -25.11 13.95 8.26
N ILE J 582 -25.10 12.83 8.96
CA ILE J 582 -24.00 11.89 8.88
C ILE J 582 -24.26 10.94 7.71
N LEU J 583 -23.19 10.33 7.19
CA LEU J 583 -23.30 9.45 6.05
C LEU J 583 -22.63 8.12 6.37
N PHE J 584 -23.38 7.03 6.18
CA PHE J 584 -22.85 5.68 6.34
C PHE J 584 -22.75 5.05 4.96
N PRO J 585 -21.55 4.92 4.38
CA PRO J 585 -21.45 4.37 3.02
C PRO J 585 -21.71 2.88 3.00
N ILE J 586 -21.93 2.38 1.80
CA ILE J 586 -22.06 0.95 1.53
C ILE J 586 -20.96 0.56 0.55
N LYS J 587 -20.36 -0.61 0.76
CA LYS J 587 -19.20 -1.00 -0.02
C LYS J 587 -19.54 -1.09 -1.51
N GLN J 588 -20.70 -1.65 -1.85
CA GLN J 588 -21.08 -1.87 -3.24
C GLN J 588 -22.48 -1.31 -3.46
N PRO J 589 -22.72 -0.59 -4.56
CA PRO J 589 -24.09 -0.14 -4.85
C PRO J 589 -25.02 -1.33 -5.01
N ILE J 590 -26.26 -1.15 -4.58
CA ILE J 590 -27.27 -2.21 -4.62
C ILE J 590 -28.46 -1.69 -5.41
N THR J 591 -28.78 -2.37 -6.52
CA THR J 591 -29.96 -2.02 -7.29
C THR J 591 -31.22 -2.46 -6.58
N VAL J 592 -32.29 -1.69 -6.76
CA VAL J 592 -33.56 -1.96 -6.12
C VAL J 592 -34.67 -1.83 -7.15
N ARG J 593 -35.79 -2.49 -6.88
CA ARG J 593 -36.96 -2.50 -7.76
C ARG J 593 -38.16 -1.92 -7.03
N GLU J 594 -39.30 -1.91 -7.73
CA GLU J 594 -40.49 -1.28 -7.18
C GLU J 594 -40.90 -1.91 -5.86
N GLY J 595 -40.72 -3.22 -5.73
CA GLY J 595 -40.91 -3.87 -4.44
C GLY J 595 -39.62 -3.86 -3.66
N GLN J 596 -39.14 -5.04 -3.26
CA GLN J 596 -37.81 -5.19 -2.68
C GLN J 596 -37.60 -4.19 -1.54
N THR J 597 -38.38 -4.36 -0.49
CA THR J 597 -38.18 -3.56 0.72
C THR J 597 -36.75 -3.71 1.20
N ILE J 598 -36.10 -2.60 1.51
CA ILE J 598 -34.71 -2.63 1.93
C ILE J 598 -34.67 -2.93 3.42
N CYS J 599 -34.05 -4.05 3.77
CA CYS J 599 -33.89 -4.45 5.16
C CYS J 599 -32.44 -4.24 5.55
N VAL J 600 -32.21 -3.37 6.55
CA VAL J 600 -30.88 -3.01 7.01
C VAL J 600 -30.82 -3.25 8.51
N ARG J 601 -29.60 -3.46 9.00
CA ARG J 601 -29.38 -3.75 10.41
C ARG J 601 -28.22 -2.92 10.93
N PHE J 602 -28.37 -2.38 12.13
CA PHE J 602 -27.39 -1.52 12.75
C PHE J 602 -27.05 -2.03 14.14
N TRP J 603 -25.76 -1.99 14.46
CA TRP J 603 -25.27 -2.35 15.78
C TRP J 603 -24.47 -1.19 16.36
N ARG J 604 -24.71 -0.91 17.64
CA ARG J 604 -23.85 -0.02 18.43
C ARG J 604 -23.19 -0.89 19.48
N CYS J 605 -21.87 -1.00 19.40
CA CYS J 605 -21.10 -1.89 20.25
C CYS J 605 -20.02 -1.10 20.99
N SER J 606 -19.54 -1.70 22.08
CA SER J 606 -18.50 -1.08 22.89
C SER J 606 -17.77 -2.18 23.65
N ASN J 607 -16.59 -1.83 24.16
CA ASN J 607 -15.77 -2.78 24.92
C ASN J 607 -15.15 -2.13 26.14
N SER J 608 -15.79 -1.10 26.68
CA SER J 608 -15.32 -0.34 27.84
C SER J 608 -14.11 0.53 27.52
N LYS J 609 -13.57 0.46 26.30
CA LYS J 609 -12.45 1.29 25.90
C LYS J 609 -12.66 1.95 24.54
N LYS J 610 -13.57 1.45 23.71
CA LYS J 610 -13.89 2.07 22.44
C LYS J 610 -15.37 1.89 22.15
N VAL J 611 -15.88 2.72 21.26
CA VAL J 611 -17.26 2.63 20.78
C VAL J 611 -17.24 2.72 19.27
N TRP J 612 -18.06 1.91 18.61
CA TRP J 612 -18.08 1.86 17.16
C TRP J 612 -19.45 1.37 16.69
N TYR J 613 -19.71 1.58 15.42
CA TYR J 613 -20.96 1.18 14.78
C TYR J 613 -20.68 0.11 13.74
N GLU J 614 -21.56 -0.88 13.65
CA GLU J 614 -21.52 -1.89 12.61
C GLU J 614 -22.87 -1.91 11.92
N TRP J 615 -22.86 -1.86 10.60
CA TRP J 615 -24.10 -1.84 9.82
C TRP J 615 -23.95 -2.77 8.63
N ALA J 616 -25.07 -3.39 8.25
CA ALA J 616 -25.12 -4.26 7.08
C ALA J 616 -26.53 -4.25 6.54
N VAL J 617 -26.65 -4.48 5.25
CA VAL J 617 -27.95 -4.57 4.58
C VAL J 617 -28.22 -6.03 4.28
N THR J 618 -29.40 -6.51 4.69
CA THR J 618 -29.79 -7.90 4.50
C THR J 618 -30.76 -8.11 3.36
N ALA J 619 -31.56 -7.10 3.01
CA ALA J 619 -32.45 -7.22 1.86
C ALA J 619 -32.40 -5.93 1.06
N PRO J 620 -32.56 -6.00 -0.26
CA PRO J 620 -32.90 -7.18 -1.07
C PRO J 620 -31.74 -8.12 -1.28
N VAL J 621 -30.51 -7.59 -1.37
CA VAL J 621 -29.32 -8.40 -1.55
C VAL J 621 -28.38 -8.12 -0.38
N CYS J 622 -27.88 -9.18 0.24
CA CYS J 622 -27.07 -9.02 1.44
C CYS J 622 -25.74 -8.34 1.09
N SER J 623 -25.05 -7.87 2.13
CA SER J 623 -23.77 -7.22 1.97
C SER J 623 -22.91 -7.51 3.19
N ALA J 624 -21.61 -7.29 3.05
CA ALA J 624 -20.69 -7.55 4.13
C ALA J 624 -20.97 -6.64 5.32
N ILE J 625 -20.63 -7.12 6.51
CA ILE J 625 -20.77 -6.33 7.73
C ILE J 625 -19.65 -5.32 7.77
N HIS J 626 -19.99 -4.04 7.87
CA HIS J 626 -19.02 -2.97 7.79
C HIS J 626 -18.46 -2.64 9.17
N ASN J 627 -17.18 -2.36 9.22
CA ASN J 627 -16.52 -1.91 10.43
C ASN J 627 -16.69 -2.92 11.56
N PRO J 628 -16.42 -4.19 11.33
CA PRO J 628 -16.55 -5.16 12.42
C PRO J 628 -15.48 -4.93 13.48
N THR J 629 -15.89 -5.00 14.74
CA THR J 629 -14.98 -4.84 15.86
C THR J 629 -14.22 -3.51 15.77
N GLY J 630 -14.89 -2.48 15.29
CA GLY J 630 -14.23 -1.19 15.12
C GLY J 630 -12.99 -1.29 14.26
N ARG J 631 -13.00 -2.17 13.26
CA ARG J 631 -11.79 -2.43 12.49
C ARG J 631 -11.31 -1.18 11.76
N SER J 632 -12.23 -0.35 11.27
CA SER J 632 -11.87 0.79 10.45
C SER J 632 -12.25 2.14 11.03
N TYR J 633 -13.05 2.18 12.08
CA TYR J 633 -13.47 3.46 12.66
C TYR J 633 -13.97 3.22 14.07
N THR J 634 -13.38 3.92 15.04
CA THR J 634 -13.79 3.81 16.43
C THR J 634 -13.68 5.18 17.09
N ILE J 635 -14.42 5.35 18.16
CA ILE J 635 -14.39 6.57 18.95
C ILE J 635 -13.82 6.21 20.33
N GLY J 636 -12.69 6.81 20.67
CA GLY J 636 -12.04 6.47 21.92
C GLY J 636 -12.85 6.95 23.12
N LEU J 637 -12.86 6.12 24.16
CA LEU J 637 -13.52 6.48 25.40
C LEU J 637 -12.57 7.27 26.29
N PRO K 26 -14.66 33.69 -63.86
CA PRO K 26 -15.57 34.77 -64.24
C PRO K 26 -16.53 35.15 -63.11
N ASN K 27 -16.29 36.32 -62.50
CA ASN K 27 -17.13 36.83 -61.42
C ASN K 27 -17.53 35.72 -60.46
N ALA K 28 -16.53 35.00 -59.97
CA ALA K 28 -16.76 33.84 -59.11
C ALA K 28 -15.59 33.74 -58.14
N PRO K 29 -15.70 32.87 -57.13
CA PRO K 29 -14.59 32.71 -56.19
C PRO K 29 -13.31 32.30 -56.89
N ALA K 30 -12.19 32.72 -56.31
CA ALA K 30 -10.90 32.51 -56.96
C ALA K 30 -10.60 31.03 -57.15
N CYS K 31 -10.89 30.20 -56.14
CA CYS K 31 -10.49 28.81 -56.17
C CYS K 31 -11.63 27.91 -55.70
N MET K 32 -11.62 26.68 -56.22
CA MET K 32 -12.56 25.66 -55.79
C MET K 32 -12.28 25.23 -54.35
N GLU K 33 -13.23 24.52 -53.77
CA GLU K 33 -13.00 23.80 -52.53
C GLU K 33 -12.58 22.37 -52.85
N ARG K 34 -11.78 21.78 -51.96
CA ARG K 34 -11.18 20.49 -52.25
C ARG K 34 -12.24 19.41 -52.45
N GLN K 35 -13.23 19.37 -51.58
CA GLN K 35 -14.21 18.29 -51.57
C GLN K 35 -15.43 18.68 -52.39
N LEU K 36 -15.56 18.08 -53.57
CA LEU K 36 -16.77 18.22 -54.37
C LEU K 36 -17.87 17.34 -53.80
N GLU K 37 -19.10 17.85 -53.81
CA GLU K 37 -20.20 17.19 -53.13
C GLU K 37 -21.30 16.72 -54.06
N ALA K 38 -21.75 17.56 -54.99
CA ALA K 38 -22.90 17.22 -55.81
C ALA K 38 -22.67 17.62 -57.26
N ALA K 39 -23.26 16.83 -58.16
CA ALA K 39 -23.24 17.11 -59.59
C ALA K 39 -24.63 16.88 -60.16
N ARG K 40 -25.06 17.75 -61.06
CA ARG K 40 -26.40 17.64 -61.63
C ARG K 40 -26.39 18.10 -63.08
N TYR K 41 -27.00 17.31 -63.96
CA TYR K 41 -27.21 17.72 -65.34
C TYR K 41 -28.63 18.25 -65.50
N ARG K 42 -28.76 19.37 -66.18
CA ARG K 42 -30.06 19.93 -66.49
C ARG K 42 -30.44 19.60 -67.94
N SER K 43 -31.58 20.11 -68.38
CA SER K 43 -32.15 19.70 -69.66
C SER K 43 -31.17 19.93 -70.80
N ASP K 44 -30.62 21.14 -70.91
CA ASP K 44 -29.79 21.51 -72.04
C ASP K 44 -28.37 20.98 -71.93
N GLY K 45 -28.10 20.08 -70.98
CA GLY K 45 -26.78 19.49 -70.85
C GLY K 45 -25.83 20.24 -69.95
N ALA K 46 -26.20 21.42 -69.48
CA ALA K 46 -25.34 22.17 -68.57
C ALA K 46 -25.15 21.40 -67.27
N LEU K 47 -23.97 21.54 -66.69
CA LEU K 47 -23.59 20.83 -65.48
C LEU K 47 -23.50 21.81 -64.31
N LEU K 48 -24.11 21.44 -63.19
CA LEU K 48 -24.04 22.20 -61.95
C LEU K 48 -23.25 21.39 -60.95
N LEU K 49 -22.25 22.02 -60.34
CA LEU K 49 -21.32 21.36 -59.44
C LEU K 49 -21.31 22.11 -58.12
N GLY K 50 -21.60 21.42 -57.03
CA GLY K 50 -21.57 21.99 -55.70
C GLY K 50 -20.46 21.37 -54.89
N ALA K 51 -19.59 22.23 -54.35
CA ALA K 51 -18.40 21.79 -53.62
C ALA K 51 -18.36 22.44 -52.25
N SER K 52 -17.65 21.80 -51.33
CA SER K 52 -17.48 22.30 -49.98
C SER K 52 -16.06 22.04 -49.52
N SER K 53 -15.54 22.94 -48.68
CA SER K 53 -14.22 22.76 -48.08
C SER K 53 -14.41 22.08 -46.74
N LEU K 54 -14.50 20.76 -46.76
CA LEU K 54 -14.76 20.00 -45.54
C LEU K 54 -13.59 20.02 -44.57
N SER K 55 -12.43 20.53 -44.98
CA SER K 55 -11.28 20.60 -44.11
C SER K 55 -10.55 21.91 -44.36
N GLY K 56 -9.75 22.32 -43.38
CA GLY K 56 -9.00 23.54 -43.46
C GLY K 56 -9.54 24.59 -42.51
N ARG K 57 -9.00 25.80 -42.62
CA ARG K 57 -9.35 26.87 -41.70
C ARG K 57 -10.83 27.27 -41.86
N CYS K 58 -11.32 27.32 -43.09
CA CYS K 58 -12.67 27.78 -43.37
C CYS K 58 -13.49 26.65 -43.97
N TRP K 59 -14.69 26.44 -43.43
CA TRP K 59 -15.61 25.42 -43.90
C TRP K 59 -16.77 26.12 -44.60
N ALA K 60 -16.59 26.38 -45.89
CA ALA K 60 -17.60 27.04 -46.70
C ALA K 60 -17.97 26.15 -47.89
N GLY K 61 -18.85 26.66 -48.74
CA GLY K 61 -19.27 25.93 -49.92
C GLY K 61 -19.47 26.87 -51.09
N SER K 62 -19.62 26.28 -52.26
CA SER K 62 -19.79 27.08 -53.47
C SER K 62 -20.53 26.27 -54.52
N LEU K 63 -21.26 26.99 -55.37
CA LEU K 63 -21.95 26.42 -56.51
C LEU K 63 -21.33 26.95 -57.79
N TRP K 64 -21.29 26.11 -58.81
CA TRP K 64 -20.66 26.46 -60.08
C TRP K 64 -21.46 25.86 -61.22
N LEU K 65 -22.08 26.70 -62.03
CA LEU K 65 -22.74 26.29 -63.26
C LEU K 65 -21.70 26.34 -64.37
N PHE K 66 -21.30 25.17 -64.86
CA PHE K 66 -20.25 25.13 -65.87
C PHE K 66 -20.81 25.32 -67.28
N LYS K 67 -21.94 24.68 -67.59
CA LYS K 67 -22.56 24.74 -68.91
C LYS K 67 -21.68 24.08 -69.97
N ASP K 68 -20.59 23.45 -69.56
CA ASP K 68 -19.69 22.72 -70.46
C ASP K 68 -18.95 21.68 -69.63
N PRO K 69 -19.40 20.42 -69.61
CA PRO K 69 -18.78 19.43 -68.73
C PRO K 69 -17.28 19.30 -68.90
N CYS K 70 -16.79 19.38 -70.15
CA CYS K 70 -15.35 19.29 -70.38
C CYS K 70 -14.59 20.37 -69.64
N ALA K 71 -15.19 21.56 -69.49
CA ALA K 71 -14.51 22.67 -68.85
C ALA K 71 -14.16 22.36 -67.40
N ALA K 72 -15.08 21.70 -66.68
CA ALA K 72 -14.90 21.48 -65.26
C ALA K 72 -13.68 20.60 -65.00
N PRO K 73 -13.09 20.69 -63.80
CA PRO K 73 -13.45 21.56 -62.67
C PRO K 73 -12.70 22.89 -62.64
N ASN K 74 -12.02 23.28 -63.72
CA ASN K 74 -11.26 24.52 -63.71
C ASN K 74 -12.18 25.72 -63.45
N GLU K 75 -11.73 26.61 -62.57
CA GLU K 75 -12.55 27.75 -62.19
C GLU K 75 -12.64 28.78 -63.31
N GLY K 76 -11.58 28.94 -64.10
CA GLY K 76 -11.58 29.94 -65.14
C GLY K 76 -12.57 29.67 -66.26
N PHE K 77 -12.97 28.41 -66.44
CA PHE K 77 -13.87 28.02 -67.51
C PHE K 77 -15.31 27.85 -67.05
N CYS K 78 -15.61 28.21 -65.80
CA CYS K 78 -16.97 28.13 -65.31
C CYS K 78 -17.82 29.20 -65.95
N SER K 79 -19.06 28.85 -66.28
CA SER K 79 -19.99 29.84 -66.82
C SER K 79 -20.45 30.80 -65.73
N ALA K 80 -20.73 30.28 -64.54
CA ALA K 80 -21.10 31.12 -63.41
C ALA K 80 -20.72 30.40 -62.13
N GLY K 81 -20.54 31.17 -61.07
CA GLY K 81 -20.18 30.60 -59.79
C GLY K 81 -20.48 31.55 -58.65
N VAL K 82 -20.67 30.98 -57.47
CA VAL K 82 -21.00 31.75 -56.27
C VAL K 82 -20.53 30.98 -55.05
N GLN K 83 -20.29 31.70 -53.97
CA GLN K 83 -19.88 31.12 -52.70
C GLN K 83 -20.97 31.32 -51.67
N THR K 84 -21.38 30.24 -51.02
CA THR K 84 -22.46 30.27 -50.04
C THR K 84 -21.91 30.65 -48.67
N GLU K 85 -22.82 30.80 -47.70
CA GLU K 85 -22.40 31.14 -46.36
C GLU K 85 -21.77 29.94 -45.65
N ALA K 86 -22.30 28.75 -45.89
CA ALA K 86 -21.83 27.53 -45.25
C ALA K 86 -21.73 26.42 -46.29
N GLY K 87 -21.36 25.23 -45.83
CA GLY K 87 -21.15 24.13 -46.75
C GLY K 87 -22.46 23.65 -47.36
N VAL K 88 -22.33 23.02 -48.52
CA VAL K 88 -23.47 22.45 -49.24
C VAL K 88 -23.43 20.94 -49.08
N ALA K 89 -24.56 20.36 -48.67
CA ALA K 89 -24.67 18.91 -48.50
C ALA K 89 -25.39 18.24 -49.65
N ASP K 90 -26.27 18.94 -50.36
CA ASP K 90 -27.00 18.36 -51.47
C ASP K 90 -27.50 19.48 -52.38
N LEU K 91 -27.79 19.11 -53.62
CA LEU K 91 -28.26 20.06 -54.61
C LEU K 91 -29.41 19.44 -55.39
N THR K 92 -30.19 20.29 -56.04
CA THR K 92 -31.30 19.83 -56.87
C THR K 92 -31.76 20.97 -57.75
N TRP K 93 -32.07 20.66 -59.00
CA TRP K 93 -32.62 21.66 -59.91
C TRP K 93 -34.10 21.85 -59.65
N VAL K 94 -34.55 23.10 -59.76
CA VAL K 94 -35.96 23.45 -59.68
C VAL K 94 -36.28 24.21 -60.97
N GLY K 95 -36.75 23.49 -61.98
CA GLY K 95 -36.92 24.10 -63.27
C GLY K 95 -35.59 24.24 -63.99
N GLU K 96 -35.58 25.15 -64.97
CA GLU K 96 -34.37 25.40 -65.75
C GLU K 96 -33.47 26.47 -65.13
N ARG K 97 -33.91 27.13 -64.07
CA ARG K 97 -33.12 28.20 -63.46
C ARG K 97 -33.04 28.13 -61.95
N GLY K 98 -33.92 27.39 -61.28
CA GLY K 98 -33.87 27.32 -59.83
C GLY K 98 -32.87 26.28 -59.35
N ILE K 99 -32.17 26.62 -58.26
CA ILE K 99 -31.21 25.73 -57.63
C ILE K 99 -31.56 25.65 -56.15
N LEU K 100 -31.84 24.45 -55.67
CA LEU K 100 -32.21 24.22 -54.28
C LEU K 100 -31.03 23.60 -53.54
N VAL K 101 -30.62 24.23 -52.45
CA VAL K 101 -29.40 23.89 -51.74
C VAL K 101 -29.74 23.54 -50.29
N ALA K 102 -29.24 22.40 -49.83
CA ALA K 102 -29.27 22.05 -48.42
C ALA K 102 -27.94 22.49 -47.81
N SER K 103 -28.01 23.38 -46.83
CA SER K 103 -26.83 24.05 -46.29
C SER K 103 -26.57 23.62 -44.86
N ASP K 104 -25.31 23.32 -44.58
CA ASP K 104 -24.89 22.82 -43.27
C ASP K 104 -25.43 23.66 -42.12
N SER K 105 -25.76 24.92 -42.35
CA SER K 105 -26.32 25.74 -41.29
C SER K 105 -27.80 25.43 -41.12
N GLY K 106 -28.12 24.15 -40.97
CA GLY K 106 -29.49 23.69 -40.91
C GLY K 106 -30.43 24.50 -41.78
N ALA K 107 -29.98 24.86 -42.98
CA ALA K 107 -30.71 25.83 -43.78
C ALA K 107 -31.10 25.24 -45.13
N VAL K 108 -32.16 25.80 -45.70
CA VAL K 108 -32.58 25.47 -47.06
C VAL K 108 -32.57 26.76 -47.85
N GLU K 109 -31.85 26.77 -48.96
CA GLU K 109 -31.69 27.97 -49.77
C GLU K 109 -32.19 27.70 -51.18
N LEU K 110 -32.72 28.75 -51.80
CA LEU K 110 -33.13 28.72 -53.20
C LEU K 110 -32.44 29.86 -53.91
N TRP K 111 -31.69 29.53 -54.97
CA TRP K 111 -30.99 30.49 -55.81
C TRP K 111 -31.58 30.44 -57.21
N GLU K 112 -31.37 31.52 -57.96
CA GLU K 112 -31.82 31.61 -59.33
C GLU K 112 -30.69 32.12 -60.21
N LEU K 113 -30.70 31.67 -61.47
CA LEU K 113 -29.75 32.15 -62.46
C LEU K 113 -30.28 33.42 -63.11
N ASP K 114 -29.43 34.42 -63.25
CA ASP K 114 -29.82 35.63 -63.92
C ASP K 114 -30.17 35.33 -65.37
N GLU K 115 -30.74 36.34 -66.04
CA GLU K 115 -31.15 36.14 -67.43
C GLU K 115 -29.97 35.76 -68.31
N ASN K 116 -28.81 36.38 -68.07
CA ASN K 116 -27.61 36.06 -68.82
C ASN K 116 -26.93 34.78 -68.36
N GLU K 117 -27.40 34.19 -67.26
CA GLU K 117 -26.79 32.98 -66.70
C GLU K 117 -25.31 33.21 -66.39
N THR K 118 -24.99 34.41 -65.89
CA THR K 118 -23.64 34.76 -65.50
C THR K 118 -23.45 34.87 -63.99
N LEU K 119 -24.51 35.13 -63.24
CA LEU K 119 -24.43 35.27 -61.79
C LEU K 119 -25.51 34.42 -61.15
N ILE K 120 -25.16 33.76 -60.05
CA ILE K 120 -26.11 33.01 -59.25
C ILE K 120 -26.60 33.92 -58.14
N VAL K 121 -27.90 34.16 -58.09
CA VAL K 121 -28.51 35.11 -57.16
C VAL K 121 -29.34 34.33 -56.15
N SER K 122 -29.11 34.57 -54.88
CA SER K 122 -29.90 33.93 -53.84
C SER K 122 -31.31 34.49 -53.86
N LYS K 123 -32.30 33.59 -53.85
CA LYS K 123 -33.71 33.98 -53.83
C LYS K 123 -34.30 33.93 -52.44
N PHE K 124 -33.96 32.91 -51.65
CA PHE K 124 -34.32 32.94 -50.24
C PHE K 124 -33.47 31.93 -49.49
N CYS K 125 -33.47 32.05 -48.17
CA CYS K 125 -32.69 31.17 -47.31
C CYS K 125 -33.39 31.09 -45.96
N LYS K 126 -33.90 29.90 -45.63
CA LYS K 126 -34.64 29.70 -44.39
C LYS K 126 -33.82 28.82 -43.46
N TYR K 127 -33.60 29.30 -42.24
CA TYR K 127 -32.91 28.54 -41.20
C TYR K 127 -33.96 27.80 -40.36
N GLU K 128 -34.53 26.76 -40.95
CA GLU K 128 -35.64 26.04 -40.35
C GLU K 128 -35.17 24.82 -39.55
N HIS K 129 -34.43 23.92 -40.20
CA HIS K 129 -34.02 22.69 -39.53
C HIS K 129 -33.04 23.01 -38.41
N ASP K 130 -33.24 22.36 -37.26
CA ASP K 130 -32.36 22.60 -36.12
C ASP K 130 -30.94 22.11 -36.41
N ASP K 131 -30.81 20.87 -36.87
CA ASP K 131 -29.51 20.30 -37.19
C ASP K 131 -29.21 20.56 -38.66
N ILE K 132 -28.15 19.94 -39.17
CA ILE K 132 -27.73 20.17 -40.55
C ILE K 132 -28.58 19.34 -41.49
N VAL K 133 -29.18 20.00 -42.48
CA VAL K 133 -29.95 19.27 -43.49
C VAL K 133 -29.02 18.35 -44.25
N SER K 134 -29.42 17.09 -44.37
CA SER K 134 -28.57 16.08 -45.02
C SER K 134 -29.01 15.79 -46.45
N THR K 135 -30.27 16.00 -46.78
CA THR K 135 -30.77 15.69 -48.11
C THR K 135 -31.97 16.56 -48.41
N VAL K 136 -32.26 16.72 -49.69
CA VAL K 136 -33.42 17.49 -50.13
C VAL K 136 -33.83 16.98 -51.51
N SER K 137 -35.14 16.92 -51.75
CA SER K 137 -35.67 16.44 -53.02
C SER K 137 -36.85 17.33 -53.41
N VAL K 138 -37.18 17.30 -54.69
CA VAL K 138 -38.25 18.10 -55.26
C VAL K 138 -39.36 17.17 -55.71
N LEU K 139 -40.59 17.48 -55.31
CA LEU K 139 -41.72 16.67 -55.72
C LEU K 139 -42.01 16.86 -57.20
N SER K 140 -42.75 15.91 -57.76
CA SER K 140 -42.96 15.89 -59.21
C SER K 140 -43.60 17.18 -59.71
N SER K 141 -44.46 17.81 -58.91
CA SER K 141 -45.07 19.05 -59.34
C SER K 141 -44.04 20.12 -59.64
N GLY K 142 -42.88 20.05 -58.99
CA GLY K 142 -41.84 21.04 -59.17
C GLY K 142 -42.04 22.31 -58.37
N THR K 143 -43.09 22.39 -57.55
CA THR K 143 -43.36 23.56 -56.73
C THR K 143 -43.19 23.32 -55.25
N GLN K 144 -43.01 22.07 -54.83
CA GLN K 144 -42.80 21.74 -53.43
C GLN K 144 -41.59 20.84 -53.30
N ALA K 145 -40.93 20.91 -52.15
CA ALA K 145 -39.72 20.15 -51.89
C ALA K 145 -39.84 19.47 -50.53
N VAL K 146 -38.99 18.47 -50.31
CA VAL K 146 -38.93 17.75 -49.05
C VAL K 146 -37.48 17.72 -48.59
N SER K 147 -37.26 17.98 -47.31
CA SER K 147 -35.93 18.07 -46.75
C SER K 147 -35.85 17.26 -45.47
N GLY K 148 -34.78 16.49 -45.33
CA GLY K 148 -34.50 15.73 -44.12
C GLY K 148 -33.23 16.23 -43.47
N SER K 149 -33.20 16.20 -42.14
CA SER K 149 -32.10 16.79 -41.38
C SER K 149 -31.49 15.76 -40.45
N LYS K 150 -30.29 16.09 -39.96
CA LYS K 150 -29.62 15.22 -39.01
C LYS K 150 -30.40 15.07 -37.73
N ASP K 151 -31.32 15.98 -37.45
CA ASP K 151 -32.30 15.77 -36.39
C ASP K 151 -33.33 14.76 -36.92
N ILE K 152 -34.41 14.56 -36.18
CA ILE K 152 -35.35 13.49 -36.49
C ILE K 152 -36.57 14.02 -37.25
N CYS K 153 -36.45 15.19 -37.88
CA CYS K 153 -37.60 15.87 -38.49
C CYS K 153 -37.44 15.96 -39.99
N ILE K 154 -38.53 15.63 -40.69
CA ILE K 154 -38.65 15.87 -42.13
C ILE K 154 -39.58 17.06 -42.32
N LYS K 155 -39.36 17.81 -43.40
CA LYS K 155 -40.16 19.01 -43.62
C LYS K 155 -40.49 19.14 -45.10
N VAL K 156 -41.74 19.49 -45.37
CA VAL K 156 -42.24 19.69 -46.73
C VAL K 156 -42.46 21.19 -46.91
N TRP K 157 -41.74 21.77 -47.87
CA TRP K 157 -41.75 23.18 -48.18
C TRP K 157 -42.53 23.44 -49.46
N ASP K 158 -43.19 24.60 -49.50
CA ASP K 158 -43.71 25.16 -50.74
C ASP K 158 -42.75 26.23 -51.22
N LEU K 159 -42.15 26.00 -52.40
CA LEU K 159 -41.16 26.93 -52.90
C LEU K 159 -41.78 28.26 -53.30
N ALA K 160 -43.01 28.25 -53.81
CA ALA K 160 -43.66 29.50 -54.20
C ALA K 160 -43.88 30.41 -53.00
N GLN K 161 -44.46 29.87 -51.93
CA GLN K 161 -44.70 30.65 -50.73
C GLN K 161 -43.46 30.80 -49.85
N GLN K 162 -42.43 30.01 -50.10
CA GLN K 162 -41.19 30.08 -49.33
C GLN K 162 -41.45 29.85 -47.84
N VAL K 163 -42.35 28.91 -47.54
CA VAL K 163 -42.69 28.55 -46.17
C VAL K 163 -42.78 27.04 -46.07
N VAL K 164 -42.84 26.56 -44.83
CA VAL K 164 -42.89 25.13 -44.55
C VAL K 164 -44.34 24.68 -44.55
N LEU K 165 -44.74 23.94 -45.58
CA LEU K 165 -46.11 23.43 -45.61
C LEU K 165 -46.37 22.49 -44.45
N SER K 166 -45.43 21.59 -44.16
CA SER K 166 -45.67 20.59 -43.13
C SER K 166 -44.36 20.15 -42.50
N SER K 167 -44.48 19.58 -41.31
CA SER K 167 -43.35 19.01 -40.59
C SER K 167 -43.78 17.69 -39.98
N TYR K 168 -42.87 16.70 -40.02
CA TYR K 168 -43.15 15.37 -39.51
C TYR K 168 -41.94 14.89 -38.70
N ARG K 169 -42.22 13.99 -37.75
CA ARG K 169 -41.19 13.45 -36.87
C ARG K 169 -41.39 11.94 -36.72
N ALA K 170 -41.63 11.28 -37.85
CA ALA K 170 -41.92 9.85 -37.81
C ALA K 170 -40.70 9.05 -37.36
N HIS K 171 -39.51 9.40 -37.83
CA HIS K 171 -38.33 8.60 -37.58
C HIS K 171 -37.89 8.72 -36.13
N ALA K 172 -36.91 7.90 -35.76
CA ALA K 172 -36.32 7.91 -34.43
C ALA K 172 -34.81 8.14 -34.47
N ALA K 173 -34.26 8.49 -35.63
CA ALA K 173 -32.84 8.75 -35.76
C ALA K 173 -32.65 9.72 -36.92
N GLN K 174 -31.40 10.07 -37.19
CA GLN K 174 -31.11 10.99 -38.28
C GLN K 174 -31.62 10.43 -39.59
N VAL K 175 -32.25 11.30 -40.38
CA VAL K 175 -32.80 10.86 -41.67
C VAL K 175 -31.66 10.75 -42.67
N THR K 176 -31.40 9.52 -43.11
CA THR K 176 -30.25 9.28 -44.00
C THR K 176 -30.54 9.77 -45.42
N CYS K 177 -31.74 9.55 -45.92
CA CYS K 177 -32.03 9.94 -47.29
C CYS K 177 -33.53 10.11 -47.47
N VAL K 178 -33.89 10.90 -48.49
CA VAL K 178 -35.26 11.04 -48.95
C VAL K 178 -35.24 10.99 -50.47
N ALA K 179 -36.40 10.70 -51.05
CA ALA K 179 -36.49 10.58 -52.50
C ALA K 179 -37.92 10.82 -52.94
N ALA K 180 -38.14 11.91 -53.68
CA ALA K 180 -39.47 12.19 -54.20
C ALA K 180 -39.81 11.21 -55.32
N SER K 181 -41.11 11.05 -55.55
CA SER K 181 -41.58 10.09 -56.54
C SER K 181 -41.74 10.79 -57.88
N PRO K 182 -41.07 10.33 -58.94
CA PRO K 182 -41.18 11.03 -60.23
C PRO K 182 -42.58 11.07 -60.79
N HIS K 183 -43.45 10.13 -60.42
CA HIS K 183 -44.78 10.05 -61.02
C HIS K 183 -45.84 10.76 -60.19
N LYS K 184 -45.98 10.37 -58.92
CA LYS K 184 -47.02 10.91 -58.06
C LYS K 184 -46.43 12.07 -57.26
N ASP K 185 -47.09 13.22 -57.29
CA ASP K 185 -46.53 14.42 -56.68
C ASP K 185 -46.37 14.26 -55.17
N SER K 186 -47.37 13.67 -54.51
CA SER K 186 -47.44 13.66 -53.06
C SER K 186 -46.77 12.45 -52.42
N VAL K 187 -46.09 11.61 -53.21
CA VAL K 187 -45.52 10.37 -52.72
C VAL K 187 -44.01 10.51 -52.67
N PHE K 188 -43.41 10.14 -51.53
CA PHE K 188 -41.96 10.18 -51.42
C PHE K 188 -41.48 9.19 -50.36
N LEU K 189 -40.30 8.63 -50.57
CA LEU K 189 -39.71 7.69 -49.63
C LEU K 189 -38.72 8.40 -48.72
N SER K 190 -38.54 7.85 -47.53
CA SER K 190 -37.55 8.33 -46.58
C SER K 190 -36.92 7.14 -45.86
N CYS K 191 -35.60 7.14 -45.77
CA CYS K 191 -34.87 6.10 -45.05
C CYS K 191 -34.01 6.75 -43.99
N SER K 192 -33.99 6.14 -42.81
CA SER K 192 -33.36 6.71 -41.63
C SER K 192 -32.34 5.75 -41.07
N GLU K 193 -31.62 6.21 -40.04
CA GLU K 193 -30.62 5.41 -39.36
C GLU K 193 -31.23 4.39 -38.41
N ASP K 194 -32.53 4.42 -38.18
CA ASP K 194 -33.21 3.45 -37.34
C ASP K 194 -33.74 2.26 -38.14
N ASN K 195 -33.28 2.08 -39.37
CA ASN K 195 -33.68 0.95 -40.19
C ASN K 195 -35.16 1.04 -40.58
N ARG K 196 -35.74 2.23 -40.46
CA ARG K 196 -37.10 2.43 -40.94
C ARG K 196 -37.07 3.01 -42.36
N ILE K 197 -37.82 2.39 -43.25
CA ILE K 197 -38.11 2.93 -44.57
C ILE K 197 -39.59 3.28 -44.58
N LEU K 198 -39.90 4.53 -44.91
CA LEU K 198 -41.26 5.04 -44.82
C LEU K 198 -41.67 5.61 -46.15
N LEU K 199 -42.80 5.13 -46.68
CA LEU K 199 -43.42 5.71 -47.86
C LEU K 199 -44.47 6.71 -47.39
N TRP K 200 -44.33 7.96 -47.84
CA TRP K 200 -45.18 9.05 -47.38
C TRP K 200 -46.11 9.47 -48.51
N ASP K 201 -47.40 9.51 -48.22
CA ASP K 201 -48.41 10.12 -49.09
C ASP K 201 -49.17 11.12 -48.24
N THR K 202 -49.00 12.41 -48.56
CA THR K 202 -49.53 13.46 -47.70
C THR K 202 -51.06 13.44 -47.61
N ARG K 203 -51.74 12.83 -48.57
CA ARG K 203 -53.20 12.79 -48.56
C ARG K 203 -53.72 11.57 -47.82
N CYS K 204 -53.29 11.39 -46.57
CA CYS K 204 -53.73 10.27 -45.76
C CYS K 204 -53.75 10.69 -44.31
N PRO K 205 -54.54 10.02 -43.47
CA PRO K 205 -54.47 10.31 -42.02
C PRO K 205 -53.10 10.00 -41.44
N LYS K 206 -52.57 8.81 -41.72
CA LYS K 206 -51.22 8.45 -41.36
C LYS K 206 -50.36 8.52 -42.61
N PRO K 207 -49.77 9.68 -42.93
CA PRO K 207 -49.04 9.79 -44.20
C PRO K 207 -47.94 8.75 -44.35
N ALA K 208 -47.25 8.41 -43.26
CA ALA K 208 -46.15 7.47 -43.34
C ALA K 208 -46.67 6.03 -43.28
N SER K 209 -46.07 5.17 -44.09
CA SER K 209 -46.36 3.74 -44.06
C SER K 209 -45.04 3.00 -44.11
N GLN K 210 -44.80 2.13 -43.14
CA GLN K 210 -43.51 1.45 -43.04
C GLN K 210 -43.41 0.35 -44.09
N ILE K 211 -42.20 0.17 -44.61
CA ILE K 211 -41.89 -0.88 -45.55
C ILE K 211 -40.61 -1.57 -45.10
N GLY K 212 -40.47 -2.84 -45.48
CA GLY K 212 -39.28 -3.59 -45.12
C GLY K 212 -39.06 -4.71 -46.10
N CYS K 213 -37.80 -5.11 -46.26
CA CYS K 213 -37.45 -6.19 -47.18
C CYS K 213 -37.54 -7.55 -46.50
N SER K 214 -38.68 -7.81 -45.85
CA SER K 214 -38.95 -9.09 -45.19
C SER K 214 -37.79 -9.52 -44.30
N ALA K 215 -37.01 -8.56 -43.79
CA ALA K 215 -35.87 -8.88 -42.95
C ALA K 215 -35.27 -7.62 -42.35
N PRO K 216 -34.69 -7.68 -41.15
CA PRO K 216 -34.02 -6.48 -40.62
C PRO K 216 -32.90 -5.99 -41.51
N GLY K 217 -32.16 -6.91 -42.12
CA GLY K 217 -31.10 -6.51 -43.03
C GLY K 217 -30.11 -5.58 -42.35
N TYR K 218 -29.81 -4.47 -43.01
CA TYR K 218 -28.90 -3.47 -42.51
C TYR K 218 -29.50 -2.08 -42.72
N LEU K 219 -28.85 -1.08 -42.14
CA LEU K 219 -29.37 0.27 -42.21
C LEU K 219 -29.41 0.74 -43.66
N PRO K 220 -30.54 1.23 -44.16
CA PRO K 220 -30.55 1.80 -45.51
C PRO K 220 -29.72 3.06 -45.58
N THR K 221 -29.14 3.30 -46.75
CA THR K 221 -28.30 4.48 -46.96
C THR K 221 -28.67 5.30 -48.18
N SER K 222 -29.36 4.73 -49.17
CA SER K 222 -29.76 5.51 -50.33
C SER K 222 -30.99 4.88 -50.96
N LEU K 223 -31.85 5.74 -51.53
CA LEU K 223 -33.06 5.31 -52.19
C LEU K 223 -33.09 5.86 -53.61
N ALA K 224 -33.87 5.22 -54.46
CA ALA K 224 -34.07 5.71 -55.83
C ALA K 224 -35.31 5.08 -56.42
N TRP K 225 -36.26 5.91 -56.84
CA TRP K 225 -37.44 5.40 -57.53
C TRP K 225 -37.06 4.92 -58.93
N HIS K 226 -37.79 3.92 -59.40
CA HIS K 226 -37.60 3.47 -60.77
C HIS K 226 -38.31 4.43 -61.72
N PRO K 227 -37.61 4.99 -62.70
CA PRO K 227 -38.25 6.00 -63.57
C PRO K 227 -39.49 5.49 -64.29
N GLN K 228 -39.50 4.21 -64.67
CA GLN K 228 -40.59 3.67 -65.49
C GLN K 228 -41.75 3.16 -64.67
N GLN K 229 -41.49 2.44 -63.58
CA GLN K 229 -42.52 1.79 -62.79
C GLN K 229 -42.84 2.62 -61.57
N SER K 230 -44.14 2.85 -61.36
CA SER K 230 -44.58 3.72 -60.26
C SER K 230 -44.31 3.09 -58.90
N GLU K 231 -44.53 1.78 -58.77
CA GLU K 231 -44.50 1.12 -57.48
C GLU K 231 -43.21 0.34 -57.24
N VAL K 232 -42.18 0.56 -58.06
CA VAL K 232 -40.93 -0.17 -57.96
C VAL K 232 -39.82 0.83 -57.66
N PHE K 233 -38.98 0.52 -56.67
CA PHE K 233 -37.85 1.36 -56.33
C PHE K 233 -36.71 0.48 -55.86
N VAL K 234 -35.56 1.09 -55.60
CA VAL K 234 -34.38 0.39 -55.15
C VAL K 234 -33.77 1.14 -53.99
N PHE K 235 -33.10 0.40 -53.11
CA PHE K 235 -32.40 1.01 -51.99
C PHE K 235 -31.10 0.28 -51.75
N GLY K 236 -30.05 1.06 -51.50
CA GLY K 236 -28.74 0.55 -51.14
C GLY K 236 -28.48 0.77 -49.67
N ASP K 237 -28.09 -0.31 -48.98
CA ASP K 237 -27.86 -0.30 -47.55
C ASP K 237 -26.38 -0.07 -47.26
N GLU K 238 -26.03 -0.09 -45.97
CA GLU K 238 -24.67 0.26 -45.58
C GLU K 238 -23.67 -0.83 -45.89
N ASN K 239 -24.13 -2.05 -46.18
CA ASN K 239 -23.26 -3.19 -46.38
C ASN K 239 -22.95 -3.43 -47.86
N GLY K 240 -23.03 -2.39 -48.67
CA GLY K 240 -22.75 -2.54 -50.10
C GLY K 240 -23.69 -3.50 -50.79
N THR K 241 -24.97 -3.49 -50.41
CA THR K 241 -25.97 -4.35 -51.02
C THR K 241 -27.08 -3.50 -51.59
N VAL K 242 -27.50 -3.81 -52.81
CA VAL K 242 -28.57 -3.11 -53.51
C VAL K 242 -29.78 -4.04 -53.55
N SER K 243 -30.94 -3.51 -53.15
CA SER K 243 -32.17 -4.28 -53.10
C SER K 243 -33.22 -3.60 -53.96
N LEU K 244 -33.99 -4.40 -54.68
CA LEU K 244 -35.07 -3.94 -55.54
C LEU K 244 -36.39 -4.35 -54.91
N VAL K 245 -37.26 -3.38 -54.63
CA VAL K 245 -38.48 -3.62 -53.88
C VAL K 245 -39.65 -3.01 -54.63
N ASP K 246 -40.74 -3.77 -54.72
CA ASP K 246 -42.00 -3.29 -55.27
C ASP K 246 -42.92 -2.91 -54.11
N THR K 247 -43.48 -1.70 -54.17
CA THR K 247 -44.26 -1.19 -53.05
C THR K 247 -45.45 -2.08 -52.76
N LYS K 248 -46.22 -2.43 -53.78
CA LYS K 248 -47.40 -3.26 -53.58
C LYS K 248 -47.06 -4.67 -53.13
N SER K 249 -45.90 -5.18 -53.53
CA SER K 249 -45.58 -6.58 -53.30
C SER K 249 -45.46 -6.88 -51.81
N THR K 250 -45.54 -8.16 -51.49
CA THR K 250 -45.45 -8.63 -50.11
C THR K 250 -43.99 -8.62 -49.63
N SER K 251 -43.41 -7.42 -49.66
CA SER K 251 -42.03 -7.21 -49.23
C SER K 251 -41.03 -8.03 -50.03
N CYS K 252 -41.37 -8.39 -51.25
CA CYS K 252 -40.47 -9.19 -52.08
C CYS K 252 -39.21 -8.39 -52.41
N VAL K 253 -38.11 -9.11 -52.59
CA VAL K 253 -36.81 -8.49 -52.82
C VAL K 253 -35.91 -9.47 -53.57
N LEU K 254 -35.07 -8.93 -54.44
CA LEU K 254 -34.10 -9.70 -55.21
C LEU K 254 -32.75 -9.00 -55.19
N SER K 255 -32.31 -8.61 -53.99
CA SER K 255 -31.10 -7.82 -53.83
C SER K 255 -29.89 -8.55 -54.39
N SER K 256 -28.77 -7.83 -54.45
CA SER K 256 -27.52 -8.38 -54.95
C SER K 256 -26.37 -7.53 -54.42
N ALA K 257 -25.43 -8.16 -53.72
CA ALA K 257 -24.28 -7.44 -53.19
C ALA K 257 -23.46 -6.86 -54.33
N VAL K 258 -23.05 -5.61 -54.19
CA VAL K 258 -22.31 -4.93 -55.25
C VAL K 258 -20.97 -4.44 -54.72
N HIS K 259 -21.01 -3.54 -53.73
CA HIS K 259 -19.82 -2.92 -53.19
C HIS K 259 -19.46 -3.54 -51.86
N SER K 260 -18.26 -3.21 -51.37
CA SER K 260 -17.80 -3.61 -50.06
C SER K 260 -18.04 -2.54 -49.01
N GLN K 261 -18.68 -1.42 -49.37
CA GLN K 261 -18.95 -0.33 -48.45
C GLN K 261 -20.37 0.16 -48.67
N CYS K 262 -20.79 1.10 -47.82
CA CYS K 262 -22.14 1.62 -47.90
C CYS K 262 -22.41 2.21 -49.27
N VAL K 263 -23.59 1.92 -49.82
CA VAL K 263 -24.01 2.46 -51.09
C VAL K 263 -24.32 3.94 -50.88
N THR K 264 -23.43 4.81 -51.39
CA THR K 264 -23.61 6.24 -51.16
C THR K 264 -24.80 6.79 -51.93
N GLY K 265 -25.04 6.29 -53.14
CA GLY K 265 -26.13 6.81 -53.94
C GLY K 265 -26.47 5.89 -55.10
N LEU K 266 -27.61 6.17 -55.72
CA LEU K 266 -28.09 5.40 -56.85
C LEU K 266 -28.76 6.35 -57.83
N VAL K 267 -28.44 6.21 -59.12
CA VAL K 267 -28.96 7.12 -60.13
C VAL K 267 -29.35 6.33 -61.38
N PHE K 268 -30.66 6.11 -61.57
CA PHE K 268 -31.12 5.39 -62.74
C PHE K 268 -30.82 6.18 -64.01
N SER K 269 -30.43 5.47 -65.06
CA SER K 269 -30.10 6.09 -66.33
C SER K 269 -31.36 6.51 -67.07
N PRO K 270 -31.23 7.42 -68.04
CA PRO K 270 -32.39 7.87 -68.80
C PRO K 270 -32.84 6.92 -69.90
N HIS K 271 -32.27 5.72 -70.00
CA HIS K 271 -32.69 4.78 -71.03
C HIS K 271 -34.08 4.22 -70.72
N SER K 272 -34.73 3.71 -71.76
CA SER K 272 -36.00 3.02 -71.57
C SER K 272 -35.83 1.76 -70.72
N VAL K 273 -34.62 1.23 -70.62
CA VAL K 273 -34.31 0.12 -69.72
C VAL K 273 -33.15 0.60 -68.85
N PRO K 274 -33.43 1.38 -67.82
CA PRO K 274 -32.36 2.14 -67.17
C PRO K 274 -31.33 1.28 -66.47
N PHE K 275 -30.12 1.82 -66.37
CA PHE K 275 -29.04 1.22 -65.59
C PHE K 275 -28.91 1.96 -64.27
N LEU K 276 -28.57 1.21 -63.20
CA LEU K 276 -28.67 1.77 -61.86
C LEU K 276 -27.56 2.79 -61.59
N ALA K 277 -26.32 2.47 -61.94
CA ALA K 277 -25.19 3.36 -61.70
C ALA K 277 -25.03 3.67 -60.20
N SER K 278 -24.75 2.62 -59.44
CA SER K 278 -24.45 2.79 -58.02
C SER K 278 -23.03 3.28 -57.83
N LEU K 279 -22.83 4.09 -56.80
CA LEU K 279 -21.53 4.60 -56.43
C LEU K 279 -21.38 4.52 -54.92
N SER K 280 -20.18 4.19 -54.45
CA SER K 280 -20.00 3.91 -53.04
C SER K 280 -18.55 4.12 -52.64
N GLU K 281 -18.35 4.17 -51.32
CA GLU K 281 -17.00 4.20 -50.77
C GLU K 281 -16.22 3.00 -51.28
N ASP K 282 -14.92 3.03 -51.05
CA ASP K 282 -13.95 2.30 -51.84
C ASP K 282 -13.76 2.98 -53.19
N CYS K 283 -14.18 4.25 -53.28
CA CYS K 283 -14.08 5.03 -54.50
C CYS K 283 -14.54 4.23 -55.71
N SER K 284 -15.62 3.47 -55.54
CA SER K 284 -16.02 2.46 -56.51
C SER K 284 -17.38 2.78 -57.12
N LEU K 285 -17.45 2.71 -58.44
CA LEU K 285 -18.69 2.90 -59.18
C LEU K 285 -18.99 1.64 -59.98
N ALA K 286 -20.25 1.21 -59.96
CA ALA K 286 -20.69 0.03 -60.70
C ALA K 286 -22.02 0.35 -61.36
N VAL K 287 -22.07 0.28 -62.68
CA VAL K 287 -23.28 0.59 -63.44
C VAL K 287 -24.01 -0.72 -63.65
N LEU K 288 -24.82 -1.11 -62.65
CA LEU K 288 -25.53 -2.38 -62.71
C LEU K 288 -26.63 -2.34 -63.76
N ASP K 289 -26.97 -3.51 -64.26
CA ASP K 289 -28.07 -3.65 -65.20
C ASP K 289 -29.41 -3.59 -64.47
N SER K 290 -30.50 -3.56 -65.25
CA SER K 290 -31.82 -3.47 -64.67
C SER K 290 -32.14 -4.64 -63.75
N SER K 291 -31.44 -5.76 -63.91
CA SER K 291 -31.64 -6.94 -63.08
C SER K 291 -30.63 -7.03 -61.95
N LEU K 292 -29.93 -5.92 -61.65
CA LEU K 292 -28.91 -5.88 -60.60
C LEU K 292 -27.74 -6.80 -60.91
N SER K 293 -27.63 -7.28 -62.15
CA SER K 293 -26.49 -8.06 -62.55
C SER K 293 -25.27 -7.16 -62.71
N GLU K 294 -24.10 -7.72 -62.43
CA GLU K 294 -22.87 -6.94 -62.52
C GLU K 294 -22.63 -6.47 -63.95
N LEU K 295 -21.96 -5.33 -64.07
CA LEU K 295 -21.68 -4.73 -65.36
C LEU K 295 -20.49 -3.79 -65.16
N PHE K 296 -20.17 -2.99 -66.18
CA PHE K 296 -19.00 -2.12 -66.15
C PHE K 296 -18.80 -1.50 -64.77
N ARG K 297 -17.58 -1.66 -64.25
CA ARG K 297 -17.21 -1.15 -62.94
C ARG K 297 -15.88 -0.40 -63.07
N SER K 298 -15.76 0.71 -62.34
CA SER K 298 -14.59 1.56 -62.43
C SER K 298 -14.08 1.92 -61.04
N GLN K 299 -12.79 2.24 -60.98
CA GLN K 299 -12.14 2.64 -59.74
C GLN K 299 -11.22 3.82 -59.99
N ALA K 300 -11.64 4.73 -60.87
CA ALA K 300 -10.78 5.85 -61.23
C ALA K 300 -10.52 6.77 -60.04
N HIS K 301 -11.54 7.05 -59.24
CA HIS K 301 -11.41 8.02 -58.17
C HIS K 301 -10.43 7.52 -57.11
N ARG K 302 -9.74 8.48 -56.49
CA ARG K 302 -8.80 8.18 -55.41
C ARG K 302 -9.39 8.35 -54.03
N ASP K 303 -10.63 8.80 -53.93
CA ASP K 303 -11.28 9.03 -52.64
C ASP K 303 -12.77 8.72 -52.79
N PHE K 304 -13.55 9.09 -51.77
CA PHE K 304 -14.97 8.79 -51.79
C PHE K 304 -15.64 9.39 -53.02
N VAL K 305 -16.45 8.59 -53.69
CA VAL K 305 -17.29 9.07 -54.78
C VAL K 305 -18.56 9.64 -54.19
N ARG K 306 -18.83 10.91 -54.45
CA ARG K 306 -19.97 11.57 -53.82
C ARG K 306 -21.23 11.47 -54.68
N ASP K 307 -21.11 11.72 -55.98
CA ASP K 307 -22.32 11.70 -56.80
C ASP K 307 -21.98 11.37 -58.24
N ALA K 308 -23.01 10.99 -58.99
CA ALA K 308 -22.90 10.66 -60.39
C ALA K 308 -24.17 11.13 -61.10
N THR K 309 -24.05 11.36 -62.40
CA THR K 309 -25.20 11.85 -63.16
C THR K 309 -25.01 11.51 -64.63
N TRP K 310 -26.11 11.17 -65.29
CA TRP K 310 -26.09 10.83 -66.71
C TRP K 310 -26.28 12.10 -67.55
N SER K 311 -25.49 12.21 -68.60
CA SER K 311 -25.62 13.35 -69.50
C SER K 311 -26.85 13.16 -70.37
N PRO K 312 -27.81 14.10 -70.35
CA PRO K 312 -28.99 13.93 -71.23
C PRO K 312 -28.64 13.86 -72.70
N LEU K 313 -27.61 14.60 -73.14
CA LEU K 313 -27.25 14.59 -74.55
C LEU K 313 -26.73 13.23 -74.98
N ASN K 314 -25.87 12.62 -74.17
CA ASN K 314 -25.26 11.32 -74.48
C ASN K 314 -25.58 10.37 -73.34
N HIS K 315 -26.52 9.46 -73.57
CA HIS K 315 -26.98 8.57 -72.51
C HIS K 315 -25.92 7.56 -72.09
N SER K 316 -24.83 7.41 -72.84
CA SER K 316 -23.74 6.54 -72.46
C SER K 316 -22.66 7.27 -71.66
N LEU K 317 -22.82 8.57 -71.44
CA LEU K 317 -21.85 9.38 -70.70
C LEU K 317 -22.32 9.52 -69.26
N LEU K 318 -21.39 9.31 -68.33
CA LEU K 318 -21.70 9.35 -66.89
C LEU K 318 -20.65 10.19 -66.20
N THR K 319 -21.05 11.35 -65.68
CA THR K 319 -20.14 12.25 -64.98
C THR K 319 -20.19 11.95 -63.49
N THR K 320 -19.03 11.67 -62.90
CA THR K 320 -18.93 11.30 -61.50
C THR K 320 -17.98 12.26 -60.79
N VAL K 321 -18.37 12.67 -59.58
CA VAL K 321 -17.60 13.62 -58.79
C VAL K 321 -17.42 13.06 -57.38
N GLY K 322 -16.19 13.16 -56.88
CA GLY K 322 -15.86 12.70 -55.54
C GLY K 322 -14.99 13.71 -54.82
N TRP K 323 -14.59 13.35 -53.61
CA TRP K 323 -13.80 14.25 -52.77
C TRP K 323 -12.37 14.40 -53.23
N ASP K 324 -11.91 13.59 -54.18
CA ASP K 324 -10.55 13.75 -54.70
C ASP K 324 -10.42 14.99 -55.59
N HIS K 325 -11.50 15.75 -55.78
CA HIS K 325 -11.46 17.00 -56.53
C HIS K 325 -11.24 16.76 -58.03
N GLN K 326 -11.84 15.71 -58.56
CA GLN K 326 -11.73 15.39 -59.97
C GLN K 326 -13.08 14.90 -60.49
N VAL K 327 -13.46 15.34 -61.67
CA VAL K 327 -14.66 14.88 -62.35
C VAL K 327 -14.26 13.87 -63.41
N VAL K 328 -14.95 12.74 -63.44
CA VAL K 328 -14.61 11.63 -64.32
C VAL K 328 -15.77 11.38 -65.27
N HIS K 329 -15.50 11.39 -66.57
CA HIS K 329 -16.52 11.18 -67.60
C HIS K 329 -16.42 9.74 -68.09
N HIS K 330 -17.07 8.84 -67.36
CA HIS K 330 -17.09 7.45 -67.77
C HIS K 330 -17.98 7.27 -69.01
N VAL K 331 -17.62 6.29 -69.83
CA VAL K 331 -18.42 5.88 -70.97
C VAL K 331 -18.89 4.45 -70.71
N VAL K 332 -20.21 4.29 -70.56
CA VAL K 332 -20.78 3.02 -70.15
C VAL K 332 -21.02 2.15 -71.39
N PRO K 333 -20.48 0.93 -71.45
CA PRO K 333 -20.79 0.04 -72.58
C PRO K 333 -22.29 -0.15 -72.76
N THR K 334 -22.81 0.30 -73.90
CA THR K 334 -24.24 0.19 -74.17
C THR K 334 -24.49 -0.09 -75.65
N THR L 229 -36.82 44.24 -21.27
CA THR L 229 -37.09 45.63 -21.75
C THR L 229 -38.58 45.90 -21.82
N VAL L 230 -39.27 45.23 -22.75
CA VAL L 230 -40.71 45.41 -22.89
C VAL L 230 -41.38 45.03 -21.59
N ALA L 231 -42.39 45.81 -21.20
CA ALA L 231 -43.13 45.51 -19.99
C ALA L 231 -43.75 44.13 -20.09
N GLY L 232 -43.57 43.32 -19.04
CA GLY L 232 -44.08 41.96 -19.07
C GLY L 232 -43.48 41.13 -20.18
N GLN L 233 -42.22 41.35 -20.51
CA GLN L 233 -41.59 40.61 -21.59
C GLN L 233 -41.58 39.11 -21.30
N PHE L 234 -41.48 38.72 -20.04
CA PHE L 234 -41.34 37.32 -19.66
C PHE L 234 -42.62 36.74 -19.06
N GLU L 235 -43.77 37.39 -19.28
CA GLU L 235 -45.01 36.86 -18.77
C GLU L 235 -45.30 35.50 -19.41
N ASP L 236 -45.81 34.57 -18.61
CA ASP L 236 -46.06 33.22 -19.10
C ASP L 236 -47.08 33.24 -20.24
N ALA L 237 -46.86 32.36 -21.21
CA ALA L 237 -47.76 32.27 -22.35
C ALA L 237 -49.10 31.68 -21.95
N ASP L 238 -50.14 32.05 -22.69
CA ASP L 238 -51.48 31.55 -22.45
C ASP L 238 -52.29 31.52 -23.74
N GLY M 118 4.46 -19.35 19.61
CA GLY M 118 5.71 -20.16 19.56
C GLY M 118 6.41 -20.24 20.89
N ARG M 119 7.45 -21.07 20.96
CA ARG M 119 8.19 -21.24 22.20
C ARG M 119 9.01 -19.98 22.50
N GLY M 120 9.48 -19.89 23.73
CA GLY M 120 10.18 -18.70 24.20
C GLY M 120 9.22 -17.74 24.88
N ARG M 121 9.18 -16.50 24.41
CA ARG M 121 8.25 -15.50 24.92
C ARG M 121 7.68 -14.67 23.78
N GLY M 122 7.48 -15.30 22.63
CA GLY M 122 7.04 -14.61 21.43
C GLY M 122 5.70 -15.11 20.94
N ARG M 123 5.00 -14.25 20.21
CA ARG M 123 3.69 -14.59 19.67
C ARG M 123 3.82 -15.56 18.49
N ARG N 119 2.80 -27.10 -12.01
CA ARG N 119 3.13 -27.41 -13.40
C ARG N 119 1.89 -27.35 -14.27
N GLY N 120 1.96 -27.92 -15.46
CA GLY N 120 0.87 -27.86 -16.41
C GLY N 120 1.11 -26.78 -17.44
N ARG N 121 0.38 -25.67 -17.33
CA ARG N 121 0.59 -24.53 -18.20
C ARG N 121 0.56 -23.23 -17.43
N GLY N 122 1.29 -23.18 -16.30
CA GLY N 122 1.33 -21.98 -15.49
C GLY N 122 2.52 -22.01 -14.55
N ARG N 123 2.70 -20.91 -13.83
CA ARG N 123 3.79 -20.79 -12.87
C ARG N 123 3.33 -21.15 -11.47
N GLY O 118 3.09 22.00 -16.71
CA GLY O 118 4.56 21.94 -16.45
C GLY O 118 5.36 22.72 -17.46
N ARG O 119 6.18 23.65 -16.97
CA ARG O 119 7.00 24.50 -17.82
C ARG O 119 8.44 24.01 -17.82
N GLY O 120 9.32 24.76 -18.44
CA GLY O 120 10.68 24.27 -18.65
C GLY O 120 10.62 23.05 -19.54
N ARG O 121 11.23 21.95 -19.09
CA ARG O 121 11.16 20.68 -19.79
C ARG O 121 10.50 19.61 -18.94
N GLY O 122 9.76 20.01 -17.90
CA GLY O 122 9.12 19.09 -17.00
C GLY O 122 7.65 18.86 -17.34
N ARG O 123 6.98 18.13 -16.45
CA ARG O 123 5.58 17.78 -16.66
C ARG O 123 4.74 18.13 -15.44
N GLY P 118 -13.37 22.49 9.36
CA GLY P 118 -14.63 22.00 8.73
C GLY P 118 -15.87 22.51 9.41
N ARG P 119 -16.48 23.54 8.82
CA ARG P 119 -17.69 24.12 9.38
C ARG P 119 -18.82 23.10 9.35
N GLY P 120 -19.66 23.12 10.38
CA GLY P 120 -20.70 22.11 10.55
C GLY P 120 -20.46 21.29 11.80
N ARG P 121 -20.16 20.00 11.62
CA ARG P 121 -19.76 19.16 12.74
C ARG P 121 -18.66 18.18 12.34
N GLY P 122 -17.80 18.58 11.39
CA GLY P 122 -16.77 17.70 10.89
C GLY P 122 -15.41 18.40 10.86
N ARG P 123 -14.39 17.60 10.66
CA ARG P 123 -13.02 18.11 10.58
C ARG P 123 -12.80 18.89 9.30
#